data_8FMG
#
_entry.id   8FMG
#
_cell.length_a   145.192
_cell.length_b   80.522
_cell.length_c   406.841
_cell.angle_alpha   90.000
_cell.angle_beta   90.620
_cell.angle_gamma   90.000
#
_symmetry.space_group_name_H-M   'C 1 2 1'
#
loop_
_entity.id
_entity.type
_entity.pdbx_description
1 polymer 'SAVED domain-containing protein'
2 non-polymer 'ZINC ION'
3 non-polymer 'MAGNESIUM ION'
4 non-polymer "Cyclic (adenosine-(2'-5')-monophosphate-adenosine-(3'-5')-monophosphate"
5 water water
#
_entity_poly.entity_id   1
_entity_poly.type   'polypeptide(L)'
_entity_poly.pdbx_seq_one_letter_code
;MAEKEDAKPASGRFNTNDETKRIVWTQTAGHCELCGTDLTFDYRAGKPMKWGEVAHILPASPKGPRGRADHDAEAHTNDT
ANLMLLCPGCHDKIDRDADGYPENDLSGLHQAYLERIRLAATTPDGGRAIPLIVQSQHFQTINDIPVRDLLTAMSAEGLT
AFDQGIKIAFAAPGPRGRDTTYWQNVKDSVQYELEQQLKRRGGTYGDSPALAVVGLADIPALMMLGQSIGDRSKRLIFSF
HREHLLRWPDQSAEPPSFLFTPPPNGDGPLALVLSISAQVPVRDVTDALPGARIAELSIPEPSYAMVQNRRVIHAFRDAL
QIRLSQLEALTPDPIHVFAAIPAALAIEFGALLTTQHQHTYLIFDRDKENQDRFTQTLQLGPVAQEAM
;
_entity_poly.pdbx_strand_id   A,B,C,D,E,F,G,H,K,L,M,N
#
# COMPACT_ATOMS: atom_id res chain seq x y z
N PHE A 14 50.96 40.86 69.92
CA PHE A 14 49.70 41.66 69.83
C PHE A 14 48.48 40.73 69.80
N ASN A 15 48.59 39.60 70.49
CA ASN A 15 47.50 38.63 70.56
C ASN A 15 46.83 38.71 71.93
N THR A 16 45.51 38.61 71.94
CA THR A 16 44.75 38.58 73.18
C THR A 16 44.98 37.25 73.89
N ASN A 17 45.31 37.32 75.18
CA ASN A 17 45.61 36.10 75.92
C ASN A 17 44.32 35.40 76.33
N ASP A 18 44.48 34.17 76.85
CA ASP A 18 43.33 33.33 77.13
C ASP A 18 42.53 33.83 78.32
N GLU A 19 43.19 34.44 79.31
CA GLU A 19 42.47 34.95 80.47
C GLU A 19 41.50 36.05 80.05
N THR A 20 42.00 37.00 79.25
CA THR A 20 41.14 38.08 78.75
C THR A 20 39.96 37.52 77.96
N LYS A 21 40.22 36.57 77.07
CA LYS A 21 39.12 35.97 76.32
C LYS A 21 38.10 35.34 77.25
N ARG A 22 38.56 34.65 78.29
CA ARG A 22 37.63 34.05 79.23
C ARG A 22 36.81 35.12 79.95
N ILE A 23 37.39 36.29 80.19
CA ILE A 23 36.64 37.39 80.78
C ILE A 23 35.60 37.91 79.79
N VAL A 24 36.02 38.16 78.56
CA VAL A 24 35.08 38.58 77.52
C VAL A 24 33.89 37.64 77.46
N TRP A 25 34.16 36.33 77.46
CA TRP A 25 33.06 35.36 77.44
C TRP A 25 32.19 35.50 78.68
N THR A 26 32.78 35.81 79.83
CA THR A 26 32.01 35.92 81.06
C THR A 26 31.21 37.22 81.08
N GLN A 27 31.86 38.34 80.73
CA GLN A 27 31.19 39.64 80.68
C GLN A 27 29.88 39.57 79.92
N THR A 28 29.87 38.88 78.80
CA THR A 28 28.80 38.93 77.82
C THR A 28 27.77 37.84 78.01
N ALA A 29 27.96 36.97 79.00
CA ALA A 29 27.13 35.79 79.18
C ALA A 29 27.15 34.89 77.95
N GLY A 30 28.19 35.00 77.13
CA GLY A 30 28.38 34.10 76.02
C GLY A 30 27.42 34.29 74.86
N HIS A 31 26.94 35.51 74.64
CA HIS A 31 26.07 35.83 73.52
C HIS A 31 26.74 36.87 72.63
N CYS A 32 26.39 36.88 71.35
CA CYS A 32 26.91 37.88 70.44
C CYS A 32 26.39 39.25 70.85
N GLU A 33 27.30 40.21 71.02
CA GLU A 33 26.91 41.53 71.49
C GLU A 33 26.13 42.31 70.45
N LEU A 34 26.18 41.90 69.18
CA LEU A 34 25.53 42.66 68.11
C LEU A 34 24.24 42.04 67.61
N CYS A 35 24.06 40.72 67.74
CA CYS A 35 22.83 40.06 67.32
C CYS A 35 22.19 39.22 68.41
N GLY A 36 22.84 39.03 69.55
CA GLY A 36 22.20 38.36 70.66
C GLY A 36 22.08 36.86 70.55
N THR A 37 22.70 36.23 69.55
CA THR A 37 22.62 34.77 69.47
C THR A 37 23.49 34.13 70.54
N ASP A 38 23.04 32.98 71.02
CA ASP A 38 23.73 32.23 72.07
C ASP A 38 24.92 31.49 71.45
N LEU A 39 26.12 31.82 71.93
CA LEU A 39 27.35 31.29 71.37
C LEU A 39 27.93 30.14 72.17
N THR A 40 27.20 29.64 73.17
CA THR A 40 27.70 28.55 73.99
C THR A 40 27.11 27.21 73.61
N PHE A 41 26.19 27.18 72.66
CA PHE A 41 25.44 25.97 72.34
C PHE A 41 25.14 25.97 70.86
N ASP A 42 25.00 24.78 70.31
CA ASP A 42 24.52 24.56 68.95
C ASP A 42 23.18 23.85 69.05
N TYR A 43 22.09 24.60 68.90
CA TYR A 43 20.76 24.02 69.06
C TYR A 43 20.37 23.11 67.90
N ARG A 44 21.02 23.22 66.75
CA ARG A 44 20.66 22.36 65.63
C ARG A 44 20.98 20.91 65.93
N ALA A 45 22.21 20.63 66.36
CA ALA A 45 22.64 19.26 66.63
C ALA A 45 22.75 18.93 68.11
N GLY A 46 22.72 19.92 68.99
CA GLY A 46 22.56 19.68 70.40
C GLY A 46 23.83 19.61 71.23
N LYS A 47 24.95 20.10 70.71
CA LYS A 47 26.21 19.96 71.43
C LYS A 47 26.62 21.29 72.04
N PRO A 48 27.05 21.30 73.31
CA PRO A 48 27.67 22.52 73.86
C PRO A 48 28.96 22.83 73.10
N MET A 49 29.14 24.09 72.72
CA MET A 49 30.33 24.46 71.99
C MET A 49 30.50 25.98 72.00
N LYS A 50 31.75 26.42 72.10
CA LYS A 50 32.08 27.85 72.05
C LYS A 50 32.32 28.24 70.61
N TRP A 51 31.27 28.67 69.91
CA TRP A 51 31.42 29.06 68.51
C TRP A 51 31.45 30.57 68.32
N GLY A 52 31.91 31.30 69.35
CA GLY A 52 32.06 32.73 69.27
C GLY A 52 33.52 33.16 69.15
N GLU A 53 33.70 34.45 68.84
CA GLU A 53 35.01 35.03 68.59
C GLU A 53 35.16 36.32 69.40
N VAL A 54 36.38 36.57 69.84
CA VAL A 54 36.72 37.81 70.54
C VAL A 54 37.24 38.79 69.50
N ALA A 55 36.44 39.81 69.19
CA ALA A 55 36.73 40.74 68.11
C ALA A 55 37.28 42.05 68.65
N HIS A 56 38.34 42.55 68.01
CA HIS A 56 38.92 43.83 68.37
C HIS A 56 38.16 44.95 67.66
N ILE A 57 37.70 45.93 68.43
CA ILE A 57 37.11 47.13 67.82
C ILE A 57 38.19 47.90 67.06
N LEU A 58 39.21 48.37 67.78
CA LEU A 58 40.40 48.96 67.15
C LEU A 58 41.42 47.88 66.88
N PRO A 59 41.94 47.79 65.65
CA PRO A 59 42.90 46.72 65.34
C PRO A 59 44.33 47.11 65.71
N ALA A 60 45.18 46.09 65.78
CA ALA A 60 46.58 46.33 66.11
C ALA A 60 47.28 47.11 65.01
N SER A 61 46.99 46.80 63.75
CA SER A 61 47.66 47.44 62.62
C SER A 61 46.88 48.68 62.18
N PRO A 62 47.53 49.82 61.99
CA PRO A 62 46.81 51.02 61.53
C PRO A 62 46.16 50.85 60.17
N LYS A 63 46.42 49.75 59.46
CA LYS A 63 45.81 49.48 58.17
C LYS A 63 44.60 48.55 58.27
N GLY A 64 44.36 47.94 59.43
CA GLY A 64 43.20 47.13 59.61
C GLY A 64 41.93 47.96 59.71
N PRO A 65 40.79 47.28 59.84
CA PRO A 65 39.50 48.00 59.89
C PRO A 65 39.36 48.80 61.17
N ARG A 66 39.09 50.10 61.00
CA ARG A 66 39.07 51.08 62.08
C ARG A 66 40.48 51.37 62.60
N GLY A 67 41.50 51.16 61.77
CA GLY A 67 42.87 51.39 62.18
C GLY A 67 43.18 52.88 62.23
N ARG A 68 43.92 53.28 63.26
CA ARG A 68 44.33 54.66 63.47
C ARG A 68 45.83 54.69 63.71
N ALA A 69 46.49 55.73 63.18
CA ALA A 69 47.92 55.88 63.41
C ALA A 69 48.22 56.14 64.88
N ASP A 70 47.36 56.92 65.55
CA ASP A 70 47.58 57.29 66.94
C ASP A 70 47.00 56.28 67.93
N HIS A 71 46.80 55.04 67.51
CA HIS A 71 46.32 53.99 68.41
C HIS A 71 47.51 53.17 68.89
N ASP A 72 47.70 53.13 70.22
CA ASP A 72 48.77 52.37 70.84
C ASP A 72 48.33 50.91 70.90
N ALA A 73 48.59 50.18 69.81
CA ALA A 73 48.14 48.79 69.71
C ALA A 73 48.62 47.97 70.90
N GLU A 74 49.88 48.12 71.29
CA GLU A 74 50.41 47.32 72.39
C GLU A 74 49.54 47.41 73.64
N ALA A 75 48.98 48.60 73.91
CA ALA A 75 48.30 48.87 75.16
C ALA A 75 46.79 48.67 75.09
N HIS A 76 46.29 47.89 74.11
CA HIS A 76 44.86 47.65 74.02
C HIS A 76 44.49 46.25 73.52
N THR A 77 45.46 45.35 73.31
CA THR A 77 45.13 44.02 72.84
C THR A 77 44.45 43.19 73.93
N ASN A 78 44.56 43.60 75.19
CA ASN A 78 43.86 42.96 76.30
C ASN A 78 42.98 43.95 77.05
N ASP A 79 42.57 45.03 76.39
CA ASP A 79 41.63 46.00 76.93
C ASP A 79 40.21 45.52 76.62
N THR A 80 39.48 45.10 77.65
CA THR A 80 38.15 44.51 77.40
C THR A 80 37.16 45.53 76.88
N ALA A 81 37.39 46.83 77.11
CA ALA A 81 36.57 47.84 76.47
C ALA A 81 36.81 47.92 74.97
N ASN A 82 37.83 47.22 74.48
CA ASN A 82 38.16 47.16 73.05
C ASN A 82 37.82 45.81 72.43
N LEU A 83 37.23 44.90 73.21
CA LEU A 83 36.96 43.55 72.76
C LEU A 83 35.49 43.24 72.93
N MET A 84 34.88 42.72 71.87
CA MET A 84 33.49 42.29 71.87
C MET A 84 33.45 40.80 71.56
N LEU A 85 32.55 40.07 72.22
CA LEU A 85 32.24 38.70 71.83
C LEU A 85 31.24 38.76 70.69
N LEU A 86 31.65 38.29 69.52
CA LEU A 86 30.81 38.30 68.33
C LEU A 86 30.66 36.88 67.80
N CYS A 87 29.49 36.60 67.24
CA CYS A 87 29.34 35.41 66.42
C CYS A 87 30.24 35.58 65.19
N PRO A 88 30.60 34.48 64.53
CA PRO A 88 31.54 34.59 63.41
C PRO A 88 31.06 35.49 62.28
N GLY A 89 29.75 35.50 62.02
CA GLY A 89 29.23 36.32 60.94
C GLY A 89 29.29 37.81 61.25
N CYS A 90 28.83 38.20 62.44
CA CYS A 90 28.91 39.60 62.82
C CYS A 90 30.36 40.09 62.78
N HIS A 91 31.31 39.29 63.27
CA HIS A 91 32.71 39.70 63.21
C HIS A 91 33.18 39.90 61.77
N ASP A 92 32.83 38.97 60.88
CA ASP A 92 33.21 39.14 59.49
C ASP A 92 32.65 40.43 58.92
N LYS A 93 31.40 40.76 59.25
CA LYS A 93 30.76 41.91 58.64
C LYS A 93 31.38 43.22 59.11
N ILE A 94 31.67 43.35 60.41
CA ILE A 94 32.21 44.62 60.90
C ILE A 94 33.63 44.84 60.43
N ASP A 95 34.36 43.79 60.06
CA ASP A 95 35.72 43.97 59.58
C ASP A 95 35.78 44.22 58.08
N ARG A 96 34.72 43.91 57.34
CA ARG A 96 34.67 44.18 55.91
C ARG A 96 33.95 45.48 55.58
N ASP A 97 33.39 46.17 56.57
CA ASP A 97 32.70 47.44 56.37
C ASP A 97 33.01 48.38 57.54
N ALA A 98 34.29 48.76 57.65
CA ALA A 98 34.70 49.60 58.77
C ALA A 98 33.96 50.94 58.76
N ASP A 99 33.66 51.47 57.57
CA ASP A 99 32.91 52.71 57.51
C ASP A 99 31.48 52.54 58.03
N GLY A 100 30.87 51.38 57.77
CA GLY A 100 29.54 51.11 58.27
C GLY A 100 29.48 50.78 59.75
N TYR A 101 30.61 50.39 60.34
CA TYR A 101 30.68 50.04 61.75
C TYR A 101 31.84 50.80 62.39
N PRO A 102 31.69 52.12 62.53
CA PRO A 102 32.76 52.92 63.13
C PRO A 102 32.93 52.64 64.61
N GLU A 103 34.10 53.03 65.14
CA GLU A 103 34.46 52.67 66.51
C GLU A 103 33.51 53.26 67.53
N ASN A 104 33.14 54.54 67.35
CA ASN A 104 32.17 55.17 68.24
C ASN A 104 30.90 54.33 68.33
N ASP A 105 30.38 53.93 67.18
CA ASP A 105 29.13 53.16 67.17
C ASP A 105 29.32 51.85 67.93
N LEU A 106 30.42 51.15 67.66
CA LEU A 106 30.64 49.85 68.29
C LEU A 106 30.91 49.98 69.79
N SER A 107 31.72 50.94 70.20
CA SER A 107 31.96 51.16 71.62
C SER A 107 30.64 51.41 72.34
N GLY A 108 29.81 52.27 71.77
CA GLY A 108 28.53 52.57 72.39
C GLY A 108 27.66 51.34 72.55
N LEU A 109 27.53 50.54 71.48
CA LEU A 109 26.77 49.31 71.57
C LEU A 109 27.43 48.34 72.54
N HIS A 110 28.77 48.28 72.52
CA HIS A 110 29.49 47.42 73.43
C HIS A 110 29.17 47.76 74.88
N GLN A 111 29.33 49.03 75.28
CA GLN A 111 29.07 49.39 76.65
C GLN A 111 27.59 49.22 77.01
N ALA A 112 26.69 49.53 76.07
CA ALA A 112 25.27 49.34 76.35
C ALA A 112 24.98 47.87 76.64
N TYR A 113 25.56 46.97 75.85
CA TYR A 113 25.35 45.55 76.08
C TYR A 113 25.84 45.13 77.46
N LEU A 114 27.06 45.50 77.82
CA LEU A 114 27.60 45.09 79.11
C LEU A 114 26.74 45.60 80.26
N GLU A 115 26.23 46.84 80.17
CA GLU A 115 25.45 47.39 81.26
C GLU A 115 24.19 46.56 81.52
N ARG A 116 23.50 46.13 80.45
CA ARG A 116 22.29 45.35 80.65
C ARG A 116 22.57 44.01 81.32
N ILE A 117 23.74 43.42 81.06
CA ILE A 117 24.12 42.20 81.76
C ILE A 117 24.25 42.49 83.25
N ARG A 118 25.01 43.53 83.61
CA ARG A 118 25.21 43.84 85.01
C ARG A 118 23.89 44.07 85.72
N LEU A 119 22.99 44.85 85.11
CA LEU A 119 21.71 45.15 85.74
C LEU A 119 20.93 43.86 86.02
N ALA A 120 20.89 42.95 85.04
CA ALA A 120 20.22 41.68 85.26
C ALA A 120 20.86 40.92 86.42
N ALA A 121 22.20 40.89 86.46
CA ALA A 121 22.88 40.13 87.50
C ALA A 121 22.70 40.73 88.88
N THR A 122 22.48 42.05 88.96
CA THR A 122 22.34 42.73 90.24
C THR A 122 20.90 43.07 90.60
N THR A 123 19.93 42.69 89.77
CA THR A 123 18.53 42.93 90.10
C THR A 123 18.04 41.84 91.06
N PRO A 124 17.44 42.21 92.19
CA PRO A 124 16.97 41.20 93.13
C PRO A 124 15.73 40.47 92.60
N ASP A 125 15.55 39.25 93.12
CA ASP A 125 14.44 38.39 92.70
C ASP A 125 13.15 38.90 93.31
N GLY A 126 12.32 39.55 92.50
CA GLY A 126 11.03 40.01 92.94
C GLY A 126 9.89 39.05 92.70
N GLY A 127 10.17 37.79 92.39
CA GLY A 127 9.12 36.82 92.20
C GLY A 127 8.69 36.69 90.75
N ARG A 128 7.59 35.95 90.57
CA ARG A 128 7.08 35.60 89.25
C ARG A 128 5.74 36.28 89.00
N ALA A 129 5.43 36.46 87.72
CA ALA A 129 4.17 37.06 87.29
C ALA A 129 3.85 36.58 85.89
N ILE A 130 2.56 36.57 85.56
CA ILE A 130 2.09 36.17 84.24
C ILE A 130 2.09 37.40 83.34
N PRO A 131 2.87 37.42 82.26
CA PRO A 131 2.77 38.53 81.31
C PRO A 131 1.44 38.47 80.56
N LEU A 132 0.73 39.60 80.54
CA LEU A 132 -0.55 39.69 79.86
C LEU A 132 -0.60 40.95 79.01
N ILE A 133 -0.70 40.77 77.69
CA ILE A 133 -0.82 41.86 76.74
C ILE A 133 -2.20 41.77 76.10
N VAL A 134 -2.92 42.89 76.08
CA VAL A 134 -4.24 42.94 75.47
C VAL A 134 -4.28 44.14 74.54
N GLN A 135 -4.45 43.89 73.26
CA GLN A 135 -4.48 44.96 72.26
C GLN A 135 -5.64 44.73 71.30
N SER A 136 -6.17 45.83 70.80
CA SER A 136 -7.24 45.77 69.83
C SER A 136 -6.69 45.99 68.43
N GLN A 137 -7.59 45.97 67.46
CA GLN A 137 -7.31 46.34 66.08
C GLN A 137 -8.34 47.34 65.57
N HIS A 138 -8.83 48.23 66.44
CA HIS A 138 -9.83 49.21 66.02
C HIS A 138 -9.22 50.49 65.48
N PHE A 139 -7.89 50.64 65.57
CA PHE A 139 -7.21 51.76 64.94
C PHE A 139 -7.02 51.47 63.45
N GLN A 140 -6.78 52.56 62.70
CA GLN A 140 -6.46 52.49 61.28
C GLN A 140 -4.96 52.39 61.04
N THR A 141 -4.22 51.87 62.01
CA THR A 141 -2.79 51.67 61.91
C THR A 141 -2.47 50.37 62.62
N ILE A 142 -1.26 49.85 62.37
N ILE A 142 -1.27 49.84 62.35
CA ILE A 142 -0.78 48.72 63.14
CA ILE A 142 -0.76 48.73 63.14
C ILE A 142 -0.74 49.10 64.62
C ILE A 142 -0.81 49.12 64.61
N ASN A 143 -1.10 48.15 65.46
CA ASN A 143 -1.16 48.33 66.91
C ASN A 143 -0.55 47.07 67.51
N ASP A 144 0.64 47.18 68.10
CA ASP A 144 1.35 45.96 68.48
C ASP A 144 2.30 46.25 69.63
N ILE A 145 2.05 45.64 70.77
CA ILE A 145 2.87 45.80 71.96
C ILE A 145 3.90 44.67 71.98
N PRO A 146 5.19 44.97 71.88
CA PRO A 146 6.18 43.89 71.80
C PRO A 146 6.27 43.13 73.12
N VAL A 147 6.31 41.79 73.00
CA VAL A 147 6.45 40.94 74.18
C VAL A 147 7.76 41.25 74.91
N ARG A 148 8.85 41.44 74.16
CA ARG A 148 10.13 41.67 74.80
C ARG A 148 10.07 42.88 75.73
N ASP A 149 9.38 43.94 75.30
CA ASP A 149 9.38 45.18 76.09
C ASP A 149 8.64 44.99 77.41
N LEU A 150 7.52 44.25 77.41
CA LEU A 150 6.86 43.93 78.68
C LEU A 150 7.78 43.07 79.55
N LEU A 151 8.39 42.04 78.97
CA LEU A 151 9.25 41.16 79.76
C LEU A 151 10.43 41.91 80.35
N THR A 152 10.93 42.90 79.61
CA THR A 152 12.05 43.70 80.09
C THR A 152 11.61 44.67 81.18
N ALA A 153 10.40 45.21 81.05
CA ALA A 153 9.85 46.02 82.14
C ALA A 153 9.69 45.17 83.39
N MET A 154 9.20 43.93 83.25
CA MET A 154 9.06 43.05 84.40
C MET A 154 10.41 42.77 85.05
N SER A 155 11.39 42.39 84.24
CA SER A 155 12.71 42.06 84.76
C SER A 155 13.31 43.22 85.54
N ALA A 156 13.08 44.45 85.06
CA ALA A 156 13.66 45.62 85.73
C ALA A 156 13.11 45.78 87.14
N GLU A 157 11.91 45.26 87.40
CA GLU A 157 11.31 45.27 88.72
C GLU A 157 11.45 43.93 89.43
N GLY A 158 12.37 43.09 88.96
CA GLY A 158 12.63 41.81 89.61
C GLY A 158 11.64 40.71 89.30
N LEU A 159 10.78 40.90 88.30
CA LEU A 159 9.76 39.92 87.96
C LEU A 159 10.19 39.10 86.76
N THR A 160 10.03 37.79 86.86
CA THR A 160 10.28 36.88 85.75
C THR A 160 9.04 36.05 85.51
N ALA A 161 9.05 35.33 84.41
CA ALA A 161 7.92 34.48 84.05
C ALA A 161 8.45 33.15 83.54
N PHE A 162 7.64 32.10 83.74
CA PHE A 162 8.01 30.78 83.26
C PHE A 162 7.93 30.68 81.75
N ASP A 163 7.20 31.58 81.09
CA ASP A 163 7.20 31.69 79.63
C ASP A 163 6.75 33.09 79.26
N GLN A 164 6.61 33.34 77.95
CA GLN A 164 6.38 34.71 77.50
C GLN A 164 4.96 35.19 77.74
N GLY A 165 4.06 34.33 78.21
CA GLY A 165 2.77 34.77 78.69
C GLY A 165 1.68 34.77 77.63
N ILE A 166 0.67 35.59 77.89
CA ILE A 166 -0.57 35.66 77.11
C ILE A 166 -0.58 36.96 76.32
N LYS A 167 -0.91 36.88 75.04
CA LYS A 167 -1.10 38.07 74.21
C LYS A 167 -2.40 37.89 73.45
N ILE A 168 -3.36 38.77 73.70
CA ILE A 168 -4.68 38.71 73.08
C ILE A 168 -4.83 39.91 72.17
N ALA A 169 -5.18 39.64 70.92
CA ALA A 169 -5.45 40.68 69.93
C ALA A 169 -6.90 40.55 69.48
N PHE A 170 -7.70 41.59 69.73
CA PHE A 170 -9.10 41.55 69.37
C PHE A 170 -9.26 41.49 67.85
N ALA A 171 -10.34 40.85 67.41
CA ALA A 171 -10.72 40.92 66.01
C ALA A 171 -10.95 42.36 65.60
N ALA A 172 -10.58 42.69 64.36
CA ALA A 172 -10.79 44.04 63.88
C ALA A 172 -12.28 44.29 63.63
N PRO A 173 -12.68 45.55 63.56
CA PRO A 173 -14.07 45.84 63.19
C PRO A 173 -14.36 45.39 61.77
N GLY A 174 -15.62 45.02 61.54
CA GLY A 174 -16.08 44.63 60.23
C GLY A 174 -16.59 45.82 59.47
N PRO A 175 -17.29 45.58 58.36
CA PRO A 175 -17.68 46.69 57.47
C PRO A 175 -18.68 47.65 58.08
N ARG A 176 -19.32 47.28 59.19
CA ARG A 176 -20.27 48.16 59.87
C ARG A 176 -19.65 48.84 61.08
N GLY A 177 -18.33 48.80 61.22
CA GLY A 177 -17.68 49.46 62.34
C GLY A 177 -17.79 48.66 63.63
N ARG A 178 -17.74 49.36 64.75
CA ARG A 178 -17.78 48.73 66.07
C ARG A 178 -19.24 48.52 66.43
N ASP A 179 -19.83 47.47 65.86
CA ASP A 179 -21.24 47.18 65.98
C ASP A 179 -21.48 46.13 67.07
N THR A 180 -22.70 45.60 67.11
CA THR A 180 -23.05 44.59 68.11
C THR A 180 -22.16 43.36 68.00
N THR A 181 -21.87 42.94 66.78
CA THR A 181 -20.98 41.79 66.58
C THR A 181 -19.60 42.09 67.14
N TYR A 182 -19.09 43.30 66.87
CA TYR A 182 -17.77 43.66 67.37
C TYR A 182 -17.70 43.57 68.89
N TRP A 183 -18.61 44.24 69.58
CA TRP A 183 -18.53 44.25 71.04
C TRP A 183 -18.79 42.86 71.62
N GLN A 184 -19.56 42.03 70.90
CA GLN A 184 -19.68 40.63 71.31
C GLN A 184 -18.34 39.91 71.20
N ASN A 185 -17.60 40.16 70.12
CA ASN A 185 -16.28 39.56 69.98
C ASN A 185 -15.35 40.04 71.09
N VAL A 186 -15.40 41.34 71.40
CA VAL A 186 -14.60 41.86 72.51
C VAL A 186 -14.97 41.15 73.80
N LYS A 187 -16.27 40.98 74.06
CA LYS A 187 -16.70 40.28 75.27
C LYS A 187 -16.19 38.85 75.29
N ASP A 188 -16.24 38.17 74.14
CA ASP A 188 -15.72 36.80 74.09
C ASP A 188 -14.21 36.78 74.32
N SER A 189 -13.48 37.75 73.78
CA SER A 189 -12.03 37.77 73.95
C SER A 189 -11.64 37.92 75.41
N VAL A 190 -12.33 38.81 76.14
CA VAL A 190 -11.95 39.08 77.52
C VAL A 190 -12.50 38.00 78.45
N GLN A 191 -13.77 37.66 78.30
CA GLN A 191 -14.44 36.80 79.27
C GLN A 191 -14.27 35.32 79.00
N TYR A 192 -13.91 34.94 77.78
CA TYR A 192 -13.73 33.53 77.44
C TYR A 192 -12.30 33.23 77.01
N GLU A 193 -11.80 33.85 75.94
N GLU A 193 -11.79 33.86 75.95
CA GLU A 193 -10.46 33.52 75.45
CA GLU A 193 -10.46 33.52 75.45
C GLU A 193 -9.42 33.73 76.54
C GLU A 193 -9.40 33.74 76.53
N LEU A 194 -9.42 34.91 77.16
CA LEU A 194 -8.44 35.20 78.21
C LEU A 194 -8.58 34.22 79.37
N GLU A 195 -9.82 33.93 79.79
CA GLU A 195 -10.02 33.03 80.91
C GLU A 195 -9.53 31.62 80.58
N GLN A 196 -9.79 31.16 79.35
CA GLN A 196 -9.33 29.81 78.99
C GLN A 196 -7.81 29.72 79.04
N GLN A 197 -7.12 30.79 78.62
CA GLN A 197 -5.65 30.75 78.58
C GLN A 197 -5.04 30.84 79.97
N LEU A 198 -5.67 31.59 80.88
CA LEU A 198 -5.15 31.64 82.24
C LEU A 198 -5.32 30.30 82.94
N LYS A 199 -6.46 29.63 82.74
CA LYS A 199 -6.65 28.28 83.26
C LYS A 199 -5.56 27.34 82.75
N ARG A 200 -5.45 27.23 81.43
CA ARG A 200 -4.46 26.33 80.83
C ARG A 200 -3.07 26.59 81.38
N ARG A 201 -2.69 27.86 81.51
CA ARG A 201 -1.44 28.20 82.17
C ARG A 201 -1.42 27.72 83.61
N GLY A 202 -2.58 27.65 84.25
CA GLY A 202 -2.67 27.18 85.63
C GLY A 202 -1.94 25.87 85.87
N GLY A 203 -1.03 25.88 86.84
CA GLY A 203 -0.15 24.76 87.09
C GLY A 203 1.29 25.19 87.05
N THR A 204 1.70 25.78 85.91
CA THR A 204 3.04 26.33 85.81
C THR A 204 3.24 27.48 86.80
N TYR A 205 2.19 28.27 87.03
CA TYR A 205 2.28 29.44 87.90
C TYR A 205 1.72 29.20 89.29
N GLY A 206 0.64 28.44 89.42
CA GLY A 206 0.07 28.11 90.71
C GLY A 206 -1.37 28.57 90.83
N ASP A 207 -1.77 28.82 92.08
CA ASP A 207 -3.17 29.11 92.38
C ASP A 207 -3.51 30.59 92.13
N SER A 208 -2.85 31.49 92.86
CA SER A 208 -3.15 32.92 92.81
C SER A 208 -1.93 33.69 92.31
N PRO A 209 -1.54 33.49 91.06
CA PRO A 209 -0.35 34.17 90.54
C PRO A 209 -0.61 35.65 90.25
N ALA A 210 0.48 36.40 90.18
CA ALA A 210 0.42 37.81 89.83
C ALA A 210 0.28 37.97 88.31
N LEU A 211 -0.40 39.05 87.91
CA LEU A 211 -0.56 39.42 86.50
C LEU A 211 0.20 40.72 86.26
N ALA A 212 1.16 40.69 85.34
CA ALA A 212 1.83 41.89 84.83
C ALA A 212 1.14 42.22 83.51
N VAL A 213 0.30 43.27 83.51
CA VAL A 213 -0.64 43.51 82.42
C VAL A 213 -0.39 44.87 81.79
N VAL A 214 -0.36 44.89 80.46
CA VAL A 214 -0.35 46.13 79.69
C VAL A 214 -1.44 46.02 78.64
N GLY A 215 -2.16 47.10 78.43
CA GLY A 215 -3.23 47.13 77.46
C GLY A 215 -3.12 48.32 76.53
N LEU A 216 -3.65 48.13 75.32
CA LEU A 216 -3.79 49.24 74.36
C LEU A 216 -4.94 48.81 73.45
N ALA A 217 -6.16 49.18 73.85
CA ALA A 217 -7.36 48.70 73.18
C ALA A 217 -8.49 49.67 73.45
N ASP A 218 -9.68 49.35 72.93
CA ASP A 218 -10.84 50.18 73.15
C ASP A 218 -10.97 50.52 74.63
N ILE A 219 -11.20 51.80 74.92
CA ILE A 219 -11.43 52.19 76.32
C ILE A 219 -12.46 51.30 76.99
N PRO A 220 -13.64 51.07 76.41
CA PRO A 220 -14.62 50.21 77.09
C PRO A 220 -14.12 48.79 77.28
N ALA A 221 -13.27 48.30 76.39
CA ALA A 221 -12.77 46.93 76.51
C ALA A 221 -11.69 46.84 77.59
N LEU A 222 -10.86 47.88 77.72
CA LEU A 222 -9.90 47.93 78.80
C LEU A 222 -10.62 48.01 80.15
N MET A 223 -11.73 48.73 80.19
N MET A 223 -11.74 48.72 80.20
CA MET A 223 -12.52 48.77 81.42
CA MET A 223 -12.51 48.77 81.43
C MET A 223 -13.11 47.42 81.75
C MET A 223 -13.12 47.41 81.75
N MET A 224 -13.70 46.75 80.75
CA MET A 224 -14.19 45.39 80.95
C MET A 224 -13.05 44.48 81.43
N LEU A 225 -11.89 44.58 80.76
CA LEU A 225 -10.72 43.80 81.16
C LEU A 225 -10.41 43.99 82.65
N GLY A 226 -10.23 45.24 83.08
CA GLY A 226 -9.88 45.47 84.48
C GLY A 226 -10.91 44.92 85.44
N GLN A 227 -12.19 45.06 85.11
CA GLN A 227 -13.23 44.48 85.94
C GLN A 227 -13.11 42.97 86.01
N SER A 228 -12.74 42.35 84.89
CA SER A 228 -12.65 40.90 84.84
C SER A 228 -11.48 40.38 85.66
N ILE A 229 -10.33 41.09 85.65
CA ILE A 229 -9.14 40.63 86.35
C ILE A 229 -8.96 41.31 87.70
N GLY A 230 -9.90 42.16 88.12
CA GLY A 230 -9.72 42.91 89.35
C GLY A 230 -9.77 42.06 90.61
N ASP A 231 -10.50 40.95 90.58
CA ASP A 231 -10.49 40.03 91.70
C ASP A 231 -9.06 39.63 92.06
N ARG A 232 -8.28 39.22 91.05
CA ARG A 232 -6.94 38.73 91.26
C ARG A 232 -6.08 39.74 92.02
N SER A 233 -5.45 39.27 93.09
CA SER A 233 -4.54 40.11 93.85
C SER A 233 -3.19 40.18 93.13
N LYS A 234 -2.31 41.04 93.64
CA LYS A 234 -0.99 41.24 93.07
C LYS A 234 -1.07 41.41 91.55
N ARG A 235 -1.88 42.37 91.14
CA ARG A 235 -1.86 42.84 89.75
C ARG A 235 -0.79 43.91 89.64
N LEU A 236 0.08 43.78 88.65
CA LEU A 236 1.11 44.77 88.38
C LEU A 236 0.78 45.45 87.06
N ILE A 237 0.36 46.70 87.11
CA ILE A 237 -0.05 47.41 85.91
C ILE A 237 1.18 47.96 85.21
N PHE A 238 1.23 47.82 83.88
CA PHE A 238 2.24 48.46 83.06
C PHE A 238 1.55 49.31 81.99
N SER A 239 2.33 50.12 81.29
CA SER A 239 1.77 51.16 80.43
C SER A 239 2.59 51.30 79.15
N PHE A 240 1.90 51.33 78.01
CA PHE A 240 2.53 51.64 76.74
C PHE A 240 2.54 53.15 76.56
N HIS A 241 3.71 53.69 76.21
CA HIS A 241 3.93 55.13 76.13
C HIS A 241 4.48 55.48 74.75
N ARG A 242 3.93 56.53 74.15
CA ARG A 242 4.33 56.86 72.78
C ARG A 242 5.83 57.10 72.67
N GLU A 243 6.44 57.69 73.68
CA GLU A 243 7.88 57.94 73.62
C GLU A 243 8.69 56.77 74.20
N HIS A 244 8.33 56.31 75.39
CA HIS A 244 9.17 55.38 76.14
C HIS A 244 8.71 53.93 76.05
N LEU A 245 7.71 53.64 75.23
CA LEU A 245 7.14 52.30 75.11
C LEU A 245 6.77 51.76 76.48
N LEU A 246 7.39 50.66 76.93
CA LEU A 246 7.05 50.09 78.23
C LEU A 246 7.92 50.61 79.36
N ARG A 247 8.96 51.39 79.06
CA ARG A 247 9.75 52.03 80.10
C ARG A 247 8.93 53.14 80.76
N TRP A 248 9.12 53.31 82.06
CA TRP A 248 8.45 54.41 82.74
C TRP A 248 9.11 55.72 82.36
N PRO A 249 8.34 56.73 81.92
CA PRO A 249 8.97 58.00 81.50
C PRO A 249 9.82 58.66 82.58
N ASP A 250 9.42 58.57 83.85
CA ASP A 250 10.11 59.31 84.91
C ASP A 250 9.63 58.84 86.27
N GLN A 251 10.43 58.00 86.94
CA GLN A 251 10.04 57.39 88.20
C GLN A 251 9.92 58.40 89.33
N SER A 252 10.54 59.57 89.17
CA SER A 252 10.54 60.59 90.22
C SER A 252 9.41 61.59 90.07
N ALA A 253 8.73 61.60 88.93
CA ALA A 253 7.64 62.55 88.70
C ALA A 253 6.58 62.44 89.78
N GLU A 254 6.14 63.56 90.26
CA GLU A 254 5.05 63.53 91.21
C GLU A 254 3.72 63.46 90.47
N PRO A 255 2.74 62.74 91.00
CA PRO A 255 1.43 62.72 90.36
C PRO A 255 0.86 64.12 90.27
N PRO A 256 0.08 64.41 89.24
CA PRO A 256 -0.61 65.70 89.16
C PRO A 256 -1.85 65.73 90.05
N SER A 257 -2.38 66.93 90.22
CA SER A 257 -3.64 67.09 90.92
C SER A 257 -4.77 66.55 90.06
N PHE A 258 -5.73 65.90 90.70
CA PHE A 258 -6.92 65.39 90.04
C PHE A 258 -8.08 66.27 90.49
N LEU A 259 -8.38 67.26 89.65
CA LEU A 259 -9.42 68.23 89.92
C LEU A 259 -10.78 67.60 89.69
N PHE A 260 -11.70 67.81 90.63
CA PHE A 260 -13.04 67.27 90.52
C PHE A 260 -14.04 68.39 90.67
N THR A 261 -15.00 68.45 89.76
CA THR A 261 -16.12 69.35 89.86
C THR A 261 -17.40 68.52 89.97
N PRO A 262 -18.24 68.77 90.96
CA PRO A 262 -19.36 67.87 91.22
C PRO A 262 -20.52 68.16 90.28
N PRO A 263 -21.46 67.23 90.14
CA PRO A 263 -22.59 67.44 89.25
C PRO A 263 -23.61 68.36 89.89
N PRO A 264 -24.41 69.06 89.08
CA PRO A 264 -25.54 69.82 89.65
C PRO A 264 -26.64 68.87 90.08
N ASN A 265 -27.46 69.33 91.02
CA ASN A 265 -28.59 68.54 91.45
C ASN A 265 -29.62 68.45 90.33
N GLY A 266 -30.53 67.48 90.48
CA GLY A 266 -31.56 67.28 89.48
C GLY A 266 -31.77 65.81 89.17
N ASP A 267 -32.75 65.53 88.32
CA ASP A 267 -33.11 64.15 88.00
C ASP A 267 -32.56 63.68 86.67
N GLY A 268 -31.81 64.53 85.96
CA GLY A 268 -31.24 64.16 84.69
C GLY A 268 -30.21 63.06 84.85
N PRO A 269 -29.87 62.40 83.74
CA PRO A 269 -28.87 61.32 83.82
C PRO A 269 -27.54 61.86 84.30
N LEU A 270 -26.83 61.05 85.07
CA LEU A 270 -25.56 61.44 85.66
C LEU A 270 -24.43 61.02 84.73
N ALA A 271 -23.53 61.95 84.44
CA ALA A 271 -22.41 61.70 83.55
C ALA A 271 -21.11 61.98 84.28
N LEU A 272 -20.14 61.08 84.13
CA LEU A 272 -18.79 61.25 84.64
C LEU A 272 -17.87 61.48 83.46
N VAL A 273 -17.31 62.68 83.35
CA VAL A 273 -16.37 63.03 82.30
C VAL A 273 -14.95 62.97 82.86
N LEU A 274 -14.08 62.24 82.18
CA LEU A 274 -12.69 62.10 82.57
C LEU A 274 -11.83 62.78 81.52
N SER A 275 -11.23 63.91 81.89
CA SER A 275 -10.37 64.68 81.00
C SER A 275 -8.95 64.57 81.52
N ILE A 276 -8.29 63.46 81.16
CA ILE A 276 -6.92 63.16 81.58
C ILE A 276 -5.98 63.22 80.39
N SER A 277 -6.28 62.43 79.35
CA SER A 277 -5.49 62.48 78.12
C SER A 277 -5.74 63.77 77.35
N ALA A 278 -6.93 64.33 77.51
CA ALA A 278 -7.34 65.50 76.74
C ALA A 278 -8.55 66.08 77.44
N GLN A 279 -8.92 67.28 77.03
CA GLN A 279 -10.14 67.91 77.52
C GLN A 279 -11.33 67.40 76.72
N VAL A 280 -12.26 66.73 77.39
CA VAL A 280 -13.48 66.25 76.75
C VAL A 280 -14.45 67.42 76.65
N PRO A 281 -14.79 67.90 75.45
CA PRO A 281 -15.70 69.06 75.36
C PRO A 281 -17.09 68.66 75.85
N VAL A 282 -17.60 69.41 76.85
CA VAL A 282 -18.89 69.07 77.44
C VAL A 282 -20.02 69.17 76.43
N ARG A 283 -19.84 69.97 75.36
CA ARG A 283 -20.85 70.01 74.31
C ARG A 283 -21.06 68.63 73.69
N ASP A 284 -20.01 67.80 73.62
CA ASP A 284 -20.17 66.46 73.07
C ASP A 284 -20.87 65.53 74.05
N VAL A 285 -20.74 65.79 75.36
CA VAL A 285 -21.42 64.95 76.34
C VAL A 285 -22.93 65.19 76.29
N THR A 286 -23.35 66.46 76.38
CA THR A 286 -24.77 66.75 76.32
C THR A 286 -25.37 66.46 74.95
N ASP A 287 -24.59 66.60 73.88
CA ASP A 287 -25.10 66.17 72.58
C ASP A 287 -25.58 64.73 72.63
N ALA A 288 -24.80 63.85 73.26
CA ALA A 288 -25.09 62.43 73.27
C ALA A 288 -26.04 62.02 74.38
N LEU A 289 -26.17 62.84 75.41
CA LEU A 289 -26.90 62.48 76.62
C LEU A 289 -27.67 63.71 77.05
N PRO A 290 -28.80 64.00 76.40
CA PRO A 290 -29.52 65.25 76.70
C PRO A 290 -29.86 65.35 78.18
N GLY A 291 -29.70 66.56 78.72
CA GLY A 291 -29.99 66.78 80.12
C GLY A 291 -28.97 66.22 81.08
N ALA A 292 -27.75 65.96 80.62
CA ALA A 292 -26.75 65.35 81.47
C ALA A 292 -26.41 66.26 82.64
N ARG A 293 -26.27 65.67 83.82
CA ARG A 293 -25.66 66.32 84.98
C ARG A 293 -24.21 65.86 85.01
N ILE A 294 -23.29 66.79 84.74
CA ILE A 294 -21.92 66.45 84.41
C ILE A 294 -21.05 66.64 85.63
N ALA A 295 -20.36 65.56 86.02
CA ALA A 295 -19.25 65.62 86.95
C ALA A 295 -17.98 65.35 86.16
N GLU A 296 -16.91 66.04 86.51
CA GLU A 296 -15.67 65.97 85.72
C GLU A 296 -14.48 65.77 86.63
N LEU A 297 -13.65 64.79 86.28
CA LEU A 297 -12.35 64.58 86.90
C LEU A 297 -11.29 64.83 85.85
N SER A 298 -10.39 65.76 86.14
CA SER A 298 -9.43 66.23 85.15
C SER A 298 -8.09 66.47 85.83
N ILE A 299 -7.07 66.71 85.01
CA ILE A 299 -5.79 67.20 85.51
C ILE A 299 -5.56 68.58 84.92
N PRO A 300 -4.68 69.38 85.52
CA PRO A 300 -4.52 70.76 85.05
C PRO A 300 -4.13 70.85 83.59
N GLU A 301 -3.33 69.91 83.10
CA GLU A 301 -2.81 69.94 81.73
C GLU A 301 -3.01 68.57 81.10
N PRO A 302 -4.19 68.33 80.55
CA PRO A 302 -4.47 67.02 79.92
C PRO A 302 -3.48 66.73 78.80
N SER A 303 -2.98 65.50 78.78
CA SER A 303 -1.91 65.16 77.86
C SER A 303 -1.82 63.66 77.69
N TYR A 304 -1.55 63.22 76.47
CA TYR A 304 -1.39 61.80 76.20
C TYR A 304 -0.19 61.21 76.95
N ALA A 305 0.75 62.04 77.40
CA ALA A 305 2.03 61.55 77.90
C ALA A 305 2.06 61.44 79.43
N MET A 306 0.93 61.68 80.10
CA MET A 306 0.94 61.93 81.53
C MET A 306 1.20 60.70 82.40
N VAL A 307 1.28 59.51 81.83
CA VAL A 307 1.52 58.32 82.66
C VAL A 307 3.02 58.18 82.86
N GLN A 308 3.58 58.96 83.78
CA GLN A 308 5.02 59.03 83.97
C GLN A 308 5.56 57.86 84.78
N ASN A 309 4.73 57.25 85.61
CA ASN A 309 5.17 56.17 86.47
C ASN A 309 3.93 55.55 87.10
N ARG A 310 4.14 54.42 87.79
CA ARG A 310 3.00 53.70 88.33
C ARG A 310 2.33 54.46 89.47
N ARG A 311 3.05 55.37 90.14
CA ARG A 311 2.40 56.15 91.19
C ARG A 311 1.38 57.12 90.61
N VAL A 312 1.59 57.62 89.38
CA VAL A 312 0.56 58.39 88.72
C VAL A 312 -0.71 57.57 88.54
N ILE A 313 -0.54 56.29 88.17
CA ILE A 313 -1.69 55.42 87.98
C ILE A 313 -2.42 55.20 89.30
N HIS A 314 -1.66 54.99 90.39
CA HIS A 314 -2.27 54.72 91.69
C HIS A 314 -2.94 55.98 92.25
N ALA A 315 -2.41 57.16 91.95
CA ALA A 315 -3.04 58.39 92.40
C ALA A 315 -4.36 58.65 91.65
N PHE A 316 -4.40 58.32 90.36
CA PHE A 316 -5.67 58.37 89.64
C PHE A 316 -6.67 57.42 90.28
N ARG A 317 -6.24 56.19 90.57
CA ARG A 317 -7.13 55.21 91.18
C ARG A 317 -7.66 55.73 92.52
N ASP A 318 -6.78 56.28 93.36
CA ASP A 318 -7.21 56.78 94.65
C ASP A 318 -8.21 57.93 94.48
N ALA A 319 -7.91 58.88 93.61
CA ALA A 319 -8.82 60.01 93.40
C ALA A 319 -10.18 59.52 92.90
N LEU A 320 -10.17 58.59 91.93
CA LEU A 320 -11.41 58.15 91.30
C LEU A 320 -12.25 57.32 92.26
N GLN A 321 -11.62 56.44 93.05
CA GLN A 321 -12.34 55.67 94.05
C GLN A 321 -13.22 56.57 94.90
N ILE A 322 -12.66 57.71 95.34
CA ILE A 322 -13.40 58.64 96.20
C ILE A 322 -14.60 59.22 95.46
N ARG A 323 -14.42 59.61 94.19
CA ARG A 323 -15.49 60.29 93.48
C ARG A 323 -16.55 59.31 92.99
N LEU A 324 -16.18 58.05 92.73
CA LEU A 324 -17.21 57.07 92.41
C LEU A 324 -18.12 56.86 93.60
N SER A 325 -17.57 56.76 94.81
CA SER A 325 -18.41 56.69 96.01
C SER A 325 -19.35 57.90 96.06
N GLN A 326 -18.80 59.09 95.84
CA GLN A 326 -19.61 60.30 95.91
C GLN A 326 -20.72 60.29 94.87
N LEU A 327 -20.40 59.92 93.62
CA LEU A 327 -21.40 59.98 92.56
C LEU A 327 -22.43 58.87 92.68
N GLU A 328 -22.03 57.70 93.15
CA GLU A 328 -22.96 56.58 93.27
C GLU A 328 -24.09 56.87 94.25
N ALA A 329 -23.89 57.81 95.18
CA ALA A 329 -24.93 58.20 96.12
C ALA A 329 -25.78 59.37 95.61
N LEU A 330 -25.83 59.56 94.29
CA LEU A 330 -26.48 60.74 93.72
C LEU A 330 -27.43 60.46 92.57
N THR A 331 -27.61 59.21 92.17
CA THR A 331 -28.48 58.93 91.04
C THR A 331 -29.06 57.54 91.18
N PRO A 332 -30.31 57.32 90.72
CA PRO A 332 -30.86 55.96 90.69
C PRO A 332 -30.53 55.24 89.39
N ASP A 333 -30.27 56.00 88.35
CA ASP A 333 -30.02 55.44 87.02
C ASP A 333 -28.52 55.18 86.86
N PRO A 334 -28.10 54.62 85.73
CA PRO A 334 -26.67 54.34 85.55
C PRO A 334 -25.84 55.61 85.51
N ILE A 335 -24.54 55.44 85.78
CA ILE A 335 -23.55 56.49 85.58
C ILE A 335 -23.00 56.35 84.17
N HIS A 336 -23.02 57.44 83.42
CA HIS A 336 -22.58 57.45 82.03
C HIS A 336 -21.16 57.99 81.97
N VAL A 337 -20.24 57.20 81.40
CA VAL A 337 -18.82 57.52 81.40
C VAL A 337 -18.40 58.06 80.05
N PHE A 338 -17.76 59.24 80.05
CA PHE A 338 -17.20 59.88 78.87
C PHE A 338 -15.73 60.15 79.16
N ALA A 339 -14.84 59.31 78.62
CA ALA A 339 -13.47 59.23 79.10
C ALA A 339 -12.47 59.48 77.97
N ALA A 340 -11.60 60.45 78.17
CA ALA A 340 -10.38 60.60 77.37
C ALA A 340 -9.25 60.32 78.35
N ILE A 341 -8.85 59.05 78.44
CA ILE A 341 -7.88 58.60 79.45
C ILE A 341 -6.90 57.65 78.81
N PRO A 342 -5.67 57.61 79.33
CA PRO A 342 -4.71 56.62 78.86
C PRO A 342 -5.13 55.19 79.20
N ALA A 343 -4.61 54.26 78.41
CA ALA A 343 -5.05 52.87 78.47
C ALA A 343 -4.88 52.26 79.84
N ALA A 344 -3.75 52.51 80.50
CA ALA A 344 -3.53 51.93 81.81
C ALA A 344 -4.55 52.43 82.82
N LEU A 345 -5.03 53.67 82.69
CA LEU A 345 -6.00 54.18 83.65
C LEU A 345 -7.39 53.60 83.38
N ALA A 346 -7.68 53.25 82.12
CA ALA A 346 -8.93 52.57 81.81
C ALA A 346 -8.98 51.20 82.48
N ILE A 347 -7.86 50.45 82.45
CA ILE A 347 -7.81 49.17 83.16
C ILE A 347 -8.06 49.37 84.64
N GLU A 348 -7.35 50.32 85.25
CA GLU A 348 -7.51 50.53 86.70
C GLU A 348 -8.91 51.02 87.04
N PHE A 349 -9.50 51.86 86.19
CA PHE A 349 -10.91 52.20 86.37
C PHE A 349 -11.75 50.93 86.40
N GLY A 350 -11.59 50.06 85.40
CA GLY A 350 -12.34 48.82 85.39
C GLY A 350 -12.19 47.99 86.65
N ALA A 351 -10.98 47.97 87.21
CA ALA A 351 -10.73 47.14 88.39
C ALA A 351 -11.47 47.65 89.63
N LEU A 352 -11.88 48.92 89.64
CA LEU A 352 -12.72 49.43 90.72
C LEU A 352 -14.16 48.95 90.62
N LEU A 353 -14.56 48.41 89.47
CA LEU A 353 -15.92 47.95 89.26
C LEU A 353 -16.08 46.45 89.52
N THR A 354 -15.00 45.76 89.89
CA THR A 354 -15.11 44.34 90.18
C THR A 354 -16.01 44.08 91.38
N THR A 355 -15.77 44.78 92.48
CA THR A 355 -16.53 44.61 93.71
C THR A 355 -16.73 45.89 94.51
N GLN A 356 -15.80 46.83 94.47
CA GLN A 356 -15.89 48.01 95.32
C GLN A 356 -17.02 48.94 94.90
N HIS A 357 -17.34 48.99 93.60
CA HIS A 357 -18.37 49.90 93.09
C HIS A 357 -19.25 49.11 92.13
N GLN A 358 -20.50 48.89 92.52
CA GLN A 358 -21.37 47.96 91.82
C GLN A 358 -22.57 48.64 91.17
N HIS A 359 -22.60 49.97 91.18
N HIS A 359 -22.60 49.97 91.17
CA HIS A 359 -23.56 50.68 90.32
CA HIS A 359 -23.53 50.72 90.33
C HIS A 359 -23.34 50.24 88.88
C HIS A 359 -23.30 50.33 88.86
N THR A 360 -24.33 50.53 88.04
CA THR A 360 -24.24 50.20 86.62
C THR A 360 -23.56 51.36 85.90
N TYR A 361 -22.56 51.05 85.08
CA TYR A 361 -21.81 52.03 84.30
C TYR A 361 -22.02 51.78 82.81
N LEU A 362 -22.47 52.80 82.10
CA LEU A 362 -22.64 52.76 80.65
C LEU A 362 -21.51 53.56 80.04
N ILE A 363 -20.65 52.89 79.28
CA ILE A 363 -19.45 53.51 78.73
C ILE A 363 -19.75 54.05 77.34
N PHE A 364 -19.62 55.36 77.18
CA PHE A 364 -19.68 55.97 75.87
C PHE A 364 -18.28 56.02 75.27
N ASP A 365 -18.21 56.07 73.94
CA ASP A 365 -16.93 56.17 73.25
C ASP A 365 -17.15 56.90 71.93
N ARG A 366 -16.07 57.45 71.41
CA ARG A 366 -16.13 58.15 70.12
C ARG A 366 -16.47 57.18 69.00
N ASP A 367 -17.33 57.62 68.08
CA ASP A 367 -17.88 56.77 67.03
C ASP A 367 -17.49 57.34 65.68
N LYS A 368 -16.54 56.69 65.00
CA LYS A 368 -16.07 57.22 63.72
C LYS A 368 -17.07 57.00 62.59
N GLU A 369 -18.13 56.25 62.84
CA GLU A 369 -19.22 56.12 61.87
C GLU A 369 -20.28 57.20 62.05
N ASN A 370 -20.20 57.97 63.14
CA ASN A 370 -21.17 59.00 63.49
C ASN A 370 -20.46 60.35 63.71
N GLN A 371 -19.41 60.60 62.92
CA GLN A 371 -18.70 61.88 62.92
C GLN A 371 -18.17 62.26 64.30
N ASP A 372 -17.51 61.32 64.95
CA ASP A 372 -16.85 61.50 66.23
C ASP A 372 -17.81 61.79 67.38
N ARG A 373 -19.10 61.57 67.19
CA ARG A 373 -20.03 61.69 68.32
C ARG A 373 -19.75 60.60 69.34
N PHE A 374 -20.02 60.92 70.61
CA PHE A 374 -20.04 59.88 71.63
C PHE A 374 -21.25 58.99 71.41
N THR A 375 -21.04 57.67 71.53
CA THR A 375 -22.12 56.70 71.41
C THR A 375 -21.97 55.66 72.50
N GLN A 376 -23.09 55.10 72.94
CA GLN A 376 -23.09 54.12 74.01
C GLN A 376 -22.49 52.80 73.52
N THR A 377 -21.61 52.21 74.33
CA THR A 377 -21.00 50.94 73.97
C THR A 377 -21.33 49.89 75.02
N LEU A 378 -20.37 49.53 75.86
CA LEU A 378 -20.56 48.45 76.82
C LEU A 378 -21.23 48.95 78.08
N GLN A 379 -22.13 48.12 78.63
CA GLN A 379 -22.67 48.31 79.96
C GLN A 379 -21.89 47.42 80.92
N LEU A 380 -21.33 48.01 81.96
CA LEU A 380 -20.60 47.27 82.99
C LEU A 380 -21.40 47.34 84.28
N GLY A 381 -21.57 46.21 84.93
CA GLY A 381 -22.37 46.15 86.12
C GLY A 381 -22.05 44.93 86.96
N PRO A 382 -22.75 44.77 88.09
CA PRO A 382 -22.51 43.68 89.04
C PRO A 382 -23.03 42.33 88.56
N ARG B 13 32.39 21.37 99.54
CA ARG B 13 32.67 22.06 98.25
C ARG B 13 32.42 21.13 97.06
N PHE B 14 31.53 21.55 96.17
CA PHE B 14 31.23 20.78 94.97
C PHE B 14 32.43 20.78 94.03
N ASN B 15 32.86 19.60 93.62
CA ASN B 15 34.03 19.47 92.76
C ASN B 15 33.69 19.86 91.33
N THR B 16 34.53 20.71 90.73
CA THR B 16 34.27 21.32 89.43
C THR B 16 35.15 20.68 88.37
N ASN B 17 34.54 20.32 87.22
CA ASN B 17 35.25 19.68 86.13
C ASN B 17 36.29 20.60 85.48
N ASP B 18 36.41 21.84 85.92
CA ASP B 18 37.31 22.81 85.31
C ASP B 18 36.72 23.37 84.02
N GLU B 19 36.00 22.53 83.27
CA GLU B 19 35.25 22.98 82.10
C GLU B 19 33.81 23.32 82.45
N THR B 20 33.19 22.56 83.37
CA THR B 20 31.91 23.00 83.93
C THR B 20 32.06 24.35 84.61
N LYS B 21 33.25 24.64 85.14
CA LYS B 21 33.50 25.96 85.72
C LYS B 21 33.29 27.06 84.68
N ARG B 22 33.79 26.86 83.46
CA ARG B 22 33.66 27.89 82.45
C ARG B 22 32.22 27.99 81.94
N ILE B 23 31.50 26.87 81.89
CA ILE B 23 30.09 26.92 81.51
C ILE B 23 29.29 27.72 82.54
N VAL B 24 29.48 27.42 83.83
CA VAL B 24 28.71 28.09 84.87
C VAL B 24 29.13 29.55 84.98
N TRP B 25 30.44 29.82 84.97
CA TRP B 25 30.90 31.19 85.03
C TRP B 25 30.29 32.02 83.90
N THR B 26 30.12 31.42 82.72
CA THR B 26 29.61 32.16 81.57
C THR B 26 28.12 32.41 81.68
N GLN B 27 27.35 31.38 82.05
CA GLN B 27 25.90 31.53 82.04
C GLN B 27 25.42 32.54 83.08
N THR B 28 26.18 32.73 84.17
CA THR B 28 25.83 33.68 85.22
C THR B 28 26.51 35.03 85.05
N ALA B 29 27.36 35.19 84.03
CA ALA B 29 28.09 36.43 83.78
C ALA B 29 29.05 36.77 84.91
N GLY B 30 29.43 35.79 85.71
CA GLY B 30 30.43 36.01 86.73
C GLY B 30 30.00 36.87 87.90
N HIS B 31 28.71 36.83 88.25
CA HIS B 31 28.20 37.47 89.46
C HIS B 31 27.69 36.39 90.40
N CYS B 32 27.65 36.72 91.69
CA CYS B 32 27.04 35.85 92.67
C CYS B 32 25.52 35.85 92.47
N GLU B 33 24.92 34.67 92.39
CA GLU B 33 23.48 34.60 92.17
C GLU B 33 22.69 34.99 93.41
N LEU B 34 23.34 35.16 94.55
CA LEU B 34 22.66 35.51 95.80
C LEU B 34 22.84 36.95 96.20
N CYS B 35 24.04 37.52 96.04
CA CYS B 35 24.30 38.90 96.45
C CYS B 35 24.57 39.84 95.30
N GLY B 36 24.73 39.34 94.08
CA GLY B 36 24.93 40.21 92.93
C GLY B 36 26.34 40.72 92.75
N THR B 37 27.30 40.28 93.57
CA THR B 37 28.66 40.79 93.47
C THR B 37 29.34 40.27 92.21
N ASP B 38 30.01 41.17 91.49
CA ASP B 38 30.81 40.80 90.31
C ASP B 38 32.10 40.14 90.76
N LEU B 39 32.30 38.88 90.37
CA LEU B 39 33.42 38.07 90.86
C LEU B 39 34.61 38.07 89.91
N THR B 40 34.70 39.05 89.01
CA THR B 40 35.88 39.23 88.17
C THR B 40 36.78 40.36 88.69
N PHE B 41 36.70 40.69 89.98
CA PHE B 41 37.40 41.86 90.50
C PHE B 41 38.92 41.73 90.32
N ASP B 42 39.46 40.51 90.45
CA ASP B 42 40.92 40.37 90.40
C ASP B 42 41.46 40.68 89.01
N TYR B 43 40.75 40.26 87.96
CA TYR B 43 41.17 40.63 86.61
C TYR B 43 41.11 42.14 86.41
N ARG B 44 40.09 42.80 86.98
CA ARG B 44 40.01 44.25 86.90
C ARG B 44 41.19 44.90 87.62
N ALA B 45 41.76 44.21 88.61
CA ALA B 45 42.89 44.70 89.37
C ALA B 45 44.23 44.29 88.76
N GLY B 46 44.22 43.71 87.57
CA GLY B 46 45.44 43.32 86.91
C GLY B 46 46.06 42.03 87.41
N LYS B 47 45.35 41.25 88.21
CA LYS B 47 45.87 40.01 88.76
C LYS B 47 45.25 38.80 88.06
N PRO B 48 45.85 37.62 88.24
CA PRO B 48 45.25 36.41 87.66
C PRO B 48 44.01 35.99 88.42
N MET B 49 43.11 35.32 87.71
CA MET B 49 41.88 34.84 88.31
C MET B 49 42.13 33.53 89.05
N LYS B 50 41.37 33.32 90.12
CA LYS B 50 41.34 32.06 90.86
C LYS B 50 39.88 31.60 90.86
N TRP B 51 39.42 31.09 89.70
CA TRP B 51 38.00 30.86 89.49
C TRP B 51 37.41 29.91 90.53
N GLY B 52 38.23 29.01 91.08
CA GLY B 52 37.77 28.10 92.10
C GLY B 52 37.84 28.62 93.51
N GLU B 53 38.55 29.74 93.73
CA GLU B 53 38.69 30.34 95.04
C GLU B 53 37.77 31.54 95.25
N VAL B 54 37.51 32.33 94.20
CA VAL B 54 36.62 33.47 94.34
C VAL B 54 35.15 33.08 94.23
N ALA B 55 34.85 31.84 93.85
CA ALA B 55 33.47 31.41 93.74
C ALA B 55 33.39 29.91 93.91
N HIS B 56 32.28 29.44 94.45
CA HIS B 56 32.03 28.02 94.65
C HIS B 56 30.76 27.64 93.89
N ILE B 57 30.92 26.80 92.86
CA ILE B 57 29.75 26.26 92.19
C ILE B 57 28.98 25.37 93.17
N LEU B 58 27.66 25.37 93.03
CA LEU B 58 26.79 24.70 93.98
C LEU B 58 25.47 24.33 93.34
N PRO B 59 25.10 23.05 93.27
CA PRO B 59 23.79 22.70 92.70
C PRO B 59 22.65 23.38 93.45
N ALA B 60 21.64 23.79 92.69
CA ALA B 60 20.54 24.58 93.26
C ALA B 60 19.57 23.75 94.08
N SER B 61 19.60 22.42 93.94
CA SER B 61 18.60 21.58 94.58
C SER B 61 19.24 20.62 95.57
N PRO B 62 18.56 20.31 96.68
CA PRO B 62 19.06 19.36 97.68
C PRO B 62 18.68 17.92 97.36
N ASP B 79 22.79 18.03 85.22
CA ASP B 79 23.15 18.95 84.13
C ASP B 79 23.73 20.23 84.71
N THR B 80 24.52 20.93 83.89
CA THR B 80 25.16 22.16 84.35
C THR B 80 24.20 23.33 84.46
N ALA B 81 22.98 23.21 83.96
CA ALA B 81 21.98 24.25 84.10
C ALA B 81 21.35 24.29 85.48
N ASN B 82 21.72 23.36 86.37
CA ASN B 82 21.21 23.33 87.73
C ASN B 82 22.28 23.71 88.76
N LEU B 83 23.39 24.29 88.31
CA LEU B 83 24.50 24.67 89.18
C LEU B 83 24.52 26.18 89.30
N MET B 84 24.45 26.68 90.52
CA MET B 84 24.55 28.10 90.79
C MET B 84 26.01 28.51 90.96
N LEU B 85 26.25 29.82 90.89
CA LEU B 85 27.57 30.40 91.09
C LEU B 85 27.48 31.37 92.27
N LEU B 86 27.87 30.91 93.44
CA LEU B 86 27.91 31.74 94.63
C LEU B 86 29.32 32.24 94.87
N CYS B 87 29.42 33.26 95.71
CA CYS B 87 30.70 33.69 96.27
C CYS B 87 30.99 32.87 97.51
N PRO B 88 32.19 33.00 98.07
CA PRO B 88 32.49 32.23 99.30
C PRO B 88 31.58 32.62 100.46
N GLY B 89 31.37 33.91 100.68
CA GLY B 89 30.48 34.34 101.75
C GLY B 89 29.11 33.71 101.64
N CYS B 90 28.46 33.86 100.49
CA CYS B 90 27.12 33.30 100.32
C CYS B 90 27.15 31.77 100.33
N HIS B 91 28.25 31.16 99.87
CA HIS B 91 28.34 29.71 99.84
C HIS B 91 28.25 29.11 101.24
N ASP B 92 29.04 29.64 102.18
CA ASP B 92 29.00 29.16 103.56
C ASP B 92 27.59 29.30 104.13
N LYS B 93 27.00 30.49 104.01
CA LYS B 93 25.66 30.72 104.53
C LYS B 93 24.66 29.72 103.98
N ILE B 94 24.93 29.13 102.82
CA ILE B 94 24.08 28.09 102.25
C ILE B 94 24.58 26.76 102.83
N ASP B 95 23.99 26.37 103.95
CA ASP B 95 24.42 25.14 104.62
C ASP B 95 24.36 23.94 103.68
N ARG B 96 25.53 23.47 103.28
CA ARG B 96 25.64 22.37 102.33
C ARG B 96 25.75 21.04 103.06
N ASP B 97 25.71 19.96 102.28
CA ASP B 97 26.00 18.63 102.80
C ASP B 97 27.51 18.39 102.66
N ALA B 98 27.93 17.13 102.73
CA ALA B 98 29.36 16.83 102.63
C ALA B 98 29.93 17.29 101.30
N ASP B 99 29.36 16.81 100.18
CA ASP B 99 29.91 17.04 98.86
C ASP B 99 29.52 18.38 98.26
N GLY B 100 28.58 19.11 98.86
CA GLY B 100 28.23 20.42 98.37
C GLY B 100 26.74 20.67 98.19
N TYR B 101 25.99 19.66 97.73
CA TYR B 101 24.55 19.80 97.51
C TYR B 101 23.92 20.54 98.68
N PRO B 102 23.10 21.57 98.42
CA PRO B 102 22.61 22.41 99.52
C PRO B 102 21.57 21.73 100.38
N GLU B 103 21.04 22.45 101.37
CA GLU B 103 19.97 21.95 102.22
C GLU B 103 18.60 22.46 101.75
N ASN B 104 18.40 23.77 101.80
CA ASN B 104 17.20 24.36 101.23
C ASN B 104 17.28 24.38 99.71
N ASP B 105 16.12 24.46 99.07
CA ASP B 105 16.03 24.43 97.62
C ASP B 105 16.04 25.85 97.07
N LEU B 106 17.08 26.20 96.33
CA LEU B 106 17.22 27.52 95.72
C LEU B 106 16.99 27.47 94.21
N SER B 107 16.14 26.52 93.77
CA SER B 107 15.93 26.31 92.35
C SER B 107 15.17 27.47 91.70
N GLY B 108 14.33 28.16 92.47
CA GLY B 108 13.51 29.23 91.91
C GLY B 108 14.29 30.49 91.65
N LEU B 109 15.07 30.92 92.65
CA LEU B 109 15.91 32.10 92.48
C LEU B 109 16.97 31.86 91.41
N HIS B 110 17.51 30.64 91.34
CA HIS B 110 18.49 30.31 90.32
C HIS B 110 17.91 30.48 88.92
N GLN B 111 16.80 29.80 88.65
CA GLN B 111 16.19 29.88 87.32
C GLN B 111 15.76 31.30 87.00
N ALA B 112 15.27 32.04 88.00
CA ALA B 112 14.93 33.43 87.78
C ALA B 112 16.17 34.26 87.46
N TYR B 113 17.30 33.93 88.11
CA TYR B 113 18.54 34.62 87.80
C TYR B 113 18.96 34.35 86.36
N LEU B 114 18.89 33.09 85.93
CA LEU B 114 19.28 32.76 84.56
C LEU B 114 18.32 33.39 83.55
N GLU B 115 17.02 33.40 83.84
CA GLU B 115 16.07 34.04 82.94
C GLU B 115 16.39 35.52 82.74
N ARG B 116 16.81 36.20 83.81
CA ARG B 116 17.13 37.63 83.68
C ARG B 116 18.40 37.85 82.86
N ILE B 117 19.38 36.96 82.98
CA ILE B 117 20.59 37.09 82.17
C ILE B 117 20.26 36.85 80.70
N ARG B 118 19.49 35.80 80.41
CA ARG B 118 19.15 35.48 79.03
C ARG B 118 18.35 36.59 78.37
N LEU B 119 17.42 37.17 79.11
CA LEU B 119 16.70 38.33 78.59
C LEU B 119 17.66 39.42 78.15
N ALA B 120 18.67 39.70 78.99
CA ALA B 120 19.59 40.80 78.69
C ALA B 120 20.56 40.46 77.57
N ALA B 121 21.09 39.23 77.57
CA ALA B 121 22.05 38.85 76.55
C ALA B 121 21.42 38.79 75.16
N THR B 122 20.14 38.44 75.07
CA THR B 122 19.46 38.37 73.80
C THR B 122 18.89 39.71 73.36
N THR B 123 19.08 40.76 74.15
CA THR B 123 18.48 42.04 73.84
C THR B 123 18.84 42.57 72.45
N PRO B 124 20.01 42.28 71.90
CA PRO B 124 20.29 42.75 70.53
C PRO B 124 19.28 42.29 69.50
N ASP B 125 18.63 41.13 69.67
CA ASP B 125 17.65 40.70 68.69
C ASP B 125 16.34 41.48 68.81
N GLY B 126 16.17 42.27 69.86
CA GLY B 126 15.06 43.20 69.94
C GLY B 126 15.14 44.34 68.96
N GLY B 127 16.26 44.47 68.26
CA GLY B 127 16.47 45.51 67.28
C GLY B 127 16.12 45.15 65.87
N ARG B 128 15.58 43.95 65.61
CA ARG B 128 15.12 43.61 64.28
C ARG B 128 14.17 44.70 63.78
N ALA B 129 14.35 45.12 62.53
CA ALA B 129 13.69 46.32 62.06
C ALA B 129 13.55 46.31 60.53
N ILE B 130 12.57 47.07 60.07
CA ILE B 130 12.26 47.28 58.65
C ILE B 130 12.69 48.69 58.29
N PRO B 131 13.62 48.89 57.34
CA PRO B 131 13.91 50.24 56.88
C PRO B 131 12.84 50.74 55.92
N LEU B 132 12.48 52.00 56.05
CA LEU B 132 11.46 52.59 55.18
C LEU B 132 11.87 54.03 54.86
N ILE B 133 12.15 54.28 53.58
CA ILE B 133 12.41 55.62 53.08
C ILE B 133 11.25 56.01 52.18
N VAL B 134 10.66 57.17 52.44
CA VAL B 134 9.51 57.65 51.69
C VAL B 134 9.82 59.08 51.23
N GLN B 135 9.82 59.30 49.91
CA GLN B 135 10.11 60.62 49.37
C GLN B 135 9.08 61.01 48.31
N SER B 136 8.99 62.30 48.04
CA SER B 136 8.24 62.76 46.88
C SER B 136 9.10 62.61 45.63
N GLN B 137 8.45 62.67 44.46
CA GLN B 137 9.18 62.64 43.20
C GLN B 137 10.27 63.71 43.18
N HIS B 138 9.94 64.92 43.64
CA HIS B 138 10.85 66.04 43.56
C HIS B 138 12.11 65.80 44.40
N PHE B 139 11.94 65.42 45.66
CA PHE B 139 13.11 65.28 46.53
C PHE B 139 13.90 64.02 46.21
N GLN B 140 13.24 62.98 45.70
CA GLN B 140 13.98 61.82 45.23
C GLN B 140 14.89 62.19 44.08
N THR B 141 14.57 63.28 43.36
CA THR B 141 15.35 63.76 42.23
C THR B 141 16.48 64.69 42.67
N ILE B 142 16.20 65.60 43.60
CA ILE B 142 17.21 66.58 44.01
C ILE B 142 17.98 66.15 45.26
N ASN B 143 17.36 65.37 46.15
CA ASN B 143 17.96 65.04 47.42
C ASN B 143 17.63 63.59 47.78
N ASP B 144 18.04 62.67 46.92
CA ASP B 144 17.74 61.26 47.14
C ASP B 144 18.45 60.76 48.39
N ILE B 145 17.75 59.91 49.15
CA ILE B 145 18.26 59.32 50.37
C ILE B 145 18.53 57.83 50.09
N PRO B 146 19.78 57.39 50.04
CA PRO B 146 20.03 55.97 49.78
C PRO B 146 19.83 55.13 51.02
N VAL B 147 19.45 53.86 50.80
CA VAL B 147 19.19 52.96 51.94
C VAL B 147 20.39 52.92 52.87
N ARG B 148 21.61 52.98 52.30
CA ARG B 148 22.83 52.90 53.10
C ARG B 148 22.86 53.96 54.20
N ASP B 149 22.31 55.14 53.94
CA ASP B 149 22.40 56.21 54.94
C ASP B 149 21.44 55.94 56.09
N LEU B 150 20.24 55.42 55.81
CA LEU B 150 19.36 55.02 56.90
C LEU B 150 19.91 53.81 57.64
N LEU B 151 20.48 52.85 56.91
CA LEU B 151 20.95 51.63 57.54
C LEU B 151 22.07 51.90 58.53
N THR B 152 23.02 52.77 58.18
CA THR B 152 24.11 53.05 59.10
C THR B 152 23.57 53.71 60.37
N ALA B 153 22.62 54.63 60.24
CA ALA B 153 22.07 55.30 61.41
C ALA B 153 21.28 54.34 62.28
N MET B 154 20.49 53.46 61.65
CA MET B 154 19.84 52.39 62.40
C MET B 154 20.86 51.56 63.16
N SER B 155 21.91 51.11 62.46
CA SER B 155 22.88 50.23 63.09
C SER B 155 23.51 50.87 64.32
N ALA B 156 23.79 52.18 64.26
CA ALA B 156 24.40 52.86 65.39
C ALA B 156 23.52 52.79 66.63
N GLU B 157 22.20 52.66 66.43
CA GLU B 157 21.23 52.61 67.52
C GLU B 157 20.83 51.19 67.89
N GLY B 158 21.43 50.18 67.30
CA GLY B 158 21.05 48.81 67.57
C GLY B 158 19.89 48.30 66.75
N LEU B 159 19.41 49.07 65.78
CA LEU B 159 18.37 48.61 64.87
C LEU B 159 19.04 47.93 63.67
N THR B 160 18.70 46.66 63.44
CA THR B 160 19.37 45.86 62.42
C THR B 160 18.35 45.36 61.41
N ALA B 161 18.46 45.84 60.17
CA ALA B 161 17.68 45.28 59.09
C ALA B 161 18.16 43.87 58.77
N PHE B 162 17.24 43.05 58.26
CA PHE B 162 17.53 41.67 57.87
C PHE B 162 17.14 41.41 56.43
N ASP B 163 16.72 42.42 55.70
CA ASP B 163 16.31 42.27 54.31
C ASP B 163 16.42 43.64 53.65
N GLN B 164 16.12 43.68 52.36
CA GLN B 164 16.20 44.92 51.62
C GLN B 164 15.28 45.96 52.23
N GLY B 165 15.74 47.21 52.25
CA GLY B 165 14.93 48.27 52.79
C GLY B 165 13.89 48.74 51.79
N ILE B 166 12.76 49.15 52.33
CA ILE B 166 11.68 49.69 51.51
C ILE B 166 12.03 51.13 51.15
N LYS B 167 11.93 51.46 49.87
CA LYS B 167 12.17 52.82 49.39
C LYS B 167 11.09 53.11 48.36
N ILE B 168 10.22 54.07 48.64
CA ILE B 168 9.11 54.36 47.75
C ILE B 168 8.97 55.86 47.58
N ALA B 169 8.23 56.22 46.53
CA ALA B 169 7.95 57.61 46.24
C ALA B 169 6.43 57.78 46.12
N PHE B 170 5.93 58.90 46.62
CA PHE B 170 4.51 59.18 46.50
C PHE B 170 4.14 59.29 45.03
N ALA B 171 3.08 58.59 44.63
CA ALA B 171 2.61 58.63 43.26
C ALA B 171 2.36 60.08 42.82
N ALA B 172 2.58 60.33 41.53
CA ALA B 172 2.29 61.64 40.97
C ALA B 172 0.78 61.82 40.84
N PRO B 173 0.25 62.99 41.20
CA PRO B 173 -1.21 63.17 41.13
C PRO B 173 -1.72 63.12 39.70
N GLY B 174 -2.92 62.54 39.55
CA GLY B 174 -3.58 62.49 38.27
C GLY B 174 -4.21 63.81 37.90
N PRO B 175 -5.14 63.79 36.94
CA PRO B 175 -5.76 65.05 36.51
C PRO B 175 -6.64 65.68 37.57
N ARG B 176 -7.23 64.88 38.46
CA ARG B 176 -8.05 65.40 39.54
C ARG B 176 -7.24 66.05 40.66
N GLY B 177 -5.91 66.00 40.56
CA GLY B 177 -5.10 66.52 41.64
C GLY B 177 -5.12 65.59 42.84
N ARG B 178 -4.71 66.15 43.97
CA ARG B 178 -4.59 65.36 45.20
C ARG B 178 -5.90 65.48 45.97
N ASP B 179 -6.89 64.74 45.48
CA ASP B 179 -8.21 64.67 46.10
C ASP B 179 -8.27 63.49 47.06
N THR B 180 -9.45 63.30 47.68
CA THR B 180 -9.56 62.27 48.71
C THR B 180 -9.10 60.91 48.18
N THR B 181 -9.48 60.58 46.95
CA THR B 181 -9.09 59.30 46.36
C THR B 181 -7.59 59.19 46.25
N TYR B 182 -6.91 60.26 45.81
CA TYR B 182 -5.46 60.22 45.75
C TYR B 182 -4.88 59.87 47.11
N TRP B 183 -5.32 60.57 48.15
CA TRP B 183 -4.70 60.41 49.46
C TRP B 183 -5.00 59.05 50.06
N GLN B 184 -6.21 58.52 49.85
CA GLN B 184 -6.49 57.17 50.31
C GLN B 184 -5.60 56.14 49.61
N ASN B 185 -5.29 56.38 48.33
CA ASN B 185 -4.37 55.50 47.62
C ASN B 185 -2.95 55.63 48.12
N VAL B 186 -2.54 56.83 48.52
CA VAL B 186 -1.25 56.97 49.19
C VAL B 186 -1.22 56.13 50.45
N LYS B 187 -2.27 56.23 51.26
CA LYS B 187 -2.31 55.48 52.51
C LYS B 187 -2.27 53.97 52.25
N ASP B 188 -3.08 53.49 51.30
CA ASP B 188 -3.08 52.08 50.96
C ASP B 188 -1.70 51.62 50.53
N SER B 189 -1.01 52.42 49.70
CA SER B 189 0.30 52.01 49.19
C SER B 189 1.31 51.92 50.32
N VAL B 190 1.27 52.86 51.26
CA VAL B 190 2.20 52.82 52.39
C VAL B 190 1.88 51.63 53.28
N GLN B 191 0.60 51.46 53.63
CA GLN B 191 0.23 50.41 54.57
C GLN B 191 0.36 49.02 53.98
N TYR B 192 0.32 48.90 52.65
CA TYR B 192 0.65 47.63 52.01
C TYR B 192 2.11 47.28 52.25
N GLU B 193 3.00 48.24 52.06
CA GLU B 193 4.42 47.99 52.32
C GLU B 193 4.66 47.65 53.79
N LEU B 194 3.99 48.36 54.69
CA LEU B 194 4.17 48.15 56.11
C LEU B 194 3.72 46.78 56.57
N GLU B 195 3.04 46.01 55.72
CA GLU B 195 2.69 44.64 56.07
C GLU B 195 3.94 43.82 56.42
N GLN B 196 5.11 44.24 55.94
CA GLN B 196 6.37 43.64 56.41
C GLN B 196 6.57 43.84 57.90
N GLN B 197 6.24 45.04 58.39
CA GLN B 197 6.36 45.30 59.82
C GLN B 197 5.47 44.37 60.62
N LEU B 198 4.30 44.06 60.08
CA LEU B 198 3.34 43.26 60.83
C LEU B 198 3.73 41.79 60.83
N LYS B 199 4.30 41.30 59.72
CA LYS B 199 4.32 39.86 59.44
C LYS B 199 5.67 39.21 59.66
N ARG B 200 6.78 39.89 59.39
CA ARG B 200 8.09 39.23 59.41
C ARG B 200 8.61 39.14 60.85
N ARG B 201 7.80 38.49 61.67
CA ARG B 201 8.12 38.29 63.08
C ARG B 201 9.38 37.44 63.23
N GLY B 202 10.05 37.61 64.36
CA GLY B 202 11.29 36.91 64.56
C GLY B 202 11.81 37.11 65.97
N GLY B 203 13.04 36.65 66.19
CA GLY B 203 13.71 36.87 67.45
C GLY B 203 13.31 35.86 68.51
N THR B 204 13.65 36.22 69.75
CA THR B 204 13.47 35.30 70.88
C THR B 204 12.01 35.03 71.19
N TYR B 205 11.12 35.99 70.95
CA TYR B 205 9.74 35.87 71.39
C TYR B 205 8.73 35.95 70.26
N GLY B 206 9.16 36.08 69.01
CA GLY B 206 8.24 36.17 67.90
C GLY B 206 7.66 37.54 67.67
N ASP B 207 8.31 38.59 68.18
CA ASP B 207 7.79 39.94 68.04
C ASP B 207 7.89 40.41 66.59
N SER B 208 6.91 41.22 66.19
CA SER B 208 7.01 41.97 64.96
C SER B 208 8.25 42.86 65.00
N PRO B 209 8.87 43.10 63.86
CA PRO B 209 10.06 43.97 63.86
C PRO B 209 9.67 45.42 64.03
N ALA B 210 10.67 46.20 64.44
CA ALA B 210 10.51 47.64 64.56
C ALA B 210 10.46 48.27 63.17
N LEU B 211 9.80 49.41 63.08
CA LEU B 211 9.82 50.23 61.87
C LEU B 211 10.79 51.39 62.06
N ALA B 212 11.73 51.53 61.14
CA ALA B 212 12.63 52.69 61.09
C ALA B 212 12.31 53.47 59.81
N VAL B 213 11.77 54.67 59.98
CA VAL B 213 11.21 55.42 58.86
C VAL B 213 11.82 56.82 58.81
N VAL B 214 12.15 57.27 57.60
CA VAL B 214 12.53 58.64 57.33
C VAL B 214 11.75 59.12 56.11
N GLY B 215 11.28 60.35 56.15
CA GLY B 215 10.49 60.90 55.06
C GLY B 215 11.02 62.25 54.62
N LEU B 216 10.85 62.52 53.33
CA LEU B 216 11.28 63.80 52.77
C LEU B 216 10.39 64.07 51.57
N ALA B 217 9.40 64.93 51.77
CA ALA B 217 8.36 65.20 50.79
C ALA B 217 7.66 66.47 51.27
N ASP B 218 6.63 66.89 50.53
CA ASP B 218 5.83 68.00 51.00
C ASP B 218 5.15 67.63 52.32
N ILE B 219 4.81 68.67 53.09
CA ILE B 219 4.27 68.45 54.44
C ILE B 219 2.95 67.67 54.39
N PRO B 220 1.99 68.00 53.51
CA PRO B 220 0.77 67.18 53.45
C PRO B 220 1.04 65.70 53.24
N ALA B 221 1.93 65.37 52.31
CA ALA B 221 2.24 63.96 52.06
C ALA B 221 2.89 63.31 53.27
N LEU B 222 3.76 64.03 53.96
CA LEU B 222 4.40 63.48 55.15
C LEU B 222 3.40 63.26 56.28
N MET B 223 2.36 64.10 56.36
CA MET B 223 1.31 63.85 57.34
C MET B 223 0.56 62.56 57.02
N MET B 224 0.37 62.27 55.74
CA MET B 224 -0.27 61.01 55.39
C MET B 224 0.64 59.82 55.68
N LEU B 225 1.95 60.00 55.57
CA LEU B 225 2.86 58.96 56.03
C LEU B 225 2.66 58.68 57.51
N GLY B 226 2.58 59.74 58.32
CA GLY B 226 2.32 59.55 59.74
C GLY B 226 0.96 58.92 60.00
N GLN B 227 -0.07 59.36 59.28
CA GLN B 227 -1.36 58.72 59.36
C GLN B 227 -1.28 57.21 59.10
N SER B 228 -0.36 56.80 58.23
CA SER B 228 -0.24 55.40 57.84
C SER B 228 0.45 54.55 58.91
N ILE B 229 1.48 55.09 59.55
CA ILE B 229 2.28 54.30 60.47
C ILE B 229 1.76 54.34 61.89
N GLY B 230 1.07 55.41 62.28
CA GLY B 230 0.61 55.52 63.64
C GLY B 230 1.75 55.71 64.64
N ASP B 231 1.38 55.55 65.91
CA ASP B 231 2.32 55.77 67.00
C ASP B 231 2.14 54.75 68.11
N ARG B 232 1.64 53.56 67.78
CA ARG B 232 1.33 52.53 68.75
C ARG B 232 2.01 51.21 68.39
N SER B 233 3.28 51.28 68.02
CA SER B 233 4.10 50.11 67.74
C SER B 233 5.55 50.50 68.00
N LYS B 234 6.45 49.53 67.97
CA LYS B 234 7.86 49.87 68.05
C LYS B 234 8.26 50.52 66.73
N ARG B 235 8.43 51.84 66.74
CA ARG B 235 8.64 52.61 65.53
C ARG B 235 9.55 53.78 65.85
N LEU B 236 10.57 53.97 65.02
CA LEU B 236 11.60 54.98 65.27
C LEU B 236 11.71 55.88 64.06
N ILE B 237 11.40 57.15 64.24
CA ILE B 237 11.55 58.13 63.16
C ILE B 237 13.02 58.55 63.09
N PHE B 238 13.51 58.67 61.87
CA PHE B 238 14.79 59.29 61.58
C PHE B 238 14.52 60.56 60.79
N SER B 239 15.51 61.44 60.76
CA SER B 239 15.37 62.76 60.19
C SER B 239 16.52 62.99 59.22
N PHE B 240 16.21 63.52 58.04
CA PHE B 240 17.27 63.93 57.14
C PHE B 240 17.71 65.34 57.52
N HIS B 241 19.00 65.50 57.78
CA HIS B 241 19.56 66.77 58.21
C HIS B 241 20.50 67.29 57.12
N ARG B 242 20.34 68.55 56.73
CA ARG B 242 21.19 69.13 55.70
C ARG B 242 22.67 68.88 55.98
N GLU B 243 23.11 69.17 57.21
CA GLU B 243 24.53 69.00 57.52
C GLU B 243 24.87 67.57 57.91
N HIS B 244 24.05 66.95 58.77
CA HIS B 244 24.40 65.68 59.39
C HIS B 244 23.78 64.47 58.69
N LEU B 245 23.02 64.68 57.62
CA LEU B 245 22.42 63.58 56.85
C LEU B 245 21.46 62.85 57.77
N LEU B 246 21.56 61.52 57.91
CA LEU B 246 20.63 60.79 58.75
C LEU B 246 21.13 60.56 60.16
N ARG B 247 22.30 61.10 60.51
CA ARG B 247 22.85 60.99 61.85
C ARG B 247 22.31 62.13 62.71
N TRP B 248 22.01 61.82 63.96
CA TRP B 248 21.44 62.82 64.85
C TRP B 248 22.46 63.92 65.14
N PRO B 249 22.09 65.19 65.01
CA PRO B 249 23.07 66.26 65.23
C PRO B 249 23.65 66.30 66.65
N ASP B 250 22.84 66.00 67.69
CA ASP B 250 23.32 66.20 69.05
C ASP B 250 22.38 65.44 70.00
N GLN B 251 22.82 64.26 70.45
CA GLN B 251 21.96 63.45 71.30
C GLN B 251 21.71 64.09 72.66
N SER B 252 22.58 65.03 73.09
CA SER B 252 22.42 65.64 74.40
C SER B 252 21.44 66.80 74.39
N ALA B 253 21.11 67.33 73.22
CA ALA B 253 20.45 68.62 73.14
C ALA B 253 19.12 68.58 73.88
N GLU B 254 18.82 69.68 74.56
CA GLU B 254 17.51 69.84 75.20
C GLU B 254 16.51 70.33 74.17
N PRO B 255 15.34 69.71 74.07
CA PRO B 255 14.33 70.23 73.15
C PRO B 255 13.99 71.67 73.48
N PRO B 256 13.66 72.48 72.47
CA PRO B 256 13.27 73.86 72.76
C PRO B 256 11.91 73.93 73.43
N SER B 257 11.71 75.05 74.12
CA SER B 257 10.36 75.43 74.52
C SER B 257 9.52 75.61 73.28
N PHE B 258 8.33 75.05 73.28
CA PHE B 258 7.35 75.28 72.21
C PHE B 258 6.42 76.35 72.74
N LEU B 259 6.59 77.57 72.24
CA LEU B 259 5.82 78.71 72.69
C LEU B 259 4.47 78.74 71.99
N PHE B 260 3.44 79.13 72.74
CA PHE B 260 2.07 79.09 72.25
C PHE B 260 1.37 80.40 72.56
N THR B 261 0.77 80.99 71.53
CA THR B 261 -0.11 82.14 71.70
C THR B 261 -1.51 81.69 71.36
N PRO B 262 -2.47 81.78 72.27
CA PRO B 262 -3.84 81.37 71.94
C PRO B 262 -4.40 82.25 70.83
N PRO B 263 -5.50 81.84 70.22
CA PRO B 263 -6.11 82.66 69.18
C PRO B 263 -6.96 83.77 69.80
N PRO B 264 -7.23 84.82 69.05
CA PRO B 264 -8.18 85.83 69.53
C PRO B 264 -9.58 85.23 69.53
N ASN B 265 -10.34 85.51 70.59
CA ASN B 265 -11.72 85.09 70.62
C ASN B 265 -12.45 85.65 69.41
N GLY B 266 -13.36 84.87 68.84
CA GLY B 266 -14.08 85.31 67.67
C GLY B 266 -14.70 84.16 66.93
N ASP B 267 -15.35 84.53 65.81
CA ASP B 267 -16.07 83.59 64.97
C ASP B 267 -15.27 83.13 63.75
N GLY B 268 -14.15 83.75 63.46
CA GLY B 268 -13.41 83.45 62.26
C GLY B 268 -12.91 82.03 62.23
N PRO B 269 -12.47 81.57 61.05
CA PRO B 269 -11.88 80.23 60.95
C PRO B 269 -10.63 80.11 61.82
N LEU B 270 -10.58 79.05 62.62
CA LEU B 270 -9.45 78.85 63.52
C LEU B 270 -8.25 78.32 62.74
N ALA B 271 -7.13 79.03 62.84
CA ALA B 271 -5.90 78.70 62.13
C ALA B 271 -4.83 78.36 63.15
N LEU B 272 -4.15 77.24 62.92
CA LEU B 272 -2.99 76.86 63.72
C LEU B 272 -1.75 77.06 62.85
N VAL B 273 -0.90 77.99 63.27
CA VAL B 273 0.33 78.29 62.56
C VAL B 273 1.48 77.68 63.34
N LEU B 274 2.27 76.84 62.67
CA LEU B 274 3.43 76.20 63.27
C LEU B 274 4.68 76.86 62.68
N SER B 275 5.33 77.71 63.48
CA SER B 275 6.54 78.42 63.07
C SER B 275 7.72 77.76 63.78
N ILE B 276 8.19 76.64 63.21
CA ILE B 276 9.24 75.82 63.80
C ILE B 276 10.51 75.91 62.97
N SER B 277 10.41 75.64 61.66
CA SER B 277 11.56 75.78 60.78
C SER B 277 11.82 77.24 60.44
N ALA B 278 10.78 78.07 60.50
CA ALA B 278 10.84 79.46 60.07
C ALA B 278 9.58 80.15 60.55
N GLN B 279 9.63 81.47 60.62
CA GLN B 279 8.46 82.27 60.97
C GLN B 279 7.52 82.32 59.75
N VAL B 280 6.28 81.87 59.93
CA VAL B 280 5.28 81.90 58.87
C VAL B 280 4.69 83.30 58.83
N PRO B 281 4.77 84.00 57.69
CA PRO B 281 4.23 85.37 57.63
C PRO B 281 2.72 85.36 57.77
N VAL B 282 2.22 86.08 58.78
CA VAL B 282 0.79 86.04 59.09
C VAL B 282 -0.04 86.50 57.90
N ARG B 283 0.50 87.39 57.07
CA ARG B 283 -0.27 87.91 55.94
C ARG B 283 -0.55 86.82 54.91
N ASP B 284 0.36 85.87 54.76
CA ASP B 284 0.10 84.76 53.85
C ASP B 284 -1.01 83.87 54.38
N VAL B 285 -1.17 83.80 55.70
CA VAL B 285 -2.27 83.02 56.27
C VAL B 285 -3.60 83.70 55.98
N THR B 286 -3.73 84.97 56.37
CA THR B 286 -5.01 85.64 56.18
C THR B 286 -5.35 85.79 54.70
N ASP B 287 -4.34 86.04 53.86
CA ASP B 287 -4.59 86.12 52.43
C ASP B 287 -5.32 84.89 51.92
N ALA B 288 -4.94 83.72 52.42
CA ALA B 288 -5.56 82.46 51.99
C ALA B 288 -6.77 82.10 52.82
N LEU B 289 -6.90 82.64 54.04
CA LEU B 289 -7.98 82.28 54.97
C LEU B 289 -8.51 83.56 55.59
N PRO B 290 -9.29 84.33 54.84
CA PRO B 290 -9.77 85.63 55.35
C PRO B 290 -10.49 85.49 56.68
N GLY B 291 -10.17 86.40 57.60
CA GLY B 291 -10.72 86.37 58.95
C GLY B 291 -10.10 85.35 59.87
N ALA B 292 -8.94 84.80 59.50
CA ALA B 292 -8.33 83.75 60.30
C ALA B 292 -8.04 84.22 61.72
N ARG B 293 -8.50 83.43 62.69
CA ARG B 293 -8.09 83.60 64.08
C ARG B 293 -6.87 82.71 64.31
N ILE B 294 -5.70 83.33 64.47
CA ILE B 294 -4.44 82.61 64.44
C ILE B 294 -4.05 82.21 65.85
N ALA B 295 -3.92 80.91 66.07
CA ALA B 295 -3.20 80.34 67.20
C ALA B 295 -1.84 79.90 66.67
N GLU B 296 -0.78 80.16 67.43
CA GLU B 296 0.57 79.92 66.91
C GLU B 296 1.40 79.12 67.90
N LEU B 297 1.95 78.00 67.42
CA LEU B 297 2.97 77.24 68.13
C LEU B 297 4.29 77.44 67.41
N SER B 298 5.32 77.86 68.13
CA SER B 298 6.62 78.14 67.54
C SER B 298 7.71 77.76 68.53
N ILE B 299 8.95 78.02 68.14
CA ILE B 299 10.09 77.94 69.06
C ILE B 299 10.76 79.31 69.06
N PRO B 300 11.53 79.61 70.11
CA PRO B 300 12.15 80.95 70.20
C PRO B 300 13.02 81.30 69.01
N GLU B 301 13.68 80.32 68.39
CA GLU B 301 14.60 80.56 67.28
C GLU B 301 14.32 79.55 66.17
N PRO B 302 13.29 79.80 65.38
CA PRO B 302 12.96 78.87 64.29
C PRO B 302 14.18 78.59 63.43
N SER B 303 14.37 77.32 63.10
CA SER B 303 15.60 76.85 62.46
C SER B 303 15.33 75.58 61.67
N TYR B 304 15.90 75.53 60.45
CA TYR B 304 15.88 74.30 59.67
C TYR B 304 16.54 73.15 60.41
N ALA B 305 17.52 73.45 61.27
CA ALA B 305 18.36 72.45 61.90
C ALA B 305 17.84 71.99 63.26
N MET B 306 16.63 72.39 63.65
CA MET B 306 16.21 72.23 65.04
C MET B 306 16.02 70.77 65.46
N VAL B 307 15.87 69.83 64.53
CA VAL B 307 15.67 68.45 64.94
C VAL B 307 17.03 67.86 65.33
N GLN B 308 17.45 68.09 66.57
CA GLN B 308 18.77 67.69 67.01
C GLN B 308 18.84 66.23 67.46
N ASN B 309 17.73 65.68 67.91
CA ASN B 309 17.66 64.28 68.28
C ASN B 309 16.19 63.88 68.29
N ARG B 310 15.95 62.58 68.48
CA ARG B 310 14.57 62.09 68.44
C ARG B 310 13.73 62.67 69.56
N ARG B 311 14.35 62.99 70.71
CA ARG B 311 13.58 63.57 71.80
C ARG B 311 12.94 64.89 71.39
N VAL B 312 13.52 65.59 70.42
CA VAL B 312 12.90 66.83 69.95
C VAL B 312 11.58 66.54 69.25
N ILE B 313 11.51 65.43 68.52
CA ILE B 313 10.27 65.05 67.85
C ILE B 313 9.21 64.70 68.88
N HIS B 314 9.58 63.89 69.87
CA HIS B 314 8.64 63.52 70.93
C HIS B 314 8.16 64.75 71.70
N ALA B 315 9.07 65.68 71.96
CA ALA B 315 8.71 66.87 72.72
C ALA B 315 7.75 67.74 71.92
N PHE B 316 7.94 67.80 70.59
CA PHE B 316 7.03 68.56 69.74
C PHE B 316 5.64 67.96 69.74
N ARG B 317 5.54 66.63 69.68
CA ARG B 317 4.24 65.99 69.74
C ARG B 317 3.55 66.28 71.07
N ASP B 318 4.27 66.12 72.18
CA ASP B 318 3.68 66.34 73.49
C ASP B 318 3.10 67.74 73.59
N ALA B 319 3.86 68.74 73.16
CA ALA B 319 3.37 70.12 73.22
C ALA B 319 2.23 70.34 72.23
N LEU B 320 2.38 69.80 71.03
CA LEU B 320 1.31 69.87 70.04
C LEU B 320 0.01 69.28 70.59
N GLN B 321 0.07 68.07 71.14
CA GLN B 321 -1.19 67.45 71.56
C GLN B 321 -1.82 68.22 72.72
N ILE B 322 -1.00 68.75 73.64
CA ILE B 322 -1.55 69.59 74.70
C ILE B 322 -2.34 70.74 74.11
N ARG B 323 -1.82 71.39 73.08
CA ARG B 323 -2.45 72.58 72.53
C ARG B 323 -3.62 72.25 71.62
N LEU B 324 -3.55 71.14 70.89
CA LEU B 324 -4.68 70.72 70.07
C LEU B 324 -5.89 70.41 70.94
N SER B 325 -5.67 69.75 72.07
CA SER B 325 -6.74 69.53 73.03
C SER B 325 -7.34 70.85 73.49
N GLN B 326 -6.49 71.86 73.72
CA GLN B 326 -6.99 73.17 74.11
C GLN B 326 -7.81 73.80 73.00
N LEU B 327 -7.34 73.71 71.75
CA LEU B 327 -8.02 74.38 70.64
C LEU B 327 -9.34 73.69 70.30
N GLU B 328 -9.36 72.35 70.33
CA GLU B 328 -10.59 71.62 70.07
C GLU B 328 -11.63 71.89 71.15
N ALA B 329 -11.19 72.13 72.39
CA ALA B 329 -12.13 72.54 73.42
C ALA B 329 -12.71 73.92 73.11
N LEU B 330 -11.93 74.78 72.44
CA LEU B 330 -12.41 76.12 72.17
C LEU B 330 -13.51 76.13 71.11
N THR B 331 -13.54 75.15 70.21
CA THR B 331 -14.46 75.23 69.08
C THR B 331 -14.70 73.85 68.51
N PRO B 332 -15.91 73.57 68.01
CA PRO B 332 -16.13 72.33 67.26
C PRO B 332 -15.69 72.42 65.80
N ASP B 333 -15.31 73.59 65.33
CA ASP B 333 -15.08 73.82 63.91
C ASP B 333 -13.69 73.36 63.48
N PRO B 334 -13.50 73.13 62.18
CA PRO B 334 -12.21 72.62 61.71
C PRO B 334 -11.06 73.54 62.10
N ILE B 335 -9.89 72.94 62.26
CA ILE B 335 -8.65 73.66 62.50
C ILE B 335 -7.87 73.70 61.20
N HIS B 336 -7.46 74.90 60.80
CA HIS B 336 -6.76 75.13 59.54
C HIS B 336 -5.27 75.24 59.83
N VAL B 337 -4.50 74.29 59.31
CA VAL B 337 -3.08 74.14 59.64
C VAL B 337 -2.23 74.85 58.60
N PHE B 338 -1.28 75.66 59.06
CA PHE B 338 -0.30 76.36 58.22
C PHE B 338 1.05 76.08 58.86
N ALA B 339 1.74 75.04 58.39
CA ALA B 339 2.92 74.52 59.08
C ALA B 339 4.20 74.88 58.33
N ALA B 340 5.18 75.36 59.08
CA ALA B 340 6.57 75.48 58.62
C ALA B 340 7.39 74.62 59.58
N ILE B 341 7.44 73.31 59.31
CA ILE B 341 8.03 72.37 60.26
C ILE B 341 8.98 71.43 59.54
N PRO B 342 10.04 70.96 60.20
CA PRO B 342 10.89 69.94 59.57
C PRO B 342 10.08 68.71 59.20
N ALA B 343 10.61 67.94 58.26
CA ALA B 343 9.86 66.82 57.73
C ALA B 343 9.54 65.79 58.81
N ALA B 344 10.49 65.55 59.72
CA ALA B 344 10.25 64.54 60.76
C ALA B 344 9.09 64.94 61.66
N LEU B 345 8.94 66.23 61.94
CA LEU B 345 7.83 66.67 62.78
C LEU B 345 6.49 66.55 62.06
N ALA B 346 6.49 66.67 60.73
CA ALA B 346 5.26 66.51 59.96
C ALA B 346 4.79 65.05 60.00
N ILE B 347 5.71 64.09 59.97
CA ILE B 347 5.32 62.69 60.12
C ILE B 347 4.66 62.48 61.47
N GLU B 348 5.29 62.98 62.54
CA GLU B 348 4.76 62.74 63.87
C GLU B 348 3.40 63.42 64.05
N PHE B 349 3.24 64.62 63.49
CA PHE B 349 1.94 65.29 63.48
C PHE B 349 0.86 64.37 62.93
N GLY B 350 1.11 63.77 61.77
CA GLY B 350 0.12 62.88 61.18
C GLY B 350 -0.12 61.63 62.01
N ALA B 351 0.95 61.08 62.61
CA ALA B 351 0.80 59.90 63.45
C ALA B 351 -0.01 60.19 64.71
N LEU B 352 0.08 61.42 65.24
CA LEU B 352 -0.66 61.77 66.46
C LEU B 352 -2.16 61.69 66.23
N LEU B 353 -2.61 62.07 65.04
CA LEU B 353 -4.04 62.15 64.72
C LEU B 353 -4.59 60.83 64.19
N THR B 354 -4.28 59.73 64.90
CA THR B 354 -4.72 58.40 64.51
C THR B 354 -5.45 57.68 65.64
N THR B 355 -5.88 58.41 66.68
CA THR B 355 -6.75 57.84 67.69
C THR B 355 -8.13 57.57 67.09
N GLN B 356 -8.97 56.86 67.85
CA GLN B 356 -10.37 56.75 67.46
C GLN B 356 -11.02 58.13 67.37
N HIS B 357 -10.70 59.01 68.32
CA HIS B 357 -11.18 60.39 68.24
C HIS B 357 -10.58 61.10 67.05
N GLN B 358 -11.42 61.78 66.29
CA GLN B 358 -10.97 62.56 65.14
C GLN B 358 -11.67 63.91 65.16
N HIS B 359 -10.87 64.96 65.01
CA HIS B 359 -11.33 66.32 64.80
C HIS B 359 -10.87 66.70 63.39
N THR B 360 -11.61 67.59 62.75
CA THR B 360 -11.30 67.93 61.37
C THR B 360 -10.14 68.92 61.31
N TYR B 361 -9.09 68.54 60.58
CA TYR B 361 -7.94 69.40 60.31
C TYR B 361 -7.84 69.57 58.81
N LEU B 362 -7.70 70.81 58.37
CA LEU B 362 -7.56 71.16 56.97
C LEU B 362 -6.14 71.67 56.79
N ILE B 363 -5.30 70.88 56.11
CA ILE B 363 -3.89 71.19 55.98
C ILE B 363 -3.67 72.04 54.73
N PHE B 364 -2.99 73.16 54.90
CA PHE B 364 -2.68 74.09 53.83
C PHE B 364 -1.19 74.01 53.49
N ASP B 365 -0.87 74.14 52.21
CA ASP B 365 0.52 74.19 51.77
C ASP B 365 0.64 75.20 50.63
N ARG B 366 1.85 75.74 50.48
CA ARG B 366 2.12 76.74 49.46
C ARG B 366 2.16 76.09 48.08
N ASP B 367 1.41 76.67 47.13
CA ASP B 367 1.33 76.18 45.76
C ASP B 367 2.27 77.00 44.88
N LYS B 368 3.23 76.32 44.24
CA LYS B 368 4.24 77.04 43.45
C LYS B 368 3.65 77.61 42.17
N GLU B 369 2.70 76.91 41.55
CA GLU B 369 2.03 77.42 40.37
C GLU B 369 1.05 78.55 40.67
N ASN B 370 0.97 79.01 41.92
CA ASN B 370 0.12 80.13 42.33
C ASN B 370 0.89 81.09 43.21
N GLN B 371 2.17 81.31 42.89
CA GLN B 371 3.00 82.27 43.61
C GLN B 371 3.23 81.87 45.06
N ASP B 372 3.26 80.57 45.35
CA ASP B 372 3.58 80.03 46.66
C ASP B 372 2.52 80.38 47.70
N ARG B 373 1.29 80.64 47.27
CA ARG B 373 0.21 80.99 48.18
C ARG B 373 -0.35 79.73 48.86
N PHE B 374 -0.58 79.82 50.17
CA PHE B 374 -1.13 78.68 50.88
C PHE B 374 -2.46 78.27 50.26
N THR B 375 -2.65 76.96 50.12
CA THR B 375 -3.84 76.40 49.51
C THR B 375 -4.19 75.12 50.24
N GLN B 376 -5.48 74.88 50.46
CA GLN B 376 -5.90 73.67 51.16
C GLN B 376 -5.61 72.45 50.30
N THR B 377 -4.84 71.50 50.84
CA THR B 377 -4.40 70.35 50.08
C THR B 377 -4.78 69.00 50.68
N LEU B 378 -5.20 68.95 51.94
CA LEU B 378 -5.48 67.69 52.60
C LEU B 378 -6.47 67.91 53.73
N GLN B 379 -7.42 67.00 53.86
CA GLN B 379 -8.35 66.99 54.99
C GLN B 379 -8.17 65.71 55.79
N LEU B 380 -7.96 65.86 57.10
CA LEU B 380 -7.93 64.74 58.03
C LEU B 380 -9.13 64.82 58.94
N GLY B 381 -9.68 63.65 59.29
CA GLY B 381 -10.72 63.58 60.30
C GLY B 381 -12.05 63.12 59.76
N PRO B 382 -13.13 63.43 60.49
CA PRO B 382 -14.48 63.06 60.04
C PRO B 382 -14.97 63.91 58.87
N ASN C 15 43.91 22.78 48.96
CA ASN C 15 43.62 24.24 48.82
C ASN C 15 42.81 24.51 47.56
N THR C 16 41.51 24.76 47.75
CA THR C 16 40.60 24.96 46.64
C THR C 16 41.03 26.18 45.82
N ASN C 17 41.13 26.01 44.51
CA ASN C 17 41.60 27.09 43.67
C ASN C 17 40.51 28.15 43.50
N ASP C 18 40.92 29.28 42.91
CA ASP C 18 39.99 30.39 42.75
C ASP C 18 38.82 30.02 41.86
N GLU C 19 39.07 29.28 40.79
CA GLU C 19 38.00 28.96 39.83
C GLU C 19 36.89 28.18 40.52
N THR C 20 37.25 27.18 41.32
CA THR C 20 36.25 26.36 41.99
C THR C 20 35.48 27.15 43.05
N LYS C 21 36.14 28.08 43.73
CA LYS C 21 35.42 28.88 44.71
C LYS C 21 34.32 29.69 44.03
N ARG C 22 34.63 30.33 42.90
CA ARG C 22 33.61 31.02 42.11
C ARG C 22 32.43 30.09 41.81
N ILE C 23 32.72 28.90 41.29
CA ILE C 23 31.66 27.95 40.94
C ILE C 23 30.79 27.70 42.16
N VAL C 24 31.42 27.42 43.31
CA VAL C 24 30.66 27.18 44.53
C VAL C 24 29.74 28.37 44.82
N TRP C 25 30.29 29.59 44.76
CA TRP C 25 29.46 30.77 44.98
C TRP C 25 28.36 30.87 43.94
N THR C 26 28.64 30.46 42.70
CA THR C 26 27.64 30.55 41.66
C THR C 26 26.53 29.54 41.88
N GLN C 27 26.88 28.28 42.10
CA GLN C 27 25.87 27.22 42.10
C GLN C 27 24.99 27.24 43.35
N THR C 28 25.35 28.00 44.38
CA THR C 28 24.53 28.14 45.58
C THR C 28 23.76 29.46 45.60
N ALA C 29 23.89 30.29 44.57
CA ALA C 29 23.29 31.62 44.53
C ALA C 29 23.79 32.51 45.66
N GLY C 30 24.91 32.16 46.27
CA GLY C 30 25.51 33.00 47.28
C GLY C 30 24.85 32.96 48.64
N HIS C 31 24.12 31.90 48.94
CA HIS C 31 23.49 31.71 50.24
C HIS C 31 24.09 30.50 50.95
N CYS C 32 24.04 30.55 52.28
CA CYS C 32 24.52 29.42 53.08
C CYS C 32 23.62 28.22 52.85
N GLU C 33 24.23 27.08 52.52
CA GLU C 33 23.47 25.89 52.20
C GLU C 33 22.79 25.27 53.42
N LEU C 34 23.11 25.69 54.63
CA LEU C 34 22.54 25.07 55.82
C LEU C 34 21.53 25.96 56.54
N CYS C 35 21.64 27.28 56.44
CA CYS C 35 20.68 28.18 57.08
C CYS C 35 20.00 29.15 56.13
N GLY C 36 20.41 29.22 54.87
CA GLY C 36 19.71 30.03 53.89
C GLY C 36 20.03 31.51 53.91
N THR C 37 20.91 31.97 54.78
CA THR C 37 21.18 33.39 54.86
C THR C 37 21.95 33.86 53.62
N ASP C 38 21.72 35.11 53.25
CA ASP C 38 22.36 35.73 52.10
C ASP C 38 23.79 36.12 52.46
N LEU C 39 24.75 35.64 51.69
CA LEU C 39 26.17 35.87 51.95
C LEU C 39 26.78 36.85 50.97
N THR C 40 25.97 37.52 50.18
CA THR C 40 26.46 38.52 49.24
C THR C 40 26.29 39.95 49.73
N PHE C 41 25.60 40.15 50.86
CA PHE C 41 25.18 41.48 51.26
C PHE C 41 25.05 41.52 52.78
N ASP C 42 25.40 42.67 53.37
CA ASP C 42 25.20 42.93 54.80
C ASP C 42 23.98 43.83 54.91
N TYR C 43 22.84 43.25 55.29
CA TYR C 43 21.60 44.00 55.34
C TYR C 43 21.57 44.98 56.51
N ARG C 44 22.42 44.78 57.52
CA ARG C 44 22.41 45.69 58.66
C ARG C 44 22.95 47.07 58.29
N ALA C 45 24.09 47.12 57.60
CA ALA C 45 24.71 48.38 57.25
C ALA C 45 24.73 48.67 55.76
N GLY C 46 24.29 47.73 54.93
CA GLY C 46 23.98 48.02 53.54
C GLY C 46 25.13 47.93 52.57
N LYS C 47 26.18 47.22 52.91
CA LYS C 47 27.28 47.10 51.96
C LYS C 47 27.28 45.74 51.32
N PRO C 48 27.33 45.65 49.98
CA PRO C 48 27.50 44.34 49.34
C PRO C 48 28.87 43.76 49.67
N MET C 49 28.87 42.51 50.12
CA MET C 49 30.10 41.90 50.61
C MET C 49 29.93 40.38 50.63
N LYS C 50 31.00 39.67 50.27
CA LYS C 50 31.02 38.22 50.31
C LYS C 50 31.56 37.78 51.67
N TRP C 51 30.67 37.39 52.57
CA TRP C 51 31.09 37.01 53.92
C TRP C 51 30.82 35.54 54.19
N GLY C 52 30.80 34.71 53.14
CA GLY C 52 30.66 33.27 53.29
C GLY C 52 31.99 32.55 53.10
N GLU C 53 31.96 31.25 53.40
CA GLU C 53 33.16 30.41 53.40
C GLU C 53 32.92 29.13 52.63
N VAL C 54 33.84 28.80 51.71
CA VAL C 54 33.80 27.55 50.97
C VAL C 54 34.31 26.45 51.90
N ALA C 55 33.41 25.66 52.47
CA ALA C 55 33.76 24.65 53.46
C ALA C 55 33.92 23.27 52.82
N HIS C 56 34.89 22.51 53.31
CA HIS C 56 35.13 21.15 52.86
C HIS C 56 34.33 20.18 53.72
N ILE C 57 33.53 19.32 53.08
CA ILE C 57 32.87 18.27 53.84
C ILE C 57 33.89 17.25 54.34
N LEU C 58 34.63 16.64 53.40
CA LEU C 58 35.79 15.81 53.74
C LEU C 58 37.03 16.67 53.83
N PRO C 59 37.77 16.63 54.93
CA PRO C 59 38.86 17.61 55.12
C PRO C 59 40.04 17.33 54.23
N ALA C 60 40.79 18.39 53.94
CA ALA C 60 42.01 18.26 53.15
C ALA C 60 42.98 17.27 53.80
N SER C 61 43.22 17.43 55.11
CA SER C 61 44.07 16.50 55.83
C SER C 61 43.22 15.55 56.67
N PRO C 62 43.66 14.29 56.83
CA PRO C 62 42.83 13.32 57.58
C PRO C 62 42.64 13.66 59.05
N LYS C 63 43.33 14.67 59.57
CA LYS C 63 43.18 15.02 60.99
C LYS C 63 41.96 15.88 61.25
N GLY C 64 41.38 16.48 60.22
CA GLY C 64 40.25 17.38 60.39
C GLY C 64 38.96 16.63 60.63
N PRO C 65 37.89 17.39 60.86
CA PRO C 65 36.60 16.77 61.16
C PRO C 65 36.04 16.05 59.93
N ARG C 66 35.46 14.88 60.18
CA ARG C 66 35.01 13.94 59.15
C ARG C 66 36.16 13.36 58.33
N GLY C 67 37.40 13.62 58.73
CA GLY C 67 38.52 13.04 58.01
C GLY C 67 38.56 11.54 58.18
N ARG C 68 38.94 10.85 57.11
CA ARG C 68 39.04 9.39 57.11
C ARG C 68 40.26 8.98 56.30
N ALA C 69 40.82 7.82 56.67
CA ALA C 69 42.07 7.38 56.07
C ALA C 69 41.93 7.16 54.56
N ASP C 70 40.87 6.45 54.14
CA ASP C 70 40.69 6.11 52.73
C ASP C 70 39.99 7.28 52.02
N HIS C 71 40.76 8.32 51.74
CA HIS C 71 40.26 9.45 50.97
C HIS C 71 41.44 10.17 50.33
N ASP C 72 41.51 10.12 49.00
CA ASP C 72 42.55 10.81 48.25
C ASP C 72 42.27 12.30 48.27
N ALA C 73 42.90 13.01 49.20
CA ALA C 73 42.58 14.42 49.40
C ALA C 73 42.90 15.26 48.16
N GLU C 74 43.89 14.84 47.36
CA GLU C 74 44.18 15.57 46.13
C GLU C 74 43.02 15.54 45.16
N ALA C 75 42.16 14.52 45.26
CA ALA C 75 41.00 14.43 44.37
C ALA C 75 39.97 15.50 44.69
N HIS C 76 39.54 15.58 45.94
CA HIS C 76 38.36 16.34 46.33
C HIS C 76 38.70 17.74 46.84
N THR C 77 39.89 18.25 46.52
CA THR C 77 40.24 19.62 46.87
C THR C 77 39.57 20.64 45.95
N ASN C 78 39.22 20.23 44.72
CA ASN C 78 38.47 21.05 43.78
C ASN C 78 37.20 20.35 43.33
N ASP C 79 36.67 19.46 44.15
CA ASP C 79 35.48 18.67 43.85
C ASP C 79 34.28 19.35 44.47
N THR C 80 33.46 20.01 43.64
CA THR C 80 32.35 20.80 44.16
C THR C 80 31.34 19.94 44.93
N ALA C 81 31.28 18.63 44.65
CA ALA C 81 30.43 17.75 45.44
C ALA C 81 30.89 17.65 46.89
N ASN C 82 32.09 18.13 47.20
CA ASN C 82 32.65 18.10 48.55
C ASN C 82 32.75 19.47 49.18
N LEU C 83 32.28 20.51 48.49
CA LEU C 83 32.44 21.89 48.91
C LEU C 83 31.08 22.54 49.05
N MET C 84 30.81 23.09 50.24
CA MET C 84 29.59 23.80 50.53
C MET C 84 29.90 25.27 50.78
N LEU C 85 29.05 26.16 50.27
CA LEU C 85 29.11 27.56 50.69
C LEU C 85 28.35 27.69 51.99
N LEU C 86 29.04 28.10 53.05
CA LEU C 86 28.47 28.20 54.38
C LEU C 86 28.70 29.60 54.94
N CYS C 87 27.84 30.02 55.85
CA CYS C 87 28.16 31.20 56.63
C CYS C 87 29.19 30.81 57.67
N PRO C 88 29.97 31.78 58.16
CA PRO C 88 31.04 31.44 59.13
C PRO C 88 30.52 30.67 60.33
N GLY C 89 29.31 30.99 60.80
CA GLY C 89 28.78 30.30 61.97
C GLY C 89 28.45 28.85 61.68
N CYS C 90 27.70 28.60 60.61
CA CYS C 90 27.40 27.22 60.25
C CYS C 90 28.69 26.44 59.98
N HIS C 91 29.68 27.07 59.34
CA HIS C 91 30.94 26.37 59.11
C HIS C 91 31.61 25.98 60.43
N ASP C 92 31.75 26.94 61.35
CA ASP C 92 32.36 26.64 62.64
C ASP C 92 31.61 25.52 63.35
N LYS C 93 30.28 25.48 63.19
CA LYS C 93 29.49 24.50 63.94
C LYS C 93 29.69 23.09 63.42
N ILE C 94 29.77 22.91 62.10
CA ILE C 94 29.92 21.56 61.58
C ILE C 94 31.32 21.03 61.85
N ASP C 95 32.33 21.91 61.84
CA ASP C 95 33.70 21.46 62.05
C ASP C 95 34.00 21.19 63.53
N ARG C 96 33.16 21.65 64.44
CA ARG C 96 33.34 21.41 65.87
C ARG C 96 32.44 20.30 66.39
N ASP C 97 31.58 19.72 65.55
CA ASP C 97 30.75 18.58 65.91
C ASP C 97 30.66 17.64 64.70
N ALA C 98 31.76 16.94 64.42
CA ALA C 98 31.78 16.03 63.28
C ALA C 98 30.73 14.93 63.43
N ASP C 99 30.54 14.43 64.66
CA ASP C 99 29.55 13.38 64.88
C ASP C 99 28.14 13.89 64.64
N GLY C 100 27.87 15.14 65.01
CA GLY C 100 26.55 15.70 64.81
C GLY C 100 26.24 16.04 63.36
N TYR C 101 27.27 16.19 62.53
CA TYR C 101 27.11 16.55 61.13
C TYR C 101 27.94 15.61 60.27
N PRO C 102 27.57 14.34 60.20
CA PRO C 102 28.37 13.37 59.45
C PRO C 102 28.42 13.67 57.96
N GLU C 103 29.41 13.06 57.31
CA GLU C 103 29.63 13.26 55.87
C GLU C 103 28.37 13.00 55.06
N ASN C 104 27.64 11.94 55.38
CA ASN C 104 26.53 11.52 54.54
C ASN C 104 25.35 12.46 54.67
N ASP C 105 25.08 12.94 55.88
CA ASP C 105 24.00 13.91 56.06
C ASP C 105 24.34 15.22 55.37
N LEU C 106 25.59 15.69 55.49
CA LEU C 106 25.96 16.92 54.83
C LEU C 106 25.92 16.77 53.31
N SER C 107 26.27 15.59 52.79
CA SER C 107 26.24 15.39 51.35
C SER C 107 24.81 15.43 50.83
N GLY C 108 23.89 14.77 51.53
CA GLY C 108 22.49 14.82 51.13
C GLY C 108 21.94 16.23 51.12
N LEU C 109 22.07 16.93 52.27
CA LEU C 109 21.66 18.32 52.34
C LEU C 109 22.30 19.14 51.23
N HIS C 110 23.60 18.90 50.99
CA HIS C 110 24.32 19.62 49.94
C HIS C 110 23.70 19.36 48.58
N GLN C 111 23.36 18.11 48.30
CA GLN C 111 22.80 17.78 46.99
C GLN C 111 21.35 18.24 46.88
N ALA C 112 20.58 18.15 47.98
CA ALA C 112 19.21 18.63 47.93
C ALA C 112 19.15 20.13 47.74
N TYR C 113 20.10 20.87 48.31
CA TYR C 113 20.13 22.32 48.15
C TYR C 113 20.44 22.71 46.71
N LEU C 114 21.50 22.14 46.15
CA LEU C 114 21.87 22.46 44.78
C LEU C 114 20.74 22.15 43.80
N GLU C 115 19.97 21.09 44.07
CA GLU C 115 18.89 20.72 43.15
C GLU C 115 17.74 21.71 43.22
N ARG C 116 17.44 22.22 44.41
CA ARG C 116 16.38 23.22 44.52
C ARG C 116 16.74 24.48 43.72
N ILE C 117 18.02 24.85 43.70
CA ILE C 117 18.42 26.02 42.93
C ILE C 117 18.33 25.74 41.43
N ARG C 118 18.72 24.53 41.02
CA ARG C 118 18.62 24.15 39.61
C ARG C 118 17.17 24.19 39.13
N LEU C 119 16.25 23.62 39.92
CA LEU C 119 14.85 23.61 39.53
C LEU C 119 14.30 25.02 39.36
N ALA C 120 14.67 25.93 40.27
CA ALA C 120 14.19 27.29 40.17
C ALA C 120 14.79 28.00 38.95
N ALA C 121 16.05 27.72 38.64
CA ALA C 121 16.72 28.39 37.54
C ALA C 121 16.15 27.94 36.20
N THR C 122 15.67 26.70 36.12
CA THR C 122 15.19 26.11 34.88
C THR C 122 13.67 26.13 34.77
N THR C 123 12.98 26.75 35.69
CA THR C 123 11.52 26.80 35.60
C THR C 123 11.10 27.94 34.69
N PRO C 124 10.28 27.69 33.67
CA PRO C 124 9.89 28.79 32.78
C PRO C 124 8.92 29.75 33.44
N ASP C 125 9.05 31.03 33.08
CA ASP C 125 8.24 32.08 33.70
C ASP C 125 6.76 31.88 33.38
N GLY C 126 5.92 31.99 34.41
CA GLY C 126 4.49 31.86 34.24
C GLY C 126 3.69 33.06 34.73
N GLY C 127 4.35 34.20 34.91
CA GLY C 127 3.63 35.41 35.25
C GLY C 127 3.51 35.65 36.76
N ARG C 128 2.75 36.68 37.08
CA ARG C 128 2.56 37.11 38.46
C ARG C 128 1.21 36.61 38.98
N ALA C 129 1.07 36.65 40.31
CA ALA C 129 -0.15 36.21 40.97
C ALA C 129 -0.09 36.62 42.43
N ILE C 130 -1.25 36.93 42.99
CA ILE C 130 -1.37 37.33 44.39
C ILE C 130 -1.49 36.05 45.23
N PRO C 131 -0.58 35.80 46.17
CA PRO C 131 -0.76 34.64 47.06
C PRO C 131 -1.84 34.95 48.08
N LEU C 132 -2.76 33.99 48.25
CA LEU C 132 -3.89 34.14 49.16
C LEU C 132 -4.07 32.85 49.94
N ILE C 133 -3.87 32.94 51.25
CA ILE C 133 -4.12 31.84 52.18
C ILE C 133 -5.33 32.22 53.03
N VAL C 134 -6.27 31.30 53.16
CA VAL C 134 -7.46 31.51 53.97
C VAL C 134 -7.60 30.30 54.89
N GLN C 135 -7.56 30.53 56.19
CA GLN C 135 -7.62 29.45 57.17
C GLN C 135 -8.55 29.87 58.29
N SER C 136 -9.14 28.87 58.93
CA SER C 136 -10.04 29.09 60.05
C SER C 136 -9.35 28.69 61.34
N GLN C 137 -10.08 28.84 62.43
CA GLN C 137 -9.67 28.31 63.73
C GLN C 137 -10.79 27.50 64.35
N HIS C 138 -11.60 26.83 63.54
CA HIS C 138 -12.71 26.06 64.09
C HIS C 138 -12.30 24.65 64.50
N PHE C 139 -11.06 24.25 64.26
CA PHE C 139 -10.59 22.96 64.71
C PHE C 139 -10.10 23.03 66.15
N GLN C 140 -10.10 21.87 66.81
CA GLN C 140 -9.55 21.73 68.15
C GLN C 140 -8.04 21.54 68.14
N THR C 141 -7.39 21.86 67.03
CA THR C 141 -5.94 21.83 66.92
C THR C 141 -5.48 23.09 66.21
N ILE C 142 -4.16 23.30 66.22
CA ILE C 142 -3.59 24.37 65.42
C ILE C 142 -3.91 24.11 63.95
N ASN C 143 -4.15 25.20 63.22
CA ASN C 143 -4.40 25.14 61.79
C ASN C 143 -3.67 26.31 61.15
N ASP C 144 -2.62 26.04 60.39
CA ASP C 144 -1.72 27.10 59.94
C ASP C 144 -1.01 26.66 58.67
N ILE C 145 -1.31 27.34 57.56
CA ILE C 145 -0.71 27.05 56.28
C ILE C 145 0.56 27.89 56.14
N PRO C 146 1.74 27.28 56.08
CA PRO C 146 2.97 28.08 55.96
C PRO C 146 2.98 28.91 54.69
N VAL C 147 3.39 30.18 54.82
CA VAL C 147 3.44 31.06 53.66
C VAL C 147 4.49 30.57 52.66
N ARG C 148 5.65 30.12 53.16
CA ARG C 148 6.70 29.68 52.25
C ARG C 148 6.24 28.54 51.36
N ASP C 149 5.38 27.67 51.89
CA ASP C 149 4.99 26.51 51.10
C ASP C 149 4.02 26.89 49.99
N LEU C 150 3.21 27.94 50.17
CA LEU C 150 2.42 28.41 49.03
C LEU C 150 3.33 29.05 47.99
N LEU C 151 4.21 29.97 48.42
CA LEU C 151 5.12 30.62 47.48
C LEU C 151 5.95 29.59 46.72
N THR C 152 6.33 28.50 47.39
CA THR C 152 7.15 27.46 46.75
C THR C 152 6.34 26.69 45.72
N ALA C 153 5.08 26.38 46.03
CA ALA C 153 4.23 25.72 45.04
C ALA C 153 3.98 26.63 43.85
N MET C 154 3.75 27.92 44.10
CA MET C 154 3.62 28.88 43.01
C MET C 154 4.86 28.89 42.14
N SER C 155 6.03 28.98 42.77
CA SER C 155 7.27 29.08 42.01
C SER C 155 7.51 27.85 41.17
N ALA C 156 7.11 26.67 41.65
CA ALA C 156 7.30 25.44 40.89
C ALA C 156 6.51 25.46 39.59
N GLU C 157 5.47 26.29 39.50
CA GLU C 157 4.73 26.47 38.27
C GLU C 157 5.09 27.78 37.58
N GLY C 158 6.17 28.43 37.99
CA GLY C 158 6.61 29.65 37.34
C GLY C 158 5.92 30.90 37.84
N LEU C 159 5.09 30.80 38.86
CA LEU C 159 4.39 31.97 39.40
C LEU C 159 5.24 32.64 40.47
N THR C 160 5.33 33.96 40.39
CA THR C 160 5.96 34.77 41.42
C THR C 160 4.99 35.87 41.86
N ALA C 161 5.40 36.62 42.89
CA ALA C 161 4.58 37.66 43.49
C ALA C 161 5.49 38.80 43.90
N PHE C 162 4.89 39.98 44.11
CA PHE C 162 5.62 41.15 44.57
C PHE C 162 5.69 41.25 46.10
N ASP C 163 5.11 40.30 46.81
CA ASP C 163 5.12 40.29 48.27
C ASP C 163 4.64 38.90 48.68
N GLN C 164 4.71 38.62 49.97
CA GLN C 164 4.36 37.28 50.43
C GLN C 164 2.84 37.05 50.43
N GLY C 165 2.05 38.06 50.08
CA GLY C 165 0.64 37.85 49.83
C GLY C 165 -0.25 38.07 51.03
N ILE C 166 -1.48 37.60 50.89
CA ILE C 166 -2.55 37.79 51.85
C ILE C 166 -2.74 36.51 52.65
N LYS C 167 -2.90 36.63 53.95
CA LYS C 167 -3.17 35.48 54.81
C LYS C 167 -4.27 35.88 55.79
N ILE C 168 -5.43 35.26 55.66
CA ILE C 168 -6.60 35.57 56.46
C ILE C 168 -6.88 34.39 57.37
N ALA C 169 -6.92 34.64 58.67
CA ALA C 169 -7.28 33.65 59.67
C ALA C 169 -8.58 34.10 60.33
N PHE C 170 -9.63 33.28 60.18
CA PHE C 170 -10.91 33.59 60.78
C PHE C 170 -10.78 33.66 62.30
N ALA C 171 -11.53 34.56 62.92
CA ALA C 171 -11.62 34.53 64.37
C ALA C 171 -12.10 33.15 64.82
N ALA C 172 -11.63 32.74 65.98
CA ALA C 172 -12.00 31.42 66.50
C ALA C 172 -13.42 31.45 67.05
N PRO C 173 -14.05 30.28 67.17
CA PRO C 173 -15.40 30.25 67.78
C PRO C 173 -15.34 30.71 69.23
N GLY C 174 -16.30 31.56 69.59
CA GLY C 174 -16.45 31.97 70.96
C GLY C 174 -17.04 30.87 71.81
N PRO C 175 -17.47 31.21 73.03
CA PRO C 175 -17.91 30.17 73.98
C PRO C 175 -19.18 29.46 73.56
N ARG C 176 -19.87 29.96 72.54
CA ARG C 176 -21.13 29.37 72.07
C ARG C 176 -20.94 28.58 70.79
N GLY C 177 -19.71 28.19 70.47
CA GLY C 177 -19.49 27.47 69.25
C GLY C 177 -19.66 28.37 68.02
N ARG C 178 -19.94 27.72 66.89
CA ARG C 178 -20.09 28.43 65.62
C ARG C 178 -21.51 28.99 65.54
N ASP C 179 -21.72 30.08 66.27
CA ASP C 179 -23.04 30.68 66.41
C ASP C 179 -23.23 31.77 65.36
N THR C 180 -24.31 32.54 65.51
CA THR C 180 -24.60 33.59 64.56
C THR C 180 -23.48 34.61 64.49
N THR C 181 -22.92 34.98 65.63
CA THR C 181 -21.77 35.88 65.64
C THR C 181 -20.63 35.30 64.82
N TYR C 182 -20.34 34.01 65.00
CA TYR C 182 -19.21 33.40 64.32
C TYR C 182 -19.36 33.50 62.80
N TRP C 183 -20.52 33.08 62.28
CA TRP C 183 -20.72 33.13 60.83
C TRP C 183 -20.77 34.57 60.32
N GLN C 184 -21.14 35.52 61.18
CA GLN C 184 -21.04 36.93 60.80
C GLN C 184 -19.57 37.34 60.68
N ASN C 185 -18.72 36.88 61.59
CA ASN C 185 -17.29 37.13 61.48
C ASN C 185 -16.71 36.48 60.24
N VAL C 186 -17.18 35.27 59.91
CA VAL C 186 -16.69 34.59 58.71
C VAL C 186 -17.02 35.41 57.48
N LYS C 187 -18.28 35.85 57.39
CA LYS C 187 -18.72 36.64 56.24
C LYS C 187 -17.92 37.93 56.11
N ASP C 188 -17.67 38.61 57.23
CA ASP C 188 -16.88 39.84 57.20
C ASP C 188 -15.45 39.56 56.75
N SER C 189 -14.88 38.44 57.21
CA SER C 189 -13.52 38.09 56.82
C SER C 189 -13.41 37.88 55.31
N VAL C 190 -14.39 37.19 54.72
CA VAL C 190 -14.29 36.87 53.30
C VAL C 190 -14.74 38.03 52.44
N GLN C 191 -15.79 38.75 52.86
CA GLN C 191 -16.38 39.77 52.01
C GLN C 191 -15.85 41.17 52.26
N TYR C 192 -15.28 41.44 53.43
CA TYR C 192 -14.73 42.75 53.75
C TYR C 192 -13.22 42.71 53.88
N GLU C 193 -12.68 41.94 54.83
CA GLU C 193 -11.24 41.95 55.07
C GLU C 193 -10.47 41.59 53.80
N LEU C 194 -10.87 40.51 53.12
CA LEU C 194 -10.15 40.09 51.92
C LEU C 194 -10.22 41.16 50.84
N GLU C 195 -11.40 41.76 50.63
CA GLU C 195 -11.52 42.79 49.60
C GLU C 195 -10.66 44.00 49.92
N GLN C 196 -10.51 44.33 51.20
CA GLN C 196 -9.61 45.41 51.60
C GLN C 196 -8.16 45.06 51.28
N GLN C 197 -7.74 43.85 51.64
CA GLN C 197 -6.37 43.44 51.40
C GLN C 197 -6.03 43.43 49.92
N LEU C 198 -7.00 43.06 49.07
CA LEU C 198 -6.76 43.04 47.64
C LEU C 198 -6.76 44.45 47.05
N LYS C 199 -7.62 45.32 47.57
CA LYS C 199 -7.66 46.69 47.07
C LYS C 199 -6.33 47.40 47.32
N ARG C 200 -5.70 47.11 48.46
CA ARG C 200 -4.41 47.68 48.80
C ARG C 200 -3.31 47.20 47.88
N ARG C 201 -3.49 46.07 47.21
CA ARG C 201 -2.52 45.58 46.24
C ARG C 201 -2.78 46.12 44.84
N GLY C 202 -3.94 46.74 44.62
CA GLY C 202 -4.28 47.29 43.33
C GLY C 202 -3.21 48.25 42.86
N GLY C 203 -2.80 48.10 41.60
CA GLY C 203 -1.71 48.89 41.07
C GLY C 203 -0.42 48.07 41.04
N THR C 204 0.12 47.74 42.21
CA THR C 204 1.29 46.87 42.28
C THR C 204 1.14 45.69 41.33
N TYR C 205 -0.02 45.03 41.37
CA TYR C 205 -0.30 43.91 40.48
C TYR C 205 -1.12 44.30 39.25
N GLY C 206 -1.78 45.45 39.28
CA GLY C 206 -2.56 45.89 38.16
C GLY C 206 -4.06 45.81 38.41
N ASP C 207 -4.80 45.80 37.30
CA ASP C 207 -6.26 45.94 37.36
C ASP C 207 -7.00 44.62 37.44
N SER C 208 -6.40 43.53 36.96
CA SER C 208 -7.03 42.21 36.99
C SER C 208 -5.95 41.15 37.21
N PRO C 209 -5.43 41.06 38.43
CA PRO C 209 -4.33 40.14 38.70
C PRO C 209 -4.79 38.71 38.95
N ALA C 210 -3.89 37.78 38.66
CA ALA C 210 -4.15 36.38 38.94
C ALA C 210 -4.06 36.11 40.44
N LEU C 211 -4.82 35.11 40.89
CA LEU C 211 -5.02 34.82 42.30
C LEU C 211 -4.63 33.37 42.57
N ALA C 212 -3.53 33.18 43.29
CA ALA C 212 -3.05 31.86 43.71
C ALA C 212 -3.57 31.62 45.12
N VAL C 213 -4.66 30.87 45.23
CA VAL C 213 -5.43 30.78 46.48
C VAL C 213 -5.35 29.35 47.01
N VAL C 214 -5.22 29.25 48.33
CA VAL C 214 -5.29 27.97 49.03
C VAL C 214 -6.09 28.21 50.29
N GLY C 215 -6.90 27.23 50.67
CA GLY C 215 -7.76 27.38 51.83
C GLY C 215 -7.76 26.13 52.68
N LEU C 216 -8.02 26.35 53.98
CA LEU C 216 -8.27 25.26 54.91
C LEU C 216 -9.13 25.90 56.02
N ALA C 217 -10.44 25.87 55.79
CA ALA C 217 -11.38 26.55 56.67
C ALA C 217 -12.71 25.82 56.59
N ASP C 218 -13.70 26.34 57.33
CA ASP C 218 -15.01 25.73 57.32
C ASP C 218 -15.47 25.52 55.87
N ILE C 219 -16.10 24.38 55.62
CA ILE C 219 -16.56 24.09 54.26
C ILE C 219 -17.50 25.18 53.74
N PRO C 220 -18.53 25.59 54.47
CA PRO C 220 -19.38 26.68 53.96
C PRO C 220 -18.63 27.99 53.80
N ALA C 221 -17.58 28.24 54.60
CA ALA C 221 -16.79 29.44 54.42
C ALA C 221 -15.96 29.37 53.15
N LEU C 222 -15.37 28.21 52.87
CA LEU C 222 -14.62 28.06 51.62
C LEU C 222 -15.54 28.18 50.41
N MET C 223 -16.77 27.68 50.51
CA MET C 223 -17.71 27.85 49.41
C MET C 223 -18.02 29.32 49.19
N MET C 224 -18.30 30.06 50.27
CA MET C 224 -18.50 31.49 50.12
C MET C 224 -17.27 32.16 49.52
N LEU C 225 -16.08 31.79 49.97
CA LEU C 225 -14.86 32.35 49.40
C LEU C 225 -14.82 32.13 47.89
N GLY C 226 -15.13 30.90 47.45
CA GLY C 226 -15.10 30.61 46.02
C GLY C 226 -16.13 31.39 45.24
N GLN C 227 -17.31 31.59 45.82
CA GLN C 227 -18.31 32.42 45.16
C GLN C 227 -17.79 33.83 44.94
N SER C 228 -17.18 34.42 45.96
CA SER C 228 -16.79 35.83 45.85
C SER C 228 -15.63 36.02 44.89
N ILE C 229 -14.79 35.00 44.70
CA ILE C 229 -13.65 35.12 43.78
C ILE C 229 -13.89 34.42 42.46
N GLY C 230 -15.08 33.85 42.24
CA GLY C 230 -15.32 33.06 41.04
C GLY C 230 -15.40 33.88 39.77
N ASP C 231 -15.77 35.16 39.88
CA ASP C 231 -15.80 36.00 38.69
C ASP C 231 -14.39 36.27 38.17
N ARG C 232 -13.40 36.30 39.07
CA ARG C 232 -12.03 36.57 38.67
C ARG C 232 -11.54 35.49 37.70
N SER C 233 -11.00 35.92 36.57
CA SER C 233 -10.23 35.01 35.73
C SER C 233 -8.81 34.89 36.29
N LYS C 234 -8.06 33.92 35.74
CA LYS C 234 -6.74 33.61 36.23
C LYS C 234 -6.78 33.31 37.73
N ARG C 235 -7.66 32.37 38.10
CA ARG C 235 -7.74 31.83 39.45
C ARG C 235 -7.05 30.47 39.46
N LEU C 236 -5.98 30.36 40.25
CA LEU C 236 -5.20 29.13 40.33
C LEU C 236 -5.30 28.58 41.74
N ILE C 237 -6.04 27.48 41.89
CA ILE C 237 -6.30 26.90 43.19
C ILE C 237 -5.15 25.95 43.55
N PHE C 238 -4.64 26.13 44.76
CA PHE C 238 -3.66 25.20 45.35
C PHE C 238 -4.34 24.46 46.49
N SER C 239 -3.65 23.47 47.04
CA SER C 239 -4.28 22.57 47.99
C SER C 239 -3.30 22.16 49.08
N PHE C 240 -3.76 22.22 50.33
CA PHE C 240 -3.01 21.70 51.47
C PHE C 240 -3.32 20.21 51.63
N HIS C 241 -2.26 19.40 51.66
CA HIS C 241 -2.37 17.95 51.64
C HIS C 241 -1.64 17.39 52.85
N ARG C 242 -2.29 16.49 53.58
CA ARG C 242 -1.75 16.05 54.86
C ARG C 242 -0.32 15.52 54.73
N GLU C 243 -0.02 14.85 53.61
CA GLU C 243 1.32 14.30 53.43
C GLU C 243 2.26 15.30 52.73
N HIS C 244 1.80 15.92 51.66
CA HIS C 244 2.68 16.73 50.80
C HIS C 244 2.54 18.23 51.03
N LEU C 245 1.81 18.65 52.07
CA LEU C 245 1.61 20.07 52.32
C LEU C 245 1.11 20.76 51.06
N LEU C 246 1.85 21.75 50.53
CA LEU C 246 1.37 22.47 49.36
C LEU C 246 1.87 21.88 48.04
N ARG C 247 2.78 20.93 48.10
CA ARG C 247 3.24 20.27 46.88
C ARG C 247 2.13 19.40 46.33
N TRP C 248 1.92 19.44 45.03
CA TRP C 248 0.99 18.51 44.41
C TRP C 248 1.49 17.09 44.61
N PRO C 249 0.66 16.18 45.12
CA PRO C 249 1.16 14.81 45.38
C PRO C 249 1.69 14.12 44.13
N ASP C 250 1.00 14.22 42.99
CA ASP C 250 1.40 13.45 41.81
C ASP C 250 0.83 14.14 40.57
N GLN C 251 1.69 14.86 39.85
CA GLN C 251 1.24 15.57 38.66
C GLN C 251 0.77 14.63 37.56
N SER C 252 1.23 13.37 37.57
CA SER C 252 0.87 12.42 36.55
C SER C 252 -0.37 11.60 36.92
N ALA C 253 -0.80 11.66 38.18
CA ALA C 253 -1.96 10.91 38.60
C ALA C 253 -3.13 11.20 37.67
N GLU C 254 -3.90 10.19 37.41
CA GLU C 254 -5.12 10.33 36.62
C GLU C 254 -6.26 10.75 37.54
N PRO C 255 -7.08 11.72 37.16
CA PRO C 255 -8.20 12.10 38.02
C PRO C 255 -9.14 10.92 38.20
N PRO C 256 -9.85 10.87 39.33
CA PRO C 256 -10.85 9.83 39.50
C PRO C 256 -12.10 10.17 38.71
N SER C 257 -12.89 9.14 38.45
CA SER C 257 -14.19 9.36 37.83
C SER C 257 -15.17 9.80 38.91
N PHE C 258 -16.08 10.69 38.54
CA PHE C 258 -17.10 11.19 39.46
C PHE C 258 -18.43 10.57 39.05
N LEU C 259 -18.99 9.75 39.94
CA LEU C 259 -20.25 9.07 39.70
C LEU C 259 -21.39 9.92 40.24
N PHE C 260 -22.42 10.10 39.43
CA PHE C 260 -23.59 10.90 39.81
C PHE C 260 -24.81 10.01 39.89
N THR C 261 -25.45 10.01 41.05
CA THR C 261 -26.74 9.37 41.25
C THR C 261 -27.83 10.43 41.17
N PRO C 262 -28.65 10.44 40.13
CA PRO C 262 -29.69 11.48 40.05
C PRO C 262 -30.71 11.31 41.15
N PRO C 263 -31.45 12.37 41.49
CA PRO C 263 -32.38 12.30 42.61
C PRO C 263 -33.64 11.56 42.23
N PRO C 264 -34.27 10.86 43.17
CA PRO C 264 -35.56 10.24 42.88
C PRO C 264 -36.63 11.31 42.68
N ASN C 265 -37.65 10.94 41.92
CA ASN C 265 -38.77 11.84 41.69
C ASN C 265 -39.60 11.99 42.96
N GLY C 266 -40.22 13.14 43.10
CA GLY C 266 -41.02 13.43 44.27
C GLY C 266 -41.12 14.92 44.49
N ASP C 267 -41.65 15.28 45.66
CA ASP C 267 -41.84 16.67 46.03
C ASP C 267 -41.09 17.04 47.30
N GLY C 268 -40.34 16.11 47.89
CA GLY C 268 -39.53 16.42 49.05
C GLY C 268 -38.39 17.36 48.70
N PRO C 269 -37.67 17.84 49.70
CA PRO C 269 -36.58 18.78 49.44
C PRO C 269 -35.38 18.12 48.75
N LEU C 270 -34.77 18.88 47.84
CA LEU C 270 -33.69 18.37 47.01
C LEU C 270 -32.35 18.56 47.71
N ALA C 271 -31.58 17.48 47.84
CA ALA C 271 -30.32 17.50 48.55
C ALA C 271 -29.21 17.01 47.64
N LEU C 272 -28.14 17.79 47.55
CA LEU C 272 -26.94 17.43 46.80
C LEU C 272 -25.87 16.97 47.79
N VAL C 273 -25.59 15.68 47.80
CA VAL C 273 -24.61 15.08 48.70
C VAL C 273 -23.32 14.88 47.93
N LEU C 274 -22.22 15.40 48.46
CA LEU C 274 -20.91 15.24 47.85
C LEU C 274 -20.07 14.34 48.75
N SER C 275 -19.76 13.14 48.27
CA SER C 275 -18.99 12.16 49.04
C SER C 275 -17.66 11.96 48.32
N ILE C 276 -16.72 12.86 48.59
CA ILE C 276 -15.41 12.87 47.95
C ILE C 276 -14.31 12.53 48.94
N SER C 277 -14.25 13.26 50.06
CA SER C 277 -13.31 12.92 51.12
C SER C 277 -13.76 11.68 51.87
N ALA C 278 -15.07 11.46 51.94
CA ALA C 278 -15.62 10.31 52.65
C ALA C 278 -17.03 10.07 52.16
N GLN C 279 -17.55 8.90 52.51
CA GLN C 279 -18.95 8.57 52.23
C GLN C 279 -19.82 9.28 53.26
N VAL C 280 -20.72 10.13 52.79
CA VAL C 280 -21.69 10.78 53.67
C VAL C 280 -22.78 9.76 53.97
N PRO C 281 -22.96 9.33 55.21
CA PRO C 281 -24.04 8.37 55.51
C PRO C 281 -25.39 8.97 55.18
N VAL C 282 -26.15 8.29 54.32
CA VAL C 282 -27.46 8.78 53.92
C VAL C 282 -28.34 9.02 55.14
N ARG C 283 -28.17 8.22 56.19
CA ARG C 283 -28.96 8.44 57.40
C ARG C 283 -28.79 9.86 57.92
N ASP C 284 -27.57 10.37 57.90
CA ASP C 284 -27.32 11.72 58.42
C ASP C 284 -28.01 12.78 57.58
N VAL C 285 -28.23 12.51 56.29
CA VAL C 285 -28.89 13.49 55.43
C VAL C 285 -30.38 13.55 55.73
N THR C 286 -31.03 12.39 55.76
CA THR C 286 -32.48 12.37 56.02
C THR C 286 -32.78 12.73 57.47
N ASP C 287 -31.84 12.46 58.38
CA ASP C 287 -32.01 12.88 59.76
C ASP C 287 -32.13 14.40 59.88
N ALA C 288 -31.42 15.13 59.02
CA ALA C 288 -31.43 16.58 59.06
C ALA C 288 -32.46 17.19 58.11
N LEU C 289 -32.79 16.49 57.02
CA LEU C 289 -33.71 16.99 56.00
C LEU C 289 -34.69 15.87 55.65
N PRO C 290 -35.62 15.57 56.54
CA PRO C 290 -36.55 14.45 56.30
C PRO C 290 -37.23 14.58 54.95
N GLY C 291 -37.41 13.43 54.28
CA GLY C 291 -38.00 13.41 52.96
C GLY C 291 -37.08 13.90 51.87
N ALA C 292 -35.78 13.99 52.14
CA ALA C 292 -34.83 14.55 51.20
C ALA C 292 -34.73 13.67 49.95
N ARG C 293 -34.81 14.31 48.79
CA ARG C 293 -34.53 13.65 47.51
C ARG C 293 -33.04 13.79 47.25
N ILE C 294 -32.29 12.71 47.43
CA ILE C 294 -30.83 12.76 47.44
C ILE C 294 -30.30 12.55 46.03
N ALA C 295 -29.61 13.55 45.51
CA ALA C 295 -28.70 13.39 44.39
C ALA C 295 -27.28 13.37 44.95
N GLU C 296 -26.41 12.56 44.36
CA GLU C 296 -25.10 12.37 44.96
C GLU C 296 -24.03 12.40 43.87
N LEU C 297 -22.93 13.07 44.19
CA LEU C 297 -21.68 12.95 43.44
C LEU C 297 -20.67 12.29 44.35
N SER C 298 -19.98 11.27 43.85
CA SER C 298 -19.02 10.54 44.66
C SER C 298 -17.88 10.04 43.79
N ILE C 299 -16.84 9.54 44.44
CA ILE C 299 -15.73 8.89 43.74
C ILE C 299 -15.69 7.45 44.20
N PRO C 300 -15.05 6.57 43.41
CA PRO C 300 -15.09 5.14 43.77
C PRO C 300 -14.50 4.83 45.13
N GLU C 301 -13.42 5.52 45.51
CA GLU C 301 -12.78 5.30 46.81
C GLU C 301 -12.62 6.64 47.51
N PRO C 302 -13.65 7.07 48.26
CA PRO C 302 -13.55 8.35 48.97
C PRO C 302 -12.33 8.39 49.90
N SER C 303 -11.60 9.49 49.84
CA SER C 303 -10.33 9.61 50.54
C SER C 303 -9.97 11.07 50.76
N TYR C 304 -9.46 11.37 51.96
CA TYR C 304 -8.89 12.68 52.24
C TYR C 304 -7.72 13.02 51.31
N ALA C 305 -7.06 12.02 50.75
CA ALA C 305 -5.81 12.24 50.03
C ALA C 305 -6.01 12.50 48.54
N MET C 306 -7.26 12.62 48.09
CA MET C 306 -7.55 12.48 46.66
C MET C 306 -7.12 13.66 45.80
N VAL C 307 -6.86 14.83 46.37
CA VAL C 307 -6.50 15.96 45.51
C VAL C 307 -5.06 15.80 45.05
N GLN C 308 -4.83 14.92 44.08
CA GLN C 308 -3.47 14.58 43.65
C GLN C 308 -2.84 15.66 42.79
N ASN C 309 -3.62 16.50 42.14
CA ASN C 309 -3.10 17.56 41.28
C ASN C 309 -4.28 18.44 40.88
N ARG C 310 -4.00 19.51 40.15
CA ARG C 310 -5.05 20.45 39.82
C ARG C 310 -6.05 19.87 38.82
N ARG C 311 -5.62 18.89 38.01
CA ARG C 311 -6.54 18.23 37.10
C ARG C 311 -7.68 17.58 37.87
N VAL C 312 -7.40 17.04 39.05
CA VAL C 312 -8.47 16.50 39.89
C VAL C 312 -9.50 17.59 40.18
N ILE C 313 -9.03 18.76 40.61
CA ILE C 313 -9.95 19.86 40.90
C ILE C 313 -10.76 20.23 39.67
N HIS C 314 -10.09 20.31 38.52
CA HIS C 314 -10.77 20.68 37.29
C HIS C 314 -11.77 19.63 36.86
N ALA C 315 -11.44 18.35 37.07
CA ALA C 315 -12.39 17.29 36.78
C ALA C 315 -13.61 17.36 37.70
N PHE C 316 -13.41 17.79 38.95
CA PHE C 316 -14.53 17.93 39.87
C PHE C 316 -15.51 18.99 39.37
N ARG C 317 -15.00 20.15 38.94
CA ARG C 317 -15.92 21.21 38.53
C ARG C 317 -16.61 20.85 37.22
N ASP C 318 -15.88 20.21 36.30
CA ASP C 318 -16.49 19.78 35.05
C ASP C 318 -17.60 18.77 35.30
N ALA C 319 -17.34 17.81 36.20
CA ALA C 319 -18.39 16.88 36.59
C ALA C 319 -19.59 17.62 37.16
N LEU C 320 -19.34 18.70 37.91
CA LEU C 320 -20.41 19.31 38.68
C LEU C 320 -21.08 20.50 37.98
N GLN C 321 -20.38 21.18 37.07
CA GLN C 321 -21.05 22.21 36.29
C GLN C 321 -22.39 21.69 35.75
N ILE C 322 -22.35 20.56 35.04
CA ILE C 322 -23.53 20.02 34.40
C ILE C 322 -24.58 19.65 35.43
N ARG C 323 -24.17 18.90 36.46
CA ARG C 323 -25.15 18.37 37.40
C ARG C 323 -25.88 19.48 38.14
N LEU C 324 -25.23 20.63 38.36
CA LEU C 324 -25.94 21.72 38.99
C LEU C 324 -27.07 22.23 38.09
N SER C 325 -26.82 22.31 36.79
CA SER C 325 -27.85 22.74 35.85
C SER C 325 -29.02 21.77 35.83
N GLN C 326 -28.73 20.47 35.79
CA GLN C 326 -29.80 19.49 35.82
C GLN C 326 -30.62 19.62 37.10
N LEU C 327 -29.95 19.67 38.26
CA LEU C 327 -30.68 19.77 39.51
C LEU C 327 -31.48 21.06 39.60
N GLU C 328 -30.93 22.16 39.09
CA GLU C 328 -31.65 23.43 39.15
C GLU C 328 -32.83 23.44 38.20
N ALA C 329 -32.71 22.76 37.06
CA ALA C 329 -33.82 22.65 36.13
C ALA C 329 -34.89 21.67 36.59
N LEU C 330 -34.76 21.08 37.78
CA LEU C 330 -35.80 20.19 38.30
C LEU C 330 -36.79 20.94 39.18
N THR C 331 -36.28 21.68 40.15
CA THR C 331 -37.09 22.41 41.11
C THR C 331 -36.74 23.89 41.07
N PRO C 332 -37.63 24.76 41.57
CA PRO C 332 -37.26 26.16 41.82
C PRO C 332 -36.81 26.43 43.25
N ASP C 333 -36.95 25.46 44.14
CA ASP C 333 -36.68 25.64 45.56
C ASP C 333 -35.18 25.52 45.83
N PRO C 334 -34.75 25.70 47.08
CA PRO C 334 -33.31 25.67 47.38
C PRO C 334 -32.73 24.26 47.29
N ILE C 335 -31.45 24.21 46.97
CA ILE C 335 -30.70 22.96 46.95
C ILE C 335 -29.92 22.86 48.25
N HIS C 336 -30.15 21.79 49.01
CA HIS C 336 -29.49 21.58 50.29
C HIS C 336 -28.21 20.77 50.06
N VAL C 337 -27.08 21.31 50.49
CA VAL C 337 -25.77 20.73 50.20
C VAL C 337 -25.23 20.05 51.45
N PHE C 338 -24.84 18.79 51.29
CA PHE C 338 -24.21 18.00 52.35
C PHE C 338 -22.89 17.49 51.77
N ALA C 339 -21.77 17.97 52.29
CA ALA C 339 -20.50 17.75 51.63
C ALA C 339 -19.45 17.26 52.61
N ALA C 340 -18.83 16.14 52.27
CA ALA C 340 -17.55 15.71 52.82
C ALA C 340 -16.57 15.84 51.66
N ILE C 341 -15.92 17.00 51.55
CA ILE C 341 -15.07 17.28 50.38
C ILE C 341 -13.78 17.95 50.84
N PRO C 342 -12.71 17.75 50.08
CA PRO C 342 -11.46 18.47 50.38
C PRO C 342 -11.64 19.98 50.21
N ALA C 343 -10.74 20.71 50.85
CA ALA C 343 -10.91 22.16 50.96
C ALA C 343 -10.85 22.82 49.59
N ALA C 344 -9.95 22.35 48.71
CA ALA C 344 -9.84 22.97 47.39
C ALA C 344 -11.12 22.78 46.58
N LEU C 345 -11.82 21.66 46.79
CA LEU C 345 -13.07 21.43 46.07
C LEU C 345 -14.22 22.20 46.70
N ALA C 346 -14.11 22.54 47.98
CA ALA C 346 -15.07 23.46 48.57
C ALA C 346 -14.94 24.85 47.94
N ILE C 347 -13.71 25.30 47.69
CA ILE C 347 -13.53 26.57 46.99
C ILE C 347 -14.06 26.47 45.57
N GLU C 348 -13.68 25.42 44.86
CA GLU C 348 -14.12 25.28 43.48
C GLU C 348 -15.64 25.20 43.39
N PHE C 349 -16.28 24.50 44.34
CA PHE C 349 -17.74 24.42 44.35
C PHE C 349 -18.37 25.81 44.43
N GLY C 350 -17.93 26.61 45.40
CA GLY C 350 -18.45 27.96 45.51
C GLY C 350 -18.22 28.79 44.27
N ALA C 351 -17.11 28.56 43.56
CA ALA C 351 -16.82 29.31 42.36
C ALA C 351 -17.79 29.01 41.22
N LEU C 352 -18.45 27.85 41.24
CA LEU C 352 -19.49 27.58 40.25
C LEU C 352 -20.74 28.40 40.52
N LEU C 353 -21.05 28.66 41.78
CA LEU C 353 -22.23 29.44 42.14
C LEU C 353 -22.07 30.93 41.83
N THR C 354 -20.91 31.35 41.34
CA THR C 354 -20.65 32.77 41.16
C THR C 354 -21.63 33.39 40.18
N THR C 355 -21.93 32.69 39.08
CA THR C 355 -22.74 33.25 38.01
C THR C 355 -23.31 32.14 37.14
N GLN C 356 -22.58 31.03 37.01
CA GLN C 356 -23.07 29.92 36.21
C GLN C 356 -24.40 29.41 36.75
N HIS C 357 -24.62 29.52 38.06
CA HIS C 357 -25.77 28.88 38.71
C HIS C 357 -26.26 29.78 39.84
N GLN C 358 -27.42 30.40 39.64
CA GLN C 358 -27.91 31.42 40.57
C GLN C 358 -29.12 30.95 41.38
N HIS C 359 -29.29 29.65 41.54
CA HIS C 359 -30.22 29.13 42.53
C HIS C 359 -29.73 29.52 43.93
N THR C 360 -30.55 29.24 44.94
CA THR C 360 -30.17 29.44 46.33
C THR C 360 -29.74 28.10 46.93
N TYR C 361 -28.54 28.07 47.51
CA TYR C 361 -27.94 26.85 48.02
C TYR C 361 -27.77 26.97 49.54
N LEU C 362 -28.35 26.03 50.28
CA LEU C 362 -28.29 26.03 51.74
C LEU C 362 -27.24 25.01 52.17
N ILE C 363 -26.16 25.50 52.76
CA ILE C 363 -25.01 24.65 53.09
C ILE C 363 -25.19 24.12 54.50
N PHE C 364 -25.29 22.81 54.63
CA PHE C 364 -25.29 22.15 55.91
C PHE C 364 -23.86 21.76 56.27
N ASP C 365 -23.59 21.66 57.56
CA ASP C 365 -22.27 21.25 58.03
C ASP C 365 -22.43 20.47 59.33
N ARG C 366 -21.40 19.70 59.66
CA ARG C 366 -21.39 18.99 60.93
C ARG C 366 -21.39 19.99 62.09
N ASP C 367 -22.32 19.80 63.02
CA ASP C 367 -22.51 20.69 64.17
C ASP C 367 -21.97 19.98 65.41
N LYS C 368 -20.82 20.40 65.90
CA LYS C 368 -20.29 19.78 67.11
C LYS C 368 -21.14 20.10 68.33
N GLU C 369 -22.05 21.06 68.23
CA GLU C 369 -22.98 21.33 69.32
C GLU C 369 -24.19 20.41 69.30
N ASN C 370 -24.35 19.60 68.26
CA ASN C 370 -25.51 18.74 68.08
C ASN C 370 -25.08 17.31 67.81
N GLN C 371 -24.00 16.88 68.45
CA GLN C 371 -23.56 15.48 68.38
C GLN C 371 -23.32 15.06 66.93
N ASP C 372 -22.62 15.92 66.19
CA ASP C 372 -22.16 15.66 64.83
C ASP C 372 -23.29 15.63 63.81
N ARG C 373 -24.51 16.01 64.19
CA ARG C 373 -25.58 16.07 63.22
C ARG C 373 -25.35 17.19 62.22
N PHE C 374 -25.89 17.01 61.02
CA PHE C 374 -25.90 18.07 60.01
C PHE C 374 -26.92 19.14 60.41
N THR C 375 -26.51 20.41 60.32
CA THR C 375 -27.39 21.54 60.54
C THR C 375 -27.05 22.61 59.51
N GLN C 376 -28.05 23.44 59.19
CA GLN C 376 -27.86 24.47 58.18
C GLN C 376 -26.91 25.54 58.70
N THR C 377 -26.09 26.07 57.80
CA THR C 377 -25.16 27.15 58.18
C THR C 377 -25.37 28.36 57.27
N LEU C 378 -24.60 28.45 56.20
CA LEU C 378 -24.68 29.58 55.30
C LEU C 378 -25.71 29.34 54.19
N GLN C 379 -26.26 30.43 53.67
CA GLN C 379 -27.08 30.43 52.49
C GLN C 379 -26.31 31.15 51.38
N LEU C 380 -26.05 30.47 50.28
CA LEU C 380 -25.32 31.05 49.16
C LEU C 380 -26.31 31.25 48.01
N GLY C 381 -26.79 32.47 47.87
CA GLY C 381 -27.69 32.80 46.79
C GLY C 381 -27.01 33.69 45.78
N PRO C 382 -27.76 34.18 44.79
CA PRO C 382 -27.21 35.09 43.79
C PRO C 382 -26.99 36.50 44.34
N PHE D 14 26.90 45.55 26.29
CA PHE D 14 27.62 46.60 27.02
C PHE D 14 28.63 45.93 27.95
N ASN D 15 29.75 46.60 28.22
CA ASN D 15 30.86 46.00 28.93
C ASN D 15 30.72 46.17 30.44
N THR D 16 31.25 45.19 31.18
CA THR D 16 31.20 45.14 32.63
C THR D 16 32.59 44.85 33.17
N ASN D 17 32.81 45.19 34.44
CA ASN D 17 34.06 44.86 35.10
C ASN D 17 34.02 43.41 35.56
N ASP D 18 35.13 42.94 36.15
CA ASP D 18 35.16 41.57 36.66
C ASP D 18 34.41 41.46 37.99
N GLU D 19 34.35 42.55 38.77
CA GLU D 19 33.63 42.50 40.03
C GLU D 19 32.12 42.39 39.80
N THR D 20 31.59 43.15 38.85
CA THR D 20 30.16 43.07 38.55
C THR D 20 29.80 41.71 37.98
N LYS D 21 30.64 41.18 37.08
CA LYS D 21 30.43 39.84 36.56
C LYS D 21 30.18 38.85 37.68
N ARG D 22 31.02 38.89 38.72
CA ARG D 22 30.87 37.95 39.82
C ARG D 22 29.52 38.10 40.51
N ILE D 23 29.06 39.34 40.71
CA ILE D 23 27.80 39.56 41.42
C ILE D 23 26.63 39.04 40.60
N VAL D 24 26.61 39.36 39.31
CA VAL D 24 25.52 38.91 38.46
C VAL D 24 25.51 37.40 38.35
N TRP D 25 26.70 36.80 38.20
CA TRP D 25 26.78 35.35 38.11
C TRP D 25 26.23 34.67 39.36
N THR D 26 26.50 35.24 40.53
CA THR D 26 26.02 34.64 41.77
C THR D 26 24.51 34.79 41.91
N GLN D 27 23.98 35.99 41.70
CA GLN D 27 22.57 36.21 41.97
C GLN D 27 21.66 35.45 41.03
N THR D 28 22.18 35.01 39.88
CA THR D 28 21.42 34.19 38.93
C THR D 28 21.78 32.72 39.02
N ALA D 29 22.67 32.34 39.93
CA ALA D 29 23.13 30.96 40.09
C ALA D 29 23.79 30.43 38.82
N GLY D 30 24.16 31.31 37.89
CA GLY D 30 24.89 30.88 36.72
C GLY D 30 24.03 30.22 35.65
N HIS D 31 22.76 30.59 35.54
CA HIS D 31 21.90 30.12 34.48
C HIS D 31 21.43 31.31 33.65
N CYS D 32 21.21 31.07 32.36
CA CYS D 32 20.58 32.08 31.52
C CYS D 32 19.17 32.34 32.02
N GLU D 33 18.81 33.62 32.16
CA GLU D 33 17.52 33.99 32.70
C GLU D 33 16.37 33.81 31.72
N LEU D 34 16.66 33.59 30.44
CA LEU D 34 15.60 33.42 29.47
C LEU D 34 15.37 31.97 29.08
N CYS D 35 16.40 31.13 29.18
CA CYS D 35 16.27 29.73 28.78
C CYS D 35 16.61 28.74 29.88
N GLY D 36 17.32 29.14 30.93
CA GLY D 36 17.59 28.26 32.04
C GLY D 36 18.78 27.36 31.92
N THR D 37 19.60 27.54 30.88
CA THR D 37 20.77 26.69 30.69
C THR D 37 21.82 26.98 31.74
N ASP D 38 22.46 25.93 32.25
CA ASP D 38 23.53 26.07 33.23
C ASP D 38 24.78 26.53 32.50
N LEU D 39 25.20 27.77 32.75
CA LEU D 39 26.35 28.34 32.06
C LEU D 39 27.67 28.01 32.75
N THR D 40 27.66 27.14 33.75
CA THR D 40 28.88 26.55 34.29
C THR D 40 29.13 25.17 33.70
N PHE D 41 28.54 24.87 32.54
CA PHE D 41 28.67 23.54 31.97
C PHE D 41 30.13 23.20 31.67
N ASP D 42 30.84 24.10 31.01
CA ASP D 42 32.23 23.82 30.65
C ASP D 42 33.02 23.35 31.86
N TYR D 43 32.85 24.04 32.99
CA TYR D 43 33.54 23.62 34.22
C TYR D 43 33.18 22.19 34.59
N ARG D 44 31.91 21.81 34.40
CA ARG D 44 31.50 20.46 34.75
C ARG D 44 32.14 19.44 33.80
N ALA D 45 32.47 19.86 32.59
CA ALA D 45 33.16 19.01 31.61
C ALA D 45 34.67 19.22 31.64
N GLY D 46 35.22 19.52 32.80
CA GLY D 46 36.66 19.58 32.99
C GLY D 46 37.37 20.74 32.30
N LYS D 47 36.67 21.59 31.57
CA LYS D 47 37.32 22.64 30.79
C LYS D 47 37.52 23.89 31.62
N PRO D 48 38.26 24.86 31.09
CA PRO D 48 38.40 26.16 31.78
C PRO D 48 37.17 27.02 31.59
N MET D 49 36.86 27.80 32.63
CA MET D 49 35.70 28.69 32.63
C MET D 49 36.09 30.02 32.01
N LYS D 50 35.50 30.33 30.84
CA LYS D 50 35.66 31.64 30.22
C LYS D 50 34.36 32.41 30.49
N TRP D 51 34.31 33.02 31.68
CA TRP D 51 33.09 33.69 32.12
C TRP D 51 32.62 34.71 31.08
N GLY D 52 33.54 35.48 30.52
CA GLY D 52 33.16 36.51 29.57
C GLY D 52 32.67 35.98 28.23
N GLU D 53 33.11 34.78 27.86
CA GLU D 53 32.72 34.23 26.57
C GLU D 53 31.38 33.50 26.61
N VAL D 54 31.18 32.69 27.65
CA VAL D 54 30.00 31.83 27.72
C VAL D 54 28.75 32.55 28.19
N ALA D 55 28.87 33.80 28.63
CA ALA D 55 27.74 34.56 29.14
C ALA D 55 27.94 36.04 28.83
N HIS D 56 26.83 36.72 28.54
CA HIS D 56 26.82 38.16 28.34
C HIS D 56 25.92 38.79 29.40
N ILE D 57 26.34 39.95 29.91
CA ILE D 57 25.58 40.72 30.89
C ILE D 57 25.05 41.97 30.20
N LEU D 58 23.80 42.33 30.50
CA LEU D 58 23.21 43.54 29.94
C LEU D 58 22.09 44.02 30.84
N PRO D 59 21.80 45.33 30.84
CA PRO D 59 20.65 45.82 31.62
C PRO D 59 19.36 45.18 31.16
N ALA D 60 18.45 44.98 32.11
CA ALA D 60 17.14 44.44 31.80
C ALA D 60 16.20 45.47 31.19
N SER D 61 16.56 46.75 31.23
CA SER D 61 15.72 47.83 30.74
C SER D 61 16.52 48.77 29.86
N PRO D 62 15.88 49.37 28.83
CA PRO D 62 16.55 50.33 27.95
C PRO D 62 17.22 51.49 28.68
N ASP D 79 23.54 49.64 38.50
CA ASP D 79 23.07 48.86 39.64
C ASP D 79 23.03 47.38 39.26
N THR D 80 23.78 46.56 40.00
CA THR D 80 23.86 45.14 39.69
C THR D 80 22.52 44.44 39.80
N ALA D 81 21.55 45.04 40.50
CA ALA D 81 20.26 44.39 40.64
C ALA D 81 19.50 44.32 39.32
N ASN D 82 19.71 45.29 38.42
CA ASN D 82 18.98 45.35 37.16
C ASN D 82 19.75 44.76 35.99
N LEU D 83 20.82 44.02 36.25
CA LEU D 83 21.64 43.42 35.20
C LEU D 83 21.34 41.93 35.09
N MET D 84 21.12 41.46 33.86
CA MET D 84 20.77 40.08 33.59
C MET D 84 21.99 39.28 33.15
N LEU D 85 21.91 37.97 33.36
CA LEU D 85 22.88 37.02 32.84
C LEU D 85 22.21 36.21 31.73
N LEU D 86 22.71 36.36 30.50
CA LEU D 86 22.15 35.68 29.34
C LEU D 86 23.22 34.87 28.62
N CYS D 87 22.82 33.76 28.03
CA CYS D 87 23.73 33.00 27.18
C CYS D 87 23.88 33.74 25.85
N PRO D 88 24.93 33.41 25.09
CA PRO D 88 25.12 34.08 23.79
C PRO D 88 23.92 33.95 22.87
N GLY D 89 23.31 32.76 22.79
CA GLY D 89 22.15 32.58 21.95
C GLY D 89 21.02 33.52 22.27
N CYS D 90 20.52 33.47 23.51
CA CYS D 90 19.41 34.33 23.88
C CYS D 90 19.79 35.81 23.76
N HIS D 91 21.05 36.15 24.04
CA HIS D 91 21.48 37.54 23.95
C HIS D 91 21.36 38.08 22.53
N ASP D 92 21.83 37.30 21.55
CA ASP D 92 21.75 37.76 20.17
C ASP D 92 20.32 37.96 19.71
N LYS D 93 19.35 37.29 20.33
CA LYS D 93 17.96 37.44 19.96
C LYS D 93 17.33 38.72 20.50
N ILE D 94 18.02 39.45 21.37
CA ILE D 94 17.49 40.67 21.96
C ILE D 94 17.95 41.87 21.15
N ASP D 95 17.01 42.76 20.83
CA ASP D 95 17.34 44.00 20.14
C ASP D 95 18.03 44.96 21.11
N ARG D 96 19.20 45.46 20.71
CA ARG D 96 19.98 46.36 21.54
C ARG D 96 20.36 47.61 20.76
N ASP D 97 20.58 48.69 21.49
CA ASP D 97 21.00 49.96 20.93
C ASP D 97 22.54 50.05 20.94
N ALA D 98 23.07 51.18 20.46
CA ALA D 98 24.51 51.31 20.27
C ALA D 98 25.30 51.01 21.54
N ASP D 99 24.76 51.41 22.69
CA ASP D 99 25.46 51.27 23.96
C ASP D 99 25.23 49.93 24.65
N GLY D 100 24.58 48.98 23.97
CA GLY D 100 24.38 47.66 24.50
C GLY D 100 23.10 47.46 25.31
N TYR D 101 22.36 48.52 25.58
CA TYR D 101 21.12 48.40 26.32
C TYR D 101 20.04 47.75 25.45
N PRO D 102 19.12 46.99 26.05
CA PRO D 102 18.04 46.39 25.26
C PRO D 102 17.07 47.45 24.77
N GLU D 103 16.35 47.10 23.71
CA GLU D 103 15.30 47.97 23.20
C GLU D 103 13.97 47.73 23.88
N ASN D 104 13.70 46.49 24.28
CA ASN D 104 12.45 46.11 24.94
C ASN D 104 12.71 45.86 26.42
N ASP D 105 11.70 46.16 27.24
CA ASP D 105 11.82 45.99 28.68
C ASP D 105 11.74 44.52 29.06
N LEU D 106 12.73 44.05 29.81
CA LEU D 106 12.74 42.69 30.33
C LEU D 106 12.78 42.65 31.85
N SER D 107 12.57 43.79 32.52
CA SER D 107 12.69 43.83 33.97
C SER D 107 11.67 42.91 34.65
N GLY D 108 10.52 42.68 34.01
CA GLY D 108 9.53 41.79 34.57
C GLY D 108 10.06 40.39 34.73
N LEU D 109 10.52 39.80 33.62
CA LEU D 109 11.06 38.45 33.66
C LEU D 109 12.33 38.37 34.49
N HIS D 110 13.12 39.44 34.52
CA HIS D 110 14.36 39.42 35.30
C HIS D 110 14.05 39.35 36.79
N GLN D 111 13.27 40.30 37.30
CA GLN D 111 12.92 40.31 38.71
C GLN D 111 12.22 39.01 39.12
N ALA D 112 11.39 38.46 38.23
CA ALA D 112 10.73 37.20 38.56
C ALA D 112 11.74 36.07 38.65
N TYR D 113 12.73 36.06 37.76
CA TYR D 113 13.77 35.05 37.82
C TYR D 113 14.53 35.13 39.15
N LEU D 114 15.01 36.33 39.50
CA LEU D 114 15.73 36.50 40.74
C LEU D 114 14.88 36.10 41.94
N GLU D 115 13.56 36.37 41.88
CA GLU D 115 12.71 35.99 42.99
C GLU D 115 12.63 34.47 43.14
N ARG D 116 12.60 33.74 42.02
CA ARG D 116 12.55 32.28 42.10
C ARG D 116 13.85 31.73 42.69
N ILE D 117 15.00 32.29 42.27
CA ILE D 117 16.27 31.84 42.83
C ILE D 117 16.33 32.15 44.31
N ARG D 118 15.91 33.36 44.69
CA ARG D 118 15.96 33.77 46.09
C ARG D 118 15.12 32.84 46.95
N LEU D 119 13.95 32.43 46.45
CA LEU D 119 13.09 31.55 47.23
C LEU D 119 13.73 30.18 47.41
N ALA D 120 14.43 29.70 46.39
CA ALA D 120 15.12 28.42 46.52
C ALA D 120 16.34 28.55 47.42
N ALA D 121 17.09 29.65 47.29
CA ALA D 121 18.32 29.81 48.05
C ALA D 121 18.05 29.94 49.55
N THR D 122 16.89 30.48 49.93
CA THR D 122 16.54 30.67 51.34
C THR D 122 15.82 29.46 51.94
N THR D 123 15.58 28.43 51.14
CA THR D 123 14.76 27.30 51.60
C THR D 123 15.23 26.72 52.93
N PRO D 124 16.52 26.66 53.25
CA PRO D 124 16.92 26.10 54.55
C PRO D 124 16.31 26.82 55.74
N ASP D 125 16.00 28.12 55.62
CA ASP D 125 15.41 28.80 56.77
C ASP D 125 13.96 28.41 56.98
N GLY D 126 13.39 27.60 56.09
CA GLY D 126 12.07 27.02 56.24
C GLY D 126 12.04 25.77 57.08
N GLY D 127 13.20 25.35 57.56
CA GLY D 127 13.31 24.22 58.46
C GLY D 127 13.35 24.55 59.93
N ARG D 128 13.17 25.82 60.31
CA ARG D 128 13.05 26.13 61.73
C ARG D 128 12.03 25.18 62.35
N ALA D 129 12.38 24.60 63.49
CA ALA D 129 11.57 23.52 64.03
C ALA D 129 11.67 23.47 65.55
N ILE D 130 10.64 22.90 66.15
CA ILE D 130 10.55 22.69 67.59
C ILE D 130 10.75 21.20 67.85
N PRO D 131 11.75 20.79 68.63
CA PRO D 131 11.87 19.37 69.01
C PRO D 131 10.89 19.03 70.13
N LEU D 132 10.11 17.97 69.93
CA LEU D 132 9.15 17.54 70.93
C LEU D 132 9.27 16.05 71.15
N ILE D 133 9.60 15.66 72.38
CA ILE D 133 9.73 14.26 72.78
C ILE D 133 8.71 14.01 73.87
N VAL D 134 7.74 13.13 73.60
CA VAL D 134 6.67 12.83 74.54
C VAL D 134 6.77 11.35 74.90
N GLN D 135 6.96 11.06 76.19
CA GLN D 135 7.15 9.71 76.66
C GLN D 135 6.32 9.46 77.91
N SER D 136 5.87 8.21 78.08
CA SER D 136 5.27 7.83 79.34
C SER D 136 6.35 7.73 80.40
N GLN D 137 5.94 7.79 81.67
CA GLN D 137 6.92 7.65 82.74
C GLN D 137 7.65 6.33 82.64
N HIS D 138 6.97 5.29 82.13
CA HIS D 138 7.59 3.98 81.98
C HIS D 138 8.72 4.01 80.97
N PHE D 139 8.43 4.41 79.73
CA PHE D 139 9.46 4.43 78.71
C PHE D 139 10.51 5.47 79.00
N GLN D 140 10.15 6.56 79.69
CA GLN D 140 11.16 7.51 80.15
C GLN D 140 12.18 6.83 81.05
N THR D 141 11.80 5.72 81.71
CA THR D 141 12.72 4.92 82.50
C THR D 141 13.41 3.86 81.65
N ILE D 142 12.63 2.92 81.11
CA ILE D 142 13.21 1.80 80.39
C ILE D 142 14.01 2.29 79.19
N ASN D 143 13.47 3.27 78.44
CA ASN D 143 14.04 3.69 77.16
C ASN D 143 13.86 5.20 76.99
N ASP D 144 14.77 5.95 77.59
CA ASP D 144 14.70 7.41 77.52
C ASP D 144 15.29 7.91 76.21
N ILE D 145 14.56 8.80 75.54
CA ILE D 145 14.99 9.37 74.27
C ILE D 145 15.63 10.73 74.57
N PRO D 146 16.93 10.88 74.40
CA PRO D 146 17.56 12.20 74.59
C PRO D 146 17.30 13.12 73.42
N VAL D 147 17.38 14.42 73.71
CA VAL D 147 17.12 15.43 72.68
C VAL D 147 18.17 15.35 71.58
N ARG D 148 19.42 15.08 71.96
CA ARG D 148 20.49 14.97 70.96
C ARG D 148 20.12 13.99 69.86
N ASP D 149 19.43 12.90 70.20
CA ASP D 149 19.13 11.87 69.21
C ASP D 149 18.10 12.36 68.20
N LEU D 150 17.09 13.10 68.67
CA LEU D 150 16.11 13.67 67.74
C LEU D 150 16.73 14.79 66.92
N LEU D 151 17.55 15.64 67.54
CA LEU D 151 18.16 16.74 66.80
C LEU D 151 19.04 16.24 65.67
N THR D 152 19.71 15.10 65.84
CA THR D 152 20.55 14.59 64.77
C THR D 152 19.70 14.09 63.62
N ALA D 153 18.61 13.36 63.92
CA ALA D 153 17.69 12.96 62.86
C ALA D 153 17.04 14.18 62.23
N MET D 154 16.61 15.14 63.04
CA MET D 154 16.05 16.38 62.50
C MET D 154 17.04 17.07 61.57
N SER D 155 18.27 17.28 62.05
CA SER D 155 19.26 18.01 61.27
C SER D 155 19.47 17.35 59.91
N ALA D 156 19.49 16.02 59.87
CA ALA D 156 19.74 15.31 58.61
C ALA D 156 18.65 15.60 57.59
N GLU D 157 17.43 15.89 58.03
CA GLU D 157 16.32 16.22 57.13
C GLU D 157 16.16 17.72 56.90
N GLY D 158 17.15 18.53 57.27
CA GLY D 158 17.03 19.96 57.06
C GLY D 158 16.19 20.71 58.07
N LEU D 159 15.78 20.07 59.16
CA LEU D 159 15.03 20.72 60.23
C LEU D 159 16.02 21.24 61.27
N THR D 160 15.88 22.52 61.64
CA THR D 160 16.86 23.21 62.46
C THR D 160 16.20 23.74 63.73
N ALA D 161 16.48 23.11 64.86
CA ALA D 161 16.07 23.68 66.13
C ALA D 161 16.88 24.94 66.43
N PHE D 162 16.24 25.89 67.09
CA PHE D 162 16.84 27.17 67.44
C PHE D 162 16.77 27.43 68.94
N ASP D 163 16.27 26.49 69.71
CA ASP D 163 16.15 26.62 71.16
C ASP D 163 16.10 25.22 71.75
N GLN D 164 15.89 25.16 73.06
CA GLN D 164 15.89 23.88 73.78
C GLN D 164 14.71 23.02 73.36
N GLY D 165 14.96 21.74 73.12
CA GLY D 165 13.89 20.84 72.76
C GLY D 165 12.95 20.62 73.93
N ILE D 166 11.66 20.54 73.62
CA ILE D 166 10.66 20.19 74.63
C ILE D 166 10.70 18.70 74.89
N LYS D 167 10.81 18.32 76.16
CA LYS D 167 10.74 16.93 76.58
C LYS D 167 9.76 16.87 77.73
N ILE D 168 8.69 16.10 77.58
CA ILE D 168 7.64 16.03 78.59
C ILE D 168 7.16 14.59 78.72
N ALA D 169 6.61 14.30 79.90
CA ALA D 169 6.10 12.98 80.22
C ALA D 169 4.64 13.08 80.65
N PHE D 170 3.82 12.15 80.19
CA PHE D 170 2.39 12.21 80.51
C PHE D 170 2.18 12.13 82.01
N ALA D 171 1.23 12.92 82.51
CA ALA D 171 0.92 12.96 83.93
C ALA D 171 0.69 11.55 84.47
N ALA D 172 1.29 11.25 85.61
CA ALA D 172 1.00 10.01 86.30
C ALA D 172 -0.46 10.01 86.72
N PRO D 173 -1.24 8.98 86.39
CA PRO D 173 -2.69 9.05 86.62
C PRO D 173 -3.02 9.27 88.09
N GLY D 174 -4.27 9.64 88.33
CA GLY D 174 -4.75 9.93 89.67
C GLY D 174 -5.61 8.81 90.22
N PRO D 175 -6.37 9.10 91.28
CA PRO D 175 -7.19 8.04 91.88
C PRO D 175 -8.36 7.64 90.99
N ARG D 176 -8.98 8.61 90.31
CA ARG D 176 -10.03 8.30 89.35
C ARG D 176 -9.49 7.72 88.06
N GLY D 177 -8.16 7.59 87.95
CA GLY D 177 -7.57 6.98 86.78
C GLY D 177 -7.51 7.93 85.60
N ARG D 178 -7.29 7.35 84.42
CA ARG D 178 -7.25 8.13 83.18
C ARG D 178 -8.67 8.27 82.63
N ASP D 179 -9.44 9.11 83.32
CA ASP D 179 -10.82 9.39 82.95
C ASP D 179 -10.84 10.60 82.01
N THR D 180 -12.02 11.19 81.81
CA THR D 180 -12.15 12.29 80.87
C THR D 180 -11.31 13.48 81.31
N THR D 181 -11.46 13.90 82.57
CA THR D 181 -10.71 15.06 83.05
C THR D 181 -9.21 14.84 82.91
N TYR D 182 -8.75 13.61 83.13
CA TYR D 182 -7.32 13.34 82.97
C TYR D 182 -6.89 13.57 81.53
N TRP D 183 -7.62 12.99 80.58
CA TRP D 183 -7.22 13.12 79.17
C TRP D 183 -7.38 14.56 78.69
N GLN D 184 -8.36 15.29 79.21
CA GLN D 184 -8.53 16.69 78.85
C GLN D 184 -7.36 17.52 79.37
N ASN D 185 -6.83 17.16 80.55
CA ASN D 185 -5.65 17.86 81.07
C ASN D 185 -4.42 17.55 80.24
N VAL D 186 -4.22 16.28 79.88
CA VAL D 186 -3.12 15.92 78.99
C VAL D 186 -3.13 16.82 77.76
N LYS D 187 -4.29 16.97 77.14
CA LYS D 187 -4.39 17.71 75.89
C LYS D 187 -4.11 19.19 76.10
N ASP D 188 -4.70 19.77 77.14
CA ASP D 188 -4.42 21.16 77.48
C ASP D 188 -2.93 21.38 77.71
N SER D 189 -2.31 20.47 78.48
CA SER D 189 -0.88 20.59 78.76
C SER D 189 -0.07 20.59 77.47
N VAL D 190 -0.30 19.58 76.63
CA VAL D 190 0.46 19.47 75.39
C VAL D 190 0.25 20.70 74.51
N GLN D 191 -1.02 21.05 74.29
CA GLN D 191 -1.31 22.17 73.39
C GLN D 191 -0.82 23.49 73.96
N TYR D 192 -0.70 23.59 75.28
CA TYR D 192 -0.17 24.81 75.88
C TYR D 192 1.31 24.98 75.52
N GLU D 193 2.13 23.97 75.82
CA GLU D 193 3.55 24.07 75.50
C GLU D 193 3.76 24.24 74.00
N LEU D 194 2.94 23.56 73.19
CA LEU D 194 3.07 23.68 71.75
C LEU D 194 2.77 25.11 71.30
N GLU D 195 1.60 25.64 71.67
CA GLU D 195 1.21 26.96 71.21
C GLU D 195 2.20 28.02 71.64
N GLN D 196 2.83 27.86 72.81
CA GLN D 196 3.82 28.85 73.22
C GLN D 196 5.04 28.81 72.31
N GLN D 197 5.44 27.62 71.86
CA GLN D 197 6.59 27.54 70.96
C GLN D 197 6.24 27.99 69.55
N LEU D 198 5.00 27.75 69.11
CA LEU D 198 4.62 28.18 67.77
C LEU D 198 4.58 29.70 67.64
N LYS D 199 4.60 30.43 68.76
CA LYS D 199 4.74 31.88 68.71
C LYS D 199 6.12 32.30 68.20
N ARG D 200 7.10 31.40 68.29
CA ARG D 200 8.46 31.71 67.87
C ARG D 200 8.53 31.78 66.35
N ARG D 201 7.77 32.67 65.75
CA ARG D 201 7.80 32.83 64.31
C ARG D 201 9.16 33.34 63.86
N GLY D 202 9.49 33.08 62.61
CA GLY D 202 10.79 33.50 62.10
C GLY D 202 10.92 33.21 60.63
N GLY D 203 12.17 33.15 60.18
CA GLY D 203 12.44 32.85 58.80
C GLY D 203 12.13 34.03 57.90
N THR D 204 12.04 33.72 56.61
CA THR D 204 11.86 34.77 55.60
C THR D 204 10.46 35.39 55.65
N TYR D 205 9.45 34.66 56.14
CA TYR D 205 8.06 35.11 56.01
C TYR D 205 7.27 35.14 57.30
N GLY D 206 7.92 35.00 58.45
CA GLY D 206 7.19 35.03 59.70
C GLY D 206 6.36 33.80 59.98
N ASP D 207 6.66 32.68 59.32
CA ASP D 207 5.94 31.44 59.56
C ASP D 207 6.28 30.87 60.94
N SER D 208 5.28 30.25 61.55
CA SER D 208 5.52 29.42 62.72
C SER D 208 6.54 28.34 62.37
N PRO D 209 7.34 27.91 63.35
CA PRO D 209 8.27 26.81 63.09
C PRO D 209 7.53 25.50 62.91
N ALA D 210 8.22 24.55 62.28
CA ALA D 210 7.71 23.20 62.15
C ALA D 210 7.78 22.49 63.50
N LEU D 211 6.85 21.54 63.69
CA LEU D 211 6.88 20.68 64.86
C LEU D 211 7.50 19.34 64.46
N ALA D 212 8.59 18.98 65.12
CA ALA D 212 9.25 17.68 64.97
C ALA D 212 8.98 16.88 66.25
N VAL D 213 8.13 15.86 66.15
CA VAL D 213 7.58 15.18 67.31
C VAL D 213 7.87 13.69 67.21
N VAL D 214 8.34 13.11 68.31
CA VAL D 214 8.45 11.66 68.45
C VAL D 214 7.71 11.28 69.72
N GLY D 215 7.12 10.10 69.71
CA GLY D 215 6.38 9.62 70.86
C GLY D 215 6.78 8.20 71.23
N LEU D 216 6.85 7.94 72.52
CA LEU D 216 7.13 6.59 73.02
C LEU D 216 6.36 6.43 74.32
N ALA D 217 5.10 6.00 74.19
CA ALA D 217 4.19 5.84 75.31
C ALA D 217 3.16 4.79 74.93
N ASP D 218 2.20 4.53 75.81
CA ASP D 218 1.14 3.60 75.49
C ASP D 218 0.30 4.13 74.33
N ILE D 219 -0.40 3.21 73.65
CA ILE D 219 -1.11 3.58 72.43
C ILE D 219 -2.19 4.62 72.70
N PRO D 220 -2.99 4.54 73.76
CA PRO D 220 -4.00 5.59 73.98
C PRO D 220 -3.38 6.96 74.24
N ALA D 221 -2.31 7.03 75.03
CA ALA D 221 -1.65 8.30 75.26
C ALA D 221 -1.07 8.86 73.96
N LEU D 222 -0.48 7.99 73.14
CA LEU D 222 0.06 8.44 71.86
C LEU D 222 -1.06 8.94 70.95
N MET D 223 -2.26 8.34 71.04
CA MET D 223 -3.39 8.84 70.26
C MET D 223 -3.79 10.24 70.71
N MET D 224 -3.79 10.48 72.03
CA MET D 224 -4.12 11.81 72.53
C MET D 224 -3.05 12.81 72.14
N LEU D 225 -1.79 12.40 72.07
CA LEU D 225 -0.78 13.28 71.50
C LEU D 225 -1.17 13.70 70.09
N GLY D 226 -1.71 12.77 69.30
CA GLY D 226 -2.13 13.10 67.95
C GLY D 226 -3.38 13.95 67.92
N GLN D 227 -4.31 13.69 68.84
CA GLN D 227 -5.45 14.60 69.03
C GLN D 227 -4.97 16.02 69.32
N SER D 228 -3.81 16.15 69.97
CA SER D 228 -3.35 17.47 70.38
C SER D 228 -2.74 18.25 69.22
N ILE D 229 -1.92 17.59 68.41
CA ILE D 229 -1.16 18.29 67.38
C ILE D 229 -1.95 18.39 66.07
N GLY D 230 -2.88 17.49 65.80
CA GLY D 230 -3.59 17.49 64.55
C GLY D 230 -2.68 17.20 63.36
N ASP D 231 -3.22 17.46 62.16
CA ASP D 231 -2.50 17.17 60.94
C ASP D 231 -2.67 18.29 59.91
N ARG D 232 -2.84 19.52 60.36
CA ARG D 232 -3.10 20.66 59.49
C ARG D 232 -2.13 21.80 59.79
N SER D 233 -0.85 21.45 59.88
CA SER D 233 0.23 22.40 60.11
C SER D 233 1.51 21.75 59.62
N LYS D 234 2.59 22.52 59.59
CA LYS D 234 3.87 21.94 59.25
C LYS D 234 4.37 21.12 60.43
N ARG D 235 4.28 19.81 60.32
CA ARG D 235 4.59 18.89 61.40
C ARG D 235 5.16 17.63 60.77
N LEU D 236 6.25 17.13 61.36
CA LEU D 236 6.91 15.92 60.88
C LEU D 236 7.08 14.96 62.03
N ILE D 237 6.49 13.77 61.90
CA ILE D 237 6.62 12.74 62.93
C ILE D 237 7.95 12.02 62.73
N PHE D 238 8.61 11.75 63.85
CA PHE D 238 9.78 10.88 63.88
C PHE D 238 9.43 9.62 64.67
N SER D 239 10.22 8.57 64.46
CA SER D 239 9.92 7.25 64.98
C SER D 239 11.13 6.69 65.70
N PHE D 240 10.93 6.24 66.93
CA PHE D 240 12.00 5.54 67.63
C PHE D 240 12.04 4.08 67.15
N HIS D 241 13.15 3.70 66.54
CA HIS D 241 13.34 2.38 65.97
C HIS D 241 14.29 1.58 66.84
N ARG D 242 13.96 0.31 67.05
CA ARG D 242 14.78 -0.51 67.93
C ARG D 242 16.20 -0.65 67.41
N GLU D 243 16.36 -0.88 66.11
CA GLU D 243 17.68 -0.98 65.52
C GLU D 243 18.30 0.39 65.29
N HIS D 244 17.68 1.20 64.43
CA HIS D 244 18.27 2.46 63.99
C HIS D 244 17.97 3.63 64.91
N LEU D 245 17.15 3.44 65.95
CA LEU D 245 16.83 4.50 66.90
C LEU D 245 15.98 5.57 66.22
N LEU D 246 16.41 6.83 66.26
CA LEU D 246 15.59 7.90 65.69
C LEU D 246 15.89 8.16 64.22
N ARG D 247 16.83 7.45 63.62
CA ARG D 247 17.07 7.54 62.19
C ARG D 247 16.16 6.59 61.44
N TRP D 248 15.79 6.98 60.22
CA TRP D 248 14.87 6.15 59.44
C TRP D 248 15.60 4.92 58.94
N PRO D 249 15.05 3.71 59.14
CA PRO D 249 15.75 2.51 58.66
C PRO D 249 16.05 2.49 57.17
N ASP D 250 15.15 2.96 56.33
CA ASP D 250 15.33 2.85 54.89
C ASP D 250 14.44 3.88 54.22
N GLN D 251 15.06 4.96 53.71
CA GLN D 251 14.30 6.01 53.05
C GLN D 251 13.73 5.55 51.71
N SER D 252 14.32 4.52 51.11
CA SER D 252 13.90 4.07 49.79
C SER D 252 12.76 3.07 49.85
N ALA D 253 12.54 2.44 51.00
CA ALA D 253 11.54 1.38 51.09
C ALA D 253 10.19 1.87 50.58
N GLU D 254 9.46 0.98 49.93
CA GLU D 254 8.07 1.25 49.59
C GLU D 254 7.17 0.89 50.77
N PRO D 255 6.09 1.63 50.98
CA PRO D 255 5.18 1.29 52.07
C PRO D 255 4.50 -0.03 51.80
N PRO D 256 4.23 -0.83 52.83
CA PRO D 256 3.54 -2.10 52.61
C PRO D 256 2.12 -1.84 52.14
N SER D 257 1.56 -2.85 51.48
CA SER D 257 0.12 -2.86 51.23
C SER D 257 -0.61 -3.06 52.54
N PHE D 258 -1.72 -2.35 52.72
CA PHE D 258 -2.56 -2.47 53.91
C PHE D 258 -3.79 -3.29 53.55
N LEU D 259 -3.88 -4.47 54.13
CA LEU D 259 -4.92 -5.44 53.80
C LEU D 259 -6.12 -5.23 54.70
N PHE D 260 -7.31 -5.22 54.11
CA PHE D 260 -8.53 -4.99 54.85
C PHE D 260 -9.45 -6.20 54.78
N THR D 261 -9.91 -6.63 55.94
CA THR D 261 -10.93 -7.67 56.07
C THR D 261 -12.20 -7.01 56.57
N PRO D 262 -13.24 -6.88 55.75
CA PRO D 262 -14.47 -6.23 56.23
C PRO D 262 -15.11 -7.05 57.34
N PRO D 263 -16.02 -6.46 58.10
CA PRO D 263 -16.66 -7.20 59.19
C PRO D 263 -17.78 -8.07 58.65
N PRO D 264 -18.08 -9.19 59.32
CA PRO D 264 -19.29 -9.93 58.97
C PRO D 264 -20.54 -9.10 59.27
N ASN D 265 -21.56 -9.31 58.46
CA ASN D 265 -22.88 -8.76 58.75
C ASN D 265 -23.34 -9.26 60.12
N GLY D 266 -24.09 -8.43 60.83
CA GLY D 266 -24.57 -8.82 62.14
C GLY D 266 -25.01 -7.60 62.94
N ASP D 267 -25.16 -7.83 64.26
CA ASP D 267 -25.63 -6.82 65.18
C ASP D 267 -24.68 -6.58 66.34
N GLY D 268 -23.69 -7.44 66.53
CA GLY D 268 -22.75 -7.29 67.63
C GLY D 268 -21.94 -6.02 67.50
N PRO D 269 -21.17 -5.71 68.54
CA PRO D 269 -20.35 -4.48 68.50
C PRO D 269 -19.30 -4.54 67.40
N LEU D 270 -19.06 -3.39 66.78
CA LEU D 270 -18.12 -3.29 65.68
C LEU D 270 -16.73 -3.02 66.22
N ALA D 271 -15.79 -3.90 65.87
CA ALA D 271 -14.42 -3.84 66.39
C ALA D 271 -13.46 -3.68 65.22
N LEU D 272 -12.64 -2.63 65.28
CA LEU D 272 -11.57 -2.42 64.33
C LEU D 272 -10.28 -2.98 64.93
N VAL D 273 -9.66 -3.94 64.25
CA VAL D 273 -8.43 -4.58 64.70
C VAL D 273 -7.32 -4.17 63.75
N LEU D 274 -6.28 -3.55 64.30
CA LEU D 274 -5.09 -3.17 63.54
C LEU D 274 -3.97 -4.15 63.87
N SER D 275 -3.62 -5.00 62.91
CA SER D 275 -2.55 -5.98 63.07
C SER D 275 -1.38 -5.52 62.19
N ILE D 276 -0.56 -4.61 62.73
CA ILE D 276 0.52 -3.96 62.00
C ILE D 276 1.88 -4.31 62.60
N SER D 277 2.05 -4.08 63.90
CA SER D 277 3.26 -4.55 64.57
C SER D 277 3.24 -6.06 64.74
N ALA D 278 2.05 -6.64 64.83
CA ALA D 278 1.86 -8.05 65.15
C ALA D 278 0.40 -8.39 64.91
N GLN D 279 0.11 -9.69 64.91
CA GLN D 279 -1.25 -10.17 64.69
C GLN D 279 -1.99 -10.18 66.02
N VAL D 280 -3.08 -9.43 66.10
CA VAL D 280 -3.92 -9.44 67.30
C VAL D 280 -4.72 -10.74 67.32
N PRO D 281 -4.66 -11.52 68.41
CA PRO D 281 -5.51 -12.71 68.50
C PRO D 281 -6.98 -12.34 68.59
N VAL D 282 -7.81 -13.07 67.85
CA VAL D 282 -9.25 -12.86 67.93
C VAL D 282 -9.73 -13.06 69.37
N ARG D 283 -9.22 -14.10 70.03
CA ARG D 283 -9.67 -14.44 71.38
C ARG D 283 -9.54 -13.24 72.31
N ASP D 284 -8.45 -12.47 72.19
CA ASP D 284 -8.28 -11.31 73.06
C ASP D 284 -9.35 -10.26 72.80
N VAL D 285 -9.84 -10.15 71.56
CA VAL D 285 -10.86 -9.15 71.27
C VAL D 285 -12.22 -9.61 71.79
N THR D 286 -12.60 -10.85 71.46
CA THR D 286 -13.90 -11.35 71.87
C THR D 286 -14.00 -11.45 73.39
N ASP D 287 -12.90 -11.84 74.05
CA ASP D 287 -12.90 -11.83 75.51
C ASP D 287 -13.30 -10.47 76.05
N ALA D 288 -12.62 -9.41 75.58
CA ALA D 288 -12.89 -8.07 76.08
C ALA D 288 -14.22 -7.53 75.57
N LEU D 289 -14.64 -7.96 74.38
CA LEU D 289 -15.82 -7.42 73.71
C LEU D 289 -16.63 -8.57 73.13
N PRO D 290 -17.38 -9.27 73.96
CA PRO D 290 -18.14 -10.44 73.48
C PRO D 290 -19.06 -10.08 72.32
N GLY D 291 -19.12 -11.00 71.35
CA GLY D 291 -19.95 -10.83 70.18
C GLY D 291 -19.39 -9.92 69.11
N ALA D 292 -18.15 -9.46 69.26
CA ALA D 292 -17.61 -8.46 68.37
C ALA D 292 -17.54 -8.97 66.93
N ARG D 293 -17.99 -8.14 65.99
CA ARG D 293 -17.78 -8.37 64.57
C ARG D 293 -16.48 -7.68 64.17
N ILE D 294 -15.49 -8.46 63.75
CA ILE D 294 -14.14 -7.94 63.56
C ILE D 294 -13.97 -7.45 62.13
N ALA D 295 -13.56 -6.20 61.97
CA ALA D 295 -12.96 -5.69 60.76
C ALA D 295 -11.48 -5.46 61.05
N GLU D 296 -10.62 -5.82 60.09
CA GLU D 296 -9.19 -5.86 60.36
C GLU D 296 -8.40 -5.17 59.26
N LEU D 297 -7.47 -4.32 59.67
CA LEU D 297 -6.46 -3.76 58.79
C LEU D 297 -5.12 -4.33 59.22
N SER D 298 -4.37 -4.87 58.27
CA SER D 298 -3.07 -5.44 58.59
C SER D 298 -2.12 -5.22 57.41
N ILE D 299 -0.90 -5.72 57.56
CA ILE D 299 0.06 -5.74 56.46
C ILE D 299 0.42 -7.20 56.19
N PRO D 300 1.04 -7.47 55.04
CA PRO D 300 1.44 -8.86 54.75
C PRO D 300 2.24 -9.53 55.85
N GLU D 301 3.31 -8.91 56.34
CA GLU D 301 4.08 -9.44 57.46
C GLU D 301 4.08 -8.46 58.62
N PRO D 302 3.14 -8.59 59.57
CA PRO D 302 3.19 -7.73 60.75
C PRO D 302 4.57 -7.80 61.40
N SER D 303 5.08 -6.64 61.80
CA SER D 303 6.44 -6.56 62.33
C SER D 303 6.60 -5.24 63.06
N TYR D 304 7.45 -5.27 64.10
CA TYR D 304 7.74 -4.07 64.87
C TYR D 304 8.60 -3.09 64.09
N ALA D 305 9.37 -3.56 63.12
CA ALA D 305 10.33 -2.72 62.41
C ALA D 305 9.77 -2.13 61.13
N MET D 306 8.45 -2.12 60.95
CA MET D 306 7.86 -1.82 59.65
C MET D 306 7.90 -0.34 59.30
N VAL D 307 8.15 0.55 60.26
CA VAL D 307 8.17 1.99 59.97
C VAL D 307 9.50 2.33 59.31
N GLN D 308 9.67 1.93 58.05
CA GLN D 308 10.95 2.09 57.36
C GLN D 308 11.24 3.54 57.01
N ASN D 309 10.22 4.38 56.95
CA ASN D 309 10.39 5.80 56.66
C ASN D 309 9.05 6.47 56.93
N ARG D 310 9.01 7.79 56.73
CA ARG D 310 7.79 8.54 57.07
C ARG D 310 6.66 8.23 56.10
N ARG D 311 6.97 7.95 54.83
CA ARG D 311 5.93 7.59 53.89
C ARG D 311 5.07 6.43 54.40
N VAL D 312 5.70 5.49 55.13
CA VAL D 312 4.94 4.37 55.69
C VAL D 312 3.84 4.89 56.63
N ILE D 313 4.13 5.96 57.38
CA ILE D 313 3.13 6.50 58.30
C ILE D 313 2.00 7.17 57.50
N HIS D 314 2.36 7.93 56.46
CA HIS D 314 1.34 8.55 55.63
C HIS D 314 0.50 7.51 54.90
N ALA D 315 1.15 6.43 54.44
CA ALA D 315 0.42 5.38 53.76
C ALA D 315 -0.55 4.67 54.71
N PHE D 316 -0.14 4.49 55.96
CA PHE D 316 -1.04 3.91 56.95
C PHE D 316 -2.29 4.76 57.15
N ARG D 317 -2.10 6.07 57.34
CA ARG D 317 -3.26 6.95 57.55
C ARG D 317 -4.17 6.96 56.33
N ASP D 318 -3.59 6.94 55.13
CA ASP D 318 -4.41 6.96 53.92
C ASP D 318 -5.31 5.73 53.87
N ALA D 319 -4.72 4.55 54.09
CA ALA D 319 -5.50 3.32 54.06
C ALA D 319 -6.51 3.28 55.20
N LEU D 320 -6.08 3.67 56.40
CA LEU D 320 -7.00 3.67 57.54
C LEU D 320 -8.22 4.54 57.27
N GLN D 321 -7.99 5.78 56.82
CA GLN D 321 -9.12 6.69 56.67
C GLN D 321 -10.09 6.19 55.60
N ILE D 322 -9.58 5.60 54.52
CA ILE D 322 -10.45 5.05 53.49
C ILE D 322 -11.39 4.02 54.08
N ARG D 323 -10.86 3.18 54.98
CA ARG D 323 -11.65 2.13 55.59
C ARG D 323 -12.54 2.65 56.70
N LEU D 324 -12.05 3.60 57.50
CA LEU D 324 -12.92 4.18 58.53
C LEU D 324 -14.16 4.80 57.89
N SER D 325 -13.99 5.47 56.75
CA SER D 325 -15.17 5.98 56.04
C SER D 325 -16.09 4.85 55.63
N GLN D 326 -15.52 3.73 55.15
CA GLN D 326 -16.36 2.60 54.78
C GLN D 326 -17.13 2.07 55.99
N LEU D 327 -16.44 1.91 57.12
CA LEU D 327 -17.07 1.36 58.31
C LEU D 327 -18.10 2.33 58.89
N GLU D 328 -17.82 3.62 58.84
CA GLU D 328 -18.73 4.59 59.44
C GLU D 328 -20.01 4.71 58.65
N ALA D 329 -19.94 4.51 57.33
CA ALA D 329 -21.15 4.47 56.52
C ALA D 329 -22.03 3.28 56.88
N LEU D 330 -21.46 2.26 57.52
CA LEU D 330 -22.20 1.04 57.81
C LEU D 330 -23.04 1.16 59.08
N THR D 331 -22.57 1.91 60.06
CA THR D 331 -23.23 1.93 61.35
C THR D 331 -23.02 3.28 62.02
N PRO D 332 -24.04 3.81 62.69
CA PRO D 332 -23.85 4.97 63.56
C PRO D 332 -23.31 4.65 64.94
N ASP D 333 -22.91 3.42 65.18
CA ASP D 333 -22.53 2.95 66.51
C ASP D 333 -21.03 3.11 66.71
N PRO D 334 -20.58 3.14 67.96
CA PRO D 334 -19.14 3.30 68.22
C PRO D 334 -18.33 2.18 67.57
N ILE D 335 -17.08 2.51 67.26
CA ILE D 335 -16.11 1.56 66.73
C ILE D 335 -15.07 1.31 67.82
N HIS D 336 -14.88 0.04 68.15
CA HIS D 336 -13.99 -0.39 69.23
C HIS D 336 -12.66 -0.78 68.61
N VAL D 337 -11.59 -0.15 69.07
CA VAL D 337 -10.28 -0.25 68.42
C VAL D 337 -9.36 -1.10 69.28
N PHE D 338 -8.80 -2.15 68.68
CA PHE D 338 -7.77 -2.99 69.29
C PHE D 338 -6.56 -2.96 68.35
N ALA D 339 -5.46 -2.35 68.80
CA ALA D 339 -4.38 -1.99 67.89
C ALA D 339 -3.03 -2.52 68.37
N ALA D 340 -2.36 -3.25 67.50
CA ALA D 340 -0.94 -3.57 67.64
C ALA D 340 -0.23 -2.77 66.54
N ILE D 341 0.13 -1.53 66.87
CA ILE D 341 0.69 -0.60 65.88
C ILE D 341 1.94 0.05 66.47
N PRO D 342 2.94 0.38 65.64
CA PRO D 342 4.08 1.15 66.15
C PRO D 342 3.61 2.47 66.74
N ALA D 343 4.49 3.08 67.54
CA ALA D 343 4.13 4.31 68.24
C ALA D 343 3.82 5.44 67.26
N ALA D 344 4.65 5.60 66.23
CA ALA D 344 4.42 6.68 65.28
C ALA D 344 3.06 6.56 64.62
N LEU D 345 2.63 5.33 64.31
CA LEU D 345 1.32 5.15 63.68
C LEU D 345 0.19 5.50 64.64
N ALA D 346 0.38 5.27 65.94
CA ALA D 346 -0.67 5.58 66.89
C ALA D 346 -0.89 7.09 67.01
N ILE D 347 0.18 7.88 66.85
CA ILE D 347 0.04 9.33 66.85
C ILE D 347 -0.74 9.79 65.63
N GLU D 348 -0.38 9.29 64.46
CA GLU D 348 -1.05 9.72 63.24
C GLU D 348 -2.52 9.33 63.26
N PHE D 349 -2.83 8.16 63.83
CA PHE D 349 -4.22 7.78 64.05
C PHE D 349 -4.97 8.87 64.81
N GLY D 350 -4.47 9.23 65.99
CA GLY D 350 -5.15 10.26 66.77
C GLY D 350 -5.25 11.57 66.03
N ALA D 351 -4.20 11.93 65.28
CA ALA D 351 -4.21 13.16 64.51
C ALA D 351 -5.23 13.11 63.38
N LEU D 352 -5.45 11.94 62.80
CA LEU D 352 -6.45 11.82 61.75
C LEU D 352 -7.82 12.27 62.25
N LEU D 353 -8.18 11.87 63.47
CA LEU D 353 -9.53 12.10 63.98
C LEU D 353 -9.69 13.46 64.65
N THR D 354 -9.30 14.52 63.91
CA THR D 354 -9.43 15.88 64.41
C THR D 354 -10.16 16.79 63.42
N THR D 355 -10.85 16.22 62.44
CA THR D 355 -11.76 17.02 61.63
C THR D 355 -12.91 17.52 62.50
N GLN D 356 -13.70 18.44 61.94
CA GLN D 356 -14.96 18.83 62.58
C GLN D 356 -15.84 17.60 62.79
N HIS D 357 -16.00 16.80 61.74
CA HIS D 357 -16.76 15.55 61.86
C HIS D 357 -16.11 14.64 62.88
N GLN D 358 -16.93 14.09 63.78
CA GLN D 358 -16.44 13.20 64.82
C GLN D 358 -17.37 12.01 64.94
N HIS D 359 -16.80 10.82 64.76
CA HIS D 359 -17.44 9.55 65.07
C HIS D 359 -16.84 9.03 66.35
N THR D 360 -17.63 8.28 67.12
CA THR D 360 -17.16 7.80 68.41
C THR D 360 -16.23 6.60 68.21
N TYR D 361 -15.04 6.67 68.80
CA TYR D 361 -14.07 5.58 68.77
C TYR D 361 -13.70 5.23 70.21
N LEU D 362 -13.87 3.97 70.59
CA LEU D 362 -13.53 3.49 71.93
C LEU D 362 -12.23 2.69 71.83
N ILE D 363 -11.17 3.21 72.45
CA ILE D 363 -9.83 2.65 72.32
C ILE D 363 -9.60 1.69 73.47
N PHE D 364 -9.13 0.48 73.14
CA PHE D 364 -8.83 -0.56 74.11
C PHE D 364 -7.32 -0.76 74.17
N ASP D 365 -6.80 -0.99 75.37
CA ASP D 365 -5.39 -1.33 75.54
C ASP D 365 -5.26 -2.42 76.58
N ARG D 366 -4.15 -3.16 76.48
CA ARG D 366 -3.87 -4.25 77.41
C ARG D 366 -3.58 -3.69 78.80
N ASP D 367 -4.38 -4.10 79.78
CA ASP D 367 -4.16 -3.73 81.18
C ASP D 367 -3.11 -4.68 81.75
N LYS D 368 -1.88 -4.18 81.93
CA LYS D 368 -0.80 -5.01 82.45
C LYS D 368 -1.14 -5.57 83.83
N GLU D 369 -2.11 -4.98 84.53
CA GLU D 369 -2.50 -5.42 85.86
C GLU D 369 -3.70 -6.36 85.85
N ASN D 370 -4.24 -6.69 84.67
CA ASN D 370 -5.34 -7.62 84.53
C ASN D 370 -5.02 -8.67 83.47
N GLN D 371 -3.83 -9.26 83.58
CA GLN D 371 -3.40 -10.36 82.70
C GLN D 371 -3.36 -9.94 81.24
N ASP D 372 -3.01 -8.69 80.97
CA ASP D 372 -2.91 -8.17 79.61
C ASP D 372 -4.25 -8.27 78.88
N ARG D 373 -5.34 -8.08 79.62
CA ARG D 373 -6.67 -8.09 79.03
C ARG D 373 -6.97 -6.75 78.37
N PHE D 374 -7.43 -6.80 77.12
CA PHE D 374 -7.89 -5.59 76.46
C PHE D 374 -9.03 -4.96 77.27
N THR D 375 -8.81 -3.75 77.76
CA THR D 375 -9.84 -3.01 78.48
C THR D 375 -9.97 -1.61 77.91
N GLN D 376 -11.18 -1.07 77.98
CA GLN D 376 -11.43 0.26 77.43
C GLN D 376 -10.70 1.31 78.25
N THR D 377 -10.08 2.26 77.55
CA THR D 377 -9.16 3.21 78.16
C THR D 377 -9.33 4.63 77.67
N LEU D 378 -9.88 4.85 76.48
CA LEU D 378 -9.98 6.20 75.94
C LEU D 378 -11.18 6.27 75.01
N GLN D 379 -11.94 7.36 75.13
CA GLN D 379 -13.02 7.65 74.22
C GLN D 379 -12.70 8.88 73.40
N LEU D 380 -12.95 8.81 72.10
CA LEU D 380 -12.78 9.91 71.18
C LEU D 380 -14.10 10.12 70.45
N GLY D 381 -14.52 11.38 70.34
CA GLY D 381 -15.72 11.68 69.59
C GLY D 381 -16.73 12.47 70.38
N PRO D 382 -17.95 12.63 69.84
CA PRO D 382 -18.99 13.47 70.44
C PRO D 382 -19.25 13.15 71.92
N PHE E 14 35.13 50.17 -31.85
CA PHE E 14 34.10 49.36 -31.14
C PHE E 14 34.51 47.89 -31.05
N ASN E 15 35.79 47.63 -31.27
CA ASN E 15 36.34 46.28 -31.24
C ASN E 15 37.14 46.09 -29.96
N THR E 16 36.70 45.15 -29.13
CA THR E 16 37.45 44.82 -27.92
C THR E 16 38.88 44.41 -28.29
N ASN E 17 39.86 45.07 -27.67
CA ASN E 17 41.26 44.79 -27.99
C ASN E 17 41.68 43.43 -27.41
N ASP E 18 42.90 43.03 -27.74
CA ASP E 18 43.36 41.69 -27.36
C ASP E 18 43.65 41.60 -25.87
N GLU E 19 44.23 42.65 -25.29
CA GLU E 19 44.49 42.64 -23.85
C GLU E 19 43.21 42.36 -23.07
N THR E 20 42.11 43.05 -23.43
CA THR E 20 40.87 42.85 -22.70
C THR E 20 40.29 41.48 -22.97
N LYS E 21 40.36 40.99 -24.22
CA LYS E 21 39.94 39.63 -24.49
C LYS E 21 40.73 38.65 -23.63
N ARG E 22 42.03 38.89 -23.47
CA ARG E 22 42.86 38.01 -22.65
C ARG E 22 42.39 38.04 -21.19
N ILE E 23 41.97 39.21 -20.72
CA ILE E 23 41.46 39.33 -19.36
C ILE E 23 40.16 38.54 -19.21
N VAL E 24 39.29 38.61 -20.22
CA VAL E 24 38.01 37.90 -20.14
C VAL E 24 38.24 36.39 -20.05
N TRP E 25 39.16 35.86 -20.86
CA TRP E 25 39.50 34.45 -20.77
C TRP E 25 40.12 34.12 -19.41
N THR E 26 40.95 35.01 -18.89
CA THR E 26 41.54 34.79 -17.57
C THR E 26 40.46 34.82 -16.49
N GLN E 27 39.74 35.93 -16.41
CA GLN E 27 38.67 36.14 -15.45
C GLN E 27 37.77 34.94 -15.24
N THR E 28 37.50 34.23 -16.34
CA THR E 28 36.46 33.22 -16.40
C THR E 28 37.01 31.80 -16.33
N ALA E 29 38.34 31.64 -16.23
CA ALA E 29 38.97 30.33 -16.28
C ALA E 29 38.61 29.57 -17.56
N GLY E 30 38.28 30.30 -18.62
CA GLY E 30 38.06 29.70 -19.92
C GLY E 30 36.80 28.88 -20.07
N HIS E 31 35.77 29.16 -19.28
CA HIS E 31 34.51 28.44 -19.30
C HIS E 31 33.37 29.39 -19.67
N CYS E 32 32.30 28.82 -20.22
CA CYS E 32 31.12 29.61 -20.56
C CYS E 32 30.40 30.06 -19.30
N GLU E 33 30.15 31.35 -19.18
CA GLU E 33 29.56 31.90 -17.97
C GLU E 33 28.10 31.52 -17.80
N LEU E 34 27.46 30.97 -18.84
CA LEU E 34 26.05 30.62 -18.75
C LEU E 34 25.79 29.13 -18.75
N CYS E 35 26.69 28.30 -19.26
CA CYS E 35 26.49 26.86 -19.25
C CYS E 35 27.65 26.08 -18.63
N GLY E 36 28.80 26.71 -18.38
CA GLY E 36 29.89 26.08 -17.67
C GLY E 36 30.78 25.19 -18.50
N THR E 37 30.58 25.11 -19.81
CA THR E 37 31.41 24.26 -20.65
C THR E 37 32.85 24.79 -20.71
N ASP E 38 33.80 23.87 -20.87
CA ASP E 38 35.20 24.24 -21.02
C ASP E 38 35.45 24.65 -22.47
N LEU E 39 35.89 25.90 -22.65
CA LEU E 39 36.13 26.49 -23.96
C LEU E 39 37.59 26.50 -24.34
N THR E 40 38.43 25.79 -23.60
CA THR E 40 39.84 25.69 -23.91
C THR E 40 40.19 24.40 -24.63
N PHE E 41 39.22 23.50 -24.83
CA PHE E 41 39.51 22.14 -25.26
C PHE E 41 38.27 21.53 -25.88
N ASP E 42 38.48 20.70 -26.91
CA ASP E 42 37.43 19.90 -27.53
C ASP E 42 37.58 18.47 -27.03
N TYR E 43 36.67 18.03 -26.15
CA TYR E 43 36.82 16.70 -25.58
C TYR E 43 36.42 15.58 -26.54
N ARG E 44 35.74 15.89 -27.64
CA ARG E 44 35.30 14.82 -28.54
C ARG E 44 36.49 14.22 -29.29
N ALA E 45 37.35 15.07 -29.86
CA ALA E 45 38.48 14.62 -30.65
C ALA E 45 39.83 14.95 -30.04
N GLY E 46 39.88 15.70 -28.94
CA GLY E 46 41.09 15.78 -28.14
C GLY E 46 42.07 16.87 -28.47
N LYS E 47 41.62 17.96 -29.09
CA LYS E 47 42.52 19.04 -29.47
C LYS E 47 42.27 20.26 -28.60
N PRO E 48 43.31 20.81 -27.97
CA PRO E 48 43.15 22.14 -27.36
C PRO E 48 42.72 23.14 -28.43
N MET E 49 41.72 23.95 -28.10
CA MET E 49 41.23 24.95 -29.03
C MET E 49 40.40 25.96 -28.27
N LYS E 50 40.67 27.23 -28.49
CA LYS E 50 39.93 28.32 -27.82
C LYS E 50 38.69 28.58 -28.66
N TRP E 51 37.61 27.88 -28.34
CA TRP E 51 36.38 27.94 -29.13
C TRP E 51 35.29 28.78 -28.46
N GLY E 52 35.66 29.58 -27.45
CA GLY E 52 34.73 30.52 -26.85
C GLY E 52 34.76 31.88 -27.53
N GLU E 53 33.75 32.70 -27.22
CA GLU E 53 33.56 34.00 -27.82
C GLU E 53 33.37 35.04 -26.71
N VAL E 54 33.95 36.22 -26.93
CA VAL E 54 33.83 37.34 -26.00
C VAL E 54 32.62 38.15 -26.44
N ALA E 55 31.49 37.93 -25.77
CA ALA E 55 30.22 38.53 -26.16
C ALA E 55 29.96 39.80 -25.36
N HIS E 56 29.25 40.73 -25.97
CA HIS E 56 28.92 42.02 -25.36
C HIS E 56 27.50 41.93 -24.80
N ILE E 57 27.32 42.35 -23.55
CA ILE E 57 25.98 42.41 -23.00
C ILE E 57 25.20 43.54 -23.66
N LEU E 58 25.69 44.77 -23.53
CA LEU E 58 25.12 45.91 -24.24
C LEU E 58 25.86 46.08 -25.56
N PRO E 59 25.17 46.05 -26.70
CA PRO E 59 25.87 46.12 -27.98
C PRO E 59 26.39 47.51 -28.27
N ALA E 60 27.30 47.58 -29.24
CA ALA E 60 27.79 48.88 -29.69
C ALA E 60 26.69 49.66 -30.42
N SER E 61 25.87 48.95 -31.22
CA SER E 61 24.76 49.57 -31.95
C SER E 61 23.49 49.53 -31.12
N PRO E 62 22.81 50.66 -30.90
CA PRO E 62 21.52 50.63 -30.21
C PRO E 62 20.48 49.76 -30.91
N LYS E 63 20.73 49.34 -32.15
CA LYS E 63 19.81 48.46 -32.85
C LYS E 63 20.03 46.99 -32.52
N GLY E 64 21.15 46.64 -31.90
CA GLY E 64 21.45 45.26 -31.59
C GLY E 64 20.73 44.79 -30.34
N PRO E 65 20.91 43.51 -30.02
CA PRO E 65 20.24 42.93 -28.85
C PRO E 65 20.65 43.66 -27.57
N ARG E 66 19.64 44.11 -26.81
CA ARG E 66 19.79 44.87 -25.58
C ARG E 66 20.30 46.28 -25.81
N GLY E 67 20.38 46.73 -27.06
CA GLY E 67 20.93 48.04 -27.34
C GLY E 67 20.13 49.15 -26.69
N ARG E 68 20.84 50.17 -26.23
CA ARG E 68 20.26 51.36 -25.63
C ARG E 68 20.85 52.60 -26.29
N ALA E 69 20.05 53.64 -26.45
CA ALA E 69 20.55 54.88 -27.01
C ALA E 69 21.53 55.56 -26.05
N ASP E 70 21.24 55.51 -24.75
CA ASP E 70 22.06 56.17 -23.73
C ASP E 70 23.28 55.36 -23.33
N HIS E 71 23.77 54.47 -24.19
CA HIS E 71 24.97 53.68 -23.92
C HIS E 71 26.10 54.19 -24.80
N ASP E 72 27.17 54.67 -24.18
CA ASP E 72 28.37 55.12 -24.90
C ASP E 72 29.23 53.90 -25.18
N ALA E 73 29.03 53.31 -26.35
CA ALA E 73 29.71 52.06 -26.69
C ALA E 73 31.22 52.19 -26.61
N GLU E 74 31.76 53.33 -27.05
CA GLU E 74 33.21 53.50 -27.08
C GLU E 74 33.79 53.40 -25.66
N ALA E 75 33.22 54.16 -24.72
CA ALA E 75 33.71 54.13 -23.35
C ALA E 75 33.53 52.77 -22.68
N HIS E 76 32.85 51.83 -23.35
CA HIS E 76 32.58 50.52 -22.77
C HIS E 76 33.02 49.37 -23.67
N THR E 77 33.67 49.68 -24.80
CA THR E 77 34.13 48.63 -25.70
C THR E 77 35.07 47.66 -25.01
N ASN E 78 35.84 48.13 -24.03
CA ASN E 78 36.82 47.31 -23.32
C ASN E 78 36.50 47.26 -21.82
N ASP E 79 35.22 47.35 -21.48
CA ASP E 79 34.75 47.31 -20.09
C ASP E 79 34.33 45.87 -19.78
N THR E 80 35.14 45.15 -19.00
CA THR E 80 34.87 43.74 -18.75
C THR E 80 33.55 43.52 -18.02
N ALA E 81 32.99 44.55 -17.40
CA ALA E 81 31.65 44.42 -16.85
C ALA E 81 30.60 44.23 -17.93
N ASN E 82 30.93 44.55 -19.18
CA ASN E 82 30.02 44.38 -20.30
C ASN E 82 30.36 43.17 -21.15
N LEU E 83 31.37 42.39 -20.77
CA LEU E 83 31.94 41.36 -21.62
C LEU E 83 31.89 40.02 -20.91
N MET E 84 31.24 39.05 -21.54
CA MET E 84 31.11 37.69 -21.01
C MET E 84 31.81 36.73 -21.97
N LEU E 85 32.48 35.71 -21.42
CA LEU E 85 32.98 34.60 -22.23
C LEU E 85 31.85 33.58 -22.37
N LEU E 86 31.49 33.26 -23.61
CA LEU E 86 30.36 32.38 -23.87
C LEU E 86 30.72 31.39 -24.96
N CYS E 87 30.12 30.20 -24.89
CA CYS E 87 30.23 29.27 -25.99
C CYS E 87 29.40 29.78 -27.15
N PRO E 88 29.69 29.31 -28.37
CA PRO E 88 28.96 29.84 -29.53
C PRO E 88 27.46 29.71 -29.41
N GLY E 89 26.96 28.64 -28.81
CA GLY E 89 25.51 28.47 -28.71
C GLY E 89 24.86 29.41 -27.72
N CYS E 90 25.46 29.57 -26.55
CA CYS E 90 24.90 30.49 -25.57
C CYS E 90 24.93 31.93 -26.09
N HIS E 91 26.00 32.30 -26.80
CA HIS E 91 26.05 33.65 -27.36
C HIS E 91 24.97 33.84 -28.41
N ASP E 92 24.82 32.91 -29.35
CA ASP E 92 23.78 33.05 -30.36
C ASP E 92 22.39 33.15 -29.71
N LYS E 93 22.14 32.36 -28.66
CA LYS E 93 20.81 32.39 -28.06
C LYS E 93 20.52 33.72 -27.38
N ILE E 94 21.49 34.28 -26.65
CA ILE E 94 21.21 35.52 -25.94
C ILE E 94 21.02 36.67 -26.93
N ASP E 95 21.64 36.58 -28.11
CA ASP E 95 21.49 37.62 -29.10
C ASP E 95 20.24 37.45 -29.97
N ARG E 96 19.62 36.27 -29.94
CA ARG E 96 18.38 36.02 -30.67
C ARG E 96 17.14 36.21 -29.81
N ASP E 97 17.30 36.57 -28.54
CA ASP E 97 16.16 36.73 -27.64
C ASP E 97 16.57 37.74 -26.55
N ALA E 98 16.71 39.00 -26.95
CA ALA E 98 17.10 40.04 -25.99
C ALA E 98 16.08 40.15 -24.87
N ASP E 99 14.79 40.04 -25.19
CA ASP E 99 13.78 40.11 -24.14
C ASP E 99 13.97 39.01 -23.10
N GLY E 100 14.30 37.80 -23.56
CA GLY E 100 14.48 36.68 -22.64
C GLY E 100 15.78 36.69 -21.88
N TYR E 101 16.76 37.50 -22.34
CA TYR E 101 18.05 37.65 -21.67
C TYR E 101 18.34 39.13 -21.49
N PRO E 102 17.58 39.83 -20.65
CA PRO E 102 17.77 41.28 -20.51
C PRO E 102 19.08 41.64 -19.85
N GLU E 103 19.47 42.92 -20.03
CA GLU E 103 20.73 43.41 -19.50
C GLU E 103 20.87 43.10 -18.01
N ASN E 104 19.85 43.44 -17.22
CA ASN E 104 19.97 43.29 -15.77
C ASN E 104 20.21 41.83 -15.40
N ASP E 105 19.60 40.89 -16.11
CA ASP E 105 19.77 39.48 -15.78
C ASP E 105 21.17 38.99 -16.16
N LEU E 106 21.65 39.37 -17.34
CA LEU E 106 22.98 38.92 -17.75
C LEU E 106 24.05 39.53 -16.85
N SER E 107 23.90 40.80 -16.50
CA SER E 107 24.90 41.44 -15.65
C SER E 107 24.95 40.77 -14.28
N GLY E 108 23.79 40.41 -13.72
CA GLY E 108 23.78 39.70 -12.45
C GLY E 108 24.45 38.35 -12.55
N LEU E 109 24.10 37.58 -13.57
CA LEU E 109 24.72 36.27 -13.77
C LEU E 109 26.22 36.39 -14.01
N HIS E 110 26.62 37.40 -14.79
CA HIS E 110 28.04 37.67 -15.06
C HIS E 110 28.79 37.96 -13.77
N GLN E 111 28.29 38.88 -12.95
CA GLN E 111 28.97 39.21 -11.71
C GLN E 111 28.98 38.02 -10.75
N ALA E 112 27.85 37.30 -10.65
CA ALA E 112 27.81 36.15 -9.76
C ALA E 112 28.85 35.10 -10.18
N TYR E 113 29.03 34.90 -11.48
CA TYR E 113 30.00 33.93 -11.96
C TYR E 113 31.43 34.36 -11.62
N LEU E 114 31.75 35.64 -11.81
CA LEU E 114 33.11 36.09 -11.53
C LEU E 114 33.43 35.97 -10.05
N GLU E 115 32.44 36.25 -9.18
CA GLU E 115 32.69 36.20 -7.75
C GLU E 115 33.02 34.78 -7.30
N ARG E 116 32.28 33.78 -7.80
CA ARG E 116 32.57 32.40 -7.43
C ARG E 116 34.00 32.01 -7.77
N ILE E 117 34.48 32.46 -8.94
CA ILE E 117 35.87 32.18 -9.29
C ILE E 117 36.81 32.90 -8.33
N ARG E 118 36.50 34.16 -7.98
CA ARG E 118 37.37 34.90 -7.06
C ARG E 118 37.43 34.20 -5.70
N LEU E 119 36.27 33.80 -5.17
CA LEU E 119 36.26 33.12 -3.88
C LEU E 119 37.08 31.84 -3.90
N ALA E 120 36.98 31.08 -5.00
CA ALA E 120 37.75 29.85 -5.12
C ALA E 120 39.25 30.15 -5.14
N ALA E 121 39.65 31.16 -5.90
CA ALA E 121 41.07 31.47 -6.02
C ALA E 121 41.65 31.97 -4.70
N THR E 122 40.83 32.59 -3.86
CA THR E 122 41.31 33.17 -2.62
C THR E 122 41.05 32.29 -1.40
N THR E 123 40.53 31.09 -1.59
CA THR E 123 40.34 30.18 -0.46
C THR E 123 41.65 29.51 -0.11
N PRO E 124 42.08 29.53 1.15
CA PRO E 124 43.30 28.79 1.52
C PRO E 124 43.06 27.29 1.48
N ASP E 125 44.09 26.57 1.04
CA ASP E 125 44.03 25.12 0.98
C ASP E 125 43.83 24.53 2.37
N GLY E 126 42.81 23.68 2.51
CA GLY E 126 42.53 23.00 3.76
C GLY E 126 42.75 21.50 3.73
N GLY E 127 43.44 20.97 2.73
CA GLY E 127 43.71 19.56 2.67
C GLY E 127 42.70 18.82 1.83
N ARG E 128 42.77 17.50 1.92
CA ARG E 128 41.89 16.62 1.17
C ARG E 128 40.94 15.92 2.14
N ALA E 129 39.80 15.50 1.59
CA ALA E 129 38.80 14.79 2.36
C ALA E 129 37.99 13.94 1.40
N ILE E 130 37.40 12.87 1.92
CA ILE E 130 36.56 11.98 1.12
C ILE E 130 35.13 12.51 1.18
N PRO E 131 34.54 12.90 0.05
CA PRO E 131 33.11 13.26 0.07
C PRO E 131 32.27 12.01 0.31
N LEU E 132 31.30 12.12 1.22
CA LEU E 132 30.41 10.99 1.52
C LEU E 132 29.01 11.50 1.74
N ILE E 133 28.07 10.97 0.96
CA ILE E 133 26.65 11.30 1.05
C ILE E 133 25.91 10.01 1.40
N VAL E 134 25.05 10.07 2.41
CA VAL E 134 24.26 8.92 2.82
C VAL E 134 22.81 9.36 2.93
N GLN E 135 21.96 8.81 2.08
CA GLN E 135 20.56 9.21 2.02
C GLN E 135 19.68 7.97 2.00
N SER E 136 18.49 8.10 2.57
CA SER E 136 17.55 7.00 2.62
C SER E 136 16.45 7.21 1.57
N GLN E 137 15.54 6.25 1.52
CA GLN E 137 14.36 6.32 0.68
C GLN E 137 13.12 6.02 1.51
N HIS E 138 13.13 6.39 2.78
CA HIS E 138 12.02 6.05 3.67
C HIS E 138 10.95 7.15 3.72
N PHE E 139 11.18 8.26 3.02
CA PHE E 139 10.19 9.34 2.90
C PHE E 139 9.23 9.04 1.76
N GLN E 140 8.05 9.67 1.82
CA GLN E 140 7.09 9.55 0.73
C GLN E 140 7.30 10.60 -0.35
N THR E 141 8.51 11.13 -0.46
CA THR E 141 8.88 12.11 -1.47
C THR E 141 10.31 11.80 -1.92
N ILE E 142 10.72 12.45 -3.02
CA ILE E 142 12.10 12.34 -3.47
C ILE E 142 13.04 12.85 -2.40
N ASN E 143 14.17 12.15 -2.23
CA ASN E 143 15.20 12.51 -1.26
C ASN E 143 16.55 12.37 -1.96
N ASP E 144 17.19 13.50 -2.27
CA ASP E 144 18.42 13.46 -3.08
C ASP E 144 19.31 14.64 -2.71
N ILE E 145 20.47 14.33 -2.15
CA ILE E 145 21.49 15.34 -1.84
C ILE E 145 22.37 15.52 -3.06
N PRO E 146 22.45 16.71 -3.66
CA PRO E 146 23.30 16.88 -4.83
C PRO E 146 24.79 16.79 -4.48
N VAL E 147 25.52 16.05 -5.32
CA VAL E 147 26.96 15.92 -5.13
C VAL E 147 27.65 17.28 -5.26
N ARG E 148 27.26 18.07 -6.27
CA ARG E 148 27.94 19.34 -6.48
C ARG E 148 27.86 20.23 -5.24
N ASP E 149 26.75 20.16 -4.52
CA ASP E 149 26.57 21.06 -3.37
C ASP E 149 27.50 20.68 -2.22
N LEU E 150 27.73 19.38 -2.02
CA LEU E 150 28.71 18.96 -1.03
C LEU E 150 30.12 19.35 -1.45
N LEU E 151 30.48 19.06 -2.70
CA LEU E 151 31.80 19.47 -3.19
C LEU E 151 31.97 20.98 -3.08
N THR E 152 30.88 21.74 -3.23
CA THR E 152 30.96 23.19 -3.15
C THR E 152 31.10 23.66 -1.71
N ALA E 153 30.41 23.00 -0.77
CA ALA E 153 30.61 23.33 0.64
C ALA E 153 32.02 22.96 1.08
N MET E 154 32.52 21.82 0.62
CA MET E 154 33.89 21.44 0.93
C MET E 154 34.88 22.48 0.40
N SER E 155 34.73 22.87 -0.87
CA SER E 155 35.65 23.83 -1.46
C SER E 155 35.67 25.14 -0.67
N ALA E 156 34.50 25.56 -0.18
CA ALA E 156 34.43 26.79 0.59
C ALA E 156 35.33 26.75 1.81
N GLU E 157 35.50 25.57 2.41
CA GLU E 157 36.38 25.39 3.56
C GLU E 157 37.77 24.89 3.15
N GLY E 158 38.12 25.01 1.87
CA GLY E 158 39.44 24.65 1.41
C GLY E 158 39.64 23.17 1.11
N LEU E 159 38.63 22.34 1.32
CA LEU E 159 38.76 20.91 1.11
C LEU E 159 38.53 20.53 -0.34
N THR E 160 39.41 19.68 -0.89
CA THR E 160 39.20 19.12 -2.20
C THR E 160 39.33 17.60 -2.13
N ALA E 161 38.78 16.93 -3.13
CA ALA E 161 38.82 15.48 -3.20
C ALA E 161 39.38 15.05 -4.54
N PHE E 162 39.84 13.80 -4.58
CA PHE E 162 40.36 13.24 -5.82
C PHE E 162 39.27 12.75 -6.76
N ASP E 163 38.09 12.44 -6.23
CA ASP E 163 36.95 12.03 -7.03
C ASP E 163 35.71 12.68 -6.42
N GLN E 164 34.55 12.43 -7.01
CA GLN E 164 33.33 13.04 -6.48
C GLN E 164 32.80 12.30 -5.27
N GLY E 165 33.47 11.24 -4.82
CA GLY E 165 33.20 10.65 -3.54
C GLY E 165 32.21 9.50 -3.60
N ILE E 166 31.68 9.20 -2.41
CA ILE E 166 30.79 8.07 -2.18
C ILE E 166 29.38 8.61 -1.98
N LYS E 167 28.40 8.00 -2.64
CA LYS E 167 26.99 8.33 -2.43
C LYS E 167 26.25 7.02 -2.22
N ILE E 168 25.69 6.85 -1.04
CA ILE E 168 24.94 5.65 -0.67
C ILE E 168 23.48 6.04 -0.50
N ALA E 169 22.60 5.26 -1.11
CA ALA E 169 21.16 5.46 -1.01
C ALA E 169 20.54 4.14 -0.54
N PHE E 170 19.98 4.14 0.67
CA PHE E 170 19.42 2.91 1.21
C PHE E 170 18.31 2.38 0.31
N ALA E 171 18.13 1.06 0.33
CA ALA E 171 16.93 0.48 -0.24
C ALA E 171 15.71 1.04 0.48
N ALA E 172 14.65 1.30 -0.28
CA ALA E 172 13.42 1.77 0.30
C ALA E 172 12.76 0.67 1.12
N PRO E 173 11.88 1.04 2.04
CA PRO E 173 11.10 0.01 2.75
C PRO E 173 10.20 -0.75 1.78
N GLY E 174 10.01 -2.03 2.06
CA GLY E 174 9.15 -2.87 1.26
C GLY E 174 7.70 -2.75 1.71
N PRO E 175 6.86 -3.69 1.29
CA PRO E 175 5.42 -3.58 1.59
C PRO E 175 5.07 -3.72 3.07
N ARG E 176 6.02 -4.12 3.92
CA ARG E 176 5.78 -4.27 5.35
C ARG E 176 6.31 -3.10 6.15
N GLY E 177 6.69 -2.01 5.48
CA GLY E 177 7.29 -0.89 6.16
C GLY E 177 8.75 -1.14 6.48
N ARG E 178 9.24 -0.43 7.49
CA ARG E 178 10.63 -0.55 7.94
C ARG E 178 10.73 -1.74 8.89
N ASP E 179 10.76 -2.94 8.29
CA ASP E 179 10.72 -4.20 9.01
C ASP E 179 12.14 -4.69 9.31
N THR E 180 12.25 -5.91 9.82
CA THR E 180 13.57 -6.49 10.08
C THR E 180 14.43 -6.48 8.82
N THR E 181 13.85 -6.88 7.68
CA THR E 181 14.59 -6.87 6.43
C THR E 181 15.08 -5.46 6.11
N TYR E 182 14.23 -4.45 6.30
CA TYR E 182 14.65 -3.08 6.04
C TYR E 182 15.85 -2.70 6.89
N TRP E 183 15.80 -3.00 8.19
CA TRP E 183 16.89 -2.61 9.07
C TRP E 183 18.14 -3.44 8.82
N GLN E 184 17.99 -4.69 8.37
CA GLN E 184 19.16 -5.45 7.95
C GLN E 184 19.82 -4.81 6.73
N ASN E 185 19.00 -4.32 5.80
CA ASN E 185 19.54 -3.59 4.66
C ASN E 185 20.28 -2.33 5.11
N VAL E 186 19.69 -1.57 6.03
CA VAL E 186 20.37 -0.40 6.57
C VAL E 186 21.74 -0.79 7.11
N LYS E 187 21.77 -1.81 7.97
CA LYS E 187 23.04 -2.25 8.54
C LYS E 187 24.03 -2.62 7.45
N ASP E 188 23.58 -3.40 6.45
CA ASP E 188 24.48 -3.79 5.37
C ASP E 188 25.02 -2.58 4.62
N SER E 189 24.15 -1.60 4.34
CA SER E 189 24.61 -0.40 3.63
C SER E 189 25.67 0.34 4.44
N VAL E 190 25.48 0.47 5.75
CA VAL E 190 26.41 1.25 6.56
C VAL E 190 27.68 0.47 6.85
N GLN E 191 27.55 -0.82 7.15
CA GLN E 191 28.69 -1.58 7.64
C GLN E 191 29.43 -2.33 6.54
N TYR E 192 28.76 -2.66 5.44
CA TYR E 192 29.37 -3.39 4.34
C TYR E 192 29.60 -2.50 3.13
N GLU E 193 28.53 -1.98 2.53
CA GLU E 193 28.65 -1.20 1.30
C GLU E 193 29.62 -0.03 1.48
N LEU E 194 29.42 0.75 2.55
CA LEU E 194 30.29 1.90 2.78
C LEU E 194 31.74 1.47 3.00
N GLU E 195 31.96 0.42 3.80
CA GLU E 195 33.32 -0.02 4.07
C GLU E 195 34.01 -0.47 2.78
N GLN E 196 33.27 -1.11 1.89
CA GLN E 196 33.88 -1.60 0.66
C GLN E 196 34.29 -0.45 -0.25
N GLN E 197 33.49 0.61 -0.31
CA GLN E 197 33.86 1.74 -1.14
C GLN E 197 35.03 2.51 -0.55
N LEU E 198 35.02 2.70 0.77
CA LEU E 198 36.18 3.32 1.43
C LEU E 198 37.44 2.51 1.21
N LYS E 199 37.33 1.17 1.28
CA LYS E 199 38.52 0.35 1.13
C LYS E 199 39.06 0.41 -0.29
N ARG E 200 38.17 0.34 -1.28
CA ARG E 200 38.60 0.43 -2.68
C ARG E 200 39.27 1.77 -2.95
N ARG E 201 38.53 2.86 -2.73
CA ARG E 201 39.11 4.20 -2.73
C ARG E 201 40.37 4.27 -1.89
N GLY E 202 40.50 3.40 -0.89
CA GLY E 202 41.70 3.29 -0.09
C GLY E 202 42.96 3.13 -0.92
N GLY E 203 44.02 3.82 -0.50
CA GLY E 203 45.24 3.91 -1.27
C GLY E 203 45.39 5.31 -1.84
N THR E 204 44.33 5.79 -2.49
CA THR E 204 44.36 7.12 -3.10
C THR E 204 44.42 8.23 -2.06
N TYR E 205 43.62 8.12 -1.00
CA TYR E 205 43.59 9.14 0.05
C TYR E 205 44.54 8.84 1.19
N GLY E 206 45.41 7.85 1.06
CA GLY E 206 46.39 7.57 2.08
C GLY E 206 45.89 6.64 3.17
N ASP E 207 46.53 6.74 4.33
CA ASP E 207 46.25 5.83 5.44
C ASP E 207 45.07 6.31 6.26
N SER E 208 45.15 7.54 6.78
CA SER E 208 44.12 8.12 7.65
C SER E 208 43.52 9.34 6.96
N PRO E 209 42.54 9.15 6.09
CA PRO E 209 41.93 10.28 5.40
C PRO E 209 40.73 10.87 6.14
N ALA E 210 40.54 12.16 5.92
CA ALA E 210 39.39 12.87 6.48
C ALA E 210 38.13 12.53 5.70
N LEU E 211 37.00 12.55 6.40
CA LEU E 211 35.69 12.23 5.81
C LEU E 211 34.81 13.47 5.87
N ALA E 212 34.32 13.90 4.70
CA ALA E 212 33.39 15.02 4.60
C ALA E 212 32.01 14.43 4.37
N VAL E 213 31.26 14.23 5.44
CA VAL E 213 30.04 13.44 5.40
C VAL E 213 28.82 14.33 5.58
N VAL E 214 27.79 14.05 4.81
CA VAL E 214 26.48 14.64 4.99
C VAL E 214 25.45 13.53 4.88
N GLY E 215 24.46 13.56 5.77
CA GLY E 215 23.44 12.52 5.80
C GLY E 215 22.05 13.11 5.79
N LEU E 216 21.13 12.35 5.23
CA LEU E 216 19.70 12.67 5.28
C LEU E 216 18.98 11.32 5.11
N ALA E 217 18.76 10.64 6.23
CA ALA E 217 18.32 9.26 6.24
C ALA E 217 17.69 9.00 7.61
N ASP E 218 17.22 7.77 7.82
CA ASP E 218 16.59 7.42 9.09
C ASP E 218 17.49 7.83 10.25
N ILE E 219 16.89 8.42 11.28
CA ILE E 219 17.68 8.83 12.44
C ILE E 219 18.48 7.68 13.02
N PRO E 220 17.92 6.48 13.21
CA PRO E 220 18.72 5.37 13.74
C PRO E 220 19.86 4.97 12.81
N ALA E 221 19.63 5.07 11.49
CA ALA E 221 20.68 4.76 10.53
C ALA E 221 21.81 5.78 10.60
N LEU E 222 21.47 7.06 10.75
CA LEU E 222 22.51 8.08 10.88
C LEU E 222 23.27 7.93 12.19
N MET E 223 22.61 7.52 13.27
CA MET E 223 23.34 7.24 14.50
C MET E 223 24.30 6.06 14.31
N MET E 224 23.86 5.02 13.59
CA MET E 224 24.76 3.91 13.30
C MET E 224 25.92 4.37 12.41
N LEU E 225 25.64 5.21 11.43
CA LEU E 225 26.71 5.75 10.59
C LEU E 225 27.74 6.49 11.44
N GLY E 226 27.29 7.43 12.27
CA GLY E 226 28.23 8.14 13.12
C GLY E 226 29.09 7.23 13.96
N GLN E 227 28.48 6.15 14.49
CA GLN E 227 29.25 5.22 15.32
C GLN E 227 30.36 4.55 14.52
N SER E 228 30.09 4.24 13.25
CA SER E 228 31.05 3.50 12.45
C SER E 228 32.21 4.39 12.03
N ILE E 229 31.94 5.67 11.75
CA ILE E 229 32.98 6.62 11.38
C ILE E 229 33.48 7.42 12.58
N GLY E 230 33.00 7.14 13.78
CA GLY E 230 33.36 7.90 14.96
C GLY E 230 34.81 7.76 15.32
N ASP E 231 35.21 6.56 15.75
CA ASP E 231 36.62 6.26 16.00
C ASP E 231 37.29 6.10 14.65
N ARG E 232 37.76 7.22 14.11
CA ARG E 232 38.29 7.31 12.76
C ARG E 232 39.07 8.62 12.69
N SER E 233 39.61 8.92 11.50
CA SER E 233 40.36 10.15 11.31
C SER E 233 39.40 11.35 11.45
N LYS E 234 39.88 12.53 11.07
CA LYS E 234 39.05 13.73 11.13
C LYS E 234 37.70 13.50 10.46
N ARG E 235 36.64 13.73 11.23
CA ARG E 235 35.27 13.64 10.75
C ARG E 235 34.76 15.06 10.60
N LEU E 236 34.56 15.50 9.36
CA LEU E 236 34.02 16.83 9.07
C LEU E 236 32.58 16.66 8.62
N ILE E 237 31.64 17.04 9.49
CA ILE E 237 30.22 16.82 9.24
C ILE E 237 29.65 18.04 8.54
N PHE E 238 28.92 17.81 7.46
CA PHE E 238 28.17 18.84 6.76
C PHE E 238 26.68 18.56 6.93
N SER E 239 25.87 19.52 6.49
CA SER E 239 24.46 19.44 6.80
C SER E 239 23.62 19.90 5.63
N PHE E 240 22.57 19.13 5.34
CA PHE E 240 21.54 19.53 4.39
C PHE E 240 20.49 20.37 5.10
N HIS E 241 20.26 21.57 4.58
CA HIS E 241 19.40 22.57 5.21
C HIS E 241 18.29 22.94 4.23
N ARG E 242 17.04 22.95 4.72
CA ARG E 242 15.91 23.15 3.84
C ARG E 242 16.04 24.46 3.04
N GLU E 243 16.56 25.52 3.65
CA GLU E 243 16.69 26.77 2.90
C GLU E 243 18.01 26.85 2.14
N HIS E 244 19.13 26.50 2.79
CA HIS E 244 20.45 26.77 2.24
C HIS E 244 21.13 25.56 1.63
N LEU E 245 20.45 24.41 1.55
CA LEU E 245 21.02 23.20 0.96
C LEU E 245 22.26 22.82 1.75
N LEU E 246 23.46 22.79 1.16
CA LEU E 246 24.67 22.38 1.86
C LEU E 246 25.49 23.55 2.37
N ARG E 247 25.15 24.77 1.98
CA ARG E 247 25.83 25.93 2.51
C ARG E 247 25.41 26.11 3.96
N TRP E 248 26.38 26.41 4.81
CA TRP E 248 26.05 26.74 6.19
C TRP E 248 25.16 27.98 6.20
N PRO E 249 24.01 27.94 6.90
CA PRO E 249 23.14 29.12 6.89
C PRO E 249 23.83 30.41 7.36
N ASP E 250 24.63 30.35 8.43
CA ASP E 250 25.17 31.58 9.04
C ASP E 250 26.40 31.20 9.84
N GLN E 251 27.58 31.48 9.29
CA GLN E 251 28.83 31.09 9.95
C GLN E 251 29.07 31.87 11.24
N SER E 252 28.45 33.04 11.39
CA SER E 252 28.64 33.89 12.57
C SER E 252 27.60 33.64 13.64
N ALA E 253 26.67 32.72 13.42
CA ALA E 253 25.61 32.47 14.39
C ALA E 253 26.20 31.90 15.68
N GLU E 254 25.72 32.41 16.80
CA GLU E 254 26.07 31.81 18.09
C GLU E 254 25.31 30.50 18.24
N PRO E 255 25.96 29.43 18.68
CA PRO E 255 25.23 28.18 18.89
C PRO E 255 24.12 28.38 19.90
N PRO E 256 23.01 27.67 19.75
CA PRO E 256 21.98 27.72 20.79
C PRO E 256 22.51 27.06 22.04
N SER E 257 21.85 27.37 23.15
CA SER E 257 22.20 26.77 24.44
C SER E 257 21.33 25.53 24.65
N PHE E 258 21.97 24.45 25.07
CA PHE E 258 21.30 23.17 25.27
C PHE E 258 20.97 23.02 26.76
N LEU E 259 19.69 22.82 27.06
CA LEU E 259 19.21 22.61 28.41
C LEU E 259 19.09 21.11 28.67
N PHE E 260 19.60 20.65 29.80
CA PHE E 260 19.51 19.25 30.18
C PHE E 260 18.57 19.10 31.37
N THR E 261 17.57 18.24 31.21
CA THR E 261 16.61 17.94 32.26
C THR E 261 16.98 16.58 32.85
N PRO E 262 17.49 16.52 34.08
CA PRO E 262 17.91 15.21 34.62
C PRO E 262 16.72 14.31 34.86
N PRO E 263 16.93 13.01 34.96
CA PRO E 263 15.82 12.07 35.09
C PRO E 263 15.41 11.92 36.55
N PRO E 264 14.14 11.63 36.83
CA PRO E 264 13.74 11.37 38.21
C PRO E 264 14.33 10.05 38.71
N ASN E 265 14.46 9.94 40.02
CA ASN E 265 14.97 8.70 40.59
C ASN E 265 13.93 7.58 40.41
N GLY E 266 14.38 6.36 40.66
CA GLY E 266 13.52 5.19 40.62
C GLY E 266 14.14 4.06 39.85
N ASP E 267 13.34 3.02 39.61
CA ASP E 267 13.79 1.81 38.95
C ASP E 267 13.34 1.71 37.49
N GLY E 268 12.52 2.65 37.02
CA GLY E 268 11.95 2.57 35.71
C GLY E 268 12.99 2.65 34.62
N PRO E 269 12.64 2.22 33.41
CA PRO E 269 13.59 2.30 32.28
C PRO E 269 13.98 3.75 31.99
N LEU E 270 15.27 3.96 31.79
CA LEU E 270 15.79 5.30 31.54
C LEU E 270 15.60 5.68 30.08
N ALA E 271 15.04 6.86 29.85
CA ALA E 271 14.77 7.36 28.51
C ALA E 271 15.52 8.68 28.31
N LEU E 272 16.28 8.76 27.23
CA LEU E 272 16.92 10.00 26.81
C LEU E 272 16.11 10.62 25.68
N VAL E 273 15.55 11.78 25.91
CA VAL E 273 14.73 12.48 24.92
C VAL E 273 15.53 13.67 24.39
N LEU E 274 15.63 13.78 23.08
CA LEU E 274 16.30 14.88 22.41
C LEU E 274 15.24 15.69 21.68
N SER E 275 14.98 16.90 22.17
CA SER E 275 13.99 17.81 21.59
C SER E 275 14.74 18.99 21.00
N ILE E 276 15.16 18.85 19.75
CA ILE E 276 16.01 19.87 19.10
C ILE E 276 15.35 20.36 17.83
N SER E 277 15.01 19.44 16.92
CA SER E 277 14.19 19.83 15.78
C SER E 277 12.79 20.19 16.22
N ALA E 278 12.30 19.55 17.27
CA ALA E 278 10.93 19.75 17.72
C ALA E 278 10.81 19.23 19.14
N GLN E 279 9.71 19.57 19.78
CA GLN E 279 9.41 19.08 21.11
C GLN E 279 8.81 17.68 21.00
N VAL E 280 9.48 16.69 21.59
CA VAL E 280 8.94 15.33 21.63
C VAL E 280 7.89 15.31 22.73
N PRO E 281 6.62 15.05 22.41
CA PRO E 281 5.59 15.00 23.47
C PRO E 281 5.86 13.87 24.46
N VAL E 282 5.90 14.22 25.75
CA VAL E 282 6.16 13.23 26.79
C VAL E 282 5.16 12.08 26.70
N ARG E 283 3.90 12.40 26.38
CA ARG E 283 2.90 11.35 26.22
C ARG E 283 3.38 10.26 25.27
N ASP E 284 4.14 10.65 24.24
CA ASP E 284 4.60 9.66 23.26
C ASP E 284 5.69 8.77 23.83
N VAL E 285 6.52 9.30 24.73
CA VAL E 285 7.60 8.49 25.29
C VAL E 285 7.03 7.49 26.29
N THR E 286 6.10 7.92 27.14
CA THR E 286 5.56 7.03 28.15
C THR E 286 4.54 6.05 27.56
N ASP E 287 3.91 6.41 26.45
CA ASP E 287 3.10 5.43 25.73
C ASP E 287 3.98 4.29 25.23
N ALA E 288 5.16 4.62 24.69
CA ALA E 288 6.04 3.61 24.10
C ALA E 288 6.84 2.87 25.16
N LEU E 289 7.12 3.52 26.29
CA LEU E 289 8.01 2.96 27.32
C LEU E 289 7.40 3.29 28.67
N PRO E 290 6.39 2.53 29.09
CA PRO E 290 5.72 2.84 30.36
C PRO E 290 6.69 2.78 31.53
N GLY E 291 6.55 3.73 32.44
CA GLY E 291 7.49 3.87 33.54
C GLY E 291 8.76 4.59 33.19
N ALA E 292 8.85 5.17 32.00
CA ALA E 292 10.06 5.86 31.58
C ALA E 292 10.48 6.90 32.61
N ARG E 293 11.77 6.93 32.90
CA ARG E 293 12.42 8.02 33.64
C ARG E 293 13.07 8.90 32.57
N ILE E 294 12.47 10.05 32.30
CA ILE E 294 12.86 10.86 31.15
C ILE E 294 13.95 11.85 31.56
N ALA E 295 15.13 11.69 30.97
CA ALA E 295 16.08 12.78 30.84
C ALA E 295 15.85 13.44 29.48
N GLU E 296 16.14 14.74 29.40
CA GLU E 296 15.84 15.45 28.16
C GLU E 296 16.88 16.53 27.90
N LEU E 297 17.39 16.54 26.68
CA LEU E 297 18.22 17.63 26.17
C LEU E 297 17.43 18.38 25.12
N SER E 298 17.38 19.70 25.23
CA SER E 298 16.53 20.51 24.36
C SER E 298 17.21 21.85 24.10
N ILE E 299 16.65 22.59 23.15
CA ILE E 299 17.04 23.97 22.93
C ILE E 299 15.82 24.84 23.19
N PRO E 300 16.01 26.13 23.45
CA PRO E 300 14.86 26.97 23.85
C PRO E 300 13.75 26.99 22.83
N GLU E 301 14.08 26.95 21.54
CA GLU E 301 13.10 27.03 20.46
C GLU E 301 13.41 25.91 19.46
N PRO E 302 12.90 24.70 19.71
CA PRO E 302 13.16 23.60 18.77
C PRO E 302 12.71 23.96 17.36
N SER E 303 13.60 23.73 16.39
CA SER E 303 13.41 24.20 15.02
C SER E 303 14.18 23.33 14.05
N TYR E 304 13.54 22.96 12.94
CA TYR E 304 14.22 22.23 11.88
C TYR E 304 15.43 22.98 11.34
N ALA E 305 15.49 24.30 11.51
CA ALA E 305 16.45 25.13 10.82
C ALA E 305 17.71 25.41 11.62
N MET E 306 17.86 24.76 12.77
CA MET E 306 18.80 25.21 13.78
C MET E 306 20.27 24.87 13.51
N VAL E 307 20.59 24.11 12.47
CA VAL E 307 21.99 23.82 12.16
C VAL E 307 22.50 24.98 11.30
N GLN E 308 22.95 26.04 11.97
CA GLN E 308 23.41 27.25 11.30
C GLN E 308 24.88 27.19 10.89
N ASN E 309 25.67 26.33 11.53
CA ASN E 309 27.08 26.18 11.21
C ASN E 309 27.57 24.97 11.99
N ARG E 310 28.83 24.59 11.75
CA ARG E 310 29.33 23.39 12.41
C ARG E 310 29.54 23.59 13.90
N ARG E 311 29.76 24.83 14.35
CA ARG E 311 29.90 25.07 15.79
C ARG E 311 28.68 24.55 16.55
N VAL E 312 27.49 24.71 15.96
CA VAL E 312 26.29 24.12 16.55
C VAL E 312 26.48 22.61 16.76
N ILE E 313 27.03 21.93 15.76
CA ILE E 313 27.23 20.49 15.87
C ILE E 313 28.23 20.17 16.97
N HIS E 314 29.33 20.92 17.02
CA HIS E 314 30.29 20.74 18.10
C HIS E 314 29.66 21.06 19.45
N ALA E 315 28.81 22.09 19.49
CA ALA E 315 28.15 22.44 20.75
C ALA E 315 27.23 21.32 21.21
N PHE E 316 26.45 20.75 20.29
CA PHE E 316 25.61 19.61 20.63
C PHE E 316 26.44 18.47 21.21
N ARG E 317 27.54 18.14 20.53
CA ARG E 317 28.45 17.11 21.03
C ARG E 317 28.90 17.40 22.45
N ASP E 318 29.30 18.64 22.72
CA ASP E 318 29.79 19.00 24.05
C ASP E 318 28.68 18.93 25.08
N ALA E 319 27.49 19.46 24.75
CA ALA E 319 26.38 19.44 25.69
C ALA E 319 25.98 18.03 26.12
N LEU E 320 26.27 17.04 25.29
CA LEU E 320 25.75 15.69 25.50
C LEU E 320 26.79 14.69 25.95
N GLN E 321 28.07 14.94 25.71
CA GLN E 321 29.08 13.93 26.02
C GLN E 321 29.05 13.56 27.50
N ILE E 322 29.04 14.54 28.40
CA ILE E 322 29.04 14.19 29.81
C ILE E 322 27.65 13.73 30.25
N ARG E 323 26.58 14.28 29.67
CA ARG E 323 25.25 13.82 30.06
C ARG E 323 25.10 12.32 29.81
N LEU E 324 25.76 11.77 28.79
CA LEU E 324 25.70 10.33 28.57
C LEU E 324 26.48 9.59 29.64
N SER E 325 27.68 10.06 29.98
CA SER E 325 28.42 9.49 31.09
C SER E 325 27.53 9.37 32.32
N GLN E 326 26.86 10.46 32.68
CA GLN E 326 26.06 10.46 33.89
C GLN E 326 24.86 9.52 33.78
N LEU E 327 24.20 9.50 32.63
CA LEU E 327 23.01 8.66 32.48
C LEU E 327 23.37 7.19 32.59
N GLU E 328 24.53 6.79 32.05
CA GLU E 328 24.90 5.38 32.09
C GLU E 328 25.16 4.89 33.50
N ALA E 329 25.65 5.77 34.38
CA ALA E 329 25.89 5.38 35.76
C ALA E 329 24.61 5.27 36.57
N LEU E 330 23.49 5.80 36.07
CA LEU E 330 22.23 5.77 36.80
C LEU E 330 21.40 4.52 36.56
N THR E 331 21.80 3.65 35.62
CA THR E 331 20.98 2.51 35.23
C THR E 331 21.87 1.43 34.67
N PRO E 332 21.59 0.15 34.92
CA PRO E 332 22.37 -0.92 34.28
C PRO E 332 21.75 -1.37 32.97
N ASP E 333 20.46 -1.10 32.82
CA ASP E 333 19.71 -1.43 31.61
C ASP E 333 20.04 -0.43 30.51
N PRO E 334 19.68 -0.74 29.26
CA PRO E 334 19.99 0.18 28.17
C PRO E 334 19.29 1.51 28.32
N ILE E 335 19.80 2.48 27.56
CA ILE E 335 19.21 3.81 27.47
C ILE E 335 18.35 3.87 26.22
N HIS E 336 17.12 4.33 26.39
CA HIS E 336 16.14 4.36 25.31
C HIS E 336 16.08 5.78 24.75
N VAL E 337 16.42 5.93 23.47
CA VAL E 337 16.60 7.23 22.85
C VAL E 337 15.35 7.55 22.03
N PHE E 338 14.75 8.71 22.31
CA PHE E 338 13.59 9.22 21.58
C PHE E 338 13.97 10.59 21.03
N ALA E 339 14.38 10.65 19.77
CA ALA E 339 15.07 11.82 19.26
C ALA E 339 14.30 12.47 18.13
N ALA E 340 14.10 13.78 18.24
CA ALA E 340 13.63 14.64 17.17
C ALA E 340 14.78 15.62 16.94
N ILE E 341 15.73 15.25 16.07
CA ILE E 341 16.96 16.02 15.90
C ILE E 341 17.29 16.14 14.42
N PRO E 342 18.03 17.18 14.05
CA PRO E 342 18.50 17.27 12.66
C PRO E 342 19.38 16.08 12.29
N ALA E 343 19.40 15.78 10.99
CA ALA E 343 20.19 14.65 10.51
C ALA E 343 21.66 14.80 10.91
N ALA E 344 22.20 16.01 10.76
CA ALA E 344 23.61 16.20 11.10
C ALA E 344 23.89 15.87 12.55
N LEU E 345 22.95 16.14 13.45
CA LEU E 345 23.15 15.86 14.86
C LEU E 345 22.92 14.39 15.19
N ALA E 346 22.22 13.65 14.32
CA ALA E 346 22.12 12.21 14.51
C ALA E 346 23.46 11.53 14.23
N ILE E 347 24.17 12.00 13.20
CA ILE E 347 25.51 11.46 12.94
C ILE E 347 26.40 11.71 14.14
N GLU E 348 26.44 12.96 14.62
CA GLU E 348 27.31 13.29 15.74
C GLU E 348 26.95 12.50 16.98
N PHE E 349 25.65 12.31 17.23
CA PHE E 349 25.24 11.52 18.39
C PHE E 349 25.82 10.12 18.33
N GLY E 350 25.71 9.47 17.16
CA GLY E 350 26.26 8.14 17.01
C GLY E 350 27.76 8.08 17.15
N ALA E 351 28.46 9.14 16.71
CA ALA E 351 29.90 9.18 16.85
C ALA E 351 30.36 9.32 18.29
N LEU E 352 29.45 9.65 19.22
CA LEU E 352 29.80 9.68 20.64
C LEU E 352 29.85 8.29 21.25
N LEU E 353 29.20 7.30 20.63
CA LEU E 353 29.07 5.96 21.21
C LEU E 353 30.17 5.03 20.70
N THR E 354 31.42 5.37 21.03
CA THR E 354 32.57 4.68 20.46
C THR E 354 33.53 4.26 21.57
N THR E 355 33.17 3.18 22.27
CA THR E 355 34.02 2.58 23.30
C THR E 355 34.02 3.40 24.58
N GLN E 356 33.74 4.70 24.49
CA GLN E 356 33.54 5.51 25.68
C GLN E 356 32.27 5.09 26.42
N HIS E 357 31.27 4.65 25.67
CA HIS E 357 29.94 4.35 26.20
C HIS E 357 29.53 2.97 25.72
N GLN E 358 30.21 1.95 26.27
CA GLN E 358 29.86 0.56 25.98
C GLN E 358 28.43 0.23 26.38
N HIS E 359 27.79 1.10 27.15
CA HIS E 359 26.37 0.95 27.48
C HIS E 359 25.56 0.77 26.21
N THR E 360 24.50 -0.04 26.30
CA THR E 360 23.63 -0.29 25.16
C THR E 360 22.60 0.82 25.03
N TYR E 361 22.41 1.30 23.80
CA TYR E 361 21.41 2.31 23.48
C TYR E 361 20.39 1.70 22.53
N LEU E 362 19.11 1.72 22.95
CA LEU E 362 18.01 1.29 22.10
C LEU E 362 17.36 2.52 21.49
N ILE E 363 17.38 2.61 20.17
CA ILE E 363 16.90 3.78 19.45
C ILE E 363 15.46 3.52 19.01
N PHE E 364 14.56 4.38 19.46
CA PHE E 364 13.17 4.36 19.04
C PHE E 364 12.97 5.37 17.91
N ASP E 365 11.90 5.18 17.15
CA ASP E 365 11.62 6.08 16.04
C ASP E 365 10.14 6.00 15.72
N ARG E 366 9.65 7.04 15.05
CA ARG E 366 8.23 7.10 14.69
C ARG E 366 7.90 6.03 13.67
N ASP E 367 6.80 5.31 13.93
CA ASP E 367 6.43 4.13 13.17
C ASP E 367 5.17 4.42 12.38
N LYS E 368 5.28 4.45 11.05
CA LYS E 368 4.12 4.69 10.20
C LYS E 368 3.15 3.51 10.22
N GLU E 369 3.62 2.32 10.61
CA GLU E 369 2.76 1.15 10.73
C GLU E 369 2.02 1.09 12.06
N ASN E 370 2.22 2.07 12.94
CA ASN E 370 1.57 2.10 14.25
C ASN E 370 1.17 3.52 14.62
N GLN E 371 0.45 4.18 13.70
CA GLN E 371 -0.18 5.47 13.97
C GLN E 371 0.79 6.49 14.58
N ASP E 372 2.03 6.48 14.11
CA ASP E 372 3.09 7.41 14.49
C ASP E 372 3.64 7.18 15.90
N ARG E 373 3.27 6.08 16.56
CA ARG E 373 3.84 5.81 17.87
C ARG E 373 5.33 5.50 17.76
N PHE E 374 6.07 5.85 18.81
CA PHE E 374 7.46 5.42 18.89
C PHE E 374 7.54 3.90 18.97
N THR E 375 8.47 3.31 18.23
CA THR E 375 8.76 1.89 18.35
C THR E 375 10.26 1.68 18.27
N GLN E 376 10.74 0.61 18.90
CA GLN E 376 12.16 0.32 18.94
C GLN E 376 12.66 -0.10 17.57
N THR E 377 13.86 0.37 17.23
CA THR E 377 14.48 0.01 15.95
C THR E 377 15.86 -0.59 16.15
N LEU E 378 16.91 0.17 15.84
CA LEU E 378 18.27 -0.35 15.95
C LEU E 378 18.75 -0.34 17.40
N GLN E 379 19.66 -1.27 17.69
CA GLN E 379 20.40 -1.29 18.95
C GLN E 379 21.84 -0.94 18.65
N LEU E 380 22.40 0.01 19.41
CA LEU E 380 23.78 0.44 19.24
C LEU E 380 24.55 0.12 20.51
N GLY E 381 25.72 -0.49 20.36
CA GLY E 381 26.53 -0.88 21.48
C GLY E 381 28.00 -0.83 21.15
N PRO E 382 28.83 -1.60 21.88
CA PRO E 382 30.27 -1.62 21.60
C PRO E 382 30.61 -2.34 20.29
N PHE F 14 61.07 29.34 -13.85
CA PHE F 14 60.86 28.69 -15.17
C PHE F 14 60.80 29.77 -16.25
N ASN F 15 60.98 29.36 -17.51
CA ASN F 15 60.77 30.23 -18.66
C ASN F 15 59.88 29.48 -19.64
N THR F 16 58.84 30.15 -20.13
CA THR F 16 57.86 29.50 -21.00
C THR F 16 57.50 30.42 -22.15
N ASN F 17 56.73 29.88 -23.09
CA ASN F 17 56.29 30.64 -24.25
C ASN F 17 55.28 31.71 -23.84
N ASP F 18 54.74 32.40 -24.84
CA ASP F 18 53.61 33.30 -24.63
C ASP F 18 52.29 32.57 -24.69
N GLU F 19 52.23 31.44 -25.41
CA GLU F 19 51.03 30.62 -25.39
C GLU F 19 50.91 29.84 -24.08
N THR F 20 52.02 29.24 -23.63
CA THR F 20 52.03 28.58 -22.33
C THR F 20 51.57 29.55 -21.24
N LYS F 21 51.99 30.82 -21.33
CA LYS F 21 51.56 31.80 -20.36
C LYS F 21 50.05 32.00 -20.41
N ARG F 22 49.48 32.09 -21.63
CA ARG F 22 48.04 32.27 -21.75
C ARG F 22 47.27 31.06 -21.21
N ILE F 23 47.84 29.85 -21.34
CA ILE F 23 47.16 28.66 -20.84
C ILE F 23 47.15 28.65 -19.31
N VAL F 24 48.31 28.94 -18.71
CA VAL F 24 48.43 28.88 -17.26
C VAL F 24 47.60 29.99 -16.61
N TRP F 25 47.63 31.19 -17.18
CA TRP F 25 46.81 32.28 -16.65
C TRP F 25 45.33 31.93 -16.70
N THR F 26 44.90 31.21 -17.74
CA THR F 26 43.49 30.87 -17.86
C THR F 26 43.09 29.82 -16.83
N GLN F 27 43.86 28.74 -16.72
CA GLN F 27 43.47 27.65 -15.83
C GLN F 27 43.51 28.06 -14.36
N THR F 28 44.31 29.09 -14.01
CA THR F 28 44.38 29.60 -12.65
C THR F 28 43.48 30.80 -12.41
N ALA F 29 42.80 31.31 -13.44
CA ALA F 29 41.95 32.49 -13.34
C ALA F 29 42.75 33.73 -12.93
N GLY F 30 44.07 33.71 -13.14
CA GLY F 30 44.88 34.89 -12.94
C GLY F 30 45.21 35.23 -11.51
N HIS F 31 45.17 34.27 -10.59
CA HIS F 31 45.53 34.50 -9.20
C HIS F 31 46.79 33.74 -8.85
N CYS F 32 47.53 34.25 -7.87
CA CYS F 32 48.63 33.49 -7.29
C CYS F 32 48.07 32.27 -6.56
N GLU F 33 48.64 31.10 -6.83
CA GLU F 33 48.09 29.88 -6.26
C GLU F 33 48.48 29.68 -4.79
N LEU F 34 49.46 30.42 -4.30
CA LEU F 34 49.90 30.27 -2.91
C LEU F 34 49.33 31.33 -1.98
N CYS F 35 49.13 32.57 -2.45
CA CYS F 35 48.59 33.61 -1.60
C CYS F 35 47.20 34.07 -2.04
N GLY F 36 46.81 33.83 -3.29
CA GLY F 36 45.49 34.15 -3.76
C GLY F 36 45.28 35.55 -4.28
N THR F 37 46.35 36.34 -4.41
N THR F 37 46.36 36.32 -4.44
CA THR F 37 46.16 37.72 -4.84
CA THR F 37 46.26 37.70 -4.90
C THR F 37 45.82 37.78 -6.33
C THR F 37 45.78 37.73 -6.35
N ASP F 38 45.06 38.79 -6.70
CA ASP F 38 44.56 38.95 -8.06
C ASP F 38 45.66 39.59 -8.91
N LEU F 39 46.27 38.80 -9.78
CA LEU F 39 47.40 39.27 -10.57
C LEU F 39 46.98 40.02 -11.83
N THR F 40 45.68 40.21 -12.06
CA THR F 40 45.20 41.11 -13.09
C THR F 40 45.04 42.54 -12.59
N PHE F 41 45.52 42.83 -11.39
CA PHE F 41 45.17 44.08 -10.71
C PHE F 41 45.57 45.30 -11.54
N ASP F 42 46.74 45.27 -12.17
CA ASP F 42 47.16 46.41 -12.97
C ASP F 42 46.10 46.75 -14.02
N TYR F 43 45.54 45.72 -14.67
CA TYR F 43 44.46 45.98 -15.62
C TYR F 43 43.28 46.68 -14.95
N ARG F 44 42.93 46.24 -13.73
CA ARG F 44 41.87 46.91 -13.00
C ARG F 44 42.26 48.33 -12.60
N ALA F 45 43.57 48.61 -12.56
CA ALA F 45 44.08 49.95 -12.29
C ALA F 45 44.22 50.79 -13.55
N GLY F 46 43.58 50.37 -14.64
CA GLY F 46 43.74 51.09 -15.89
C GLY F 46 45.16 51.12 -16.41
N LYS F 47 46.03 50.26 -15.89
CA LYS F 47 47.44 50.23 -16.29
C LYS F 47 47.70 49.08 -17.24
N PRO F 48 48.78 49.16 -18.03
CA PRO F 48 49.07 48.08 -18.98
C PRO F 48 49.40 46.78 -18.26
N MET F 49 48.97 45.67 -18.85
CA MET F 49 49.24 44.35 -18.31
C MET F 49 50.60 43.89 -18.83
N LYS F 50 51.57 43.82 -17.93
CA LYS F 50 52.88 43.21 -18.22
C LYS F 50 52.80 41.81 -17.62
N TRP F 51 52.27 40.87 -18.41
CA TRP F 51 52.02 39.52 -17.90
C TRP F 51 53.30 38.87 -17.40
N GLY F 52 54.40 39.00 -18.15
CA GLY F 52 55.65 38.41 -17.75
C GLY F 52 56.26 39.02 -16.51
N GLU F 53 55.80 40.20 -16.09
CA GLU F 53 56.39 40.91 -14.97
C GLU F 53 55.63 40.69 -13.66
N VAL F 54 54.29 40.71 -13.71
CA VAL F 54 53.50 40.62 -12.49
C VAL F 54 53.37 39.20 -11.95
N ALA F 55 53.90 38.20 -12.66
CA ALA F 55 53.73 36.82 -12.26
C ALA F 55 54.86 35.96 -12.81
N HIS F 56 55.15 34.87 -12.12
CA HIS F 56 56.12 33.87 -12.55
C HIS F 56 55.44 32.52 -12.67
N ILE F 57 55.78 31.78 -13.73
CA ILE F 57 55.26 30.43 -13.95
C ILE F 57 56.32 29.43 -13.53
N LEU F 58 55.93 28.47 -12.70
CA LEU F 58 56.86 27.53 -12.09
C LEU F 58 56.27 26.13 -12.06
N PRO F 59 57.06 25.09 -12.35
CA PRO F 59 56.55 23.73 -12.23
C PRO F 59 56.24 23.39 -10.79
N ALA F 60 55.27 22.49 -10.59
CA ALA F 60 54.85 22.15 -9.24
C ALA F 60 55.76 21.11 -8.60
N SER F 61 56.39 20.25 -9.39
CA SER F 61 57.24 19.20 -8.86
C SER F 61 58.68 19.35 -9.35
N PRO F 62 59.67 19.03 -8.51
CA PRO F 62 61.08 19.10 -8.93
C PRO F 62 61.47 17.95 -9.85
N ASP F 79 52.73 19.88 -21.00
CA ASP F 79 52.78 19.68 -19.56
C ASP F 79 52.24 20.89 -18.79
N THR F 80 51.51 21.76 -19.48
CA THR F 80 50.95 22.94 -18.83
C THR F 80 50.13 22.59 -17.60
N ALA F 81 49.65 21.34 -17.51
CA ALA F 81 48.74 20.98 -16.44
C ALA F 81 49.41 21.09 -15.06
N ASN F 82 50.73 20.94 -15.00
CA ASN F 82 51.45 21.00 -13.73
C ASN F 82 52.38 22.20 -13.65
N LEU F 83 52.03 23.29 -14.32
CA LEU F 83 52.70 24.56 -14.18
C LEU F 83 51.85 25.49 -13.31
N MET F 84 52.51 26.16 -12.37
CA MET F 84 51.84 27.03 -11.40
C MET F 84 52.00 28.49 -11.77
N LEU F 85 51.02 29.31 -11.35
CA LEU F 85 51.08 30.76 -11.47
C LEU F 85 51.26 31.34 -10.07
N LEU F 86 52.36 32.04 -9.85
CA LEU F 86 52.67 32.64 -8.57
C LEU F 86 52.99 34.12 -8.74
N CYS F 87 52.69 34.90 -7.71
CA CYS F 87 53.13 36.29 -7.69
C CYS F 87 54.64 36.32 -7.44
N PRO F 88 55.29 37.44 -7.74
CA PRO F 88 56.74 37.51 -7.52
C PRO F 88 57.13 37.30 -6.07
N GLY F 89 56.34 37.81 -5.12
CA GLY F 89 56.64 37.59 -3.72
C GLY F 89 56.71 36.12 -3.35
N CYS F 90 55.64 35.38 -3.62
CA CYS F 90 55.60 33.96 -3.27
C CYS F 90 56.62 33.17 -4.06
N HIS F 91 57.00 33.64 -5.25
CA HIS F 91 58.00 32.95 -6.05
C HIS F 91 59.36 33.01 -5.38
N ASP F 92 59.76 34.18 -4.88
CA ASP F 92 61.04 34.30 -4.21
C ASP F 92 61.15 33.36 -3.02
N LYS F 93 60.09 33.30 -2.19
CA LYS F 93 60.15 32.49 -0.98
C LYS F 93 60.32 31.01 -1.28
N ILE F 94 60.14 30.58 -2.52
CA ILE F 94 60.15 29.17 -2.87
C ILE F 94 61.58 28.75 -3.21
N ASP F 95 62.08 27.78 -2.46
CA ASP F 95 63.40 27.20 -2.73
C ASP F 95 63.41 26.60 -4.13
N ARG F 96 64.36 27.04 -4.95
CA ARG F 96 64.42 26.67 -6.35
C ARG F 96 65.83 26.23 -6.72
N ASP F 97 65.95 25.67 -7.92
CA ASP F 97 67.23 25.27 -8.49
C ASP F 97 67.41 25.96 -9.84
N ALA F 98 68.59 25.80 -10.42
CA ALA F 98 68.82 26.25 -11.78
C ALA F 98 67.75 25.68 -12.71
N ASP F 99 67.35 26.47 -13.70
CA ASP F 99 66.27 26.21 -14.64
C ASP F 99 64.91 26.60 -14.08
N GLY F 100 64.80 26.91 -12.79
CA GLY F 100 63.58 27.44 -12.23
C GLY F 100 62.62 26.43 -11.65
N TYR F 101 63.05 25.20 -11.42
CA TYR F 101 62.17 24.21 -10.80
C TYR F 101 62.15 24.42 -9.28
N PRO F 102 61.06 24.02 -8.62
CA PRO F 102 61.00 24.14 -7.16
C PRO F 102 61.90 23.12 -6.50
N GLU F 103 62.14 23.32 -5.21
CA GLU F 103 62.91 22.35 -4.43
C GLU F 103 62.02 21.21 -3.97
N ASN F 104 60.93 21.53 -3.27
CA ASN F 104 60.02 20.53 -2.74
C ASN F 104 58.88 20.30 -3.73
N ASP F 105 57.91 19.49 -3.32
CA ASP F 105 56.76 19.16 -4.15
C ASP F 105 55.60 20.08 -3.80
N LEU F 106 55.07 20.77 -4.82
CA LEU F 106 53.89 21.61 -4.68
C LEU F 106 52.70 21.04 -5.45
N SER F 107 52.85 19.83 -6.00
CA SER F 107 51.81 19.28 -6.86
C SER F 107 50.48 19.13 -6.11
N GLY F 108 50.54 18.92 -4.80
CA GLY F 108 49.30 18.75 -4.05
C GLY F 108 48.52 20.05 -3.94
N LEU F 109 49.18 21.11 -3.47
CA LEU F 109 48.51 22.40 -3.34
C LEU F 109 48.09 22.93 -4.71
N HIS F 110 48.87 22.61 -5.75
CA HIS F 110 48.58 23.12 -7.07
C HIS F 110 47.39 22.40 -7.70
N GLN F 111 47.31 21.08 -7.52
CA GLN F 111 46.16 20.36 -8.06
C GLN F 111 44.89 20.76 -7.32
N ALA F 112 44.96 20.94 -6.00
CA ALA F 112 43.80 21.36 -5.25
C ALA F 112 43.34 22.75 -5.68
N TYR F 113 44.29 23.64 -5.99
CA TYR F 113 43.91 24.96 -6.45
C TYR F 113 43.15 24.89 -7.77
N LEU F 114 43.70 24.15 -8.75
CA LEU F 114 43.00 23.97 -10.01
C LEU F 114 41.63 23.33 -9.79
N GLU F 115 41.53 22.42 -8.83
CA GLU F 115 40.27 21.74 -8.57
C GLU F 115 39.20 22.73 -8.11
N ARG F 116 39.58 23.65 -7.21
CA ARG F 116 38.65 24.67 -6.74
C ARG F 116 38.22 25.59 -7.86
N ILE F 117 39.14 25.95 -8.76
CA ILE F 117 38.77 26.81 -9.87
C ILE F 117 37.77 26.09 -10.78
N ARG F 118 38.07 24.84 -11.14
CA ARG F 118 37.20 24.10 -12.05
C ARG F 118 35.79 23.98 -11.47
N LEU F 119 35.69 23.63 -10.19
CA LEU F 119 34.38 23.52 -9.56
C LEU F 119 33.61 24.84 -9.67
N ALA F 120 34.30 25.96 -9.47
CA ALA F 120 33.64 27.25 -9.59
C ALA F 120 33.27 27.56 -11.03
N ALA F 121 34.19 27.29 -11.96
CA ALA F 121 33.94 27.61 -13.37
C ALA F 121 32.80 26.78 -13.94
N THR F 122 32.56 25.59 -13.42
CA THR F 122 31.50 24.74 -13.95
C THR F 122 30.18 24.95 -13.22
N THR F 123 30.10 25.90 -12.29
CA THR F 123 28.88 26.04 -11.51
C THR F 123 27.63 26.25 -12.36
N PRO F 124 27.67 26.94 -13.49
CA PRO F 124 26.42 27.14 -14.25
C PRO F 124 25.72 25.85 -14.64
N ASP F 125 26.46 24.74 -14.83
CA ASP F 125 25.77 23.51 -15.18
C ASP F 125 25.07 22.87 -13.99
N GLY F 126 25.34 23.36 -12.77
CA GLY F 126 24.55 22.95 -11.63
C GLY F 126 23.17 23.56 -11.57
N GLY F 127 22.80 24.34 -12.58
CA GLY F 127 21.49 24.95 -12.67
C GLY F 127 20.49 24.21 -13.53
N ARG F 128 20.86 23.05 -14.07
CA ARG F 128 19.91 22.26 -14.85
C ARG F 128 18.64 22.07 -14.04
N ALA F 129 17.50 22.40 -14.64
CA ALA F 129 16.24 22.44 -13.91
C ALA F 129 15.08 21.93 -14.77
N ILE F 130 14.05 21.45 -14.09
CA ILE F 130 12.79 21.04 -14.69
C ILE F 130 11.75 22.11 -14.37
N PRO F 131 11.14 22.75 -15.37
CA PRO F 131 10.03 23.67 -15.06
C PRO F 131 8.76 22.90 -14.79
N LEU F 132 8.05 23.28 -13.74
CA LEU F 132 6.77 22.63 -13.40
C LEU F 132 5.77 23.72 -13.02
N ILE F 133 4.68 23.79 -13.77
CA ILE F 133 3.57 24.70 -13.52
C ILE F 133 2.34 23.84 -13.22
N VAL F 134 1.76 24.02 -12.03
CA VAL F 134 0.58 23.26 -11.61
C VAL F 134 -0.54 24.23 -11.29
N GLN F 135 -1.68 24.07 -11.95
CA GLN F 135 -2.82 24.97 -11.79
C GLN F 135 -4.11 24.17 -11.64
N SER F 136 -5.05 24.74 -10.89
CA SER F 136 -6.41 24.25 -10.95
C SER F 136 -7.00 24.60 -12.32
N GLN F 137 -8.09 23.93 -12.68
CA GLN F 137 -8.73 24.28 -13.94
C GLN F 137 -9.32 25.68 -13.89
N HIS F 138 -9.80 26.11 -12.72
CA HIS F 138 -10.28 27.49 -12.58
C HIS F 138 -9.21 28.50 -12.98
N PHE F 139 -8.00 28.35 -12.43
CA PHE F 139 -6.94 29.32 -12.72
C PHE F 139 -6.29 29.10 -14.08
N GLN F 140 -6.48 27.92 -14.68
CA GLN F 140 -5.98 27.71 -16.03
C GLN F 140 -6.73 28.57 -17.03
N THR F 141 -8.07 28.64 -16.90
CA THR F 141 -8.85 29.46 -17.83
C THR F 141 -8.82 30.94 -17.46
N ILE F 142 -8.77 31.25 -16.16
CA ILE F 142 -8.85 32.64 -15.71
C ILE F 142 -7.50 33.33 -15.72
N ASN F 143 -6.40 32.58 -15.69
CA ASN F 143 -5.07 33.17 -15.56
C ASN F 143 -4.00 32.12 -15.83
N ASP F 144 -3.94 31.64 -17.08
CA ASP F 144 -2.96 30.64 -17.46
C ASP F 144 -1.55 31.20 -17.35
N ILE F 145 -0.64 30.42 -16.78
CA ILE F 145 0.76 30.79 -16.65
C ILE F 145 1.51 30.20 -17.84
N PRO F 146 2.04 31.01 -18.75
CA PRO F 146 2.83 30.45 -19.85
C PRO F 146 4.20 30.03 -19.35
N VAL F 147 4.72 28.96 -19.96
CA VAL F 147 6.02 28.44 -19.54
C VAL F 147 7.10 29.51 -19.72
N ARG F 148 6.96 30.36 -20.73
CA ARG F 148 7.95 31.40 -20.97
C ARG F 148 8.14 32.29 -19.75
N ASP F 149 7.08 32.54 -18.99
CA ASP F 149 7.21 33.42 -17.83
C ASP F 149 8.03 32.74 -16.73
N LEU F 150 7.80 31.45 -16.51
CA LEU F 150 8.61 30.73 -15.54
C LEU F 150 10.04 30.59 -16.02
N LEU F 151 10.24 30.36 -17.32
CA LEU F 151 11.58 30.11 -17.83
C LEU F 151 12.48 31.33 -17.68
N THR F 152 11.94 32.54 -17.93
CA THR F 152 12.78 33.72 -17.84
C THR F 152 13.13 34.06 -16.39
N ALA F 153 12.21 33.78 -15.45
CA ALA F 153 12.52 33.97 -14.03
C ALA F 153 13.52 32.93 -13.56
N MET F 154 13.39 31.68 -14.01
CA MET F 154 14.42 30.68 -13.77
C MET F 154 15.77 31.13 -14.33
N SER F 155 15.77 31.58 -15.58
CA SER F 155 17.02 31.91 -16.25
C SER F 155 17.76 33.03 -15.51
N ALA F 156 17.05 34.08 -15.12
CA ALA F 156 17.67 35.19 -14.40
C ALA F 156 18.33 34.73 -13.11
N GLU F 157 17.95 33.56 -12.60
CA GLU F 157 18.40 33.00 -11.34
C GLU F 157 19.40 31.86 -11.52
N GLY F 158 19.86 31.63 -12.75
CA GLY F 158 20.82 30.59 -13.01
C GLY F 158 20.25 29.20 -13.23
N LEU F 159 18.93 29.06 -13.25
CA LEU F 159 18.30 27.76 -13.50
C LEU F 159 18.05 27.61 -14.99
N THR F 160 18.55 26.51 -15.56
CA THR F 160 18.56 26.28 -16.99
C THR F 160 17.69 25.09 -17.34
N ALA F 161 16.51 25.34 -17.91
CA ALA F 161 15.75 24.24 -18.47
C ALA F 161 16.45 23.69 -19.72
N PHE F 162 16.27 22.39 -19.97
CA PHE F 162 16.89 21.71 -21.10
C PHE F 162 15.87 20.94 -21.92
N ASP F 163 14.59 21.08 -21.63
CA ASP F 163 13.53 20.38 -22.34
C ASP F 163 12.22 21.11 -22.04
N GLN F 164 11.13 20.63 -22.64
CA GLN F 164 9.83 21.23 -22.39
C GLN F 164 9.50 21.18 -20.91
N GLY F 165 8.77 22.19 -20.44
CA GLY F 165 8.33 22.24 -19.07
C GLY F 165 7.05 21.45 -18.83
N ILE F 166 6.94 20.89 -17.64
CA ILE F 166 5.73 20.21 -17.20
C ILE F 166 4.68 21.26 -16.86
N LYS F 167 3.51 21.17 -17.49
CA LYS F 167 2.36 22.01 -17.12
C LYS F 167 1.19 21.07 -16.83
N ILE F 168 0.78 21.02 -15.57
CA ILE F 168 -0.24 20.10 -15.10
C ILE F 168 -1.47 20.89 -14.69
N ALA F 169 -2.65 20.27 -14.81
CA ALA F 169 -3.88 20.80 -14.24
C ALA F 169 -4.48 19.74 -13.33
N PHE F 170 -4.76 20.10 -12.08
CA PHE F 170 -5.36 19.15 -11.15
C PHE F 170 -6.64 18.59 -11.73
N ALA F 171 -6.88 17.30 -11.46
CA ALA F 171 -8.06 16.63 -12.00
C ALA F 171 -9.34 17.26 -11.47
N ALA F 172 -10.38 17.21 -12.29
CA ALA F 172 -11.71 17.64 -11.84
C ALA F 172 -12.34 16.54 -11.01
N PRO F 173 -12.84 16.83 -9.81
CA PRO F 173 -13.35 15.76 -8.94
C PRO F 173 -14.48 14.99 -9.59
N GLY F 174 -14.51 13.69 -9.31
CA GLY F 174 -15.60 12.84 -9.72
C GLY F 174 -16.82 13.06 -8.85
N PRO F 175 -17.81 12.17 -8.96
CA PRO F 175 -19.01 12.32 -8.11
C PRO F 175 -18.73 12.11 -6.64
N ARG F 176 -17.74 11.28 -6.30
CA ARG F 176 -17.39 11.09 -4.89
C ARG F 176 -16.81 12.35 -4.25
N GLY F 177 -16.48 13.36 -5.04
CA GLY F 177 -15.84 14.55 -4.49
C GLY F 177 -14.35 14.35 -4.31
N ARG F 178 -13.76 15.21 -3.48
CA ARG F 178 -12.32 15.18 -3.21
C ARG F 178 -12.06 14.37 -1.95
N ASP F 179 -12.31 13.07 -2.05
CA ASP F 179 -12.06 12.15 -0.95
C ASP F 179 -10.58 11.74 -0.98
N THR F 180 -10.20 10.80 -0.11
CA THR F 180 -8.80 10.43 -0.02
C THR F 180 -8.32 9.73 -1.29
N THR F 181 -9.23 9.06 -2.01
CA THR F 181 -8.88 8.49 -3.30
C THR F 181 -8.50 9.58 -4.28
N TYR F 182 -9.34 10.62 -4.40
CA TYR F 182 -9.00 11.72 -5.29
C TYR F 182 -7.62 12.29 -4.96
N TRP F 183 -7.33 12.49 -3.67
CA TRP F 183 -6.07 13.11 -3.28
C TRP F 183 -4.89 12.18 -3.50
N GLN F 184 -5.04 10.88 -3.24
CA GLN F 184 -3.95 9.96 -3.53
C GLN F 184 -3.67 9.94 -5.03
N ASN F 185 -4.72 10.09 -5.85
CA ASN F 185 -4.52 10.15 -7.29
C ASN F 185 -3.81 11.43 -7.69
N VAL F 186 -4.07 12.53 -6.97
CA VAL F 186 -3.34 13.76 -7.21
C VAL F 186 -1.86 13.56 -6.92
N LYS F 187 -1.55 12.97 -5.76
CA LYS F 187 -0.16 12.75 -5.38
C LYS F 187 0.54 11.85 -6.39
N ASP F 188 -0.08 10.71 -6.73
CA ASP F 188 0.50 9.80 -7.70
C ASP F 188 0.76 10.50 -9.04
N SER F 189 -0.18 11.35 -9.47
CA SER F 189 -0.06 12.00 -10.76
C SER F 189 1.13 12.97 -10.78
N VAL F 190 1.27 13.78 -9.74
CA VAL F 190 2.37 14.72 -9.68
C VAL F 190 3.69 13.98 -9.59
N GLN F 191 3.79 13.02 -8.67
CA GLN F 191 5.07 12.36 -8.43
C GLN F 191 5.50 11.51 -9.62
N TYR F 192 4.54 10.99 -10.38
CA TYR F 192 4.85 10.33 -11.63
C TYR F 192 5.60 11.27 -12.57
N GLU F 193 4.96 12.39 -12.93
CA GLU F 193 5.60 13.37 -13.82
C GLU F 193 6.95 13.79 -13.27
N LEU F 194 6.97 14.14 -11.98
CA LEU F 194 8.19 14.61 -11.35
C LEU F 194 9.32 13.59 -11.46
N GLU F 195 9.04 12.34 -11.09
CA GLU F 195 10.10 11.34 -11.06
C GLU F 195 10.69 11.10 -12.44
N GLN F 196 9.84 10.97 -13.46
CA GLN F 196 10.36 10.73 -14.81
C GLN F 196 11.34 11.82 -15.23
N GLN F 197 11.14 13.06 -14.76
CA GLN F 197 12.04 14.13 -15.15
C GLN F 197 13.29 14.20 -14.27
N LEU F 198 13.19 13.79 -13.00
CA LEU F 198 14.39 13.72 -12.16
C LEU F 198 15.30 12.55 -12.52
N LYS F 199 14.87 11.65 -13.41
CA LYS F 199 15.80 10.69 -13.96
C LYS F 199 16.80 11.34 -14.90
N ARG F 200 16.52 12.55 -15.35
CA ARG F 200 17.30 13.20 -16.40
C ARG F 200 18.51 13.88 -15.77
N ARG F 201 19.38 13.03 -15.24
CA ARG F 201 20.61 13.46 -14.60
C ARG F 201 21.58 14.00 -15.65
N GLY F 202 22.51 14.83 -15.18
CA GLY F 202 23.44 15.46 -16.09
C GLY F 202 24.40 16.33 -15.33
N GLY F 203 25.03 17.26 -16.05
CA GLY F 203 25.99 18.13 -15.43
C GLY F 203 27.31 17.41 -15.20
N THR F 204 28.13 18.01 -14.33
CA THR F 204 29.49 17.53 -14.11
C THR F 204 29.54 16.24 -13.31
N TYR F 205 28.48 15.93 -12.54
CA TYR F 205 28.55 14.90 -11.52
C TYR F 205 27.39 13.91 -11.56
N GLY F 206 26.50 14.02 -12.54
CA GLY F 206 25.39 13.11 -12.62
C GLY F 206 24.22 13.44 -11.73
N ASP F 207 24.20 14.63 -11.13
CA ASP F 207 23.13 15.01 -10.24
C ASP F 207 21.79 15.09 -10.98
N SER F 208 20.72 14.79 -10.26
CA SER F 208 19.39 15.08 -10.76
C SER F 208 19.23 16.59 -10.96
N PRO F 209 18.38 17.00 -11.89
CA PRO F 209 18.12 18.44 -12.06
C PRO F 209 17.26 18.97 -10.92
N ALA F 210 17.31 20.29 -10.77
CA ALA F 210 16.47 20.97 -9.81
C ALA F 210 15.03 20.98 -10.30
N LEU F 211 14.10 21.08 -9.36
CA LEU F 211 12.71 21.32 -9.67
C LEU F 211 12.44 22.80 -9.46
N ALA F 212 11.95 23.47 -10.49
CA ALA F 212 11.45 24.85 -10.40
C ALA F 212 9.94 24.78 -10.56
N VAL F 213 9.22 25.08 -9.49
CA VAL F 213 7.78 24.82 -9.41
C VAL F 213 7.03 26.10 -9.07
N VAL F 214 5.90 26.30 -9.73
CA VAL F 214 4.95 27.35 -9.39
C VAL F 214 3.57 26.72 -9.35
N GLY F 215 2.76 27.14 -8.39
CA GLY F 215 1.43 26.59 -8.23
C GLY F 215 0.40 27.69 -8.11
N LEU F 216 -0.76 27.46 -8.72
CA LEU F 216 -1.86 28.42 -8.65
C LEU F 216 -3.14 27.59 -8.66
N ALA F 217 -3.72 27.38 -7.48
CA ALA F 217 -4.87 26.52 -7.28
C ALA F 217 -5.39 26.79 -5.87
N ASP F 218 -6.45 26.10 -5.50
CA ASP F 218 -6.96 26.23 -4.14
C ASP F 218 -5.91 25.75 -3.15
N ILE F 219 -6.00 26.29 -1.93
CA ILE F 219 -4.97 26.00 -0.93
C ILE F 219 -4.84 24.52 -0.64
N PRO F 220 -5.93 23.76 -0.47
CA PRO F 220 -5.75 22.30 -0.23
C PRO F 220 -5.00 21.61 -1.35
N ALA F 221 -5.33 21.92 -2.61
CA ALA F 221 -4.62 21.31 -3.73
C ALA F 221 -3.14 21.68 -3.70
N LEU F 222 -2.83 22.93 -3.35
CA LEU F 222 -1.45 23.36 -3.28
C LEU F 222 -0.69 22.62 -2.18
N MET F 223 -1.35 22.38 -1.04
CA MET F 223 -0.71 21.60 0.02
C MET F 223 -0.37 20.20 -0.47
N MET F 224 -1.28 19.57 -1.22
CA MET F 224 -0.97 18.26 -1.77
C MET F 224 0.16 18.33 -2.79
N LEU F 225 0.26 19.43 -3.53
CA LEU F 225 1.45 19.62 -4.36
C LEU F 225 2.70 19.65 -3.50
N GLY F 226 2.67 20.36 -2.38
CA GLY F 226 3.80 20.33 -1.47
C GLY F 226 4.06 18.95 -0.89
N GLN F 227 2.99 18.22 -0.54
CA GLN F 227 3.15 16.84 -0.11
C GLN F 227 3.88 16.01 -1.16
N SER F 228 3.68 16.35 -2.44
CA SER F 228 4.24 15.56 -3.54
C SER F 228 5.72 15.82 -3.75
N ILE F 229 6.15 17.08 -3.66
CA ILE F 229 7.54 17.41 -3.97
C ILE F 229 8.45 17.28 -2.74
N GLY F 230 7.92 17.45 -1.53
CA GLY F 230 8.75 17.44 -0.35
C GLY F 230 9.69 18.62 -0.30
N ASP F 231 10.64 18.55 0.66
CA ASP F 231 11.62 19.63 0.84
C ASP F 231 13.04 19.11 1.06
N ARG F 232 13.36 17.93 0.52
CA ARG F 232 14.65 17.28 0.76
C ARG F 232 15.39 16.98 -0.55
N SER F 233 15.38 17.95 -1.45
CA SER F 233 16.06 17.85 -2.74
C SER F 233 16.27 19.25 -3.24
N LYS F 234 17.08 19.40 -4.28
CA LYS F 234 17.27 20.73 -4.86
C LYS F 234 15.97 21.13 -5.56
N ARG F 235 15.26 22.09 -4.99
CA ARG F 235 13.96 22.51 -5.50
C ARG F 235 13.81 24.00 -5.17
N LEU F 236 13.22 24.75 -6.09
CA LEU F 236 13.05 26.19 -5.92
C LEU F 236 11.64 26.58 -6.29
N ILE F 237 10.91 27.13 -5.32
CA ILE F 237 9.55 27.60 -5.57
C ILE F 237 9.61 28.98 -6.21
N PHE F 238 8.76 29.19 -7.20
CA PHE F 238 8.45 30.50 -7.76
C PHE F 238 7.02 30.83 -7.43
N SER F 239 6.71 32.12 -7.43
CA SER F 239 5.44 32.63 -6.93
C SER F 239 4.84 33.55 -7.97
N PHE F 240 3.59 33.29 -8.34
CA PHE F 240 2.92 34.16 -9.32
C PHE F 240 2.44 35.43 -8.63
N HIS F 241 2.77 36.57 -9.23
CA HIS F 241 2.42 37.90 -8.73
C HIS F 241 1.59 38.59 -9.80
N ARG F 242 0.47 39.20 -9.39
CA ARG F 242 -0.43 39.81 -10.37
C ARG F 242 0.32 40.73 -11.32
N GLU F 243 1.29 41.49 -10.81
CA GLU F 243 2.03 42.45 -11.61
C GLU F 243 3.36 41.91 -12.10
N HIS F 244 4.21 41.41 -11.20
CA HIS F 244 5.56 40.99 -11.55
C HIS F 244 5.62 39.63 -12.24
N LEU F 245 4.49 38.96 -12.44
CA LEU F 245 4.45 37.63 -13.06
C LEU F 245 5.25 36.69 -12.17
N LEU F 246 6.33 36.08 -12.66
CA LEU F 246 7.11 35.15 -11.86
C LEU F 246 8.46 35.73 -11.45
N ARG F 247 8.73 36.98 -11.79
CA ARG F 247 9.88 37.66 -11.22
C ARG F 247 9.61 38.02 -9.76
N TRP F 248 10.65 38.04 -8.96
CA TRP F 248 10.48 38.35 -7.55
C TRP F 248 10.29 39.85 -7.35
N PRO F 249 9.29 40.28 -6.59
CA PRO F 249 9.07 41.73 -6.44
C PRO F 249 10.27 42.50 -5.90
N ASP F 250 11.00 41.97 -4.91
CA ASP F 250 12.10 42.73 -4.32
C ASP F 250 13.08 41.77 -3.65
N GLN F 251 14.19 41.47 -4.34
CA GLN F 251 15.17 40.53 -3.80
C GLN F 251 15.79 41.02 -2.50
N SER F 252 15.68 42.31 -2.19
CA SER F 252 16.33 42.88 -1.02
C SER F 252 15.44 42.93 0.21
N ALA F 253 14.13 42.72 0.05
CA ALA F 253 13.20 42.91 1.15
C ALA F 253 13.49 41.93 2.28
N GLU F 254 13.26 42.39 3.51
CA GLU F 254 13.42 41.51 4.66
C GLU F 254 12.09 40.80 4.94
N PRO F 255 12.11 39.54 5.32
CA PRO F 255 10.87 38.84 5.62
C PRO F 255 10.15 39.48 6.80
N PRO F 256 8.83 39.55 6.76
CA PRO F 256 8.11 40.08 7.91
C PRO F 256 8.37 39.25 9.15
N SER F 257 8.05 39.83 10.30
CA SER F 257 7.97 39.07 11.52
C SER F 257 6.66 38.27 11.50
N PHE F 258 6.70 37.07 12.05
CA PHE F 258 5.53 36.19 12.09
C PHE F 258 5.01 36.14 13.52
N LEU F 259 3.89 36.82 13.75
CA LEU F 259 3.33 36.96 15.08
C LEU F 259 2.48 35.74 15.42
N PHE F 260 2.67 35.19 16.62
CA PHE F 260 1.94 34.01 17.05
C PHE F 260 1.10 34.33 18.28
N THR F 261 -0.19 34.03 18.20
CA THR F 261 -1.10 34.09 19.34
C THR F 261 -1.37 32.68 19.82
N PRO F 262 -1.02 32.32 21.05
CA PRO F 262 -1.27 30.95 21.51
C PRO F 262 -2.75 30.71 21.69
N PRO F 263 -3.18 29.44 21.71
CA PRO F 263 -4.61 29.15 21.87
C PRO F 263 -5.02 29.28 23.32
N PRO F 264 -6.29 29.62 23.57
CA PRO F 264 -6.77 29.60 24.96
C PRO F 264 -6.76 28.18 25.51
N ASN F 265 -6.40 28.06 26.78
CA ASN F 265 -6.58 26.79 27.48
C ASN F 265 -8.02 26.34 27.33
N GLY F 266 -8.22 25.03 27.34
CA GLY F 266 -9.56 24.49 27.27
C GLY F 266 -9.58 23.13 26.60
N ASP F 267 -10.81 22.67 26.33
CA ASP F 267 -11.07 21.35 25.78
C ASP F 267 -11.46 21.34 24.31
N GLY F 268 -11.86 22.48 23.76
CA GLY F 268 -12.38 22.52 22.41
C GLY F 268 -11.36 22.15 21.37
N PRO F 269 -11.82 21.90 20.15
CA PRO F 269 -10.89 21.55 19.07
C PRO F 269 -9.89 22.66 18.80
N LEU F 270 -8.65 22.27 18.55
CA LEU F 270 -7.58 23.23 18.30
C LEU F 270 -7.60 23.64 16.83
N ALA F 271 -7.74 24.95 16.59
CA ALA F 271 -7.72 25.50 15.24
C ALA F 271 -6.49 26.38 15.08
N LEU F 272 -5.79 26.22 13.96
CA LEU F 272 -4.65 27.06 13.61
C LEU F 272 -5.09 27.97 12.47
N VAL F 273 -5.10 29.27 12.72
CA VAL F 273 -5.54 30.27 11.75
C VAL F 273 -4.31 30.99 11.24
N LEU F 274 -4.11 30.98 9.92
CA LEU F 274 -3.01 31.65 9.27
C LEU F 274 -3.55 32.90 8.59
N SER F 275 -3.18 34.06 9.13
CA SER F 275 -3.61 35.37 8.60
C SER F 275 -2.38 36.03 7.99
N ILE F 276 -2.04 35.65 6.77
CA ILE F 276 -0.82 36.07 6.10
C ILE F 276 -1.12 36.97 4.90
N SER F 277 -2.01 36.52 4.02
CA SER F 277 -2.47 37.38 2.93
C SER F 277 -3.72 38.16 3.28
N ALA F 278 -4.38 37.83 4.37
CA ALA F 278 -5.59 38.52 4.81
C ALA F 278 -5.88 38.06 6.22
N GLN F 279 -6.68 38.85 6.94
CA GLN F 279 -7.10 38.51 8.29
C GLN F 279 -8.35 37.65 8.21
N VAL F 280 -8.34 36.53 8.92
CA VAL F 280 -9.44 35.56 8.89
C VAL F 280 -10.39 35.89 10.05
N PRO F 281 -11.65 36.19 9.80
CA PRO F 281 -12.57 36.51 10.90
C PRO F 281 -12.88 35.26 11.73
N VAL F 282 -12.76 35.39 13.05
CA VAL F 282 -12.86 34.23 13.92
C VAL F 282 -14.23 33.58 13.81
N ARG F 283 -15.29 34.37 13.60
CA ARG F 283 -16.62 33.77 13.58
C ARG F 283 -16.82 32.86 12.38
N ASP F 284 -16.12 33.11 11.28
CA ASP F 284 -16.15 32.15 10.17
C ASP F 284 -15.51 30.83 10.56
N VAL F 285 -14.54 30.88 11.50
CA VAL F 285 -13.91 29.68 12.00
C VAL F 285 -14.83 28.94 12.95
N THR F 286 -15.48 29.67 13.86
CA THR F 286 -16.34 29.03 14.85
C THR F 286 -17.65 28.56 14.23
N ASP F 287 -18.17 29.27 13.23
CA ASP F 287 -19.33 28.77 12.51
C ASP F 287 -19.08 27.39 11.91
N ALA F 288 -17.83 27.10 11.53
CA ALA F 288 -17.49 25.83 10.92
C ALA F 288 -16.94 24.81 11.90
N LEU F 289 -16.37 25.28 13.01
CA LEU F 289 -15.78 24.41 14.03
C LEU F 289 -16.23 24.94 15.38
N PRO F 290 -17.47 24.66 15.76
CA PRO F 290 -18.00 25.19 17.03
C PRO F 290 -17.10 24.82 18.20
N GLY F 291 -16.80 25.83 19.02
CA GLY F 291 -15.94 25.66 20.18
C GLY F 291 -14.47 25.75 19.90
N ALA F 292 -14.08 26.17 18.70
CA ALA F 292 -12.68 26.19 18.32
C ALA F 292 -11.86 26.99 19.32
N ARG F 293 -10.70 26.44 19.68
CA ARG F 293 -9.67 27.17 20.42
C ARG F 293 -8.65 27.64 19.40
N ILE F 294 -8.64 28.94 19.13
CA ILE F 294 -7.92 29.49 17.99
C ILE F 294 -6.52 29.91 18.40
N ALA F 295 -5.51 29.30 17.76
CA ALA F 295 -4.15 29.81 17.73
C ALA F 295 -3.94 30.48 16.39
N GLU F 296 -3.21 31.59 16.37
CA GLU F 296 -3.07 32.35 15.14
C GLU F 296 -1.60 32.63 14.85
N LEU F 297 -1.21 32.39 13.61
CA LEU F 297 0.03 32.90 13.05
C LEU F 297 -0.36 33.95 12.01
N SER F 298 0.24 35.13 12.10
CA SER F 298 -0.07 36.20 11.18
C SER F 298 1.18 37.03 10.92
N ILE F 299 1.06 38.02 10.05
CA ILE F 299 2.09 39.05 9.90
C ILE F 299 1.44 40.38 10.24
N PRO F 300 2.23 41.36 10.64
CA PRO F 300 1.65 42.67 10.99
C PRO F 300 0.66 43.20 9.96
N GLU F 301 1.00 43.09 8.69
CA GLU F 301 0.24 43.72 7.61
C GLU F 301 -0.08 42.67 6.56
N PRO F 302 -1.08 41.83 6.82
CA PRO F 302 -1.45 40.79 5.85
C PRO F 302 -1.67 41.40 4.48
N SER F 303 -1.13 40.73 3.46
CA SER F 303 -1.13 41.28 2.12
C SER F 303 -0.94 40.17 1.11
N TYR F 304 -1.67 40.26 0.00
CA TYR F 304 -1.51 39.32 -1.10
C TYR F 304 -0.12 39.39 -1.71
N ALA F 305 0.57 40.52 -1.56
CA ALA F 305 1.85 40.75 -2.20
C ALA F 305 3.03 40.46 -1.27
N MET F 306 2.78 39.82 -0.13
CA MET F 306 3.80 39.71 0.90
C MET F 306 4.98 38.83 0.48
N VAL F 307 4.82 38.01 -0.56
CA VAL F 307 5.90 37.14 -1.02
C VAL F 307 6.82 37.95 -1.93
N GLN F 308 7.68 38.76 -1.32
CA GLN F 308 8.59 39.63 -2.06
C GLN F 308 9.80 38.91 -2.62
N ASN F 309 10.18 37.78 -2.03
CA ASN F 309 11.32 36.99 -2.49
C ASN F 309 11.20 35.61 -1.86
N ARG F 310 12.04 34.68 -2.31
CA ARG F 310 11.94 33.32 -1.80
C ARG F 310 12.24 33.26 -0.30
N ARG F 311 13.10 34.15 0.20
CA ARG F 311 13.40 34.12 1.64
C ARG F 311 12.15 34.31 2.48
N VAL F 312 11.16 35.04 1.97
CA VAL F 312 9.90 35.16 2.70
C VAL F 312 9.25 33.80 2.88
N ILE F 313 9.37 32.92 1.88
CA ILE F 313 8.79 31.59 1.97
C ILE F 313 9.53 30.76 3.02
N HIS F 314 10.86 30.78 2.97
CA HIS F 314 11.65 30.06 3.96
C HIS F 314 11.34 30.57 5.37
N ALA F 315 11.16 31.88 5.52
CA ALA F 315 10.88 32.44 6.83
C ALA F 315 9.51 31.98 7.34
N PHE F 316 8.52 31.92 6.44
CA PHE F 316 7.22 31.39 6.82
C PHE F 316 7.35 29.97 7.36
N ARG F 317 8.04 29.10 6.61
CA ARG F 317 8.17 27.71 7.04
C ARG F 317 8.83 27.62 8.41
N ASP F 318 9.92 28.36 8.61
CA ASP F 318 10.63 28.26 9.87
C ASP F 318 9.73 28.66 11.04
N ALA F 319 9.02 29.78 10.91
CA ALA F 319 8.14 30.22 11.97
C ALA F 319 6.98 29.23 12.16
N LEU F 320 6.40 28.76 11.05
CA LEU F 320 5.27 27.84 11.14
C LEU F 320 5.67 26.56 11.88
N GLN F 321 6.83 26.00 11.54
CA GLN F 321 7.23 24.73 12.15
C GLN F 321 7.56 24.90 13.63
N ILE F 322 8.18 26.01 14.00
CA ILE F 322 8.45 26.27 15.41
C ILE F 322 7.15 26.22 16.21
N ARG F 323 6.08 26.77 15.63
CA ARG F 323 4.80 26.84 16.32
C ARG F 323 4.01 25.54 16.22
N LEU F 324 4.15 24.80 15.12
CA LEU F 324 3.49 23.50 15.03
C LEU F 324 4.03 22.55 16.10
N SER F 325 5.35 22.54 16.29
CA SER F 325 5.94 21.79 17.39
C SER F 325 5.33 22.18 18.73
N GLN F 326 5.17 23.49 18.97
CA GLN F 326 4.56 23.94 20.22
C GLN F 326 3.13 23.43 20.35
N LEU F 327 2.34 23.55 19.28
CA LEU F 327 0.94 23.14 19.35
C LEU F 327 0.80 21.64 19.50
N GLU F 328 1.56 20.87 18.71
CA GLU F 328 1.45 19.41 18.80
C GLU F 328 1.86 18.90 20.17
N ALA F 329 2.73 19.61 20.88
CA ALA F 329 3.09 19.20 22.23
C ALA F 329 1.93 19.40 23.20
N LEU F 330 0.92 20.20 22.83
CA LEU F 330 -0.19 20.46 23.72
C LEU F 330 -1.21 19.34 23.69
N THR F 331 -1.44 18.73 22.52
CA THR F 331 -2.55 17.81 22.37
C THR F 331 -2.25 16.75 21.33
N PRO F 332 -2.66 15.50 21.57
CA PRO F 332 -2.60 14.49 20.50
C PRO F 332 -3.68 14.72 19.45
N ASP F 333 -4.63 15.62 19.71
CA ASP F 333 -5.78 15.78 18.84
C ASP F 333 -5.38 16.44 17.53
N PRO F 334 -6.21 16.29 16.50
CA PRO F 334 -5.90 16.93 15.21
C PRO F 334 -5.95 18.44 15.29
N ILE F 335 -5.13 19.07 14.46
CA ILE F 335 -5.07 20.52 14.33
C ILE F 335 -5.88 20.92 13.10
N HIS F 336 -6.87 21.77 13.30
CA HIS F 336 -7.75 22.22 12.22
C HIS F 336 -7.20 23.53 11.65
N VAL F 337 -6.97 23.56 10.35
CA VAL F 337 -6.20 24.63 9.71
C VAL F 337 -7.15 25.49 8.89
N PHE F 338 -7.16 26.79 9.18
CA PHE F 338 -7.93 27.79 8.44
C PHE F 338 -6.93 28.81 7.90
N ALA F 339 -6.62 28.72 6.62
CA ALA F 339 -5.50 29.44 6.04
C ALA F 339 -5.98 30.48 5.04
N ALA F 340 -5.40 31.67 5.15
CA ALA F 340 -5.51 32.74 4.15
C ALA F 340 -4.06 33.10 3.85
N ILE F 341 -3.46 32.37 2.90
CA ILE F 341 -2.02 32.48 2.63
C ILE F 341 -1.80 32.50 1.13
N PRO F 342 -0.69 33.11 0.69
CA PRO F 342 -0.35 33.08 -0.74
C PRO F 342 -0.12 31.66 -1.21
N ALA F 343 -0.24 31.46 -2.52
CA ALA F 343 -0.16 30.12 -3.08
C ALA F 343 1.19 29.47 -2.76
N ALA F 344 2.28 30.23 -2.94
CA ALA F 344 3.60 29.65 -2.70
C ALA F 344 3.76 29.20 -1.25
N LEU F 345 3.08 29.86 -0.31
CA LEU F 345 3.17 29.45 1.08
C LEU F 345 2.35 28.20 1.36
N ALA F 346 1.27 27.97 0.61
CA ALA F 346 0.54 26.72 0.78
C ALA F 346 1.39 25.52 0.36
N ILE F 347 2.15 25.67 -0.72
CA ILE F 347 3.02 24.60 -1.19
C ILE F 347 4.04 24.24 -0.12
N GLU F 348 4.73 25.25 0.41
CA GLU F 348 5.76 24.97 1.40
C GLU F 348 5.16 24.36 2.67
N PHE F 349 3.94 24.75 3.02
CA PHE F 349 3.24 24.14 4.14
C PHE F 349 3.09 22.64 3.94
N GLY F 350 2.51 22.24 2.82
CA GLY F 350 2.40 20.82 2.52
C GLY F 350 3.75 20.13 2.45
N ALA F 351 4.76 20.83 1.95
CA ALA F 351 6.09 20.22 1.86
C ALA F 351 6.69 20.02 3.24
N LEU F 352 6.41 20.93 4.17
CA LEU F 352 6.96 20.80 5.52
C LEU F 352 6.49 19.51 6.19
N LEU F 353 5.24 19.13 5.98
CA LEU F 353 4.64 17.98 6.64
C LEU F 353 4.93 16.66 5.95
N THR F 354 6.18 16.43 5.53
CA THR F 354 6.54 15.18 4.85
C THR F 354 7.67 14.43 5.55
N THR F 355 7.91 14.75 6.83
CA THR F 355 8.82 13.92 7.62
C THR F 355 8.18 12.56 7.89
N GLN F 356 8.98 11.64 8.42
CA GLN F 356 8.43 10.39 8.93
C GLN F 356 7.37 10.67 9.99
N HIS F 357 7.62 11.63 10.88
CA HIS F 357 6.63 12.01 11.88
C HIS F 357 5.43 12.64 11.21
N GLN F 358 4.24 12.21 11.61
CA GLN F 358 3.00 12.73 11.04
C GLN F 358 2.01 13.00 12.16
N HIS F 359 1.50 14.22 12.22
CA HIS F 359 0.40 14.62 13.09
C HIS F 359 -0.80 14.92 12.19
N THR F 360 -2.00 14.61 12.68
CA THR F 360 -3.18 14.82 11.84
C THR F 360 -3.49 16.30 11.72
N TYR F 361 -3.62 16.75 10.47
CA TYR F 361 -4.03 18.12 10.15
C TYR F 361 -5.27 18.04 9.27
N LEU F 362 -6.29 18.83 9.61
CA LEU F 362 -7.53 18.86 8.86
C LEU F 362 -7.63 20.26 8.25
N ILE F 363 -7.60 20.31 6.93
CA ILE F 363 -7.49 21.56 6.18
C ILE F 363 -8.90 21.97 5.78
N PHE F 364 -9.31 23.16 6.21
CA PHE F 364 -10.57 23.76 5.81
C PHE F 364 -10.31 24.78 4.71
N ASP F 365 -11.29 24.93 3.83
CA ASP F 365 -11.22 25.93 2.77
C ASP F 365 -12.63 26.44 2.50
N ARG F 366 -12.70 27.68 2.02
CA ARG F 366 -14.00 28.30 1.78
C ARG F 366 -14.67 27.67 0.55
N ASP F 367 -15.90 27.23 0.74
CA ASP F 367 -16.68 26.60 -0.33
C ASP F 367 -17.39 27.71 -1.11
N LYS F 368 -16.88 28.04 -2.29
CA LYS F 368 -17.47 29.11 -3.08
C LYS F 368 -18.91 28.81 -3.47
N GLU F 369 -19.32 27.55 -3.41
CA GLU F 369 -20.68 27.15 -3.72
C GLU F 369 -21.52 26.91 -2.48
N ASN F 370 -21.02 27.28 -1.31
CA ASN F 370 -21.76 27.16 -0.06
C ASN F 370 -21.57 28.42 0.78
N GLN F 371 -21.75 29.58 0.14
CA GLN F 371 -21.68 30.88 0.81
C GLN F 371 -20.29 31.13 1.40
N ASP F 372 -19.26 30.60 0.76
CA ASP F 372 -17.87 30.82 1.16
C ASP F 372 -17.62 30.41 2.61
N ARG F 373 -18.38 29.44 3.11
CA ARG F 373 -18.18 28.94 4.45
C ARG F 373 -17.01 27.96 4.47
N PHE F 374 -16.18 28.04 5.51
CA PHE F 374 -15.10 27.09 5.66
C PHE F 374 -15.67 25.68 5.80
N THR F 375 -14.94 24.71 5.24
CA THR F 375 -15.37 23.31 5.30
C THR F 375 -14.16 22.41 5.08
N GLN F 376 -14.07 21.37 5.90
CA GLN F 376 -12.94 20.44 5.84
C GLN F 376 -12.87 19.79 4.46
N THR F 377 -11.69 19.83 3.86
CA THR F 377 -11.50 19.32 2.49
C THR F 377 -10.31 18.39 2.31
N LEU F 378 -9.35 18.38 3.22
CA LEU F 378 -8.15 17.55 3.06
C LEU F 378 -7.66 17.13 4.43
N GLN F 379 -7.34 15.86 4.58
CA GLN F 379 -6.77 15.33 5.82
C GLN F 379 -5.35 14.87 5.56
N LEU F 380 -4.41 15.36 6.36
CA LEU F 380 -3.01 14.97 6.29
C LEU F 380 -2.63 14.27 7.59
N GLY F 381 -1.84 13.20 7.47
CA GLY F 381 -1.26 12.57 8.64
C GLY F 381 -1.63 11.10 8.77
N PRO F 382 -1.55 10.56 10.00
CA PRO F 382 -1.92 9.16 10.24
C PRO F 382 -3.43 8.93 10.23
N ASN G 15 27.51 28.77 -52.66
CA ASN G 15 26.67 29.39 -51.60
C ASN G 15 25.27 28.77 -51.56
N THR G 16 24.96 28.08 -50.47
CA THR G 16 23.77 27.26 -50.40
C THR G 16 22.51 28.11 -50.48
N ASN G 17 21.57 27.71 -51.34
CA ASN G 17 20.34 28.47 -51.55
C ASN G 17 19.30 28.15 -50.48
N ASP G 18 18.30 29.02 -50.38
CA ASP G 18 17.31 28.90 -49.32
C ASP G 18 16.56 27.57 -49.40
N GLU G 19 16.21 27.13 -50.61
CA GLU G 19 15.47 25.89 -50.74
C GLU G 19 16.23 24.73 -50.13
N THR G 20 17.56 24.69 -50.34
CA THR G 20 18.35 23.56 -49.87
C THR G 20 18.58 23.60 -48.38
N LYS G 21 18.73 24.80 -47.81
CA LYS G 21 18.81 24.90 -46.35
C LYS G 21 17.53 24.39 -45.70
N ARG G 22 16.37 24.75 -46.25
CA ARG G 22 15.11 24.22 -45.73
C ARG G 22 15.11 22.69 -45.76
N ILE G 23 15.59 22.11 -46.86
CA ILE G 23 15.67 20.66 -46.97
C ILE G 23 16.57 20.09 -45.89
N VAL G 24 17.70 20.75 -45.61
CA VAL G 24 18.61 20.26 -44.59
C VAL G 24 17.92 20.31 -43.23
N TRP G 25 17.28 21.43 -42.91
CA TRP G 25 16.55 21.55 -41.65
C TRP G 25 15.45 20.49 -41.55
N THR G 26 14.79 20.21 -42.67
CA THR G 26 13.67 19.26 -42.66
C THR G 26 14.16 17.83 -42.46
N GLN G 27 15.11 17.39 -43.27
CA GLN G 27 15.51 15.98 -43.22
C GLN G 27 16.30 15.64 -41.96
N THR G 28 16.76 16.63 -41.21
CA THR G 28 17.42 16.41 -39.93
C THR G 28 16.47 16.58 -38.74
N ALA G 29 15.23 17.02 -38.99
CA ALA G 29 14.27 17.31 -37.92
C ALA G 29 14.78 18.38 -36.97
N GLY G 30 15.62 19.28 -37.48
CA GLY G 30 16.04 20.45 -36.72
C GLY G 30 16.95 20.19 -35.55
N HIS G 31 17.67 19.07 -35.53
CA HIS G 31 18.63 18.77 -34.47
C HIS G 31 20.04 18.73 -35.04
N CYS G 32 21.02 18.96 -34.16
CA CYS G 32 22.41 18.85 -34.53
C CYS G 32 22.77 17.39 -34.82
N GLU G 33 23.34 17.13 -35.99
CA GLU G 33 23.63 15.76 -36.38
C GLU G 33 24.73 15.14 -35.54
N LEU G 34 25.55 15.94 -34.87
CA LEU G 34 26.70 15.42 -34.14
C LEU G 34 26.47 15.33 -32.64
N CYS G 35 25.62 16.16 -32.05
CA CYS G 35 25.34 16.08 -30.64
C CYS G 35 23.86 15.93 -30.30
N GLY G 36 22.97 16.03 -31.29
CA GLY G 36 21.56 15.73 -31.07
C GLY G 36 20.76 16.78 -30.35
N THR G 37 21.34 17.95 -30.12
CA THR G 37 20.60 19.03 -29.46
C THR G 37 19.57 19.64 -30.42
N ASP G 38 18.46 20.08 -29.84
CA ASP G 38 17.37 20.66 -30.61
C ASP G 38 17.72 22.09 -31.01
N LEU G 39 17.74 22.35 -32.32
CA LEU G 39 18.15 23.64 -32.84
C LEU G 39 16.98 24.53 -33.22
N THR G 40 15.75 24.12 -32.88
CA THR G 40 14.55 24.87 -33.22
C THR G 40 14.00 25.65 -32.04
N PHE G 41 14.64 25.58 -30.88
CA PHE G 41 14.05 26.09 -29.66
C PHE G 41 15.16 26.36 -28.66
N ASP G 42 14.98 27.40 -27.86
CA ASP G 42 15.85 27.69 -26.73
C ASP G 42 15.07 27.32 -25.48
N TYR G 43 15.39 26.17 -24.89
CA TYR G 43 14.64 25.70 -23.73
C TYR G 43 14.90 26.55 -22.49
N ARG G 44 16.01 27.29 -22.43
CA ARG G 44 16.33 28.03 -21.21
C ARG G 44 15.37 29.20 -21.00
N ALA G 45 15.12 29.98 -22.06
CA ALA G 45 14.27 31.15 -21.98
C ALA G 45 12.93 31.00 -22.69
N GLY G 46 12.73 29.92 -23.43
CA GLY G 46 11.42 29.58 -23.93
C GLY G 46 11.03 30.17 -25.27
N LYS G 47 11.99 30.67 -26.04
CA LYS G 47 11.64 31.27 -27.33
C LYS G 47 11.93 30.31 -28.48
N PRO G 48 11.03 30.18 -29.46
CA PRO G 48 11.41 29.45 -30.67
C PRO G 48 12.44 30.23 -31.45
N MET G 49 13.46 29.53 -31.95
CA MET G 49 14.51 30.18 -32.71
C MET G 49 15.26 29.10 -33.47
N LYS G 50 15.62 29.39 -34.72
CA LYS G 50 16.45 28.47 -35.52
C LYS G 50 17.90 28.88 -35.29
N TRP G 51 18.57 28.21 -34.36
CA TRP G 51 19.92 28.59 -33.99
C TRP G 51 20.98 27.58 -34.45
N GLY G 52 20.60 26.65 -35.31
CA GLY G 52 21.58 25.80 -35.98
C GLY G 52 22.15 26.44 -37.23
N GLU G 53 23.15 25.76 -37.80
CA GLU G 53 23.88 26.24 -38.96
C GLU G 53 24.05 25.11 -39.96
N VAL G 54 23.96 25.45 -41.25
CA VAL G 54 24.14 24.48 -42.32
C VAL G 54 25.63 24.45 -42.67
N ALA G 55 26.31 23.44 -42.14
CA ALA G 55 27.76 23.30 -42.27
C ALA G 55 28.12 22.47 -43.50
N HIS G 56 29.24 22.82 -44.13
CA HIS G 56 29.74 22.10 -45.28
C HIS G 56 30.84 21.14 -44.85
N ILE G 57 30.73 19.87 -45.26
CA ILE G 57 31.80 18.91 -45.00
C ILE G 57 33.03 19.28 -45.82
N LEU G 58 32.87 19.32 -47.14
CA LEU G 58 33.93 19.80 -48.02
C LEU G 58 33.69 21.27 -48.32
N PRO G 59 34.65 22.16 -48.06
CA PRO G 59 34.42 23.58 -48.31
C PRO G 59 34.63 23.94 -49.77
N ALA G 60 34.08 25.09 -50.15
CA ALA G 60 34.31 25.62 -51.48
C ALA G 60 35.79 25.82 -51.73
N SER G 61 36.42 26.68 -50.94
CA SER G 61 37.85 26.94 -51.09
C SER G 61 38.66 25.72 -50.68
N PRO G 62 39.61 25.27 -51.52
CA PRO G 62 40.45 24.14 -51.11
C PRO G 62 41.42 24.47 -49.98
N LYS G 63 41.43 25.71 -49.51
CA LYS G 63 42.25 26.09 -48.36
C LYS G 63 41.51 25.95 -47.03
N GLY G 64 40.20 25.64 -47.07
CA GLY G 64 39.43 25.52 -45.85
C GLY G 64 39.54 24.14 -45.23
N PRO G 65 38.87 23.98 -44.09
CA PRO G 65 38.94 22.69 -43.39
C PRO G 65 38.38 21.57 -44.26
N ARG G 66 39.16 20.50 -44.40
CA ARG G 66 38.88 19.36 -45.27
C ARG G 66 38.92 19.73 -46.74
N GLY G 67 39.37 20.94 -47.08
CA GLY G 67 39.46 21.32 -48.47
C GLY G 67 40.48 20.47 -49.21
N ARG G 68 40.27 20.33 -50.52
CA ARG G 68 41.18 19.60 -51.39
C ARG G 68 41.00 20.13 -52.80
N ALA G 69 42.07 20.03 -53.59
CA ALA G 69 42.08 20.65 -54.91
C ALA G 69 41.11 19.98 -55.88
N ASP G 70 40.79 18.70 -55.66
CA ASP G 70 39.99 17.94 -56.60
C ASP G 70 38.50 18.01 -56.32
N HIS G 71 38.03 19.02 -55.60
CA HIS G 71 36.62 19.12 -55.26
C HIS G 71 35.96 20.21 -56.11
N ASP G 72 34.99 19.80 -56.92
CA ASP G 72 34.16 20.72 -57.70
C ASP G 72 33.25 21.46 -56.74
N ALA G 73 33.66 22.66 -56.32
CA ALA G 73 32.93 23.38 -55.28
C ALA G 73 31.50 23.67 -55.71
N GLU G 74 31.33 24.32 -56.87
CA GLU G 74 29.99 24.73 -57.29
C GLU G 74 29.05 23.56 -57.37
N ALA G 75 29.54 22.39 -57.80
CA ALA G 75 28.71 21.21 -57.97
C ALA G 75 28.36 20.52 -56.66
N HIS G 76 28.78 21.06 -55.52
CA HIS G 76 28.44 20.46 -54.23
C HIS G 76 28.08 21.52 -53.18
N THR G 77 27.83 22.76 -53.60
CA THR G 77 27.37 23.78 -52.66
C THR G 77 25.94 23.52 -52.21
N ASN G 78 25.14 22.83 -53.04
CA ASN G 78 23.79 22.43 -52.68
C ASN G 78 23.61 20.91 -52.70
N ASP G 79 24.69 20.16 -52.56
CA ASP G 79 24.62 18.71 -52.42
C ASP G 79 24.34 18.37 -50.96
N THR G 80 23.14 17.82 -50.69
CA THR G 80 22.77 17.57 -49.30
C THR G 80 23.64 16.47 -48.67
N ALA G 81 24.35 15.69 -49.47
CA ALA G 81 25.33 14.76 -48.92
C ALA G 81 26.56 15.47 -48.41
N ASN G 82 26.73 16.76 -48.75
CA ASN G 82 27.85 17.57 -48.30
C ASN G 82 27.46 18.56 -47.21
N LEU G 83 26.21 18.54 -46.75
CA LEU G 83 25.67 19.56 -45.86
C LEU G 83 25.09 18.91 -44.62
N MET G 84 25.57 19.32 -43.46
CA MET G 84 25.08 18.84 -42.17
C MET G 84 24.48 20.01 -41.40
N LEU G 85 23.40 19.75 -40.67
CA LEU G 85 22.87 20.72 -39.74
C LEU G 85 23.57 20.53 -38.39
N LEU G 86 24.24 21.58 -37.92
CA LEU G 86 25.02 21.53 -36.69
C LEU G 86 24.70 22.72 -35.81
N CYS G 87 24.85 22.51 -34.49
CA CYS G 87 24.85 23.62 -33.56
C CYS G 87 26.13 24.43 -33.74
N PRO G 88 26.12 25.70 -33.34
CA PRO G 88 27.31 26.54 -33.59
C PRO G 88 28.58 25.99 -32.97
N GLY G 89 28.48 25.32 -31.83
CA GLY G 89 29.67 24.77 -31.19
C GLY G 89 30.26 23.61 -31.96
N CYS G 90 29.42 22.65 -32.35
CA CYS G 90 29.92 21.52 -33.13
C CYS G 90 30.51 22.00 -34.46
N HIS G 91 29.89 23.01 -35.09
CA HIS G 91 30.42 23.50 -36.36
C HIS G 91 31.79 24.17 -36.18
N ASP G 92 31.97 24.93 -35.10
CA ASP G 92 33.27 25.55 -34.87
C ASP G 92 34.32 24.50 -34.55
N LYS G 93 33.94 23.44 -33.84
CA LYS G 93 34.90 22.39 -33.50
C LYS G 93 35.36 21.64 -34.74
N ILE G 94 34.43 21.26 -35.63
CA ILE G 94 34.83 20.45 -36.77
C ILE G 94 35.70 21.28 -37.72
N ASP G 95 35.52 22.60 -37.75
CA ASP G 95 36.29 23.44 -38.65
C ASP G 95 37.61 23.90 -38.05
N ARG G 96 37.77 23.82 -36.73
CA ARG G 96 39.05 24.10 -36.11
C ARG G 96 39.95 22.87 -36.00
N ASP G 97 39.39 21.66 -36.18
CA ASP G 97 40.14 20.40 -36.07
C ASP G 97 39.76 19.50 -37.24
N ALA G 98 40.16 19.91 -38.45
CA ALA G 98 39.84 19.12 -39.64
C ALA G 98 40.49 17.75 -39.58
N ASP G 99 41.72 17.67 -39.04
CA ASP G 99 42.37 16.38 -38.86
C ASP G 99 41.51 15.45 -38.02
N GLY G 100 40.93 15.96 -36.94
CA GLY G 100 40.14 15.14 -36.03
C GLY G 100 38.74 14.84 -36.49
N TYR G 101 38.25 15.54 -37.50
CA TYR G 101 36.91 15.35 -38.04
C TYR G 101 37.00 15.19 -39.55
N PRO G 102 37.58 14.10 -40.01
CA PRO G 102 37.86 13.95 -41.44
C PRO G 102 36.59 13.71 -42.25
N GLU G 103 36.71 13.98 -43.55
CA GLU G 103 35.57 13.91 -44.47
C GLU G 103 34.82 12.58 -44.33
N ASN G 104 35.54 11.46 -44.41
CA ASN G 104 34.85 10.18 -44.45
C ASN G 104 34.12 9.89 -43.14
N ASP G 105 34.65 10.37 -42.01
CA ASP G 105 33.96 10.16 -40.74
C ASP G 105 32.67 10.96 -40.70
N LEU G 106 32.73 12.25 -41.05
CA LEU G 106 31.53 13.06 -41.04
C LEU G 106 30.47 12.51 -41.99
N SER G 107 30.88 12.07 -43.18
CA SER G 107 29.91 11.56 -44.13
C SER G 107 29.17 10.35 -43.56
N GLY G 108 29.90 9.44 -42.91
CA GLY G 108 29.26 8.24 -42.37
C GLY G 108 28.25 8.57 -41.29
N LEU G 109 28.63 9.45 -40.36
CA LEU G 109 27.69 9.91 -39.34
C LEU G 109 26.50 10.63 -39.96
N HIS G 110 26.78 11.50 -40.93
CA HIS G 110 25.71 12.22 -41.63
C HIS G 110 24.68 11.27 -42.20
N GLN G 111 25.11 10.34 -43.05
CA GLN G 111 24.17 9.44 -43.69
C GLN G 111 23.46 8.56 -42.67
N ALA G 112 24.19 8.11 -41.65
CA ALA G 112 23.56 7.31 -40.61
C ALA G 112 22.51 8.13 -39.85
N TYR G 113 22.80 9.41 -39.59
CA TYR G 113 21.82 10.25 -38.90
C TYR G 113 20.56 10.42 -39.74
N LEU G 114 20.72 10.77 -41.02
CA LEU G 114 19.58 10.93 -41.90
C LEU G 114 18.71 9.68 -41.94
N GLU G 115 19.34 8.51 -42.06
CA GLU G 115 18.57 7.28 -42.24
C GLU G 115 17.79 6.91 -40.99
N ARG G 116 18.30 7.26 -39.80
CA ARG G 116 17.54 7.04 -38.58
C ARG G 116 16.27 7.88 -38.56
N ILE G 117 16.35 9.14 -38.99
CA ILE G 117 15.17 9.99 -39.02
C ILE G 117 14.16 9.45 -40.03
N ARG G 118 14.63 9.08 -41.23
CA ARG G 118 13.72 8.59 -42.26
C ARG G 118 12.98 7.32 -41.81
N LEU G 119 13.70 6.39 -41.16
CA LEU G 119 13.05 5.16 -40.72
C LEU G 119 12.01 5.43 -39.63
N ALA G 120 12.28 6.38 -38.73
CA ALA G 120 11.28 6.71 -37.71
C ALA G 120 10.04 7.31 -38.35
N ALA G 121 10.22 8.15 -39.37
CA ALA G 121 9.08 8.78 -40.03
C ALA G 121 8.23 7.77 -40.81
N THR G 122 8.85 6.70 -41.31
CA THR G 122 8.15 5.71 -42.12
C THR G 122 7.68 4.50 -41.33
N THR G 123 8.02 4.41 -40.04
CA THR G 123 7.54 3.30 -39.24
C THR G 123 6.04 3.46 -38.99
N PRO G 124 5.22 2.45 -39.29
CA PRO G 124 3.80 2.53 -38.91
C PRO G 124 3.62 2.47 -37.40
N ASP G 125 2.65 3.24 -36.92
CA ASP G 125 2.33 3.30 -35.50
C ASP G 125 1.81 1.96 -35.02
N GLY G 126 2.48 1.35 -34.04
CA GLY G 126 2.07 0.08 -33.50
C GLY G 126 1.46 0.17 -32.11
N GLY G 127 1.08 1.36 -31.67
CA GLY G 127 0.43 1.51 -30.39
C GLY G 127 1.41 1.90 -29.28
N ARG G 128 0.88 1.91 -28.06
CA ARG G 128 1.66 2.30 -26.89
C ARG G 128 2.03 1.08 -26.07
N ALA G 129 3.07 1.23 -25.25
CA ALA G 129 3.50 0.20 -24.33
C ALA G 129 4.36 0.83 -23.24
N ILE G 130 4.40 0.18 -22.08
CA ILE G 130 5.19 0.66 -20.95
C ILE G 130 6.60 0.06 -21.07
N PRO G 131 7.64 0.88 -21.20
CA PRO G 131 9.01 0.33 -21.13
C PRO G 131 9.31 -0.14 -19.71
N LEU G 132 9.89 -1.33 -19.61
CA LEU G 132 10.21 -1.93 -18.32
C LEU G 132 11.59 -2.56 -18.40
N ILE G 133 12.52 -2.01 -17.63
CA ILE G 133 13.86 -2.53 -17.48
C ILE G 133 14.01 -3.06 -16.06
N VAL G 134 14.49 -4.29 -15.93
CA VAL G 134 14.69 -4.91 -14.62
C VAL G 134 16.09 -5.49 -14.60
N GLN G 135 16.94 -4.96 -13.72
CA GLN G 135 18.33 -5.39 -13.66
C GLN G 135 18.74 -5.58 -12.22
N SER G 136 19.66 -6.51 -12.01
CA SER G 136 20.17 -6.84 -10.70
C SER G 136 21.52 -6.17 -10.49
N GLN G 137 22.09 -6.38 -9.31
CA GLN G 137 23.44 -5.95 -9.00
C GLN G 137 24.23 -7.08 -8.36
N HIS G 138 23.99 -8.31 -8.79
CA HIS G 138 24.64 -9.47 -8.19
C HIS G 138 25.90 -9.89 -8.93
N PHE G 139 26.25 -9.22 -10.03
CA PHE G 139 27.50 -9.45 -10.74
C PHE G 139 28.63 -8.69 -10.07
N GLN G 140 29.86 -9.12 -10.33
CA GLN G 140 31.05 -8.40 -9.87
C GLN G 140 31.47 -7.32 -10.87
N THR G 141 30.58 -6.92 -11.76
CA THR G 141 30.83 -5.86 -12.70
C THR G 141 29.60 -4.96 -12.75
N ILE G 142 29.76 -3.80 -13.38
CA ILE G 142 28.62 -2.94 -13.66
C ILE G 142 27.62 -3.72 -14.49
N ASN G 143 26.33 -3.48 -14.21
CA ASN G 143 25.24 -4.08 -14.97
C ASN G 143 24.22 -2.98 -15.22
N ASP G 144 24.12 -2.50 -16.45
CA ASP G 144 23.26 -1.35 -16.72
C ASP G 144 22.75 -1.42 -18.14
N ILE G 145 21.43 -1.53 -18.28
CA ILE G 145 20.75 -1.55 -19.56
C ILE G 145 20.34 -0.12 -19.91
N PRO G 146 20.85 0.47 -21.00
CA PRO G 146 20.50 1.85 -21.32
C PRO G 146 19.03 1.99 -21.72
N VAL G 147 18.38 3.01 -21.15
CA VAL G 147 16.97 3.25 -21.46
C VAL G 147 16.79 3.57 -22.94
N ARG G 148 17.73 4.30 -23.54
CA ARG G 148 17.55 4.69 -24.94
C ARG G 148 17.46 3.47 -25.84
N ASP G 149 18.27 2.44 -25.57
CA ASP G 149 18.30 1.28 -26.45
C ASP G 149 16.99 0.50 -26.40
N LEU G 150 16.36 0.41 -25.22
CA LEU G 150 15.04 -0.21 -25.16
C LEU G 150 14.01 0.63 -25.92
N LEU G 151 14.03 1.95 -25.70
CA LEU G 151 13.10 2.82 -26.41
C LEU G 151 13.32 2.74 -27.91
N THR G 152 14.58 2.63 -28.33
CA THR G 152 14.88 2.54 -29.75
C THR G 152 14.37 1.23 -30.35
N ALA G 153 14.47 0.14 -29.59
CA ALA G 153 13.98 -1.14 -30.09
C ALA G 153 12.46 -1.14 -30.16
N MET G 154 11.81 -0.54 -29.17
CA MET G 154 10.36 -0.38 -29.23
C MET G 154 9.96 0.43 -30.45
N SER G 155 10.63 1.55 -30.68
CA SER G 155 10.27 2.42 -31.80
C SER G 155 10.39 1.69 -33.13
N ALA G 156 11.41 0.81 -33.26
CA ALA G 156 11.58 0.08 -34.51
C ALA G 156 10.42 -0.87 -34.79
N GLU G 157 9.69 -1.28 -33.74
CA GLU G 157 8.50 -2.10 -33.87
C GLU G 157 7.22 -1.27 -33.81
N GLY G 158 7.32 0.05 -33.95
CA GLY G 158 6.17 0.92 -33.92
C GLY G 158 5.69 1.36 -32.56
N LEU G 159 6.35 0.96 -31.48
CA LEU G 159 5.86 1.22 -30.14
C LEU G 159 6.45 2.51 -29.59
N THR G 160 5.58 3.37 -29.05
CA THR G 160 6.00 4.53 -28.30
C THR G 160 5.46 4.45 -26.89
N ALA G 161 5.96 5.33 -26.03
CA ALA G 161 5.56 5.40 -24.64
C ALA G 161 5.24 6.84 -24.28
N PHE G 162 4.54 7.02 -23.16
CA PHE G 162 4.27 8.36 -22.66
C PHE G 162 5.37 8.88 -21.77
N ASP G 163 6.24 8.00 -21.27
CA ASP G 163 7.41 8.37 -20.50
C ASP G 163 8.49 7.35 -20.80
N GLN G 164 9.70 7.60 -20.31
CA GLN G 164 10.80 6.67 -20.57
C GLN G 164 10.64 5.36 -19.82
N GLY G 165 9.64 5.25 -18.96
CA GLY G 165 9.24 3.96 -18.42
C GLY G 165 9.78 3.69 -17.04
N ILE G 166 9.76 2.41 -16.71
CA ILE G 166 10.15 1.91 -15.39
C ILE G 166 11.51 1.24 -15.53
N LYS G 167 12.38 1.51 -14.57
CA LYS G 167 13.69 0.88 -14.48
C LYS G 167 13.94 0.51 -13.04
N ILE G 168 14.03 -0.80 -12.76
CA ILE G 168 14.17 -1.32 -11.42
C ILE G 168 15.54 -1.96 -11.31
N ALA G 169 16.31 -1.55 -10.31
CA ALA G 169 17.63 -2.11 -10.05
C ALA G 169 17.59 -2.74 -8.67
N PHE G 170 17.70 -4.07 -8.63
CA PHE G 170 17.69 -4.76 -7.35
C PHE G 170 18.81 -4.26 -6.44
N ALA G 171 18.57 -4.31 -5.14
CA ALA G 171 19.65 -4.09 -4.19
C ALA G 171 20.71 -5.16 -4.35
N ALA G 172 21.96 -4.80 -4.10
CA ALA G 172 23.04 -5.74 -4.26
C ALA G 172 23.12 -6.68 -3.07
N PRO G 173 23.80 -7.83 -3.23
CA PRO G 173 23.97 -8.72 -2.08
C PRO G 173 24.76 -8.04 -0.98
N GLY G 174 24.46 -8.40 0.26
CA GLY G 174 25.17 -7.89 1.40
C GLY G 174 26.39 -8.73 1.70
N PRO G 175 26.96 -8.57 2.90
CA PRO G 175 28.18 -9.29 3.24
C PRO G 175 28.01 -10.80 3.33
N ARG G 176 26.77 -11.29 3.27
CA ARG G 176 26.50 -12.72 3.38
C ARG G 176 26.13 -13.35 2.04
N GLY G 177 26.34 -12.64 0.93
CA GLY G 177 25.94 -13.15 -0.35
C GLY G 177 24.45 -13.01 -0.57
N ARG G 178 23.92 -13.87 -1.44
CA ARG G 178 22.49 -13.88 -1.75
C ARG G 178 21.78 -14.74 -0.71
N ASP G 179 21.53 -14.13 0.45
CA ASP G 179 20.92 -14.78 1.59
C ASP G 179 19.40 -14.55 1.57
N THR G 180 18.71 -14.93 2.65
CA THR G 180 17.27 -14.76 2.70
C THR G 180 16.88 -13.30 2.55
N THR G 181 17.65 -12.39 3.16
CA THR G 181 17.36 -10.97 3.03
C THR G 181 17.43 -10.51 1.59
N TYR G 182 18.45 -10.96 0.85
CA TYR G 182 18.54 -10.59 -0.56
C TYR G 182 17.31 -11.02 -1.33
N TRP G 183 16.88 -12.27 -1.16
CA TRP G 183 15.76 -12.77 -1.94
C TRP G 183 14.44 -12.17 -1.50
N GLN G 184 14.32 -11.79 -0.23
CA GLN G 184 13.17 -10.99 0.18
C GLN G 184 13.19 -9.64 -0.54
N ASN G 185 14.37 -9.02 -0.65
CA ASN G 185 14.46 -7.76 -1.37
C ASN G 185 14.06 -7.95 -2.83
N VAL G 186 14.56 -9.02 -3.47
CA VAL G 186 14.15 -9.34 -4.84
C VAL G 186 12.64 -9.47 -4.92
N LYS G 187 12.06 -10.24 -3.99
CA LYS G 187 10.62 -10.41 -3.96
C LYS G 187 9.91 -9.07 -3.84
N ASP G 188 10.41 -8.18 -2.99
CA ASP G 188 9.77 -6.89 -2.80
C ASP G 188 9.92 -6.01 -4.05
N SER G 189 11.08 -6.07 -4.71
CA SER G 189 11.26 -5.28 -5.92
C SER G 189 10.29 -5.72 -7.01
N VAL G 190 10.03 -7.02 -7.11
CA VAL G 190 9.18 -7.54 -8.17
C VAL G 190 7.70 -7.39 -7.82
N GLN G 191 7.32 -7.71 -6.58
CA GLN G 191 5.92 -7.82 -6.23
C GLN G 191 5.33 -6.54 -5.65
N TYR G 192 6.17 -5.62 -5.18
CA TYR G 192 5.68 -4.37 -4.61
C TYR G 192 6.18 -3.17 -5.38
N GLU G 193 7.51 -2.97 -5.46
CA GLU G 193 8.05 -1.78 -6.13
C GLU G 193 7.53 -1.68 -7.56
N LEU G 194 7.50 -2.80 -8.29
CA LEU G 194 7.07 -2.76 -9.68
C LEU G 194 5.58 -2.46 -9.79
N GLU G 195 4.76 -3.15 -8.99
CA GLU G 195 3.32 -2.90 -9.04
C GLU G 195 2.99 -1.45 -8.70
N GLN G 196 3.63 -0.92 -7.65
CA GLN G 196 3.39 0.48 -7.29
C GLN G 196 3.69 1.40 -8.46
N GLN G 197 4.83 1.19 -9.13
CA GLN G 197 5.18 2.09 -10.23
C GLN G 197 4.22 1.91 -11.40
N LEU G 198 3.62 0.74 -11.55
CA LEU G 198 2.60 0.55 -12.58
C LEU G 198 1.31 1.27 -12.19
N LYS G 199 0.88 1.13 -10.92
CA LYS G 199 -0.29 1.87 -10.47
C LYS G 199 -0.12 3.37 -10.73
N ARG G 200 1.04 3.91 -10.37
CA ARG G 200 1.29 5.33 -10.55
C ARG G 200 1.15 5.74 -12.01
N ARG G 201 1.59 4.88 -12.95
CA ARG G 201 1.36 5.16 -14.35
C ARG G 201 -0.09 4.97 -14.74
N GLY G 202 -0.84 4.14 -14.00
CA GLY G 202 -2.26 3.99 -14.20
C GLY G 202 -2.94 5.29 -14.55
N GLY G 203 -3.72 5.28 -15.62
CA GLY G 203 -4.31 6.48 -16.16
C GLY G 203 -3.67 6.83 -17.49
N THR G 204 -2.40 7.25 -17.44
CA THR G 204 -1.66 7.59 -18.64
C THR G 204 -1.77 6.51 -19.72
N TYR G 205 -1.73 5.24 -19.31
CA TYR G 205 -1.78 4.14 -20.26
C TYR G 205 -3.10 3.38 -20.24
N GLY G 206 -4.01 3.72 -19.33
CA GLY G 206 -5.27 3.02 -19.24
C GLY G 206 -5.10 1.60 -18.69
N ASP G 207 -6.18 0.83 -18.81
CA ASP G 207 -6.20 -0.52 -18.30
C ASP G 207 -5.52 -1.48 -19.29
N SER G 208 -5.04 -2.60 -18.75
CA SER G 208 -4.35 -3.63 -19.52
C SER G 208 -3.33 -3.03 -20.49
N PRO G 209 -2.45 -2.14 -20.01
CA PRO G 209 -1.47 -1.54 -20.92
C PRO G 209 -0.38 -2.55 -21.29
N ALA G 210 0.06 -2.48 -22.55
CA ALA G 210 1.12 -3.36 -23.02
C ALA G 210 2.40 -3.11 -22.23
N LEU G 211 3.18 -4.18 -22.05
CA LEU G 211 4.45 -4.13 -21.33
C LEU G 211 5.58 -4.52 -22.27
N ALA G 212 6.54 -3.61 -22.45
CA ALA G 212 7.74 -3.85 -23.23
C ALA G 212 8.88 -4.08 -22.25
N VAL G 213 9.30 -5.33 -22.08
CA VAL G 213 10.08 -5.76 -20.92
C VAL G 213 11.42 -6.33 -21.37
N VAL G 214 12.49 -5.92 -20.68
CA VAL G 214 13.81 -6.51 -20.84
C VAL G 214 14.41 -6.72 -19.45
N GLY G 215 15.11 -7.82 -19.28
CA GLY G 215 15.70 -8.14 -18.00
C GLY G 215 17.12 -8.64 -18.15
N LEU G 216 17.91 -8.37 -17.12
CA LEU G 216 19.28 -8.85 -16.98
C LEU G 216 19.50 -8.89 -15.46
N ALA G 217 19.02 -9.96 -14.84
CA ALA G 217 18.99 -10.10 -13.40
C ALA G 217 19.08 -11.58 -13.06
N ASP G 218 19.09 -11.90 -11.76
CA ASP G 218 19.16 -13.28 -11.32
C ASP G 218 18.11 -14.11 -12.07
N ILE G 219 18.51 -15.30 -12.54
CA ILE G 219 17.57 -16.18 -13.23
C ILE G 219 16.33 -16.45 -12.38
N PRO G 220 16.43 -16.81 -11.10
CA PRO G 220 15.21 -16.99 -10.30
C PRO G 220 14.40 -15.71 -10.20
N ALA G 221 15.07 -14.56 -10.06
CA ALA G 221 14.34 -13.29 -9.99
C ALA G 221 13.63 -13.01 -11.30
N LEU G 222 14.24 -13.35 -12.43
CA LEU G 222 13.58 -13.12 -13.72
C LEU G 222 12.39 -14.06 -13.90
N MET G 223 12.49 -15.28 -13.37
CA MET G 223 11.34 -16.18 -13.39
C MET G 223 10.21 -15.63 -12.53
N MET G 224 10.52 -15.14 -11.33
CA MET G 224 9.50 -14.49 -10.54
C MET G 224 8.89 -13.32 -11.28
N LEU G 225 9.74 -12.49 -11.91
CA LEU G 225 9.23 -11.37 -12.70
C LEU G 225 8.24 -11.85 -13.75
N GLY G 226 8.65 -12.86 -14.54
CA GLY G 226 7.75 -13.38 -15.55
C GLY G 226 6.43 -13.85 -14.97
N GLN G 227 6.48 -14.58 -13.86
CA GLN G 227 5.25 -15.09 -13.26
C GLN G 227 4.30 -13.95 -12.90
N SER G 228 4.84 -12.85 -12.39
CA SER G 228 3.99 -11.76 -11.92
C SER G 228 3.48 -10.86 -13.04
N ILE G 229 3.97 -11.02 -14.27
CA ILE G 229 3.47 -10.26 -15.41
C ILE G 229 2.97 -11.17 -16.52
N GLY G 230 2.79 -12.46 -16.24
CA GLY G 230 2.33 -13.40 -17.25
C GLY G 230 0.85 -13.31 -17.55
N ASP G 231 0.04 -12.94 -16.55
CA ASP G 231 -1.38 -12.72 -16.79
C ASP G 231 -1.63 -11.46 -17.60
N ARG G 232 -0.65 -10.55 -17.66
CA ARG G 232 -0.76 -9.34 -18.45
C ARG G 232 -0.64 -9.68 -19.93
N SER G 233 -1.69 -9.39 -20.70
CA SER G 233 -1.61 -9.57 -22.15
C SER G 233 -0.90 -8.37 -22.77
N LYS G 234 -0.65 -8.47 -24.08
CA LYS G 234 0.12 -7.46 -24.81
C LYS G 234 1.52 -7.29 -24.20
N ARG G 235 2.08 -8.40 -23.74
CA ARG G 235 3.46 -8.42 -23.25
C ARG G 235 4.41 -8.62 -24.42
N LEU G 236 5.44 -7.77 -24.49
CA LEU G 236 6.43 -7.80 -25.57
C LEU G 236 7.81 -7.99 -24.94
N ILE G 237 8.41 -9.14 -25.13
CA ILE G 237 9.70 -9.43 -24.54
C ILE G 237 10.79 -8.90 -25.47
N PHE G 238 11.74 -8.17 -24.89
CA PHE G 238 12.96 -7.76 -25.57
C PHE G 238 14.13 -8.44 -24.88
N SER G 239 15.32 -8.28 -25.45
CA SER G 239 16.49 -9.01 -24.96
C SER G 239 17.75 -8.19 -25.07
N PHE G 240 18.56 -8.23 -24.01
CA PHE G 240 19.90 -7.65 -24.02
C PHE G 240 20.89 -8.68 -24.56
N HIS G 241 21.61 -8.31 -25.62
CA HIS G 241 22.55 -9.16 -26.32
C HIS G 241 23.95 -8.59 -26.13
N ARG G 242 24.92 -9.47 -25.84
CA ARG G 242 26.28 -8.99 -25.62
C ARG G 242 26.83 -8.23 -26.83
N GLU G 243 26.46 -8.61 -28.03
CA GLU G 243 26.95 -7.91 -29.21
C GLU G 243 26.01 -6.81 -29.70
N HIS G 244 24.71 -7.08 -29.73
CA HIS G 244 23.75 -6.17 -30.35
C HIS G 244 22.94 -5.37 -29.35
N LEU G 245 23.28 -5.46 -28.06
CA LEU G 245 22.52 -4.77 -27.02
C LEU G 245 21.03 -5.07 -27.18
N LEU G 246 20.19 -4.05 -27.39
CA LEU G 246 18.76 -4.26 -27.49
C LEU G 246 18.29 -4.52 -28.92
N ARG G 247 19.16 -4.39 -29.90
CA ARG G 247 18.78 -4.71 -31.27
C ARG G 247 18.74 -6.23 -31.43
N TRP G 248 17.67 -6.71 -32.06
CA TRP G 248 17.60 -8.14 -32.36
C TRP G 248 18.76 -8.52 -33.27
N PRO G 249 19.55 -9.55 -32.93
CA PRO G 249 20.72 -9.87 -33.76
C PRO G 249 20.40 -10.15 -35.22
N ASP G 250 19.36 -10.93 -35.51
CA ASP G 250 19.07 -11.35 -36.88
C ASP G 250 17.59 -11.71 -36.98
N GLN G 251 16.79 -10.80 -37.55
CA GLN G 251 15.36 -11.04 -37.61
C GLN G 251 15.01 -12.25 -38.48
N SER G 252 15.88 -12.65 -39.38
CA SER G 252 15.58 -13.76 -40.28
C SER G 252 16.01 -15.10 -39.72
N ALA G 253 16.76 -15.13 -38.63
CA ALA G 253 17.31 -16.38 -38.12
C ALA G 253 16.18 -17.36 -37.78
N GLU G 254 16.40 -18.63 -38.09
CA GLU G 254 15.41 -19.64 -37.75
C GLU G 254 15.68 -20.19 -36.35
N PRO G 255 14.65 -20.44 -35.54
CA PRO G 255 14.90 -20.92 -34.18
C PRO G 255 15.57 -22.28 -34.21
N PRO G 256 16.31 -22.62 -33.16
CA PRO G 256 16.93 -23.95 -33.08
C PRO G 256 15.92 -24.99 -32.61
N SER G 257 16.29 -26.24 -32.84
CA SER G 257 15.52 -27.34 -32.26
C SER G 257 15.78 -27.39 -30.76
N PHE G 258 14.74 -27.69 -30.00
CA PHE G 258 14.84 -27.84 -28.55
C PHE G 258 14.72 -29.34 -28.26
N LEU G 259 15.85 -29.95 -27.93
CA LEU G 259 15.94 -31.38 -27.69
C LEU G 259 15.56 -31.66 -26.25
N PHE G 260 14.74 -32.69 -26.03
CA PHE G 260 14.23 -33.00 -24.70
C PHE G 260 14.53 -34.45 -24.37
N THR G 261 15.19 -34.66 -23.24
CA THR G 261 15.39 -36.00 -22.72
C THR G 261 14.42 -36.23 -21.57
N PRO G 262 13.51 -37.17 -21.67
CA PRO G 262 12.55 -37.39 -20.57
C PRO G 262 13.23 -38.01 -19.38
N PRO G 263 12.69 -37.82 -18.18
CA PRO G 263 13.37 -38.34 -16.98
C PRO G 263 13.18 -39.84 -16.85
N PRO G 264 14.12 -40.53 -16.21
CA PRO G 264 13.93 -41.96 -15.95
C PRO G 264 12.75 -42.18 -15.04
N ASN G 265 12.04 -43.28 -15.26
CA ASN G 265 11.01 -43.68 -14.32
C ASN G 265 11.67 -44.05 -13.00
N GLY G 266 11.01 -43.70 -11.90
CA GLY G 266 11.49 -44.09 -10.60
C GLY G 266 11.02 -43.12 -9.54
N ASP G 267 11.55 -43.31 -8.33
CA ASP G 267 11.38 -42.36 -7.25
C ASP G 267 12.61 -41.45 -7.23
N GLY G 268 12.54 -40.42 -6.40
CA GLY G 268 13.59 -39.45 -6.33
C GLY G 268 13.18 -38.15 -6.96
N PRO G 269 13.81 -37.06 -6.53
CA PRO G 269 13.36 -35.72 -6.94
C PRO G 269 13.41 -35.57 -8.45
N LEU G 270 12.35 -35.01 -9.01
CA LEU G 270 12.30 -34.70 -10.43
C LEU G 270 13.05 -33.39 -10.69
N ALA G 271 13.99 -33.44 -11.63
CA ALA G 271 14.83 -32.29 -11.94
C ALA G 271 14.67 -31.91 -13.40
N LEU G 272 14.45 -30.62 -13.64
CA LEU G 272 14.40 -30.05 -14.99
C LEU G 272 15.66 -29.24 -15.22
N VAL G 273 16.46 -29.65 -16.20
CA VAL G 273 17.72 -29.01 -16.54
C VAL G 273 17.53 -28.30 -17.88
N LEU G 274 17.86 -27.02 -17.91
CA LEU G 274 17.74 -26.21 -19.13
C LEU G 274 19.15 -25.83 -19.57
N SER G 275 19.62 -26.48 -20.63
CA SER G 275 20.94 -26.24 -21.22
C SER G 275 20.75 -25.47 -22.53
N ILE G 276 20.49 -24.17 -22.40
CA ILE G 276 20.30 -23.28 -23.56
C ILE G 276 21.52 -22.37 -23.75
N SER G 277 21.87 -21.60 -22.71
CA SER G 277 23.06 -20.75 -22.79
C SER G 277 24.33 -21.58 -22.76
N ALA G 278 24.28 -22.73 -22.11
CA ALA G 278 25.46 -23.54 -21.85
C ALA G 278 24.99 -24.92 -21.43
N GLN G 279 25.92 -25.87 -21.49
CA GLN G 279 25.63 -27.23 -21.03
C GLN G 279 25.77 -27.27 -19.51
N VAL G 280 24.68 -27.55 -18.82
CA VAL G 280 24.72 -27.76 -17.37
C VAL G 280 25.35 -29.13 -17.14
N PRO G 281 26.47 -29.20 -16.41
CA PRO G 281 27.09 -30.51 -16.17
C PRO G 281 26.22 -31.39 -15.28
N VAL G 282 26.00 -32.63 -15.72
CA VAL G 282 25.25 -33.60 -14.93
C VAL G 282 25.77 -33.66 -13.50
N ARG G 283 27.09 -33.74 -13.35
CA ARG G 283 27.69 -33.82 -12.01
C ARG G 283 27.18 -32.71 -11.10
N ASP G 284 26.89 -31.53 -11.63
CA ASP G 284 26.46 -30.44 -10.77
C ASP G 284 25.02 -30.61 -10.30
N VAL G 285 24.17 -31.22 -11.12
CA VAL G 285 22.81 -31.48 -10.71
C VAL G 285 22.78 -32.59 -9.66
N THR G 286 23.52 -33.68 -9.91
CA THR G 286 23.52 -34.79 -8.98
C THR G 286 24.18 -34.41 -7.65
N ASP G 287 25.13 -33.47 -7.67
CA ASP G 287 25.78 -33.07 -6.41
C ASP G 287 24.82 -32.30 -5.52
N ALA G 288 23.95 -31.48 -6.11
CA ALA G 288 22.96 -30.75 -5.33
C ALA G 288 21.74 -31.58 -5.01
N LEU G 289 21.43 -32.55 -5.87
CA LEU G 289 20.16 -33.27 -5.82
C LEU G 289 20.40 -34.70 -6.27
N PRO G 290 21.09 -35.49 -5.45
CA PRO G 290 21.42 -36.86 -5.85
C PRO G 290 20.18 -37.72 -5.94
N GLY G 291 20.27 -38.75 -6.77
CA GLY G 291 19.07 -39.53 -7.05
C GLY G 291 18.03 -38.79 -7.86
N ALA G 292 18.38 -37.62 -8.40
CA ALA G 292 17.43 -36.87 -9.20
C ALA G 292 17.09 -37.61 -10.47
N ARG G 293 15.81 -37.58 -10.84
CA ARG G 293 15.35 -38.00 -12.15
C ARG G 293 15.43 -36.77 -13.05
N ILE G 294 16.39 -36.76 -13.96
CA ILE G 294 16.76 -35.55 -14.69
C ILE G 294 16.07 -35.55 -16.05
N ALA G 295 15.24 -34.55 -16.27
CA ALA G 295 14.74 -34.21 -17.60
C ALA G 295 15.54 -33.00 -18.08
N GLU G 296 15.87 -32.99 -19.38
CA GLU G 296 16.70 -31.90 -19.89
C GLU G 296 16.18 -31.38 -21.22
N LEU G 297 16.00 -30.06 -21.29
CA LEU G 297 15.72 -29.35 -22.53
C LEU G 297 16.96 -28.58 -22.92
N SER G 298 17.43 -28.77 -24.15
CA SER G 298 18.65 -28.13 -24.60
C SER G 298 18.50 -27.71 -26.06
N ILE G 299 19.54 -27.10 -26.60
CA ILE G 299 19.66 -26.90 -28.04
C ILE G 299 20.92 -27.60 -28.50
N PRO G 300 21.08 -27.81 -29.81
CA PRO G 300 22.26 -28.53 -30.29
C PRO G 300 23.58 -27.87 -29.93
N GLU G 301 23.66 -26.55 -29.98
CA GLU G 301 24.89 -25.79 -29.73
C GLU G 301 24.58 -24.70 -28.71
N PRO G 302 24.59 -25.03 -27.42
CA PRO G 302 24.30 -24.02 -26.40
C PRO G 302 25.27 -22.85 -26.50
N SER G 303 24.72 -21.64 -26.40
CA SER G 303 25.46 -20.43 -26.72
C SER G 303 24.83 -19.24 -26.01
N TYR G 304 25.65 -18.40 -25.40
CA TYR G 304 25.14 -17.16 -24.83
C TYR G 304 24.44 -16.30 -25.87
N ALA G 305 24.78 -16.47 -27.15
CA ALA G 305 24.35 -15.56 -28.21
C ALA G 305 23.03 -15.94 -28.86
N MET G 306 22.36 -16.99 -28.39
CA MET G 306 21.33 -17.67 -29.19
C MET G 306 20.02 -16.91 -29.32
N VAL G 307 19.82 -15.79 -28.63
CA VAL G 307 18.53 -15.07 -28.69
C VAL G 307 18.61 -14.15 -29.90
N GLN G 308 18.34 -14.72 -31.08
CA GLN G 308 18.48 -13.98 -32.32
C GLN G 308 17.28 -13.12 -32.67
N ASN G 309 16.11 -13.44 -32.14
CA ASN G 309 14.90 -12.70 -32.45
C ASN G 309 13.81 -13.22 -31.53
N ARG G 310 12.68 -12.53 -31.53
CA ARG G 310 11.61 -12.92 -30.61
C ARG G 310 11.08 -14.30 -30.95
N ARG G 311 11.16 -14.72 -32.22
CA ARG G 311 10.68 -16.05 -32.57
C ARG G 311 11.47 -17.15 -31.88
N VAL G 312 12.76 -16.94 -31.66
CA VAL G 312 13.52 -17.88 -30.83
C VAL G 312 12.89 -17.99 -29.45
N ILE G 313 12.42 -16.87 -28.89
CA ILE G 313 11.83 -16.88 -27.56
C ILE G 313 10.48 -17.60 -27.59
N HIS G 314 9.64 -17.29 -28.58
CA HIS G 314 8.35 -17.98 -28.69
C HIS G 314 8.55 -19.46 -28.95
N ALA G 315 9.54 -19.81 -29.78
CA ALA G 315 9.82 -21.21 -30.03
C ALA G 315 10.21 -21.92 -28.74
N PHE G 316 10.94 -21.23 -27.87
CA PHE G 316 11.38 -21.84 -26.62
C PHE G 316 10.21 -22.04 -25.66
N ARG G 317 9.30 -21.07 -25.58
CA ARG G 317 8.20 -21.23 -24.64
C ARG G 317 7.20 -22.26 -25.15
N ASP G 318 7.03 -22.39 -26.47
CA ASP G 318 6.19 -23.46 -27.01
C ASP G 318 6.76 -24.83 -26.63
N ALA G 319 8.06 -25.02 -26.87
CA ALA G 319 8.69 -26.30 -26.55
C ALA G 319 8.62 -26.59 -25.07
N LEU G 320 8.81 -25.57 -24.24
CA LEU G 320 8.84 -25.77 -22.79
C LEU G 320 7.43 -26.00 -22.25
N GLN G 321 6.44 -25.31 -22.81
CA GLN G 321 5.05 -25.49 -22.40
C GLN G 321 4.67 -26.97 -22.36
N ILE G 322 4.91 -27.67 -23.46
CA ILE G 322 4.64 -29.11 -23.54
C ILE G 322 5.31 -29.84 -22.38
N ARG G 323 6.63 -29.67 -22.25
CA ARG G 323 7.41 -30.49 -21.31
C ARG G 323 7.05 -30.19 -19.86
N LEU G 324 6.67 -28.95 -19.55
CA LEU G 324 6.25 -28.65 -18.19
C LEU G 324 5.04 -29.49 -17.79
N SER G 325 4.08 -29.63 -18.71
CA SER G 325 2.91 -30.46 -18.45
C SER G 325 3.31 -31.91 -18.28
N GLN G 326 4.15 -32.42 -19.19
CA GLN G 326 4.63 -33.79 -19.07
C GLN G 326 5.32 -34.03 -17.74
N LEU G 327 6.17 -33.10 -17.31
CA LEU G 327 6.88 -33.30 -16.05
C LEU G 327 5.96 -33.10 -14.86
N GLU G 328 5.08 -32.10 -14.93
CA GLU G 328 4.19 -31.82 -13.81
C GLU G 328 3.27 -32.99 -13.49
N ALA G 329 2.98 -33.83 -14.49
CA ALA G 329 2.11 -34.98 -14.28
C ALA G 329 2.82 -36.12 -13.56
N LEU G 330 4.14 -36.06 -13.40
CA LEU G 330 4.92 -37.18 -12.93
C LEU G 330 5.11 -37.22 -11.41
N THR G 331 4.76 -36.16 -10.70
CA THR G 331 4.99 -36.17 -9.25
C THR G 331 4.09 -35.14 -8.59
N PRO G 332 3.71 -35.34 -7.32
CA PRO G 332 3.13 -34.26 -6.54
C PRO G 332 4.17 -33.40 -5.85
N ASP G 333 5.42 -33.87 -5.80
CA ASP G 333 6.52 -33.14 -5.21
C ASP G 333 7.04 -32.07 -6.17
N PRO G 334 7.79 -31.10 -5.67
CA PRO G 334 8.20 -29.98 -6.52
C PRO G 334 9.14 -30.42 -7.63
N ILE G 335 9.14 -29.63 -8.69
CA ILE G 335 10.09 -29.78 -9.80
C ILE G 335 11.26 -28.86 -9.54
N HIS G 336 12.46 -29.42 -9.55
CA HIS G 336 13.68 -28.70 -9.23
C HIS G 336 14.35 -28.25 -10.53
N VAL G 337 14.60 -26.94 -10.64
CA VAL G 337 15.02 -26.31 -11.89
C VAL G 337 16.50 -25.98 -11.80
N PHE G 338 17.25 -26.41 -12.81
CA PHE G 338 18.67 -26.06 -12.97
C PHE G 338 18.82 -25.51 -14.37
N ALA G 339 18.99 -24.19 -14.49
CA ALA G 339 18.88 -23.53 -15.78
C ALA G 339 20.11 -22.69 -16.08
N ALA G 340 20.69 -22.93 -17.24
CA ALA G 340 21.64 -22.01 -17.88
C ALA G 340 20.92 -21.52 -19.13
N ILE G 341 20.21 -20.40 -19.00
CA ILE G 341 19.37 -19.88 -20.07
C ILE G 341 19.52 -18.38 -20.16
N PRO G 342 19.31 -17.83 -21.36
CA PRO G 342 19.32 -16.37 -21.50
C PRO G 342 18.23 -15.71 -20.65
N ALA G 343 18.50 -14.43 -20.30
CA ALA G 343 17.62 -13.71 -19.38
C ALA G 343 16.21 -13.59 -19.93
N ALA G 344 16.08 -13.35 -21.24
CA ALA G 344 14.76 -13.27 -21.84
C ALA G 344 14.01 -14.60 -21.72
N LEU G 345 14.72 -15.72 -21.83
CA LEU G 345 14.05 -17.00 -21.73
C LEU G 345 13.66 -17.31 -20.29
N ALA G 346 14.37 -16.72 -19.32
CA ALA G 346 13.98 -16.89 -17.93
C ALA G 346 12.66 -16.18 -17.64
N ILE G 347 12.46 -14.98 -18.19
CA ILE G 347 11.19 -14.29 -18.03
C ILE G 347 10.06 -15.13 -18.62
N GLU G 348 10.26 -15.63 -19.84
CA GLU G 348 9.22 -16.40 -20.51
C GLU G 348 8.92 -17.69 -19.75
N PHE G 349 9.92 -18.28 -19.12
CA PHE G 349 9.68 -19.45 -18.27
C PHE G 349 8.72 -19.11 -17.14
N GLY G 350 8.95 -17.99 -16.46
CA GLY G 350 8.08 -17.62 -15.36
C GLY G 350 6.67 -17.30 -15.81
N ALA G 351 6.54 -16.64 -16.95
CA ALA G 351 5.21 -16.30 -17.46
C ALA G 351 4.36 -17.55 -17.67
N LEU G 352 4.99 -18.68 -18.01
CA LEU G 352 4.25 -19.91 -18.22
C LEU G 352 3.65 -20.45 -16.92
N LEU G 353 4.15 -20.02 -15.78
CA LEU G 353 3.72 -20.54 -14.49
C LEU G 353 2.59 -19.74 -13.86
N THR G 354 2.15 -18.66 -14.51
CA THR G 354 1.18 -17.77 -13.88
C THR G 354 -0.20 -18.42 -13.83
N THR G 355 -0.64 -19.07 -14.91
CA THR G 355 -1.93 -19.73 -14.95
C THR G 355 -1.85 -21.14 -15.51
N GLN G 356 -1.00 -21.36 -16.52
CA GLN G 356 -1.02 -22.60 -17.28
C GLN G 356 -0.50 -23.78 -16.47
N HIS G 357 0.59 -23.58 -15.73
CA HIS G 357 1.29 -24.66 -15.04
C HIS G 357 1.32 -24.34 -13.55
N GLN G 358 0.43 -25.00 -12.80
CA GLN G 358 0.20 -24.67 -11.39
C GLN G 358 0.79 -25.71 -10.45
N HIS G 359 2.09 -25.96 -10.58
CA HIS G 359 2.86 -26.89 -9.77
C HIS G 359 3.94 -26.12 -9.03
N THR G 360 4.47 -26.72 -7.97
CA THR G 360 5.53 -26.08 -7.20
C THR G 360 6.88 -26.27 -7.88
N TYR G 361 7.63 -25.18 -8.04
CA TYR G 361 8.94 -25.20 -8.68
C TYR G 361 9.97 -24.64 -7.72
N LEU G 362 11.05 -25.40 -7.50
CA LEU G 362 12.16 -24.97 -6.65
C LEU G 362 13.32 -24.60 -7.57
N ILE G 363 13.65 -23.31 -7.62
CA ILE G 363 14.68 -22.83 -8.53
C ILE G 363 16.03 -22.89 -7.83
N PHE G 364 16.97 -23.64 -8.43
CA PHE G 364 18.34 -23.67 -7.99
C PHE G 364 19.16 -22.69 -8.82
N ASP G 365 20.22 -22.16 -8.21
CA ASP G 365 21.11 -21.24 -8.91
C ASP G 365 22.52 -21.42 -8.38
N ARG G 366 23.49 -20.97 -9.19
CA ARG G 366 24.88 -21.05 -8.82
C ARG G 366 25.16 -20.15 -7.62
N ASP G 367 25.97 -20.64 -6.69
CA ASP G 367 26.18 -20.03 -5.38
C ASP G 367 27.65 -19.69 -5.23
N LYS G 368 27.99 -18.40 -5.23
CA LYS G 368 29.39 -18.02 -5.09
C LYS G 368 29.92 -18.32 -3.69
N GLU G 369 29.04 -18.39 -2.69
CA GLU G 369 29.46 -18.74 -1.34
C GLU G 369 29.60 -20.23 -1.13
N ASN G 370 29.38 -21.04 -2.16
CA ASN G 370 29.48 -22.50 -2.08
C ASN G 370 30.28 -23.07 -3.24
N GLN G 371 31.27 -22.33 -3.73
CA GLN G 371 32.22 -22.85 -4.71
C GLN G 371 31.53 -23.19 -6.03
N ASP G 372 30.49 -22.44 -6.37
CA ASP G 372 29.75 -22.52 -7.63
C ASP G 372 28.75 -23.66 -7.66
N ARG G 373 28.54 -24.36 -6.54
CA ARG G 373 27.52 -25.39 -6.47
C ARG G 373 26.13 -24.78 -6.60
N PHE G 374 25.23 -25.55 -7.22
CA PHE G 374 23.81 -25.19 -7.22
C PHE G 374 23.25 -25.27 -5.80
N THR G 375 22.46 -24.27 -5.43
CA THR G 375 21.71 -24.30 -4.18
C THR G 375 20.34 -23.69 -4.40
N GLN G 376 19.40 -24.08 -3.54
CA GLN G 376 18.02 -23.61 -3.63
C GLN G 376 17.93 -22.11 -3.40
N THR G 377 17.08 -21.45 -4.17
CA THR G 377 16.82 -20.04 -3.94
C THR G 377 15.32 -19.80 -3.77
N LEU G 378 14.66 -19.35 -4.83
CA LEU G 378 13.24 -19.01 -4.77
C LEU G 378 12.36 -20.24 -5.03
N GLN G 379 11.23 -20.29 -4.33
CA GLN G 379 10.17 -21.23 -4.64
C GLN G 379 9.08 -20.50 -5.41
N LEU G 380 8.69 -21.04 -6.56
CA LEU G 380 7.64 -20.48 -7.39
C LEU G 380 6.49 -21.47 -7.51
N GLY G 381 5.28 -20.94 -7.63
CA GLY G 381 4.12 -21.76 -7.82
C GLY G 381 2.87 -21.11 -7.26
N PRO G 382 1.74 -21.84 -7.31
CA PRO G 382 0.44 -21.41 -6.79
C PRO G 382 0.50 -20.49 -5.59
N SER H 11 -11.57 27.44 -47.97
CA SER H 11 -12.29 26.68 -46.88
C SER H 11 -11.79 25.24 -46.85
N GLY H 12 -11.47 24.76 -45.66
CA GLY H 12 -10.96 23.42 -45.47
C GLY H 12 -9.46 23.33 -45.30
N ARG H 13 -8.73 24.40 -45.60
CA ARG H 13 -7.29 24.46 -45.41
C ARG H 13 -6.97 25.36 -44.23
N PHE H 14 -6.08 24.91 -43.35
CA PHE H 14 -5.67 25.68 -42.18
C PHE H 14 -4.64 26.72 -42.59
N ASN H 15 -4.82 27.96 -42.11
CA ASN H 15 -4.04 29.09 -42.59
C ASN H 15 -2.71 29.20 -41.84
N THR H 16 -1.60 29.08 -42.57
CA THR H 16 -0.27 29.19 -42.00
C THR H 16 0.61 30.07 -42.86
N ASN H 17 1.37 30.95 -42.21
CA ASN H 17 2.39 31.74 -42.87
C ASN H 17 3.62 30.88 -43.14
N ASP H 18 4.59 31.47 -43.87
CA ASP H 18 5.80 30.74 -44.23
C ASP H 18 6.54 30.25 -42.99
N GLU H 19 6.66 31.09 -41.96
CA GLU H 19 7.45 30.72 -40.79
C GLU H 19 6.84 29.54 -40.05
N THR H 20 5.51 29.51 -39.90
CA THR H 20 4.88 28.39 -39.23
C THR H 20 5.07 27.10 -40.04
N LYS H 21 5.02 27.19 -41.37
CA LYS H 21 5.20 26.01 -42.18
C LYS H 21 6.59 25.41 -42.01
N ARG H 22 7.62 26.25 -41.86
CA ARG H 22 8.97 25.73 -41.71
C ARG H 22 9.12 24.97 -40.40
N ILE H 23 8.50 25.48 -39.32
CA ILE H 23 8.52 24.76 -38.05
C ILE H 23 7.87 23.39 -38.19
N VAL H 24 6.73 23.33 -38.89
CA VAL H 24 5.97 22.08 -38.94
C VAL H 24 6.70 21.05 -39.80
N TRP H 25 7.18 21.48 -40.98
CA TRP H 25 7.98 20.60 -41.82
C TRP H 25 9.17 20.03 -41.04
N THR H 26 9.83 20.88 -40.26
CA THR H 26 11.03 20.46 -39.55
C THR H 26 10.69 19.44 -38.46
N GLN H 27 9.66 19.70 -37.67
CA GLN H 27 9.37 18.79 -36.56
C GLN H 27 8.84 17.45 -37.05
N THR H 28 8.24 17.39 -38.24
CA THR H 28 7.77 16.13 -38.80
C THR H 28 8.80 15.48 -39.73
N ALA H 29 9.94 16.11 -39.93
CA ALA H 29 10.99 15.62 -40.82
C ALA H 29 10.48 15.50 -42.25
N GLY H 30 9.44 16.24 -42.61
CA GLY H 30 8.99 16.31 -43.98
C GLY H 30 8.28 15.09 -44.49
N HIS H 31 7.64 14.31 -43.62
CA HIS H 31 6.87 13.15 -44.02
C HIS H 31 5.42 13.32 -43.58
N CYS H 32 4.51 12.70 -44.32
CA CYS H 32 3.12 12.61 -43.87
C CYS H 32 3.06 11.74 -42.62
N GLU H 33 2.45 12.28 -41.56
CA GLU H 33 2.41 11.54 -40.29
C GLU H 33 1.43 10.36 -40.35
N LEU H 34 0.54 10.33 -41.33
CA LEU H 34 -0.47 9.28 -41.39
C LEU H 34 -0.04 8.10 -42.27
N CYS H 35 0.70 8.34 -43.35
CA CYS H 35 1.17 7.25 -44.20
C CYS H 35 2.69 7.15 -44.29
N GLY H 36 3.43 8.12 -43.75
CA GLY H 36 4.87 8.04 -43.75
C GLY H 36 5.55 8.47 -45.02
N THR H 37 4.79 8.84 -46.05
CA THR H 37 5.40 9.20 -47.32
C THR H 37 6.27 10.45 -47.17
N ASP H 38 7.40 10.44 -47.88
CA ASP H 38 8.35 11.54 -47.84
C ASP H 38 7.87 12.64 -48.77
N LEU H 39 7.56 13.80 -48.21
CA LEU H 39 7.01 14.92 -48.98
C LEU H 39 8.09 15.87 -49.47
N THR H 40 9.37 15.53 -49.28
CA THR H 40 10.47 16.17 -49.98
C THR H 40 10.81 15.45 -51.28
N PHE H 41 10.05 14.41 -51.63
CA PHE H 41 10.37 13.58 -52.78
C PHE H 41 10.61 14.41 -54.03
N ASP H 42 9.83 15.47 -54.24
CA ASP H 42 9.99 16.27 -55.44
C ASP H 42 11.37 16.92 -55.49
N TYR H 43 11.86 17.41 -54.35
CA TYR H 43 13.23 17.93 -54.31
C TYR H 43 14.23 16.84 -54.65
N ARG H 44 14.06 15.65 -54.07
CA ARG H 44 14.97 14.55 -54.37
C ARG H 44 14.95 14.20 -55.85
N ALA H 45 13.80 14.35 -56.50
CA ALA H 45 13.64 14.00 -57.90
C ALA H 45 13.95 15.18 -58.83
N GLY H 46 14.60 16.22 -58.32
CA GLY H 46 15.06 17.30 -59.17
C GLY H 46 14.03 18.35 -59.51
N LYS H 47 12.93 18.43 -58.78
CA LYS H 47 11.87 19.39 -59.04
C LYS H 47 11.86 20.49 -57.98
N PRO H 48 11.31 21.66 -58.31
CA PRO H 48 11.16 22.69 -57.28
C PRO H 48 10.19 22.23 -56.19
N MET H 49 10.44 22.69 -54.97
CA MET H 49 9.57 22.38 -53.86
C MET H 49 8.45 23.41 -53.82
N LYS H 50 7.22 22.96 -54.07
CA LYS H 50 6.02 23.73 -53.82
C LYS H 50 5.50 23.28 -52.46
N TRP H 51 6.13 23.81 -51.41
CA TRP H 51 5.90 23.31 -50.06
C TRP H 51 4.41 23.31 -49.72
N GLY H 52 3.69 24.36 -50.11
CA GLY H 52 2.28 24.48 -49.80
C GLY H 52 1.34 23.65 -50.64
N GLU H 53 1.83 23.07 -51.74
CA GLU H 53 0.99 22.21 -52.56
C GLU H 53 1.23 20.73 -52.30
N VAL H 54 2.46 20.33 -51.97
CA VAL H 54 2.76 18.91 -51.75
C VAL H 54 2.37 18.45 -50.37
N ALA H 55 2.05 19.36 -49.45
CA ALA H 55 1.61 19.00 -48.11
C ALA H 55 0.58 20.01 -47.62
N HIS H 56 -0.31 19.53 -46.77
CA HIS H 56 -1.29 20.36 -46.07
C HIS H 56 -1.06 20.21 -44.57
N ILE H 57 -1.12 21.32 -43.87
CA ILE H 57 -1.01 21.34 -42.41
C ILE H 57 -2.41 21.29 -41.82
N LEU H 58 -2.52 20.68 -40.66
CA LEU H 58 -3.80 20.56 -39.99
C LEU H 58 -3.59 20.38 -38.49
N PRO H 59 -4.25 21.16 -37.65
CA PRO H 59 -4.15 20.90 -36.21
C PRO H 59 -4.60 19.49 -35.90
N ALA H 60 -3.97 18.89 -34.89
CA ALA H 60 -4.26 17.50 -34.56
C ALA H 60 -5.55 17.33 -33.76
N SER H 61 -6.13 18.42 -33.29
CA SER H 61 -7.32 18.38 -32.45
C SER H 61 -8.39 19.30 -33.02
N PRO H 62 -9.67 18.92 -32.88
CA PRO H 62 -10.74 19.84 -33.32
C PRO H 62 -10.70 21.16 -32.54
N ASP H 79 -0.37 25.73 -29.97
CA ASP H 79 1.07 25.73 -30.22
C ASP H 79 1.38 25.03 -31.54
N THR H 80 2.58 25.24 -32.05
CA THR H 80 2.99 24.58 -33.28
C THR H 80 3.19 23.08 -33.09
N ALA H 81 3.33 22.62 -31.85
CA ALA H 81 3.49 21.19 -31.60
C ALA H 81 2.19 20.42 -31.77
N ASN H 82 1.06 21.12 -31.89
CA ASN H 82 -0.24 20.52 -32.15
C ASN H 82 -0.59 20.50 -33.64
N LEU H 83 0.31 20.97 -34.50
CA LEU H 83 0.07 20.99 -35.93
C LEU H 83 0.71 19.77 -36.59
N MET H 84 -0.03 19.12 -37.49
CA MET H 84 0.44 17.96 -38.20
C MET H 84 0.85 18.33 -39.62
N LEU H 85 1.69 17.49 -40.21
CA LEU H 85 1.97 17.53 -41.64
C LEU H 85 1.31 16.32 -42.27
N LEU H 86 0.51 16.56 -43.31
CA LEU H 86 -0.13 15.50 -44.06
C LEU H 86 0.13 15.69 -45.55
N CYS H 87 0.05 14.60 -46.29
CA CYS H 87 0.02 14.69 -47.75
C CYS H 87 -1.41 15.01 -48.20
N PRO H 88 -1.58 15.57 -49.39
CA PRO H 88 -2.93 15.95 -49.82
C PRO H 88 -3.92 14.79 -49.79
N GLY H 89 -3.48 13.56 -50.08
CA GLY H 89 -4.40 12.44 -50.08
C GLY H 89 -4.92 12.12 -48.68
N CYS H 90 -4.03 12.08 -47.70
CA CYS H 90 -4.48 11.81 -46.33
C CYS H 90 -5.24 13.00 -45.75
N HIS H 91 -4.91 14.21 -46.20
CA HIS H 91 -5.67 15.39 -45.79
C HIS H 91 -7.12 15.31 -46.25
N ASP H 92 -7.36 14.67 -47.40
CA ASP H 92 -8.71 14.55 -47.92
C ASP H 92 -9.54 13.55 -47.14
N LYS H 93 -8.90 12.56 -46.52
CA LYS H 93 -9.64 11.58 -45.73
C LYS H 93 -10.11 12.13 -44.39
N ILE H 94 -9.67 13.31 -43.99
CA ILE H 94 -10.01 13.89 -42.69
C ILE H 94 -11.10 14.93 -42.88
N ASP H 95 -12.19 14.79 -42.14
CA ASP H 95 -13.28 15.75 -42.18
C ASP H 95 -12.92 16.97 -41.34
N ARG H 96 -13.02 18.16 -41.95
CA ARG H 96 -12.57 19.40 -41.33
C ARG H 96 -13.65 20.45 -41.45
N ASP H 97 -13.65 21.39 -40.50
CA ASP H 97 -14.51 22.55 -40.62
C ASP H 97 -13.91 23.52 -41.65
N ALA H 98 -14.56 24.67 -41.82
CA ALA H 98 -14.09 25.65 -42.79
C ALA H 98 -12.75 26.25 -42.41
N ASP H 99 -12.29 26.05 -41.17
CA ASP H 99 -11.01 26.59 -40.71
C ASP H 99 -9.90 25.55 -40.70
N GLY H 100 -10.09 24.42 -41.39
CA GLY H 100 -9.06 23.40 -41.49
C GLY H 100 -8.92 22.48 -40.30
N TYR H 101 -9.67 22.70 -39.23
CA TYR H 101 -9.55 21.85 -38.05
C TYR H 101 -10.24 20.50 -38.31
N PRO H 102 -9.73 19.43 -37.70
CA PRO H 102 -10.35 18.11 -37.88
C PRO H 102 -11.53 17.90 -36.95
N GLU H 103 -12.37 16.94 -37.33
CA GLU H 103 -13.50 16.56 -36.48
C GLU H 103 -13.14 15.46 -35.50
N ASN H 104 -12.34 14.48 -35.92
CA ASN H 104 -11.83 13.45 -35.02
C ASN H 104 -10.45 13.83 -34.50
N ASP H 105 -10.18 13.43 -33.26
CA ASP H 105 -8.93 13.80 -32.60
C ASP H 105 -7.79 12.91 -33.08
N LEU H 106 -6.72 13.54 -33.58
CA LEU H 106 -5.53 12.84 -34.03
C LEU H 106 -4.34 13.04 -33.11
N SER H 107 -4.56 13.62 -31.92
CA SER H 107 -3.44 14.00 -31.06
C SER H 107 -2.63 12.78 -30.63
N GLY H 108 -3.28 11.64 -30.41
CA GLY H 108 -2.56 10.45 -30.00
C GLY H 108 -1.55 10.00 -31.04
N LEU H 109 -1.99 9.90 -32.30
CA LEU H 109 -1.07 9.47 -33.35
C LEU H 109 0.00 10.53 -33.61
N HIS H 110 -0.39 11.80 -33.57
CA HIS H 110 0.56 12.89 -33.83
C HIS H 110 1.68 12.91 -32.81
N GLN H 111 1.34 12.82 -31.53
CA GLN H 111 2.35 12.87 -30.49
C GLN H 111 3.24 11.62 -30.52
N ALA H 112 2.67 10.47 -30.89
CA ALA H 112 3.50 9.29 -31.06
C ALA H 112 4.47 9.47 -32.22
N TYR H 113 4.00 10.08 -33.31
CA TYR H 113 4.87 10.30 -34.46
C TYR H 113 6.04 11.21 -34.09
N LEU H 114 5.76 12.32 -33.42
CA LEU H 114 6.83 13.23 -33.00
C LEU H 114 7.79 12.54 -32.04
N GLU H 115 7.28 11.67 -31.17
CA GLU H 115 8.15 10.97 -30.22
C GLU H 115 9.13 10.08 -30.95
N ARG H 116 8.68 9.40 -32.01
CA ARG H 116 9.60 8.59 -32.81
C ARG H 116 10.68 9.47 -33.44
N ILE H 117 10.30 10.65 -33.93
CA ILE H 117 11.25 11.55 -34.58
C ILE H 117 12.24 12.10 -33.56
N ARG H 118 11.76 12.49 -32.37
CA ARG H 118 12.67 13.03 -31.36
C ARG H 118 13.68 11.97 -30.92
N LEU H 119 13.19 10.75 -30.68
CA LEU H 119 14.08 9.65 -30.33
C LEU H 119 15.20 9.50 -31.34
N ALA H 120 14.86 9.50 -32.63
CA ALA H 120 15.88 9.38 -33.66
C ALA H 120 16.74 10.64 -33.75
N ALA H 121 16.11 11.81 -33.65
CA ALA H 121 16.86 13.05 -33.80
C ALA H 121 17.88 13.25 -32.67
N THR H 122 17.60 12.71 -31.48
CA THR H 122 18.49 12.86 -30.34
C THR H 122 19.50 11.72 -30.22
N THR H 123 19.54 10.83 -31.20
CA THR H 123 20.38 9.65 -31.08
C THR H 123 21.85 9.95 -30.84
N PRO H 124 22.43 11.00 -31.43
CA PRO H 124 23.87 11.23 -31.17
C PRO H 124 24.21 11.38 -29.70
N ASP H 125 23.28 11.85 -28.86
CA ASP H 125 23.63 11.96 -27.44
C ASP H 125 23.72 10.60 -26.76
N GLY H 126 23.23 9.54 -27.40
CA GLY H 126 23.47 8.20 -26.91
C GLY H 126 24.90 7.73 -27.03
N GLY H 127 25.77 8.55 -27.59
CA GLY H 127 27.18 8.25 -27.71
C GLY H 127 28.07 8.84 -26.65
N ARG H 128 27.51 9.53 -25.66
CA ARG H 128 28.30 9.99 -24.52
C ARG H 128 29.12 8.81 -23.99
N ALA H 129 30.42 9.04 -23.79
CA ALA H 129 31.35 7.95 -23.57
C ALA H 129 32.53 8.39 -22.74
N ILE H 130 33.13 7.42 -22.06
CA ILE H 130 34.31 7.59 -21.23
C ILE H 130 35.48 6.91 -21.93
N PRO H 131 36.52 7.64 -22.32
CA PRO H 131 37.71 6.98 -22.87
C PRO H 131 38.50 6.31 -21.75
N LEU H 132 38.99 5.10 -22.03
CA LEU H 132 39.80 4.37 -21.06
C LEU H 132 40.94 3.70 -21.79
N ILE H 133 42.17 4.10 -21.46
CA ILE H 133 43.39 3.49 -21.98
C ILE H 133 44.11 2.83 -20.82
N VAL H 134 44.37 1.53 -20.94
CA VAL H 134 45.02 0.75 -19.89
C VAL H 134 46.25 0.08 -20.48
N GLN H 135 47.42 0.35 -19.93
CA GLN H 135 48.65 -0.25 -20.40
C GLN H 135 49.48 -0.72 -19.23
N SER H 136 50.36 -1.68 -19.49
CA SER H 136 51.42 -1.99 -18.54
C SER H 136 52.54 -0.95 -18.70
N GLN H 137 53.38 -0.85 -17.68
CA GLN H 137 54.46 0.13 -17.74
C GLN H 137 55.46 -0.19 -18.84
N HIS H 138 55.62 -1.47 -19.18
CA HIS H 138 56.54 -1.83 -20.26
C HIS H 138 55.97 -1.43 -21.62
N PHE H 139 54.70 -1.72 -21.87
CA PHE H 139 54.09 -1.35 -23.14
C PHE H 139 53.82 0.14 -23.24
N GLN H 140 53.80 0.85 -22.11
CA GLN H 140 53.65 2.30 -22.14
C GLN H 140 54.88 3.01 -22.68
N THR H 141 55.95 2.27 -22.96
CA THR H 141 57.17 2.82 -23.56
C THR H 141 57.32 2.41 -25.02
N ILE H 142 57.18 1.12 -25.32
CA ILE H 142 57.29 0.66 -26.70
C ILE H 142 56.22 1.29 -27.57
N ASN H 143 55.02 1.50 -26.99
CA ASN H 143 53.87 2.02 -27.73
C ASN H 143 52.95 2.74 -26.75
N ASP H 144 53.26 4.00 -26.48
CA ASP H 144 52.40 4.81 -25.63
C ASP H 144 51.20 5.28 -26.45
N ILE H 145 49.99 5.03 -25.94
CA ILE H 145 48.76 5.36 -26.65
C ILE H 145 48.25 6.70 -26.16
N PRO H 146 48.40 7.78 -26.94
CA PRO H 146 47.86 9.07 -26.49
C PRO H 146 46.34 9.09 -26.64
N VAL H 147 45.70 9.87 -25.78
CA VAL H 147 44.24 9.89 -25.73
C VAL H 147 43.67 10.41 -27.05
N ARG H 148 44.41 11.25 -27.77
CA ARG H 148 43.94 11.74 -29.05
C ARG H 148 43.65 10.59 -30.02
N ASP H 149 44.46 9.53 -29.99
CA ASP H 149 44.24 8.43 -30.92
C ASP H 149 42.94 7.71 -30.62
N LEU H 150 42.60 7.54 -29.34
CA LEU H 150 41.34 6.89 -29.00
C LEU H 150 40.16 7.82 -29.28
N LEU H 151 40.32 9.11 -28.99
CA LEU H 151 39.19 10.03 -29.16
C LEU H 151 38.77 10.14 -30.62
N THR H 152 39.74 10.17 -31.55
CA THR H 152 39.39 10.28 -32.96
C THR H 152 38.74 9.00 -33.48
N ALA H 153 39.21 7.84 -32.99
CA ALA H 153 38.55 6.58 -33.32
C ALA H 153 37.15 6.52 -32.73
N MET H 154 36.98 6.99 -31.50
CA MET H 154 35.66 7.05 -30.88
C MET H 154 34.75 7.99 -31.65
N SER H 155 35.26 9.19 -31.97
CA SER H 155 34.45 10.18 -32.68
C SER H 155 33.94 9.64 -34.01
N ALA H 156 34.76 8.88 -34.72
CA ALA H 156 34.33 8.34 -36.01
C ALA H 156 33.14 7.41 -35.87
N GLU H 157 32.94 6.82 -34.67
CA GLU H 157 31.84 5.91 -34.42
C GLU H 157 30.68 6.57 -33.69
N GLY H 158 30.72 7.89 -33.52
CA GLY H 158 29.68 8.57 -32.78
C GLY H 158 29.84 8.53 -31.28
N LEU H 159 30.98 8.11 -30.77
CA LEU H 159 31.23 8.10 -29.33
C LEU H 159 31.91 9.41 -28.95
N THR H 160 31.29 10.13 -28.03
CA THR H 160 31.64 11.52 -27.74
C THR H 160 32.03 11.63 -26.27
N ALA H 161 33.33 11.76 -26.02
CA ALA H 161 33.80 12.08 -24.68
C ALA H 161 33.38 13.51 -24.33
N PHE H 162 33.18 13.74 -23.04
CA PHE H 162 32.80 15.05 -22.51
C PHE H 162 33.79 15.52 -21.45
N ASP H 163 34.87 14.81 -21.25
CA ASP H 163 35.85 15.14 -20.22
C ASP H 163 37.12 14.39 -20.53
N GLN H 164 38.14 14.62 -19.71
CA GLN H 164 39.43 13.97 -19.90
C GLN H 164 39.27 12.46 -19.90
N GLY H 165 40.04 11.80 -20.77
CA GLY H 165 40.05 10.36 -20.78
C GLY H 165 40.83 9.79 -19.60
N ILE H 166 40.49 8.57 -19.24
CA ILE H 166 41.22 7.83 -18.21
C ILE H 166 42.39 7.12 -18.87
N LYS H 167 43.59 7.37 -18.36
CA LYS H 167 44.79 6.66 -18.80
C LYS H 167 45.47 6.15 -17.55
N ILE H 168 45.51 4.84 -17.38
CA ILE H 168 46.09 4.24 -16.18
C ILE H 168 47.04 3.13 -16.58
N ALA H 169 48.02 2.90 -15.72
CA ALA H 169 49.02 1.85 -15.91
C ALA H 169 48.95 0.89 -14.75
N PHE H 170 48.92 -0.40 -15.07
CA PHE H 170 48.88 -1.42 -14.03
C PHE H 170 50.05 -1.25 -13.07
N ALA H 171 49.77 -1.37 -11.78
CA ALA H 171 50.80 -1.16 -10.77
C ALA H 171 51.93 -2.16 -10.92
N ALA H 172 53.09 -1.81 -10.37
CA ALA H 172 54.22 -2.71 -10.32
C ALA H 172 53.99 -3.77 -9.24
N PRO H 173 54.31 -5.04 -9.52
CA PRO H 173 53.89 -6.11 -8.61
C PRO H 173 54.38 -5.95 -7.17
N GLY H 174 55.70 -5.86 -6.97
CA GLY H 174 56.25 -5.87 -5.65
C GLY H 174 56.95 -7.18 -5.36
N PRO H 175 57.28 -7.42 -4.09
CA PRO H 175 58.10 -8.61 -3.78
C PRO H 175 57.34 -9.90 -3.94
N ARG H 176 56.08 -9.94 -3.52
CA ARG H 176 55.28 -11.16 -3.59
C ARG H 176 54.80 -11.48 -4.99
N GLY H 177 55.28 -10.76 -6.00
CA GLY H 177 54.87 -11.06 -7.36
C GLY H 177 53.42 -10.69 -7.60
N ARG H 178 52.87 -11.25 -8.68
CA ARG H 178 51.51 -10.97 -9.10
C ARG H 178 50.61 -12.06 -8.54
N ASP H 179 50.32 -11.93 -7.25
CA ASP H 179 49.54 -12.93 -6.54
C ASP H 179 48.07 -12.51 -6.51
N THR H 180 47.26 -13.30 -5.80
CA THR H 180 45.85 -12.99 -5.64
C THR H 180 45.64 -11.54 -5.26
N THR H 181 46.28 -11.11 -4.17
CA THR H 181 46.05 -9.76 -3.66
C THR H 181 46.43 -8.71 -4.70
N TYR H 182 47.53 -8.93 -5.42
CA TYR H 182 47.89 -7.99 -6.48
C TYR H 182 46.78 -7.86 -7.50
N TRP H 183 46.30 -9.00 -8.02
CA TRP H 183 45.27 -8.96 -9.05
C TRP H 183 43.96 -8.38 -8.52
N GLN H 184 43.66 -8.60 -7.24
CA GLN H 184 42.44 -8.01 -6.69
C GLN H 184 42.59 -6.50 -6.55
N ASN H 185 43.80 -6.01 -6.30
CA ASN H 185 43.99 -4.57 -6.24
C ASN H 185 43.95 -3.93 -7.62
N VAL H 186 44.46 -4.63 -8.65
CA VAL H 186 44.26 -4.17 -10.02
C VAL H 186 42.78 -3.99 -10.29
N LYS H 187 41.98 -5.02 -9.98
CA LYS H 187 40.56 -4.98 -10.27
C LYS H 187 39.86 -3.86 -9.50
N ASP H 188 40.22 -3.69 -8.23
CA ASP H 188 39.61 -2.60 -7.46
C ASP H 188 39.97 -1.25 -8.05
N SER H 189 41.23 -1.08 -8.46
CA SER H 189 41.67 0.20 -9.01
C SER H 189 40.94 0.52 -10.31
N VAL H 190 40.81 -0.47 -11.19
CA VAL H 190 40.11 -0.25 -12.46
C VAL H 190 38.64 0.07 -12.19
N GLN H 191 37.98 -0.78 -11.39
CA GLN H 191 36.54 -0.58 -11.18
C GLN H 191 36.28 0.72 -10.43
N TYR H 192 37.17 1.09 -9.49
CA TYR H 192 37.06 2.40 -8.85
C TYR H 192 37.02 3.52 -9.88
N GLU H 193 38.09 3.63 -10.68
CA GLU H 193 38.14 4.67 -11.69
C GLU H 193 36.91 4.65 -12.58
N LEU H 194 36.46 3.45 -12.95
CA LEU H 194 35.38 3.31 -13.91
C LEU H 194 34.04 3.69 -13.31
N GLU H 195 33.75 3.17 -12.10
CA GLU H 195 32.47 3.46 -11.47
C GLU H 195 32.28 4.96 -11.28
N GLN H 196 33.33 5.65 -10.82
CA GLN H 196 33.22 7.10 -10.69
C GLN H 196 32.76 7.72 -12.01
N GLN H 197 33.41 7.34 -13.11
CA GLN H 197 33.09 8.01 -14.37
C GLN H 197 31.70 7.60 -14.89
N LEU H 198 31.26 6.37 -14.61
CA LEU H 198 29.93 5.96 -15.03
C LEU H 198 28.82 6.65 -14.24
N LYS H 199 29.16 7.36 -13.16
CA LYS H 199 28.17 8.18 -12.49
C LYS H 199 27.78 9.40 -13.31
N ARG H 200 28.59 9.75 -14.32
CA ARG H 200 28.38 10.98 -15.09
C ARG H 200 27.25 10.77 -16.11
N ARG H 201 26.08 10.43 -15.59
CA ARG H 201 24.92 10.22 -16.44
C ARG H 201 24.56 11.51 -17.18
N GLY H 202 23.80 11.36 -18.26
CA GLY H 202 23.46 12.50 -19.06
C GLY H 202 22.60 12.12 -20.25
N GLY H 203 22.53 13.02 -21.22
CA GLY H 203 21.74 12.78 -22.40
C GLY H 203 20.26 12.97 -22.14
N THR H 204 19.47 12.42 -23.06
CA THR H 204 18.04 12.64 -23.07
C THR H 204 17.30 11.86 -21.98
N TYR H 205 17.87 10.74 -21.53
CA TYR H 205 17.19 9.85 -20.61
C TYR H 205 17.97 9.61 -19.32
N GLY H 206 19.11 10.26 -19.14
CA GLY H 206 19.88 10.08 -17.92
C GLY H 206 20.68 8.80 -17.88
N ASP H 207 20.94 8.20 -19.04
CA ASP H 207 21.73 6.97 -19.10
C ASP H 207 23.18 7.24 -18.72
N SER H 208 23.82 6.21 -18.16
CA SER H 208 25.25 6.25 -17.95
C SER H 208 25.97 6.30 -19.30
N PRO H 209 27.14 6.93 -19.37
CA PRO H 209 27.88 6.95 -20.63
C PRO H 209 28.39 5.57 -21.00
N ALA H 210 28.71 5.43 -22.28
CA ALA H 210 29.39 4.23 -22.75
C ALA H 210 30.84 4.24 -22.31
N LEU H 211 31.41 3.05 -22.17
CA LEU H 211 32.83 2.90 -21.93
C LEU H 211 33.50 2.57 -23.26
N ALA H 212 34.46 3.39 -23.67
CA ALA H 212 35.31 3.11 -24.82
C ALA H 212 36.69 2.77 -24.26
N VAL H 213 37.14 1.54 -24.49
CA VAL H 213 38.30 1.01 -23.78
C VAL H 213 39.26 0.35 -24.76
N VAL H 214 40.55 0.56 -24.52
CA VAL H 214 41.62 -0.14 -25.20
C VAL H 214 42.63 -0.59 -24.16
N GLY H 215 43.21 -1.77 -24.36
CA GLY H 215 44.23 -2.27 -23.48
C GLY H 215 45.43 -2.72 -24.27
N LEU H 216 46.60 -2.54 -23.67
CA LEU H 216 47.84 -3.04 -24.26
C LEU H 216 48.76 -3.40 -23.09
N ALA H 217 48.85 -4.69 -22.80
CA ALA H 217 49.55 -5.22 -21.64
C ALA H 217 49.69 -6.72 -21.85
N ASP H 218 50.26 -7.40 -20.86
CA ASP H 218 50.39 -8.84 -20.94
C ASP H 218 49.01 -9.49 -20.89
N ILE H 219 48.91 -10.70 -21.47
CA ILE H 219 47.60 -11.32 -21.63
C ILE H 219 46.88 -11.49 -20.30
N PRO H 220 47.51 -12.03 -19.25
CA PRO H 220 46.80 -12.12 -17.95
C PRO H 220 46.28 -10.79 -17.45
N ALA H 221 47.06 -9.72 -17.57
CA ALA H 221 46.61 -8.41 -17.13
C ALA H 221 45.42 -7.93 -17.95
N LEU H 222 45.42 -8.18 -19.26
CA LEU H 222 44.29 -7.78 -20.07
C LEU H 222 43.05 -8.58 -19.72
N MET H 223 43.22 -9.85 -19.35
CA MET H 223 42.06 -10.63 -18.89
C MET H 223 41.48 -10.03 -17.61
N MET H 224 42.32 -9.48 -16.75
CA MET H 224 41.80 -8.86 -15.53
C MET H 224 41.13 -7.53 -15.83
N LEU H 225 41.55 -6.83 -16.88
CA LEU H 225 40.78 -5.68 -17.31
C LEU H 225 39.40 -6.10 -17.79
N GLY H 226 39.31 -7.22 -18.51
CA GLY H 226 38.01 -7.71 -18.93
C GLY H 226 37.15 -8.14 -17.76
N GLN H 227 37.75 -8.80 -16.78
CA GLN H 227 37.06 -9.13 -15.54
C GLN H 227 36.46 -7.89 -14.88
N SER H 228 37.11 -6.75 -15.03
CA SER H 228 36.69 -5.53 -14.34
C SER H 228 35.51 -4.86 -15.03
N ILE H 229 35.50 -4.85 -16.36
CA ILE H 229 34.47 -4.14 -17.09
C ILE H 229 33.26 -5.02 -17.38
N GLY H 230 33.46 -6.33 -17.51
CA GLY H 230 32.34 -7.19 -17.84
C GLY H 230 31.82 -6.93 -19.25
N ASP H 231 30.62 -7.47 -19.49
CA ASP H 231 30.01 -7.41 -20.83
C ASP H 231 28.51 -7.16 -20.77
N ARG H 232 28.03 -6.50 -19.73
CA ARG H 232 26.60 -6.27 -19.50
C ARG H 232 26.31 -4.80 -19.31
N SER H 233 26.81 -3.98 -20.24
CA SER H 233 26.55 -2.54 -20.27
C SER H 233 26.96 -2.05 -21.64
N LYS H 234 26.72 -0.76 -21.90
CA LYS H 234 27.12 -0.18 -23.19
C LYS H 234 28.63 0.10 -23.12
N ARG H 235 29.40 -0.68 -23.89
CA ARG H 235 30.85 -0.67 -23.83
C ARG H 235 31.39 -1.11 -25.18
N LEU H 236 32.44 -0.45 -25.64
CA LEU H 236 33.01 -0.69 -26.97
C LEU H 236 34.51 -0.80 -26.85
N ILE H 237 35.04 -1.98 -27.18
CA ILE H 237 36.48 -2.20 -27.16
C ILE H 237 37.08 -1.59 -28.42
N PHE H 238 38.28 -1.07 -28.26
CA PHE H 238 39.12 -0.64 -29.37
C PHE H 238 40.43 -1.42 -29.29
N SER H 239 41.15 -1.47 -30.40
CA SER H 239 42.31 -2.32 -30.55
C SER H 239 43.48 -1.50 -31.06
N PHE H 240 44.62 -1.57 -30.37
CA PHE H 240 45.82 -0.95 -30.89
C PHE H 240 46.40 -1.81 -32.00
N HIS H 241 46.73 -1.16 -33.12
CA HIS H 241 47.31 -1.82 -34.29
C HIS H 241 48.51 -0.99 -34.73
N ARG H 242 49.63 -1.68 -35.00
CA ARG H 242 50.89 -0.98 -35.23
C ARG H 242 50.76 0.09 -36.30
N GLU H 243 50.01 -0.18 -37.37
CA GLU H 243 49.89 0.77 -38.47
C GLU H 243 48.70 1.71 -38.29
N HIS H 244 47.51 1.18 -38.02
CA HIS H 244 46.30 1.98 -37.98
C HIS H 244 46.04 2.63 -36.62
N LEU H 245 46.93 2.50 -35.65
CA LEU H 245 46.75 3.06 -34.31
C LEU H 245 45.47 2.46 -33.74
N LEU H 246 44.44 3.25 -33.43
CA LEU H 246 43.19 2.72 -32.92
C LEU H 246 42.07 2.73 -33.96
N ARG H 247 42.33 3.16 -35.18
CA ARG H 247 41.35 2.97 -36.23
C ARG H 247 41.27 1.49 -36.56
N TRP H 248 40.07 1.03 -36.90
CA TRP H 248 39.91 -0.36 -37.33
C TRP H 248 40.59 -0.57 -38.68
N PRO H 249 41.41 -1.61 -38.82
CA PRO H 249 42.07 -1.81 -40.12
C PRO H 249 41.12 -2.00 -41.29
N ASP H 250 39.97 -2.66 -41.08
CA ASP H 250 39.14 -3.05 -42.23
C ASP H 250 37.73 -3.37 -41.73
N GLN H 251 36.86 -2.36 -41.77
CA GLN H 251 35.48 -2.55 -41.33
C GLN H 251 34.71 -3.53 -42.19
N SER H 252 35.15 -3.78 -43.42
CA SER H 252 34.42 -4.69 -44.29
C SER H 252 34.71 -6.15 -44.00
N ALA H 253 35.82 -6.45 -43.35
CA ALA H 253 36.30 -7.82 -43.24
C ALA H 253 35.26 -8.71 -42.58
N GLU H 254 35.08 -9.90 -43.14
CA GLU H 254 34.29 -10.91 -42.45
C GLU H 254 35.15 -11.60 -41.39
N PRO H 255 34.62 -11.87 -40.21
CA PRO H 255 35.41 -12.58 -39.21
C PRO H 255 35.79 -13.95 -39.72
N PRO H 256 36.96 -14.45 -39.33
CA PRO H 256 37.33 -15.81 -39.72
C PRO H 256 36.50 -16.84 -39.00
N SER H 257 36.45 -18.04 -39.60
CA SER H 257 35.97 -19.21 -38.87
C SER H 257 36.91 -19.47 -37.70
N PHE H 258 36.36 -19.84 -36.57
CA PHE H 258 37.14 -20.27 -35.41
C PHE H 258 37.00 -21.78 -35.32
N LEU H 259 38.08 -22.47 -35.67
CA LEU H 259 38.08 -23.92 -35.83
C LEU H 259 38.45 -24.60 -34.53
N PHE H 260 37.66 -25.59 -34.15
CA PHE H 260 37.82 -26.29 -32.87
C PHE H 260 38.37 -27.68 -33.11
N THR H 261 39.43 -28.02 -32.40
CA THR H 261 39.93 -29.38 -32.35
C THR H 261 39.56 -29.95 -30.98
N PRO H 262 38.62 -30.90 -30.90
CA PRO H 262 38.18 -31.38 -29.61
C PRO H 262 39.28 -32.20 -28.94
N PRO H 263 39.25 -32.31 -27.62
CA PRO H 263 40.32 -33.00 -26.92
C PRO H 263 40.20 -34.51 -27.09
N PRO H 264 41.27 -35.26 -26.85
CA PRO H 264 41.18 -36.71 -26.87
C PRO H 264 40.49 -37.24 -25.61
N ASN H 265 39.96 -38.45 -25.71
CA ASN H 265 39.56 -39.18 -24.53
C ASN H 265 40.77 -39.34 -23.60
N GLY H 266 40.55 -39.24 -22.30
CA GLY H 266 41.63 -39.38 -21.34
C GLY H 266 41.30 -38.66 -20.04
N ASP H 267 42.31 -38.65 -19.14
CA ASP H 267 42.14 -38.10 -17.80
C ASP H 267 43.20 -37.07 -17.43
N GLY H 268 44.00 -36.60 -18.37
CA GLY H 268 45.02 -35.63 -18.09
C GLY H 268 44.46 -34.24 -17.86
N PRO H 269 45.27 -33.35 -17.29
CA PRO H 269 44.82 -31.97 -17.08
C PRO H 269 44.38 -31.35 -18.40
N LEU H 270 43.23 -30.70 -18.39
CA LEU H 270 42.62 -30.20 -19.61
C LEU H 270 43.19 -28.82 -19.96
N ALA H 271 43.68 -28.67 -21.18
CA ALA H 271 44.27 -27.43 -21.66
C ALA H 271 43.51 -26.94 -22.88
N LEU H 272 43.32 -25.63 -22.95
CA LEU H 272 42.78 -24.98 -24.12
C LEU H 272 43.92 -24.21 -24.78
N VAL H 273 44.20 -24.50 -26.04
CA VAL H 273 45.21 -23.80 -26.81
C VAL H 273 44.51 -22.87 -27.78
N LEU H 274 44.82 -21.59 -27.70
CA LEU H 274 44.25 -20.58 -28.59
C LEU H 274 45.32 -20.14 -29.58
N SER H 275 45.18 -20.55 -30.83
CA SER H 275 46.13 -20.20 -31.90
C SER H 275 45.44 -19.22 -32.83
N ILE H 276 45.47 -17.94 -32.45
CA ILE H 276 44.81 -16.87 -33.19
C ILE H 276 45.82 -15.92 -33.81
N SER H 277 46.74 -15.40 -32.99
CA SER H 277 47.84 -14.60 -33.52
C SER H 277 48.86 -15.48 -34.22
N ALA H 278 49.06 -16.70 -33.71
CA ALA H 278 50.10 -17.58 -34.19
C ALA H 278 49.74 -19.01 -33.79
N GLN H 279 50.24 -19.97 -34.55
CA GLN H 279 50.06 -21.38 -34.23
C GLN H 279 50.96 -21.73 -33.04
N VAL H 280 50.36 -22.10 -31.92
CA VAL H 280 51.12 -22.53 -30.75
C VAL H 280 51.62 -23.95 -30.99
N PRO H 281 52.93 -24.20 -30.94
CA PRO H 281 53.41 -25.58 -31.06
C PRO H 281 53.07 -26.39 -29.83
N VAL H 282 52.47 -27.57 -30.05
CA VAL H 282 51.91 -28.34 -28.94
C VAL H 282 52.96 -28.71 -27.91
N ARG H 283 54.22 -28.85 -28.32
CA ARG H 283 55.26 -29.26 -27.38
C ARG H 283 55.48 -28.20 -26.30
N ASP H 284 55.34 -26.93 -26.65
CA ASP H 284 55.52 -25.88 -25.66
C ASP H 284 54.46 -25.98 -24.56
N VAL H 285 53.32 -26.62 -24.85
CA VAL H 285 52.28 -26.77 -23.84
C VAL H 285 52.59 -27.94 -22.92
N THR H 286 52.92 -29.10 -23.50
CA THR H 286 53.19 -30.28 -22.67
C THR H 286 54.48 -30.12 -21.86
N ASP H 287 55.42 -29.30 -22.35
CA ASP H 287 56.58 -28.96 -21.52
C ASP H 287 56.15 -28.27 -20.24
N ALA H 288 55.18 -27.36 -20.33
CA ALA H 288 54.70 -26.64 -19.15
C ALA H 288 53.67 -27.43 -18.35
N LEU H 289 52.98 -28.37 -18.99
CA LEU H 289 51.89 -29.12 -18.35
C LEU H 289 51.96 -30.55 -18.85
N PRO H 290 52.78 -31.39 -18.20
CA PRO H 290 52.93 -32.77 -18.68
C PRO H 290 51.61 -33.52 -18.63
N GLY H 291 51.34 -34.28 -19.69
CA GLY H 291 50.13 -35.07 -19.79
C GLY H 291 48.91 -34.32 -20.24
N ALA H 292 49.03 -33.05 -20.59
CA ALA H 292 47.86 -32.24 -20.91
C ALA H 292 47.00 -32.91 -21.98
N ARG H 293 45.67 -32.84 -21.78
CA ARG H 293 44.71 -33.16 -22.82
C ARG H 293 44.41 -31.87 -23.58
N ILE H 294 44.96 -31.74 -24.78
CA ILE H 294 44.88 -30.49 -25.52
C ILE H 294 43.58 -30.43 -26.29
N ALA H 295 42.81 -29.36 -26.08
CA ALA H 295 41.78 -28.90 -26.99
C ALA H 295 42.24 -27.58 -27.60
N GLU H 296 41.84 -27.30 -28.83
CA GLU H 296 42.36 -26.13 -29.52
C GLU H 296 41.26 -25.32 -30.19
N LEU H 297 41.39 -24.00 -30.11
CA LEU H 297 40.58 -23.07 -30.88
C LEU H 297 41.54 -22.23 -31.71
N SER H 298 41.31 -22.18 -33.02
CA SER H 298 42.24 -21.48 -33.90
C SER H 298 41.46 -20.83 -35.03
N ILE H 299 42.18 -20.09 -35.87
CA ILE H 299 41.61 -19.58 -37.13
C ILE H 299 42.40 -20.21 -38.26
N PRO H 300 41.81 -20.25 -39.47
CA PRO H 300 42.51 -20.89 -40.59
C PRO H 300 43.96 -20.49 -40.75
N GLU H 301 44.27 -19.19 -40.76
CA GLU H 301 45.63 -18.70 -40.94
C GLU H 301 45.94 -17.73 -39.81
N PRO H 302 46.48 -18.23 -38.70
CA PRO H 302 46.80 -17.32 -37.58
C PRO H 302 47.66 -16.15 -38.03
N SER H 303 47.45 -15.01 -37.39
CA SER H 303 48.21 -13.81 -37.72
C SER H 303 47.99 -12.75 -36.65
N TYR H 304 49.05 -11.99 -36.37
CA TYR H 304 49.00 -10.99 -35.31
C TYR H 304 48.02 -9.86 -35.63
N ALA H 305 47.64 -9.69 -36.89
CA ALA H 305 46.84 -8.54 -37.31
C ALA H 305 45.40 -8.91 -37.62
N MET H 306 44.86 -9.92 -36.93
CA MET H 306 43.55 -10.43 -37.32
C MET H 306 42.38 -9.61 -36.78
N VAL H 307 42.62 -8.71 -35.82
CA VAL H 307 41.53 -7.90 -35.28
C VAL H 307 41.24 -6.77 -36.26
N GLN H 308 40.51 -7.09 -37.33
CA GLN H 308 40.25 -6.14 -38.40
C GLN H 308 39.12 -5.19 -38.08
N ASN H 309 38.20 -5.60 -37.23
CA ASN H 309 37.09 -4.75 -36.79
C ASN H 309 36.53 -5.36 -35.53
N ARG H 310 35.53 -4.71 -34.95
CA ARG H 310 35.00 -5.19 -33.68
C ARG H 310 34.16 -6.46 -33.83
N ARG H 311 33.59 -6.71 -35.02
CA ARG H 311 32.85 -7.94 -35.21
C ARG H 311 33.75 -9.16 -35.04
N VAL H 312 35.05 -9.01 -35.32
CA VAL H 312 35.98 -10.11 -35.09
C VAL H 312 35.99 -10.49 -33.62
N ILE H 313 35.92 -9.49 -32.74
CA ILE H 313 35.99 -9.73 -31.31
C ILE H 313 34.73 -10.43 -30.82
N HIS H 314 33.57 -9.94 -31.26
CA HIS H 314 32.32 -10.60 -30.90
C HIS H 314 32.31 -12.03 -31.41
N ALA H 315 32.71 -12.23 -32.67
CA ALA H 315 32.73 -13.58 -33.24
C ALA H 315 33.64 -14.50 -32.44
N PHE H 316 34.78 -13.97 -31.95
CA PHE H 316 35.68 -14.78 -31.15
C PHE H 316 35.04 -15.18 -29.83
N ARG H 317 34.40 -14.22 -29.16
CA ARG H 317 33.70 -14.54 -27.93
C ARG H 317 32.66 -15.63 -28.15
N ASP H 318 31.84 -15.48 -29.20
CA ASP H 318 30.76 -16.43 -29.41
C ASP H 318 31.31 -17.84 -29.58
N ALA H 319 32.33 -18.00 -30.42
CA ALA H 319 32.94 -19.31 -30.62
C ALA H 319 33.55 -19.82 -29.33
N LEU H 320 34.31 -18.95 -28.65
CA LEU H 320 34.96 -19.35 -27.39
C LEU H 320 33.96 -19.91 -26.40
N GLN H 321 32.90 -19.15 -26.11
CA GLN H 321 31.95 -19.57 -25.09
C GLN H 321 31.30 -20.90 -25.45
N ILE H 322 31.00 -21.12 -26.73
CA ILE H 322 30.42 -22.40 -27.14
C ILE H 322 31.36 -23.54 -26.77
N ARG H 323 32.67 -23.35 -26.94
CA ARG H 323 33.62 -24.41 -26.66
C ARG H 323 33.99 -24.49 -25.18
N LEU H 324 33.95 -23.38 -24.45
CA LEU H 324 34.21 -23.49 -23.01
C LEU H 324 33.08 -24.25 -22.32
N SER H 325 31.83 -24.04 -22.78
CA SER H 325 30.73 -24.84 -22.27
C SER H 325 31.00 -26.33 -22.49
N GLN H 326 31.41 -26.69 -23.71
CA GLN H 326 31.75 -28.08 -24.01
C GLN H 326 32.91 -28.57 -23.16
N LEU H 327 33.93 -27.73 -22.96
CA LEU H 327 35.12 -28.18 -22.24
C LEU H 327 34.89 -28.28 -20.74
N GLU H 328 34.05 -27.39 -20.18
CA GLU H 328 33.74 -27.47 -18.76
C GLU H 328 32.89 -28.69 -18.44
N ALA H 329 32.10 -29.17 -19.40
CA ALA H 329 31.36 -30.41 -19.20
C ALA H 329 32.28 -31.62 -19.12
N LEU H 330 33.53 -31.48 -19.54
CA LEU H 330 34.49 -32.58 -19.57
C LEU H 330 35.34 -32.66 -18.30
N THR H 331 35.34 -31.63 -17.46
CA THR H 331 36.17 -31.71 -16.27
C THR H 331 35.66 -30.79 -15.18
N PRO H 332 35.63 -31.24 -13.92
CA PRO H 332 35.40 -30.30 -12.81
C PRO H 332 36.65 -29.55 -12.43
N ASP H 333 37.81 -29.92 -12.96
CA ASP H 333 39.08 -29.33 -12.58
C ASP H 333 39.36 -28.10 -13.41
N PRO H 334 40.42 -27.36 -13.09
CA PRO H 334 40.70 -26.14 -13.83
C PRO H 334 41.07 -26.41 -15.28
N ILE H 335 40.66 -25.50 -16.14
CA ILE H 335 41.09 -25.51 -17.53
C ILE H 335 42.32 -24.63 -17.63
N HIS H 336 43.33 -25.12 -18.35
CA HIS H 336 44.62 -24.44 -18.48
C HIS H 336 44.68 -23.78 -19.86
N VAL H 337 44.87 -22.46 -19.86
CA VAL H 337 44.78 -21.66 -21.07
C VAL H 337 46.18 -21.32 -21.56
N PHE H 338 46.45 -21.65 -22.81
CA PHE H 338 47.71 -21.34 -23.50
C PHE H 338 47.30 -20.50 -24.70
N ALA H 339 47.36 -19.17 -24.56
CA ALA H 339 46.72 -18.27 -25.51
C ALA H 339 47.76 -17.52 -26.34
N ALA H 340 47.65 -17.65 -27.65
CA ALA H 340 48.30 -16.76 -28.60
C ALA H 340 47.18 -15.94 -29.24
N ILE H 341 46.89 -14.78 -28.65
CA ILE H 341 45.71 -13.99 -29.03
C ILE H 341 46.06 -12.52 -29.00
N PRO H 342 45.43 -11.73 -29.88
CA PRO H 342 45.62 -10.27 -29.83
C PRO H 342 45.05 -9.66 -28.56
N ALA H 343 45.53 -8.45 -28.25
CA ALA H 343 45.20 -7.82 -26.98
C ALA H 343 43.70 -7.67 -26.79
N ALA H 344 42.99 -7.21 -27.82
CA ALA H 344 41.55 -6.98 -27.68
C ALA H 344 40.81 -8.27 -27.36
N LEU H 345 41.25 -9.40 -27.89
CA LEU H 345 40.56 -10.66 -27.61
C LEU H 345 40.81 -11.11 -26.18
N ALA H 346 41.98 -10.76 -25.61
CA ALA H 346 42.25 -11.08 -24.23
C ALA H 346 41.28 -10.36 -23.29
N ILE H 347 40.99 -9.10 -23.57
CA ILE H 347 40.01 -8.35 -22.77
C ILE H 347 38.65 -9.04 -22.84
N GLU H 348 38.21 -9.38 -24.05
CA GLU H 348 36.88 -9.97 -24.18
C GLU H 348 36.81 -11.32 -23.48
N PHE H 349 37.88 -12.12 -23.59
CA PHE H 349 37.96 -13.37 -22.86
C PHE H 349 37.70 -13.15 -21.37
N GLY H 350 38.44 -12.21 -20.75
CA GLY H 350 38.21 -11.93 -19.35
C GLY H 350 36.81 -11.41 -19.08
N ALA H 351 36.29 -10.58 -19.98
CA ALA H 351 34.93 -10.06 -19.80
C ALA H 351 33.90 -11.17 -19.87
N LEU H 352 34.13 -12.16 -20.73
CA LEU H 352 33.20 -13.27 -20.89
C LEU H 352 32.99 -14.02 -19.59
N LEU H 353 34.04 -14.20 -18.79
CA LEU H 353 33.99 -15.04 -17.60
C LEU H 353 33.59 -14.24 -16.35
N THR H 354 32.51 -13.47 -16.45
CA THR H 354 32.02 -12.67 -15.33
C THR H 354 30.56 -12.96 -15.00
N THR H 355 30.02 -14.09 -15.45
CA THR H 355 28.70 -14.50 -15.01
C THR H 355 28.75 -14.91 -13.54
N GLN H 356 27.57 -15.14 -12.96
CA GLN H 356 27.52 -15.73 -11.63
C GLN H 356 28.21 -17.09 -11.64
N HIS H 357 27.99 -17.89 -12.69
CA HIS H 357 28.70 -19.14 -12.82
C HIS H 357 30.19 -18.89 -13.00
N GLN H 358 31.01 -19.60 -12.24
CA GLN H 358 32.46 -19.48 -12.31
C GLN H 358 33.08 -20.87 -12.37
N HIS H 359 33.93 -21.08 -13.37
CA HIS H 359 34.82 -22.23 -13.46
C HIS H 359 36.25 -21.71 -13.32
N THR H 360 37.12 -22.54 -12.76
CA THR H 360 38.50 -22.12 -12.54
C THR H 360 39.29 -22.20 -13.84
N TYR H 361 39.99 -21.13 -14.18
CA TYR H 361 40.88 -21.08 -15.33
C TYR H 361 42.26 -20.68 -14.84
N LEU H 362 43.29 -21.36 -15.33
CA LEU H 362 44.68 -21.08 -15.00
C LEU H 362 45.33 -20.54 -16.26
N ILE H 363 45.71 -19.27 -16.25
CA ILE H 363 46.18 -18.58 -17.45
C ILE H 363 47.70 -18.65 -17.49
N PHE H 364 48.23 -19.24 -18.57
CA PHE H 364 49.66 -19.38 -18.77
C PHE H 364 50.17 -18.29 -19.70
N ASP H 365 51.36 -17.78 -19.39
CA ASP H 365 51.98 -16.69 -20.14
C ASP H 365 53.41 -17.11 -20.48
N ARG H 366 53.89 -16.66 -21.64
CA ARG H 366 55.26 -16.96 -22.05
C ARG H 366 56.22 -16.01 -21.32
N ASP H 367 57.19 -16.58 -20.61
CA ASP H 367 58.17 -15.82 -19.85
C ASP H 367 59.35 -15.49 -20.76
N LYS H 368 59.50 -14.21 -21.11
CA LYS H 368 60.58 -13.79 -22.00
C LYS H 368 61.94 -14.16 -21.42
N GLU H 369 62.08 -14.06 -20.10
CA GLU H 369 63.34 -14.33 -19.42
C GLU H 369 63.50 -15.80 -19.06
N ASN H 370 62.84 -16.70 -19.79
CA ASN H 370 63.01 -18.13 -19.60
C ASN H 370 62.61 -18.87 -20.86
N GLN H 371 63.19 -18.51 -21.99
CA GLN H 371 63.00 -19.20 -23.26
C GLN H 371 61.56 -19.12 -23.75
N ASP H 372 60.86 -18.03 -23.41
CA ASP H 372 59.45 -17.85 -23.78
C ASP H 372 58.62 -19.08 -23.40
N ARG H 373 58.89 -19.60 -22.21
CA ARG H 373 58.20 -20.78 -21.71
C ARG H 373 56.91 -20.41 -21.02
N PHE H 374 55.86 -21.17 -21.31
CA PHE H 374 54.59 -20.94 -20.63
C PHE H 374 54.75 -21.18 -19.14
N THR H 375 54.28 -20.23 -18.35
CA THR H 375 54.31 -20.28 -16.90
C THR H 375 52.96 -19.80 -16.40
N GLN H 376 52.44 -20.44 -15.35
CA GLN H 376 51.16 -20.02 -14.79
C GLN H 376 51.32 -18.65 -14.15
N THR H 377 50.37 -17.76 -14.42
CA THR H 377 50.41 -16.35 -14.04
C THR H 377 49.17 -15.90 -13.29
N LEU H 378 47.99 -16.32 -13.74
CA LEU H 378 46.74 -15.78 -13.23
C LEU H 378 45.75 -16.92 -13.02
N GLN H 379 44.94 -16.80 -11.97
CA GLN H 379 43.85 -17.73 -11.71
C GLN H 379 42.55 -16.94 -11.70
N LEU H 380 41.58 -17.39 -12.47
CA LEU H 380 40.23 -16.85 -12.47
C LEU H 380 39.28 -17.89 -11.90
N GLY H 381 38.24 -17.43 -11.20
CA GLY H 381 37.24 -18.32 -10.66
C GLY H 381 37.44 -18.63 -9.20
N PRO H 382 36.77 -19.69 -8.69
CA PRO H 382 36.95 -20.08 -7.29
C PRO H 382 38.42 -20.19 -6.91
N PHE I 14 -42.59 -8.34 -73.93
CA PHE I 14 -41.34 -8.62 -74.69
C PHE I 14 -40.84 -10.05 -74.44
N ASN I 15 -39.59 -10.31 -74.80
CA ASN I 15 -38.97 -11.62 -74.58
C ASN I 15 -37.56 -11.39 -74.04
N THR I 16 -37.11 -12.31 -73.19
CA THR I 16 -35.82 -12.17 -72.53
C THR I 16 -34.69 -12.13 -73.57
N ASN I 17 -33.89 -11.07 -73.52
CA ASN I 17 -32.83 -10.90 -74.50
C ASN I 17 -31.62 -11.77 -74.16
N ASP I 18 -30.71 -11.90 -75.13
CA ASP I 18 -29.61 -12.85 -74.99
C ASP I 18 -28.64 -12.44 -73.90
N GLU I 19 -28.38 -11.14 -73.75
CA GLU I 19 -27.55 -10.69 -72.64
C GLU I 19 -28.10 -11.17 -71.31
N THR I 20 -29.42 -11.06 -71.12
CA THR I 20 -30.03 -11.46 -69.86
C THR I 20 -29.99 -12.97 -69.66
N LYS I 21 -30.32 -13.75 -70.69
CA LYS I 21 -30.22 -15.20 -70.56
C LYS I 21 -28.79 -15.61 -70.21
N ARG I 22 -27.81 -14.91 -70.78
CA ARG I 22 -26.41 -15.20 -70.49
C ARG I 22 -26.06 -14.89 -69.04
N ILE I 23 -26.63 -13.82 -68.49
CA ILE I 23 -26.43 -13.49 -67.08
C ILE I 23 -27.03 -14.58 -66.20
N VAL I 24 -28.24 -15.04 -66.56
CA VAL I 24 -28.89 -16.11 -65.82
C VAL I 24 -28.00 -17.34 -65.77
N TRP I 25 -27.48 -17.75 -66.93
CA TRP I 25 -26.63 -18.93 -66.98
C TRP I 25 -25.35 -18.72 -66.15
N THR I 26 -24.76 -17.53 -66.24
CA THR I 26 -23.61 -17.22 -65.40
C THR I 26 -23.98 -17.26 -63.92
N GLN I 27 -25.06 -16.55 -63.56
CA GLN I 27 -25.44 -16.41 -62.15
C GLN I 27 -25.63 -17.73 -61.44
N THR I 28 -26.15 -18.72 -62.15
CA THR I 28 -26.53 -20.00 -61.58
C THR I 28 -25.44 -21.05 -61.75
N ALA I 29 -24.32 -20.70 -62.39
CA ALA I 29 -23.27 -21.65 -62.75
C ALA I 29 -23.84 -22.79 -63.59
N GLY I 30 -24.94 -22.52 -64.29
CA GLY I 30 -25.50 -23.46 -65.25
C GLY I 30 -26.11 -24.70 -64.67
N HIS I 31 -26.65 -24.64 -63.45
CA HIS I 31 -27.35 -25.76 -62.83
C HIS I 31 -28.81 -25.39 -62.60
N CYS I 32 -29.67 -26.41 -62.55
CA CYS I 32 -31.08 -26.15 -62.24
C CYS I 32 -31.20 -25.63 -60.81
N GLU I 33 -31.96 -24.55 -60.64
CA GLU I 33 -32.08 -23.94 -59.32
C GLU I 33 -32.98 -24.72 -58.38
N LEU I 34 -33.84 -25.58 -58.91
CA LEU I 34 -34.74 -26.34 -58.04
C LEU I 34 -34.29 -27.78 -57.81
N CYS I 35 -33.47 -28.37 -58.68
CA CYS I 35 -32.96 -29.72 -58.43
C CYS I 35 -31.44 -29.84 -58.47
N GLY I 36 -30.73 -28.82 -58.94
CA GLY I 36 -29.29 -28.83 -58.86
C GLY I 36 -28.59 -29.68 -59.90
N THR I 37 -29.30 -30.18 -60.89
CA THR I 37 -28.65 -30.98 -61.93
C THR I 37 -27.84 -30.08 -62.85
N ASP I 38 -26.76 -30.63 -63.39
CA ASP I 38 -25.87 -29.88 -64.28
C ASP I 38 -26.51 -29.73 -65.65
N LEU I 39 -26.75 -28.49 -66.06
CA LEU I 39 -27.41 -28.21 -67.32
C LEU I 39 -26.44 -27.86 -68.44
N THR I 40 -25.14 -27.99 -68.22
CA THR I 40 -24.14 -27.68 -69.24
C THR I 40 -23.63 -28.91 -69.97
N PHE I 41 -24.06 -30.10 -69.59
CA PHE I 41 -23.41 -31.33 -70.04
C PHE I 41 -24.39 -32.47 -69.91
N ASP I 42 -24.26 -33.45 -70.80
CA ASP I 42 -25.05 -34.67 -70.76
C ASP I 42 -24.10 -35.81 -70.38
N TYR I 43 -24.15 -36.21 -69.11
CA TYR I 43 -23.21 -37.22 -68.63
C TYR I 43 -23.46 -38.60 -69.22
N ARG I 44 -24.64 -38.83 -69.81
CA ARG I 44 -24.95 -40.17 -70.32
C ARG I 44 -24.20 -40.46 -71.61
N ALA I 45 -24.26 -39.56 -72.59
CA ALA I 45 -23.58 -39.76 -73.86
C ALA I 45 -22.32 -38.92 -73.98
N GLY I 46 -22.11 -37.93 -73.11
CA GLY I 46 -20.82 -37.30 -72.97
C GLY I 46 -20.60 -36.06 -73.81
N LYS I 47 -21.65 -35.45 -74.32
CA LYS I 47 -21.48 -34.24 -75.13
C LYS I 47 -21.83 -33.01 -74.31
N PRO I 48 -21.00 -31.97 -74.31
CA PRO I 48 -21.45 -30.69 -73.73
C PRO I 48 -22.66 -30.18 -74.49
N MET I 49 -23.63 -29.65 -73.74
CA MET I 49 -24.85 -29.13 -74.32
C MET I 49 -25.55 -28.29 -73.25
N LYS I 50 -26.14 -27.18 -73.67
CA LYS I 50 -26.89 -26.28 -72.79
C LYS I 50 -28.36 -26.68 -72.91
N TRP I 51 -28.82 -27.53 -72.01
CA TRP I 51 -30.19 -28.04 -72.05
C TRP I 51 -31.06 -27.49 -70.93
N GLY I 52 -30.67 -26.35 -70.34
CA GLY I 52 -31.53 -25.68 -69.39
C GLY I 52 -32.40 -24.62 -70.03
N GLU I 53 -33.32 -24.08 -69.24
CA GLU I 53 -34.30 -23.12 -69.70
C GLU I 53 -34.39 -21.96 -68.73
N VAL I 54 -34.42 -20.74 -69.28
CA VAL I 54 -34.62 -19.53 -68.48
C VAL I 54 -36.13 -19.39 -68.28
N ALA I 55 -36.60 -19.76 -67.09
CA ALA I 55 -38.02 -19.79 -66.78
C ALA I 55 -38.41 -18.56 -65.97
N HIS I 56 -39.63 -18.09 -66.20
CA HIS I 56 -40.18 -16.91 -65.55
C HIS I 56 -41.04 -17.30 -64.37
N ILE I 57 -40.75 -16.73 -63.19
CA ILE I 57 -41.64 -16.87 -62.05
C ILE I 57 -43.01 -16.27 -62.37
N LEU I 58 -43.02 -14.95 -62.62
CA LEU I 58 -44.23 -14.24 -63.04
C LEU I 58 -44.29 -14.20 -64.57
N PRO I 59 -45.38 -14.66 -65.18
CA PRO I 59 -45.46 -14.69 -66.64
C PRO I 59 -45.90 -13.34 -67.20
N ALA I 60 -45.64 -13.16 -68.49
CA ALA I 60 -46.08 -11.94 -69.16
C ALA I 60 -47.60 -11.85 -69.14
N SER I 61 -48.26 -12.84 -69.72
CA SER I 61 -49.71 -12.87 -69.73
C SER I 61 -50.24 -13.16 -68.32
N PRO I 62 -51.28 -12.44 -67.87
CA PRO I 62 -51.89 -12.77 -66.57
C PRO I 62 -52.65 -14.08 -66.57
N LYS I 63 -52.87 -14.69 -67.72
CA LYS I 63 -53.54 -15.98 -67.79
C LYS I 63 -52.57 -17.15 -67.60
N GLY I 64 -51.28 -16.88 -67.50
CA GLY I 64 -50.28 -17.92 -67.34
C GLY I 64 -50.02 -18.25 -65.88
N PRO I 65 -49.20 -19.26 -65.63
CA PRO I 65 -49.02 -19.75 -64.26
C PRO I 65 -48.39 -18.69 -63.36
N ARG I 66 -49.02 -18.48 -62.20
CA ARG I 66 -48.71 -17.38 -61.27
C ARG I 66 -49.04 -16.02 -61.87
N GLY I 67 -49.88 -15.99 -62.90
CA GLY I 67 -50.24 -14.74 -63.55
C GLY I 67 -50.93 -13.76 -62.65
N ARG I 68 -50.45 -12.51 -62.67
CA ARG I 68 -51.07 -11.39 -61.98
C ARG I 68 -51.64 -10.41 -63.00
N ALA I 69 -52.74 -9.75 -62.65
CA ALA I 69 -53.24 -8.69 -63.51
C ALA I 69 -52.45 -7.41 -63.31
N ASP I 70 -51.83 -7.23 -62.13
CA ASP I 70 -51.11 -6.02 -61.78
C ASP I 70 -49.60 -6.18 -61.93
N HIS I 71 -49.16 -7.04 -62.84
CA HIS I 71 -47.74 -7.27 -63.08
C HIS I 71 -47.32 -6.53 -64.34
N ASP I 72 -46.44 -5.55 -64.18
CA ASP I 72 -45.87 -4.83 -65.32
C ASP I 72 -44.96 -5.78 -66.10
N ALA I 73 -45.54 -6.53 -67.03
CA ALA I 73 -44.79 -7.58 -67.72
C ALA I 73 -43.57 -7.01 -68.44
N GLU I 74 -43.76 -5.95 -69.22
CA GLU I 74 -42.64 -5.37 -69.95
C GLU I 74 -41.52 -4.93 -69.02
N ALA I 75 -41.84 -4.61 -67.78
CA ALA I 75 -40.85 -4.13 -66.82
C ALA I 75 -40.10 -5.24 -66.11
N HIS I 76 -40.36 -6.51 -66.45
CA HIS I 76 -39.67 -7.62 -65.79
C HIS I 76 -39.34 -8.77 -66.73
N THR I 77 -39.38 -8.54 -68.06
CA THR I 77 -38.96 -9.59 -68.97
C THR I 77 -37.47 -9.88 -68.83
N ASN I 78 -36.68 -8.87 -68.42
CA ASN I 78 -35.25 -9.00 -68.22
C ASN I 78 -34.84 -8.71 -66.78
N ASP I 79 -35.75 -8.89 -65.84
CA ASP I 79 -35.46 -8.75 -64.41
C ASP I 79 -35.01 -10.11 -63.89
N THR I 80 -33.74 -10.22 -63.50
CA THR I 80 -33.19 -11.51 -63.12
C THR I 80 -33.74 -12.02 -61.79
N ALA I 81 -34.38 -11.16 -61.00
CA ALA I 81 -35.09 -11.66 -59.83
C ALA I 81 -36.35 -12.41 -60.22
N ASN I 82 -36.77 -12.32 -61.49
CA ASN I 82 -37.94 -13.03 -62.00
C ASN I 82 -37.57 -14.21 -62.87
N LEU I 83 -36.28 -14.47 -63.09
CA LEU I 83 -35.83 -15.47 -64.05
C LEU I 83 -34.98 -16.52 -63.35
N MET I 84 -35.36 -17.79 -63.52
CA MET I 84 -34.68 -18.92 -62.93
C MET I 84 -34.21 -19.87 -64.03
N LEU I 85 -32.97 -20.35 -63.90
CA LEU I 85 -32.49 -21.42 -64.76
C LEU I 85 -33.00 -22.74 -64.22
N LEU I 86 -33.76 -23.48 -65.04
CA LEU I 86 -34.38 -24.73 -64.64
C LEU I 86 -34.15 -25.80 -65.69
N CYS I 87 -34.03 -27.05 -65.25
CA CYS I 87 -34.09 -28.16 -66.18
C CYS I 87 -35.47 -28.18 -66.83
N PRO I 88 -35.61 -28.86 -67.97
CA PRO I 88 -36.93 -28.91 -68.63
C PRO I 88 -38.02 -29.49 -67.73
N GLY I 89 -37.70 -30.50 -66.92
CA GLY I 89 -38.73 -31.12 -66.10
C GLY I 89 -39.20 -30.23 -64.98
N CYS I 90 -38.27 -29.57 -64.28
CA CYS I 90 -38.67 -28.68 -63.20
C CYS I 90 -39.49 -27.51 -63.73
N HIS I 91 -39.11 -26.96 -64.90
CA HIS I 91 -39.88 -25.88 -65.49
C HIS I 91 -41.30 -26.33 -65.82
N ASP I 92 -41.44 -27.53 -66.40
CA ASP I 92 -42.78 -28.03 -66.72
C ASP I 92 -43.62 -28.17 -65.46
N LYS I 93 -43.04 -28.72 -64.40
CA LYS I 93 -43.80 -28.95 -63.18
C LYS I 93 -44.30 -27.64 -62.59
N ILE I 94 -43.41 -26.65 -62.43
CA ILE I 94 -43.83 -25.42 -61.77
C ILE I 94 -44.84 -24.65 -62.62
N ASP I 95 -44.84 -24.84 -63.94
CA ASP I 95 -45.84 -24.19 -64.77
C ASP I 95 -47.15 -24.97 -64.86
N ARG I 96 -47.14 -26.27 -64.54
CA ARG I 96 -48.37 -27.05 -64.52
C ARG I 96 -49.06 -27.05 -63.15
N ASP I 97 -48.41 -26.50 -62.11
CA ASP I 97 -48.96 -26.50 -60.77
C ASP I 97 -48.60 -25.16 -60.12
N ALA I 98 -49.21 -24.09 -60.63
CA ALA I 98 -48.91 -22.77 -60.10
C ALA I 98 -49.28 -22.66 -58.63
N ASP I 99 -50.34 -23.35 -58.21
CA ASP I 99 -50.72 -23.33 -56.80
C ASP I 99 -49.65 -23.99 -55.94
N GLY I 100 -49.06 -25.07 -56.42
CA GLY I 100 -48.04 -25.78 -55.67
C GLY I 100 -46.67 -25.13 -55.69
N TYR I 101 -46.47 -24.17 -56.59
CA TYR I 101 -45.19 -23.49 -56.73
C TYR I 101 -45.45 -21.99 -56.83
N PRO I 102 -45.93 -21.38 -55.75
CA PRO I 102 -46.32 -19.97 -55.81
C PRO I 102 -45.13 -19.02 -55.88
N GLU I 103 -45.44 -17.78 -56.27
CA GLU I 103 -44.42 -16.77 -56.53
C GLU I 103 -43.46 -16.63 -55.35
N ASN I 104 -43.99 -16.50 -54.14
CA ASN I 104 -43.13 -16.24 -52.99
C ASN I 104 -42.22 -17.45 -52.69
N ASP I 105 -42.73 -18.66 -52.89
CA ASP I 105 -41.90 -19.84 -52.67
C ASP I 105 -40.72 -19.85 -53.64
N LEU I 106 -41.01 -19.68 -54.94
CA LEU I 106 -39.95 -19.71 -55.94
C LEU I 106 -38.95 -18.58 -55.72
N SER I 107 -39.45 -17.39 -55.38
CA SER I 107 -38.55 -16.26 -55.21
C SER I 107 -37.58 -16.50 -54.05
N GLY I 108 -38.09 -17.00 -52.93
CA GLY I 108 -37.21 -17.30 -51.81
C GLY I 108 -36.15 -18.33 -52.16
N LEU I 109 -36.53 -19.36 -52.90
CA LEU I 109 -35.57 -20.38 -53.31
C LEU I 109 -34.57 -19.82 -54.32
N HIS I 110 -35.07 -19.03 -55.27
CA HIS I 110 -34.21 -18.36 -56.24
C HIS I 110 -33.09 -17.59 -55.55
N GLN I 111 -33.44 -16.71 -54.62
CA GLN I 111 -32.44 -15.84 -54.02
C GLN I 111 -31.48 -16.61 -53.12
N ALA I 112 -31.98 -17.63 -52.42
CA ALA I 112 -31.09 -18.45 -51.61
C ALA I 112 -30.10 -19.20 -52.49
N TYR I 113 -30.55 -19.69 -53.64
CA TYR I 113 -29.65 -20.38 -54.55
C TYR I 113 -28.57 -19.43 -55.05
N LEU I 114 -28.96 -18.26 -55.52
CA LEU I 114 -28.00 -17.27 -56.01
C LEU I 114 -26.98 -16.89 -54.95
N GLU I 115 -27.43 -16.70 -53.71
N GLU I 115 -27.44 -16.69 -53.71
CA GLU I 115 -26.53 -16.28 -52.64
CA GLU I 115 -26.54 -16.28 -52.63
C GLU I 115 -25.49 -17.35 -52.32
C GLU I 115 -25.48 -17.35 -52.37
N ARG I 116 -25.88 -18.63 -52.41
CA ARG I 116 -24.93 -19.69 -52.15
C ARG I 116 -23.81 -19.67 -53.18
N ILE I 117 -24.19 -19.52 -54.46
CA ILE I 117 -23.20 -19.41 -55.53
C ILE I 117 -22.27 -18.23 -55.26
N ARG I 118 -22.85 -17.06 -55.02
CA ARG I 118 -22.06 -15.86 -54.82
C ARG I 118 -21.11 -16.01 -53.64
N LEU I 119 -21.58 -16.62 -52.54
CA LEU I 119 -20.72 -16.81 -51.39
C LEU I 119 -19.59 -17.79 -51.70
N ALA I 120 -19.88 -18.83 -52.48
CA ALA I 120 -18.82 -19.76 -52.86
C ALA I 120 -17.73 -19.04 -53.66
N ALA I 121 -18.14 -18.18 -54.59
CA ALA I 121 -17.18 -17.54 -55.48
C ALA I 121 -16.33 -16.51 -54.75
N THR I 122 -16.87 -15.89 -53.70
CA THR I 122 -16.16 -14.87 -52.94
C THR I 122 -15.45 -15.42 -51.72
N THR I 123 -15.49 -16.72 -51.50
CA THR I 123 -14.77 -17.31 -50.37
C THR I 123 -13.30 -17.45 -50.74
N PRO I 124 -12.38 -16.85 -49.97
CA PRO I 124 -10.96 -16.99 -50.29
C PRO I 124 -10.48 -18.42 -50.08
N ASP I 125 -9.60 -18.87 -50.98
CA ASP I 125 -9.10 -20.23 -50.90
C ASP I 125 -8.40 -20.45 -49.57
N GLY I 126 -8.84 -21.49 -48.84
CA GLY I 126 -8.27 -21.82 -47.55
C GLY I 126 -7.47 -23.09 -47.49
N GLY I 127 -7.14 -23.70 -48.62
CA GLY I 127 -6.37 -24.92 -48.64
C GLY I 127 -7.25 -26.16 -48.61
N ARG I 128 -6.60 -27.31 -48.75
CA ARG I 128 -7.31 -28.58 -48.80
C ARG I 128 -7.36 -29.21 -47.41
N ALA I 129 -8.18 -30.25 -47.29
CA ALA I 129 -8.37 -30.95 -46.04
C ALA I 129 -9.15 -32.23 -46.33
N ILE I 130 -8.90 -33.25 -45.51
CA ILE I 130 -9.55 -34.55 -45.67
C ILE I 130 -10.86 -34.52 -44.88
N PRO I 131 -12.01 -34.71 -45.51
CA PRO I 131 -13.26 -34.80 -44.76
C PRO I 131 -13.33 -36.14 -44.04
N LEU I 132 -13.66 -36.10 -42.74
CA LEU I 132 -13.75 -37.31 -41.93
C LEU I 132 -15.01 -37.25 -41.08
N ILE I 133 -15.91 -38.19 -41.30
CA ILE I 133 -17.11 -38.37 -40.49
C ILE I 133 -16.98 -39.71 -39.77
N VAL I 134 -17.13 -39.69 -38.44
CA VAL I 134 -17.13 -40.92 -37.64
C VAL I 134 -18.42 -40.93 -36.84
N GLN I 135 -19.25 -41.95 -37.05
CA GLN I 135 -20.53 -42.04 -36.37
C GLN I 135 -20.73 -43.45 -35.88
N SER I 136 -21.49 -43.57 -34.78
CA SER I 136 -21.75 -44.87 -34.20
C SER I 136 -23.16 -45.32 -34.57
N GLN I 137 -23.50 -46.52 -34.11
CA GLN I 137 -24.85 -47.06 -34.19
C GLN I 137 -25.32 -47.56 -32.84
N HIS I 138 -24.90 -46.91 -31.76
CA HIS I 138 -25.30 -47.37 -30.42
C HIS I 138 -26.57 -46.72 -29.93
N PHE I 139 -27.14 -45.78 -30.69
CA PHE I 139 -28.42 -45.21 -30.33
C PHE I 139 -29.56 -46.11 -30.79
N GLN I 140 -30.73 -45.91 -30.18
CA GLN I 140 -31.95 -46.58 -30.60
C GLN I 140 -32.68 -45.82 -31.70
N THR I 141 -31.96 -44.98 -32.45
CA THR I 141 -32.52 -44.21 -33.54
C THR I 141 -31.49 -44.19 -34.66
N ILE I 142 -31.96 -43.79 -35.85
CA ILE I 142 -31.03 -43.49 -36.93
C ILE I 142 -30.03 -42.45 -36.46
N ASN I 143 -28.77 -42.62 -36.86
CA ASN I 143 -27.69 -41.69 -36.59
C ASN I 143 -26.94 -41.53 -37.90
N ASP I 144 -27.01 -40.35 -38.52
CA ASP I 144 -26.42 -40.20 -39.86
C ASP I 144 -26.06 -38.74 -40.14
N ILE I 145 -24.77 -38.45 -40.18
CA ILE I 145 -24.26 -37.12 -40.48
C ILE I 145 -24.13 -37.00 -41.99
N PRO I 146 -24.86 -36.08 -42.64
CA PRO I 146 -24.76 -35.98 -44.10
C PRO I 146 -23.38 -35.50 -44.54
N VAL I 147 -22.85 -36.15 -45.57
CA VAL I 147 -21.60 -35.74 -46.16
C VAL I 147 -21.68 -34.30 -46.65
N ARG I 148 -22.74 -33.95 -47.37
CA ARG I 148 -22.83 -32.63 -47.96
C ARG I 148 -22.73 -31.54 -46.90
N ASP I 149 -23.28 -31.79 -45.71
CA ASP I 149 -23.26 -30.76 -44.68
C ASP I 149 -21.85 -30.54 -44.15
N LEU I 150 -21.04 -31.60 -44.02
CA LEU I 150 -19.65 -31.40 -43.65
C LEU I 150 -18.87 -30.68 -44.75
N LEU I 151 -19.03 -31.12 -46.00
CA LEU I 151 -18.33 -30.46 -47.08
C LEU I 151 -18.74 -28.99 -47.17
N THR I 152 -20.00 -28.68 -46.85
CA THR I 152 -20.48 -27.31 -46.93
C THR I 152 -19.88 -26.44 -45.83
N ALA I 153 -19.70 -27.01 -44.64
CA ALA I 153 -19.06 -26.26 -43.56
C ALA I 153 -17.59 -25.99 -43.88
N MET I 154 -16.92 -26.97 -44.48
CA MET I 154 -15.55 -26.75 -44.93
C MET I 154 -15.48 -25.63 -45.95
N SER I 155 -16.33 -25.68 -46.97
CA SER I 155 -16.28 -24.68 -48.04
C SER I 155 -16.44 -23.27 -47.49
N ALA I 156 -17.22 -23.12 -46.42
CA ALA I 156 -17.45 -21.79 -45.86
C ALA I 156 -16.18 -21.22 -45.24
N GLU I 157 -15.29 -22.10 -44.76
CA GLU I 157 -14.00 -21.71 -44.22
C GLU I 157 -12.88 -21.87 -45.25
N GLY I 158 -13.23 -22.00 -46.53
CA GLY I 158 -12.27 -22.06 -47.60
C GLY I 158 -11.68 -23.43 -47.87
N LEU I 159 -12.08 -24.47 -47.15
CA LEU I 159 -11.48 -25.79 -47.30
C LEU I 159 -12.22 -26.58 -48.38
N THR I 160 -11.45 -27.14 -49.31
CA THR I 160 -11.96 -28.06 -50.31
C THR I 160 -11.20 -29.38 -50.20
N ALA I 161 -11.76 -30.41 -50.81
CA ALA I 161 -11.19 -31.75 -50.74
C ALA I 161 -11.10 -32.33 -52.14
N PHE I 162 -10.23 -33.33 -52.29
CA PHE I 162 -10.10 -34.02 -53.57
C PHE I 162 -11.16 -35.10 -53.75
N ASP I 163 -11.96 -35.38 -52.72
CA ASP I 163 -13.06 -36.32 -52.78
C ASP I 163 -13.96 -36.06 -51.58
N GLN I 164 -15.12 -36.71 -51.58
CA GLN I 164 -16.06 -36.52 -50.48
C GLN I 164 -15.53 -37.07 -49.15
N GLY I 165 -14.38 -37.72 -49.14
CA GLY I 165 -13.70 -38.07 -47.90
C GLY I 165 -14.08 -39.41 -47.31
N ILE I 166 -13.77 -39.53 -46.02
CA ILE I 166 -13.93 -40.78 -45.27
C ILE I 166 -15.16 -40.66 -44.38
N LYS I 167 -15.98 -41.72 -44.38
CA LYS I 167 -17.12 -41.83 -43.47
C LYS I 167 -17.11 -43.23 -42.87
N ILE I 168 -16.96 -43.31 -41.54
CA ILE I 168 -16.87 -44.58 -40.83
C ILE I 168 -18.07 -44.69 -39.89
N ALA I 169 -18.75 -45.84 -39.94
CA ALA I 169 -19.91 -46.11 -39.10
C ALA I 169 -19.62 -47.37 -38.30
N PHE I 170 -19.53 -47.22 -36.98
CA PHE I 170 -19.22 -48.36 -36.13
C PHE I 170 -20.31 -49.43 -36.28
N ALA I 171 -19.93 -50.68 -36.11
CA ALA I 171 -20.93 -51.74 -36.02
C ALA I 171 -21.84 -51.47 -34.83
N ALA I 172 -23.08 -51.92 -34.94
CA ALA I 172 -24.02 -51.72 -33.84
C ALA I 172 -23.75 -52.72 -32.73
N PRO I 173 -24.18 -52.42 -31.50
CA PRO I 173 -24.05 -53.40 -30.42
C PRO I 173 -24.80 -54.69 -30.75
N GLY I 174 -24.23 -55.80 -30.30
CA GLY I 174 -24.87 -57.09 -30.45
C GLY I 174 -25.95 -57.28 -29.41
N PRO I 175 -26.39 -58.52 -29.23
CA PRO I 175 -27.45 -58.81 -28.24
C PRO I 175 -27.04 -58.63 -26.80
N ARG I 176 -25.75 -58.48 -26.50
CA ARG I 176 -25.28 -58.33 -25.14
C ARG I 176 -25.00 -56.87 -24.78
N GLY I 177 -25.45 -55.93 -25.60
CA GLY I 177 -25.14 -54.53 -25.37
C GLY I 177 -23.73 -54.19 -25.85
N ARG I 178 -23.18 -53.14 -25.24
CA ARG I 178 -21.80 -52.73 -25.56
C ARG I 178 -20.85 -53.59 -24.73
N ASP I 179 -20.57 -54.78 -25.26
CA ASP I 179 -19.78 -55.78 -24.57
C ASP I 179 -18.31 -55.67 -25.00
N THR I 180 -17.48 -56.63 -24.57
CA THR I 180 -16.07 -56.61 -24.94
C THR I 180 -15.89 -56.72 -26.45
N THR I 181 -16.76 -57.49 -27.11
CA THR I 181 -16.74 -57.55 -28.58
C THR I 181 -17.02 -56.20 -29.19
N TYR I 182 -18.06 -55.51 -28.70
CA TYR I 182 -18.41 -54.22 -29.26
C TYR I 182 -17.24 -53.24 -29.17
N TRP I 183 -16.55 -53.21 -28.03
CA TRP I 183 -15.49 -52.21 -27.88
C TRP I 183 -14.24 -52.60 -28.67
N GLN I 184 -14.04 -53.90 -28.91
CA GLN I 184 -12.99 -54.32 -29.82
C GLN I 184 -13.26 -53.82 -31.24
N ASN I 185 -14.52 -53.87 -31.68
CA ASN I 185 -14.87 -53.39 -33.01
C ASN I 185 -14.69 -51.88 -33.11
N VAL I 186 -15.01 -51.16 -32.03
CA VAL I 186 -14.74 -49.74 -31.96
C VAL I 186 -13.25 -49.49 -32.16
N LYS I 187 -12.42 -50.20 -31.39
CA LYS I 187 -10.98 -50.04 -31.51
C LYS I 187 -10.51 -50.35 -32.92
N ASP I 188 -11.01 -51.44 -33.50
CA ASP I 188 -10.61 -51.80 -34.86
C ASP I 188 -11.05 -50.77 -35.88
N SER I 189 -12.21 -50.13 -35.67
CA SER I 189 -12.65 -49.08 -36.59
C SER I 189 -11.75 -47.86 -36.52
N VAL I 190 -11.36 -47.45 -35.30
CA VAL I 190 -10.59 -46.23 -35.14
C VAL I 190 -9.13 -46.46 -35.47
N GLN I 191 -8.56 -47.59 -35.03
CA GLN I 191 -7.13 -47.81 -35.10
C GLN I 191 -6.67 -48.58 -36.33
N TYR I 192 -7.58 -49.28 -37.00
CA TYR I 192 -7.24 -50.00 -38.23
C TYR I 192 -8.01 -49.44 -39.42
N GLU I 193 -9.34 -49.58 -39.46
CA GLU I 193 -10.11 -49.16 -40.62
C GLU I 193 -9.83 -47.72 -41.02
N LEU I 194 -9.89 -46.81 -40.05
CA LEU I 194 -9.60 -45.40 -40.35
C LEU I 194 -8.19 -45.24 -40.89
N GLU I 195 -7.22 -45.94 -40.30
CA GLU I 195 -5.83 -45.82 -40.74
C GLU I 195 -5.66 -46.30 -42.17
N GLN I 196 -6.35 -47.39 -42.54
CA GLN I 196 -6.27 -47.88 -43.91
C GLN I 196 -6.77 -46.83 -44.90
N GLN I 197 -7.89 -46.18 -44.60
CA GLN I 197 -8.47 -45.25 -45.55
C GLN I 197 -7.65 -43.96 -45.65
N LEU I 198 -6.99 -43.56 -44.57
CA LEU I 198 -6.08 -42.42 -44.64
C LEU I 198 -4.82 -42.79 -45.43
N LYS I 199 -4.30 -44.00 -45.24
CA LYS I 199 -3.18 -44.47 -46.05
C LYS I 199 -3.51 -44.39 -47.53
N ARG I 200 -4.54 -45.12 -47.96
CA ARG I 200 -4.98 -45.06 -49.35
C ARG I 200 -5.00 -43.64 -49.89
N ARG I 201 -5.64 -42.73 -49.17
CA ARG I 201 -5.75 -41.35 -49.65
C ARG I 201 -4.37 -40.73 -49.80
N GLY I 202 -3.52 -40.88 -48.79
CA GLY I 202 -2.14 -40.43 -48.86
C GLY I 202 -1.53 -40.63 -50.23
N GLY I 203 -0.98 -39.56 -50.79
CA GLY I 203 -0.58 -39.52 -52.18
C GLY I 203 -1.45 -38.56 -52.95
N THR I 204 -2.76 -38.66 -52.73
CA THR I 204 -3.69 -37.67 -53.26
C THR I 204 -3.63 -36.37 -52.46
N TYR I 205 -3.48 -36.47 -51.15
CA TYR I 205 -3.56 -35.30 -50.28
C TYR I 205 -2.21 -34.77 -49.82
N GLY I 206 -1.17 -35.59 -49.75
CA GLY I 206 0.17 -35.12 -49.44
C GLY I 206 0.75 -35.85 -48.23
N ASP I 207 1.82 -35.25 -47.70
CA ASP I 207 2.63 -35.89 -46.65
C ASP I 207 2.10 -35.66 -45.24
N SER I 208 1.21 -34.69 -45.04
CA SER I 208 0.61 -34.44 -43.74
C SER I 208 -0.55 -33.46 -43.88
N PRO I 209 -1.61 -33.85 -44.56
CA PRO I 209 -2.70 -32.90 -44.85
C PRO I 209 -3.56 -32.61 -43.62
N ALA I 210 -4.43 -31.61 -43.79
CA ALA I 210 -5.33 -31.19 -42.71
C ALA I 210 -6.54 -32.11 -42.64
N LEU I 211 -7.01 -32.34 -41.42
CA LEU I 211 -8.11 -33.26 -41.16
C LEU I 211 -9.31 -32.44 -40.70
N ALA I 212 -10.41 -32.51 -41.45
CA ALA I 212 -11.66 -31.83 -41.12
C ALA I 212 -12.62 -32.90 -40.61
N VAL I 213 -12.76 -33.00 -39.29
CA VAL I 213 -13.37 -34.16 -38.64
C VAL I 213 -14.58 -33.73 -37.83
N VAL I 214 -15.67 -34.48 -37.98
CA VAL I 214 -16.86 -34.36 -37.15
C VAL I 214 -17.27 -35.75 -36.68
N GLY I 215 -17.72 -35.84 -35.44
CA GLY I 215 -18.07 -37.13 -34.87
C GLY I 215 -19.38 -37.07 -34.11
N LEU I 216 -20.05 -38.23 -34.07
CA LEU I 216 -21.27 -38.38 -33.28
C LEU I 216 -21.34 -39.89 -32.98
N ALA I 217 -20.77 -40.28 -31.87
CA ALA I 217 -20.48 -41.68 -31.58
C ALA I 217 -20.24 -41.80 -30.08
N ASP I 218 -20.00 -43.02 -29.61
CA ASP I 218 -19.79 -43.22 -28.18
C ASP I 218 -18.72 -42.25 -27.69
N ILE I 219 -18.96 -41.64 -26.52
CA ILE I 219 -17.96 -40.73 -25.97
C ILE I 219 -16.59 -41.39 -25.86
N PRO I 220 -16.46 -42.59 -25.31
CA PRO I 220 -15.12 -43.23 -25.25
C PRO I 220 -14.48 -43.43 -26.61
N ALA I 221 -15.29 -43.71 -27.64
CA ALA I 221 -14.73 -43.92 -28.97
C ALA I 221 -14.25 -42.61 -29.58
N LEU I 222 -14.99 -41.52 -29.36
CA LEU I 222 -14.55 -40.23 -29.86
C LEU I 222 -13.31 -39.74 -29.13
N MET I 223 -13.14 -40.13 -27.85
CA MET I 223 -11.91 -39.79 -27.15
C MET I 223 -10.74 -40.56 -27.74
N MET I 224 -10.93 -41.85 -28.01
CA MET I 224 -9.89 -42.61 -28.70
C MET I 224 -9.61 -42.02 -30.07
N LEU I 225 -10.66 -41.65 -30.80
CA LEU I 225 -10.46 -41.00 -32.09
C LEU I 225 -9.55 -39.79 -31.94
N GLY I 226 -9.92 -38.86 -31.06
CA GLY I 226 -9.11 -37.67 -30.85
C GLY I 226 -7.67 -38.00 -30.50
N GLN I 227 -7.46 -39.06 -29.73
CA GLN I 227 -6.11 -39.49 -29.40
C GLN I 227 -5.35 -39.88 -30.67
N SER I 228 -5.99 -40.66 -31.55
CA SER I 228 -5.31 -41.12 -32.76
C SER I 228 -4.96 -39.96 -33.68
N ILE I 229 -5.88 -38.99 -33.82
CA ILE I 229 -5.67 -37.90 -34.75
C ILE I 229 -4.93 -36.72 -34.13
N GLY I 230 -4.50 -36.85 -32.88
CA GLY I 230 -3.59 -35.88 -32.32
C GLY I 230 -2.18 -36.11 -32.79
N ASP I 231 -1.35 -35.08 -32.65
CA ASP I 231 0.01 -35.11 -33.18
C ASP I 231 0.01 -35.33 -34.69
N ARG I 232 -1.06 -34.92 -35.35
CA ARG I 232 -1.15 -34.92 -36.81
C ARG I 232 -1.29 -33.49 -37.30
N SER I 233 -1.40 -33.34 -38.61
CA SER I 233 -1.45 -32.02 -39.22
C SER I 233 -2.59 -31.18 -38.66
N LYS I 234 -2.70 -29.93 -39.11
CA LYS I 234 -3.77 -29.04 -38.67
C LYS I 234 -5.08 -29.80 -38.61
N ARG I 235 -5.62 -29.92 -37.40
CA ARG I 235 -6.91 -30.58 -37.17
C ARG I 235 -7.98 -29.51 -37.05
N LEU I 236 -9.00 -29.58 -37.91
CA LEU I 236 -10.15 -28.70 -37.83
C LEU I 236 -11.35 -29.53 -37.38
N ILE I 237 -11.81 -29.27 -36.16
CA ILE I 237 -12.96 -29.99 -35.62
C ILE I 237 -14.23 -29.23 -36.00
N PHE I 238 -15.19 -29.96 -36.56
CA PHE I 238 -16.53 -29.47 -36.79
C PHE I 238 -17.48 -30.18 -35.82
N SER I 239 -18.71 -29.70 -35.75
CA SER I 239 -19.67 -30.19 -34.76
C SER I 239 -21.04 -30.37 -35.38
N PHE I 240 -21.69 -31.48 -35.03
CA PHE I 240 -23.08 -31.71 -35.38
C PHE I 240 -23.97 -31.10 -34.29
N HIS I 241 -24.88 -30.22 -34.71
CA HIS I 241 -25.74 -29.47 -33.81
C HIS I 241 -27.19 -29.82 -34.08
N ARG I 242 -27.95 -30.07 -33.01
CA ARG I 242 -29.33 -30.52 -33.17
C ARG I 242 -30.15 -29.54 -34.00
N GLU I 243 -29.90 -28.23 -33.82
CA GLU I 243 -30.61 -27.25 -34.63
C GLU I 243 -29.89 -26.96 -35.94
N HIS I 244 -28.59 -26.66 -35.88
CA HIS I 244 -27.88 -26.09 -37.01
C HIS I 244 -27.10 -27.11 -37.81
N LEU I 245 -27.15 -28.39 -37.43
CA LEU I 245 -26.48 -29.48 -38.15
C LEU I 245 -24.99 -29.17 -38.16
N LEU I 246 -24.35 -29.06 -39.31
CA LEU I 246 -22.91 -28.83 -39.35
C LEU I 246 -22.56 -27.35 -39.34
N ARG I 247 -23.54 -26.47 -39.50
CA ARG I 247 -23.26 -25.04 -39.44
C ARG I 247 -23.00 -24.62 -38.01
N TRP I 248 -22.01 -23.77 -37.83
CA TRP I 248 -21.76 -23.20 -36.51
C TRP I 248 -22.97 -22.38 -36.08
N PRO I 249 -23.52 -22.63 -34.88
CA PRO I 249 -24.71 -21.87 -34.47
C PRO I 249 -24.50 -20.36 -34.49
N ASP I 250 -23.38 -19.86 -33.97
CA ASP I 250 -23.20 -18.41 -33.80
C ASP I 250 -21.71 -18.11 -33.66
N GLN I 251 -21.11 -17.63 -34.75
CA GLN I 251 -19.68 -17.36 -34.75
C GLN I 251 -19.28 -16.25 -33.79
N SER I 252 -20.21 -15.37 -33.44
CA SER I 252 -19.91 -14.25 -32.56
C SER I 252 -20.05 -14.61 -31.09
N ALA I 253 -20.49 -15.82 -30.76
CA ALA I 253 -20.77 -16.16 -29.37
C ALA I 253 -19.48 -16.26 -28.57
N GLU I 254 -19.49 -15.69 -27.37
CA GLU I 254 -18.33 -15.84 -26.49
C GLU I 254 -18.40 -17.18 -25.77
N PRO I 255 -17.27 -17.86 -25.59
CA PRO I 255 -17.29 -19.12 -24.86
C PRO I 255 -17.75 -18.90 -23.43
N PRO I 256 -18.31 -19.93 -22.81
CA PRO I 256 -18.70 -19.81 -21.41
C PRO I 256 -17.48 -19.92 -20.50
N SER I 257 -17.68 -19.51 -19.26
CA SER I 257 -16.67 -19.75 -18.23
C SER I 257 -16.64 -21.24 -17.90
N PHE I 258 -15.44 -21.77 -17.72
CA PHE I 258 -15.26 -23.17 -17.35
C PHE I 258 -14.82 -23.22 -15.89
N LEU I 259 -15.72 -23.72 -15.04
CA LEU I 259 -15.49 -23.78 -13.60
C LEU I 259 -14.85 -25.12 -13.27
N PHE I 260 -13.76 -25.08 -12.51
CA PHE I 260 -13.06 -26.30 -12.08
C PHE I 260 -13.12 -26.40 -10.57
N THR I 261 -13.38 -27.62 -10.10
CA THR I 261 -13.45 -27.94 -8.67
C THR I 261 -12.34 -28.93 -8.38
N PRO I 262 -11.35 -28.58 -7.55
CA PRO I 262 -10.25 -29.50 -7.32
C PRO I 262 -10.70 -30.72 -6.53
N PRO I 263 -10.03 -31.86 -6.70
CA PRO I 263 -10.45 -33.06 -5.99
C PRO I 263 -10.05 -32.99 -4.53
N PRO I 264 -10.77 -33.68 -3.64
CA PRO I 264 -10.39 -33.69 -2.22
C PRO I 264 -9.13 -34.52 -2.03
N ASN I 265 -8.27 -34.06 -1.12
CA ASN I 265 -7.08 -34.84 -0.79
C ASN I 265 -7.48 -36.15 -0.14
N GLY I 266 -6.72 -37.20 -0.45
CA GLY I 266 -7.04 -38.52 0.06
C GLY I 266 -6.35 -39.58 -0.78
N ASP I 267 -6.83 -40.82 -0.62
CA ASP I 267 -6.23 -41.96 -1.29
C ASP I 267 -7.15 -42.68 -2.27
N GLY I 268 -8.44 -42.37 -2.29
CA GLY I 268 -9.36 -43.04 -3.17
C GLY I 268 -9.11 -42.72 -4.62
N PRO I 269 -9.69 -43.52 -5.52
CA PRO I 269 -9.46 -43.30 -6.95
C PRO I 269 -9.91 -41.91 -7.39
N LEU I 270 -9.13 -41.31 -8.29
CA LEU I 270 -9.38 -39.95 -8.76
C LEU I 270 -10.31 -40.01 -9.97
N ALA I 271 -11.36 -39.18 -9.93
CA ALA I 271 -12.37 -39.17 -10.98
C ALA I 271 -12.51 -37.76 -11.52
N LEU I 272 -12.51 -37.64 -12.85
CA LEU I 272 -12.73 -36.37 -13.53
C LEU I 272 -14.16 -36.35 -14.05
N VAL I 273 -14.96 -35.41 -13.57
CA VAL I 273 -16.36 -35.26 -13.97
C VAL I 273 -16.47 -34.03 -14.85
N LEU I 274 -16.91 -34.23 -16.08
CA LEU I 274 -17.16 -33.15 -17.03
C LEU I 274 -18.66 -32.97 -17.16
N SER I 275 -19.17 -31.84 -16.66
CA SER I 275 -20.60 -31.52 -16.69
C SER I 275 -20.80 -30.32 -17.60
N ILE I 276 -20.87 -30.59 -18.90
CA ILE I 276 -20.88 -29.55 -19.92
C ILE I 276 -22.15 -29.64 -20.77
N SER I 277 -22.45 -30.83 -21.29
CA SER I 277 -23.77 -31.07 -21.88
C SER I 277 -24.86 -31.08 -20.81
N ALA I 278 -24.54 -31.60 -19.63
CA ALA I 278 -25.51 -31.75 -18.55
C ALA I 278 -24.75 -31.90 -17.24
N GLN I 279 -25.45 -31.65 -16.15
CA GLN I 279 -24.88 -31.87 -14.83
C GLN I 279 -24.84 -33.38 -14.59
N VAL I 280 -23.66 -33.92 -14.32
CA VAL I 280 -23.51 -35.33 -14.00
C VAL I 280 -23.76 -35.49 -12.50
N PRO I 281 -24.81 -36.22 -12.09
CA PRO I 281 -25.06 -36.38 -10.65
C PRO I 281 -23.92 -37.11 -9.97
N VAL I 282 -23.41 -36.50 -8.89
CA VAL I 282 -22.30 -37.09 -8.15
C VAL I 282 -22.66 -38.48 -7.62
N ARG I 283 -23.94 -38.70 -7.31
CA ARG I 283 -24.35 -40.02 -6.83
C ARG I 283 -24.01 -41.11 -7.83
N ASP I 284 -24.05 -40.82 -9.13
CA ASP I 284 -23.75 -41.86 -10.12
C ASP I 284 -22.26 -42.11 -10.23
N VAL I 285 -21.44 -41.10 -9.91
CA VAL I 285 -19.99 -41.26 -9.95
C VAL I 285 -19.54 -42.16 -8.81
N THR I 286 -19.93 -41.84 -7.57
CA THR I 286 -19.48 -42.63 -6.43
C THR I 286 -20.14 -44.00 -6.41
N ASP I 287 -21.36 -44.14 -6.96
CA ASP I 287 -21.94 -45.47 -7.07
C ASP I 287 -21.10 -46.37 -7.96
N ALA I 288 -20.48 -45.79 -8.99
CA ALA I 288 -19.62 -46.57 -9.87
C ALA I 288 -18.22 -46.74 -9.28
N LEU I 289 -17.74 -45.73 -8.56
CA LEU I 289 -16.33 -45.66 -8.14
C LEU I 289 -16.29 -45.41 -6.65
N PRO I 290 -16.53 -46.44 -5.84
CA PRO I 290 -16.60 -46.25 -4.39
C PRO I 290 -15.35 -45.55 -3.85
N GLY I 291 -15.56 -44.50 -3.08
CA GLY I 291 -14.48 -43.72 -2.52
C GLY I 291 -13.90 -42.68 -3.46
N ALA I 292 -14.56 -42.40 -4.57
CA ALA I 292 -13.98 -41.52 -5.58
C ALA I 292 -13.58 -40.17 -4.98
N ARG I 293 -12.47 -39.64 -5.45
CA ARG I 293 -12.07 -38.26 -5.20
C ARG I 293 -12.35 -37.49 -6.48
N ILE I 294 -13.28 -36.54 -6.42
CA ILE I 294 -13.94 -36.03 -7.61
C ILE I 294 -13.43 -34.64 -7.93
N ALA I 295 -12.84 -34.51 -9.12
CA ALA I 295 -12.55 -33.23 -9.75
C ALA I 295 -13.57 -33.01 -10.86
N GLU I 296 -14.19 -31.83 -10.88
CA GLU I 296 -15.24 -31.54 -11.84
C GLU I 296 -14.92 -30.29 -12.65
N LEU I 297 -15.15 -30.36 -13.95
CA LEU I 297 -15.18 -29.20 -14.82
C LEU I 297 -16.61 -29.05 -15.34
N SER I 298 -17.14 -27.84 -15.30
CA SER I 298 -18.49 -27.61 -15.75
C SER I 298 -18.60 -26.20 -16.34
N ILE I 299 -19.78 -25.88 -16.85
CA ILE I 299 -20.12 -24.51 -17.23
C ILE I 299 -21.32 -24.09 -16.40
N PRO I 300 -21.56 -22.79 -16.28
CA PRO I 300 -22.68 -22.33 -15.43
C PRO I 300 -24.01 -22.95 -15.78
N GLU I 301 -24.25 -23.28 -17.05
CA GLU I 301 -25.54 -23.77 -17.50
C GLU I 301 -25.32 -24.90 -18.49
N PRO I 302 -25.15 -26.12 -17.99
CA PRO I 302 -24.97 -27.27 -18.89
C PRO I 302 -26.10 -27.36 -19.91
N SER I 303 -25.73 -27.59 -21.17
CA SER I 303 -26.67 -27.59 -22.27
C SER I 303 -26.11 -28.35 -23.46
N TYR I 304 -26.96 -29.18 -24.08
CA TYR I 304 -26.58 -29.87 -25.30
C TYR I 304 -26.21 -28.91 -26.44
N ALA I 305 -26.70 -27.67 -26.39
CA ALA I 305 -26.56 -26.77 -27.53
C ALA I 305 -25.33 -25.88 -27.46
N MET I 306 -24.44 -26.08 -26.50
CA MET I 306 -23.46 -25.06 -26.16
C MET I 306 -22.29 -24.94 -27.15
N VAL I 307 -22.18 -25.78 -28.17
CA VAL I 307 -21.02 -25.71 -29.08
C VAL I 307 -21.38 -24.70 -30.16
N GLN I 308 -21.25 -23.41 -29.79
CA GLN I 308 -21.72 -22.35 -30.68
C GLN I 308 -20.75 -22.07 -31.82
N ASN I 309 -19.47 -22.36 -31.64
CA ASN I 309 -18.45 -22.07 -32.65
C ASN I 309 -17.18 -22.79 -32.20
N ARG I 310 -16.14 -22.70 -33.04
CA ARG I 310 -14.94 -23.46 -32.73
C ARG I 310 -14.19 -22.85 -31.53
N ARG I 311 -14.32 -21.54 -31.29
CA ARG I 311 -13.70 -20.96 -30.11
C ARG I 311 -14.22 -21.59 -28.83
N VAL I 312 -15.47 -22.05 -28.83
CA VAL I 312 -16.00 -22.75 -27.65
C VAL I 312 -15.19 -24.02 -27.42
N ILE I 313 -14.83 -24.71 -28.51
CA ILE I 313 -14.08 -25.95 -28.38
C ILE I 313 -12.67 -25.67 -27.90
N HIS I 314 -12.03 -24.63 -28.44
CA HIS I 314 -10.67 -24.31 -28.01
C HIS I 314 -10.65 -23.86 -26.55
N ALA I 315 -11.65 -23.06 -26.14
CA ALA I 315 -11.72 -22.66 -24.73
C ALA I 315 -11.85 -23.86 -23.82
N PHE I 316 -12.69 -24.84 -24.17
CA PHE I 316 -12.76 -26.06 -23.39
C PHE I 316 -11.40 -26.75 -23.35
N ARG I 317 -10.72 -26.80 -24.50
CA ARG I 317 -9.40 -27.41 -24.55
C ARG I 317 -8.44 -26.68 -23.61
N ASP I 318 -8.42 -25.34 -23.67
CA ASP I 318 -7.55 -24.57 -22.79
C ASP I 318 -7.89 -24.81 -21.33
N ALA I 319 -9.18 -24.81 -20.98
CA ALA I 319 -9.56 -24.95 -19.58
C ALA I 319 -9.12 -26.29 -19.02
N LEU I 320 -9.16 -27.34 -19.84
CA LEU I 320 -8.86 -28.67 -19.34
C LEU I 320 -7.39 -29.02 -19.44
N GLN I 321 -6.69 -28.53 -20.46
CA GLN I 321 -5.25 -28.77 -20.54
C GLN I 321 -4.57 -28.29 -19.26
N ILE I 322 -5.04 -27.18 -18.71
CA ILE I 322 -4.44 -26.63 -17.48
C ILE I 322 -4.52 -27.65 -16.35
N ARG I 323 -5.61 -28.41 -16.26
CA ARG I 323 -5.90 -29.20 -15.08
C ARG I 323 -5.45 -30.65 -15.16
N LEU I 324 -5.25 -31.19 -16.37
CA LEU I 324 -5.00 -32.62 -16.47
C LEU I 324 -3.71 -33.03 -15.75
N SER I 325 -2.65 -32.22 -15.88
CA SER I 325 -1.38 -32.57 -15.24
C SER I 325 -1.52 -32.59 -13.73
N GLN I 326 -2.24 -31.61 -13.17
CA GLN I 326 -2.47 -31.59 -11.73
C GLN I 326 -3.08 -32.91 -11.25
N LEU I 327 -4.09 -33.40 -11.98
CA LEU I 327 -4.78 -34.61 -11.57
C LEU I 327 -3.90 -35.84 -11.72
N GLU I 328 -3.15 -35.93 -12.82
CA GLU I 328 -2.30 -37.08 -13.05
C GLU I 328 -1.24 -37.20 -11.97
N ALA I 329 -0.76 -36.08 -11.43
CA ALA I 329 0.24 -36.12 -10.37
C ALA I 329 -0.31 -36.62 -9.05
N LEU I 330 -1.62 -36.55 -8.85
CA LEU I 330 -2.24 -36.82 -7.55
C LEU I 330 -2.61 -38.27 -7.33
N THR I 331 -2.27 -39.17 -8.25
CA THR I 331 -2.64 -40.56 -8.13
C THR I 331 -1.64 -41.42 -8.88
N PRO I 332 -1.37 -42.64 -8.42
CA PRO I 332 -0.64 -43.61 -9.25
C PRO I 332 -1.53 -44.41 -10.18
N ASP I 333 -2.84 -44.36 -9.97
CA ASP I 333 -3.84 -45.14 -10.69
C ASP I 333 -4.48 -44.29 -11.78
N PRO I 334 -5.34 -44.89 -12.61
CA PRO I 334 -5.88 -44.15 -13.76
C PRO I 334 -6.78 -43.00 -13.34
N ILE I 335 -6.89 -42.03 -14.24
CA ILE I 335 -7.94 -41.01 -14.14
C ILE I 335 -9.21 -41.64 -14.68
N HIS I 336 -10.24 -41.71 -13.84
CA HIS I 336 -11.53 -42.28 -14.24
C HIS I 336 -12.43 -41.13 -14.70
N VAL I 337 -12.92 -41.22 -15.93
CA VAL I 337 -13.59 -40.11 -16.59
C VAL I 337 -15.08 -40.37 -16.64
N PHE I 338 -15.87 -39.41 -16.16
CA PHE I 338 -17.32 -39.47 -16.20
C PHE I 338 -17.80 -38.20 -16.91
N ALA I 339 -18.14 -38.32 -18.19
CA ALA I 339 -18.29 -37.15 -19.04
C ALA I 339 -19.68 -37.08 -19.65
N ALA I 340 -20.34 -35.95 -19.44
CA ALA I 340 -21.52 -35.56 -20.20
C ALA I 340 -21.11 -34.33 -21.00
N ILE I 341 -20.65 -34.56 -22.23
CA ILE I 341 -20.03 -33.51 -23.05
C ILE I 341 -20.45 -33.67 -24.49
N PRO I 342 -20.49 -32.56 -25.23
CA PRO I 342 -20.76 -32.65 -26.66
C PRO I 342 -19.71 -33.47 -27.40
N ALA I 343 -20.12 -34.02 -28.54
CA ALA I 343 -19.26 -34.94 -29.27
C ALA I 343 -17.96 -34.28 -29.70
N ALA I 344 -18.04 -33.02 -30.18
CA ALA I 344 -16.82 -32.33 -30.59
C ALA I 344 -15.85 -32.20 -29.41
N LEU I 345 -16.35 -31.92 -28.21
CA LEU I 345 -15.45 -31.77 -27.08
C LEU I 345 -14.85 -33.12 -26.67
N ALA I 346 -15.56 -34.22 -26.92
CA ALA I 346 -15.01 -35.54 -26.66
C ALA I 346 -13.77 -35.79 -27.52
N ILE I 347 -13.88 -35.49 -28.82
CA ILE I 347 -12.72 -35.61 -29.71
C ILE I 347 -11.57 -34.77 -29.17
N GLU I 348 -11.85 -33.51 -28.83
CA GLU I 348 -10.79 -32.61 -28.40
C GLU I 348 -10.16 -33.10 -27.09
N PHE I 349 -10.95 -33.68 -26.19
CA PHE I 349 -10.40 -34.19 -24.94
C PHE I 349 -9.36 -35.28 -25.21
N GLY I 350 -9.70 -36.24 -26.06
CA GLY I 350 -8.74 -37.29 -26.38
C GLY I 350 -7.52 -36.77 -27.11
N ALA I 351 -7.68 -35.71 -27.91
CA ALA I 351 -6.53 -35.12 -28.57
C ALA I 351 -5.54 -34.55 -27.58
N LEU I 352 -5.99 -34.21 -26.37
CA LEU I 352 -5.07 -33.77 -25.32
C LEU I 352 -4.23 -34.91 -24.77
N LEU I 353 -4.70 -36.15 -24.92
CA LEU I 353 -4.03 -37.33 -24.41
C LEU I 353 -3.03 -37.92 -25.42
N THR I 354 -2.54 -37.11 -26.34
CA THR I 354 -1.61 -37.61 -27.34
C THR I 354 -0.17 -37.53 -26.87
N THR I 355 0.26 -36.34 -26.43
CA THR I 355 1.66 -36.14 -26.08
C THR I 355 1.79 -35.58 -24.66
N GLN I 356 1.18 -34.42 -24.41
CA GLN I 356 1.36 -33.72 -23.16
C GLN I 356 0.74 -34.43 -21.96
N HIS I 357 -0.02 -35.51 -22.18
CA HIS I 357 -0.71 -36.20 -21.09
C HIS I 357 -0.76 -37.69 -21.40
N GLN I 358 0.18 -38.44 -20.82
CA GLN I 358 0.35 -39.86 -21.10
C GLN I 358 0.02 -40.74 -19.90
N HIS I 359 -0.64 -40.20 -18.89
CA HIS I 359 -1.23 -40.99 -17.81
C HIS I 359 -2.33 -41.88 -18.38
N THR I 360 -2.64 -42.96 -17.68
CA THR I 360 -3.72 -43.85 -18.12
C THR I 360 -5.07 -43.25 -17.73
N TYR I 361 -6.05 -43.45 -18.61
CA TYR I 361 -7.39 -42.88 -18.49
C TYR I 361 -8.40 -43.98 -18.75
N LEU I 362 -9.17 -44.36 -17.72
CA LEU I 362 -10.27 -45.29 -17.88
C LEU I 362 -11.55 -44.49 -18.08
N ILE I 363 -12.23 -44.70 -19.20
CA ILE I 363 -13.43 -43.95 -19.53
C ILE I 363 -14.64 -44.75 -19.07
N PHE I 364 -15.44 -44.15 -18.22
CA PHE I 364 -16.75 -44.70 -17.85
C PHE I 364 -17.82 -44.11 -18.77
N ASP I 365 -18.91 -44.84 -18.91
CA ASP I 365 -20.01 -44.39 -19.73
C ASP I 365 -21.30 -45.03 -19.26
N ARG I 366 -22.42 -44.43 -19.67
CA ARG I 366 -23.73 -44.92 -19.26
C ARG I 366 -24.02 -46.27 -19.90
N ASP I 367 -24.50 -47.21 -19.09
CA ASP I 367 -24.69 -48.60 -19.50
C ASP I 367 -26.18 -48.92 -19.48
N LYS I 368 -26.76 -49.12 -20.67
CA LYS I 368 -28.18 -49.45 -20.77
C LYS I 368 -28.48 -50.85 -20.24
N GLU I 369 -27.48 -51.70 -20.10
CA GLU I 369 -27.65 -53.03 -19.55
C GLU I 369 -27.56 -53.05 -18.02
N ASN I 370 -27.31 -51.90 -17.40
CA ASN I 370 -27.19 -51.78 -15.95
C ASN I 370 -27.96 -50.57 -15.45
N GLN I 371 -29.12 -50.31 -16.05
CA GLN I 371 -30.06 -49.30 -15.55
C GLN I 371 -29.41 -47.92 -15.48
N ASP I 372 -28.67 -47.57 -16.53
CA ASP I 372 -28.06 -46.24 -16.70
C ASP I 372 -26.93 -45.99 -15.72
N ARG I 373 -26.39 -47.03 -15.10
CA ARG I 373 -25.21 -46.87 -14.26
C ARG I 373 -23.98 -46.63 -15.15
N PHE I 374 -23.03 -45.87 -14.60
CA PHE I 374 -21.72 -45.74 -15.22
C PHE I 374 -20.97 -47.06 -15.09
N THR I 375 -20.37 -47.52 -16.19
CA THR I 375 -19.52 -48.69 -16.16
C THR I 375 -18.28 -48.42 -17.00
N GLN I 376 -17.22 -49.17 -16.73
CA GLN I 376 -15.95 -48.97 -17.40
C GLN I 376 -16.02 -49.42 -18.84
N THR I 377 -15.52 -48.58 -19.75
CA THR I 377 -15.49 -48.96 -21.17
C THR I 377 -14.02 -49.05 -21.59
N LEU I 378 -13.49 -48.03 -22.29
CA LEU I 378 -12.16 -48.09 -22.85
C LEU I 378 -11.12 -47.56 -21.89
N GLN I 379 -9.89 -48.02 -22.09
CA GLN I 379 -8.72 -47.50 -21.39
C GLN I 379 -7.82 -46.80 -22.41
N LEU I 380 -7.35 -45.61 -22.06
CA LEU I 380 -6.46 -44.82 -22.91
C LEU I 380 -5.17 -44.59 -22.15
N GLY I 381 -4.06 -45.05 -22.72
CA GLY I 381 -2.78 -44.97 -22.06
C GLY I 381 -1.72 -44.37 -22.93
N PRO I 382 -0.45 -44.48 -22.50
CA PRO I 382 0.70 -43.96 -23.27
C PRO I 382 0.98 -44.79 -24.52
N GLY J 12 -0.42 -10.59 -74.92
CA GLY J 12 -0.31 -11.74 -73.98
C GLY J 12 -1.65 -12.27 -73.53
N ARG J 13 -2.66 -12.07 -74.38
CA ARG J 13 -4.00 -12.56 -74.11
C ARG J 13 -4.18 -13.95 -74.70
N PHE J 14 -4.83 -14.82 -73.94
CA PHE J 14 -5.26 -16.11 -74.46
C PHE J 14 -6.53 -15.89 -75.28
N ASN J 15 -6.52 -16.31 -76.54
CA ASN J 15 -7.63 -16.05 -77.42
C ASN J 15 -8.74 -17.08 -77.25
N THR J 16 -9.98 -16.60 -77.23
CA THR J 16 -11.16 -17.44 -77.11
C THR J 16 -12.27 -16.91 -78.00
N ASN J 17 -13.02 -17.81 -78.61
CA ASN J 17 -14.22 -17.43 -79.33
C ASN J 17 -15.33 -17.13 -78.34
N ASP J 18 -16.53 -16.83 -78.85
CA ASP J 18 -17.60 -16.43 -77.94
C ASP J 18 -18.28 -17.63 -77.30
N GLU J 19 -18.26 -18.80 -77.95
CA GLU J 19 -18.80 -20.00 -77.32
C GLU J 19 -17.99 -20.40 -76.10
N THR J 20 -16.69 -20.14 -76.10
CA THR J 20 -15.85 -20.55 -74.98
C THR J 20 -15.99 -19.59 -73.80
N LYS J 21 -16.13 -18.30 -74.09
CA LYS J 21 -16.40 -17.34 -73.03
C LYS J 21 -17.69 -17.71 -72.28
N ARG J 22 -18.76 -18.00 -73.03
CA ARG J 22 -20.00 -18.41 -72.38
C ARG J 22 -19.75 -19.59 -71.45
N ILE J 23 -19.01 -20.59 -71.92
CA ILE J 23 -18.73 -21.79 -71.13
C ILE J 23 -17.91 -21.43 -69.89
N VAL J 24 -16.86 -20.63 -70.07
CA VAL J 24 -16.00 -20.31 -68.94
C VAL J 24 -16.72 -19.39 -67.97
N TRP J 25 -17.47 -18.41 -68.48
CA TRP J 25 -18.24 -17.53 -67.61
C TRP J 25 -19.23 -18.32 -66.77
N THR J 26 -19.88 -19.32 -67.37
CA THR J 26 -20.87 -20.10 -66.63
C THR J 26 -20.22 -20.96 -65.55
N GLN J 27 -19.15 -21.69 -65.90
CA GLN J 27 -18.56 -22.59 -64.93
C GLN J 27 -17.94 -21.86 -63.74
N THR J 28 -17.57 -20.59 -63.91
CA THR J 28 -16.99 -19.79 -62.85
C THR J 28 -18.00 -18.90 -62.14
N ALA J 29 -19.24 -18.85 -62.62
CA ALA J 29 -20.29 -17.99 -62.07
C ALA J 29 -19.97 -16.50 -62.21
N GLY J 30 -19.13 -16.13 -63.17
CA GLY J 30 -18.86 -14.74 -63.44
C GLY J 30 -18.12 -13.99 -62.36
N HIS J 31 -17.24 -14.66 -61.62
CA HIS J 31 -16.38 -14.03 -60.63
C HIS J 31 -14.92 -14.30 -60.97
N CYS J 32 -14.07 -13.30 -60.68
CA CYS J 32 -12.63 -13.51 -60.75
C CYS J 32 -12.22 -14.55 -59.71
N GLU J 33 -11.46 -15.55 -60.14
CA GLU J 33 -11.11 -16.66 -59.26
C GLU J 33 -9.98 -16.32 -58.30
N LEU J 34 -9.29 -15.20 -58.50
CA LEU J 34 -8.18 -14.83 -57.63
C LEU J 34 -8.53 -13.76 -56.62
N CYS J 35 -9.41 -12.83 -56.96
CA CYS J 35 -9.86 -11.81 -56.01
C CYS J 35 -11.34 -11.87 -55.71
N GLY J 36 -12.14 -12.57 -56.51
CA GLY J 36 -13.52 -12.83 -56.19
C GLY J 36 -14.52 -11.75 -56.55
N THR J 37 -14.10 -10.69 -57.24
CA THR J 37 -15.06 -9.65 -57.58
C THR J 37 -16.08 -10.18 -58.59
N ASP J 38 -17.30 -9.66 -58.50
CA ASP J 38 -18.38 -10.04 -59.40
C ASP J 38 -18.19 -9.29 -60.72
N LEU J 39 -17.88 -10.02 -61.78
CA LEU J 39 -17.63 -9.41 -63.08
C LEU J 39 -18.89 -9.17 -63.88
N THR J 40 -20.06 -9.50 -63.33
CA THR J 40 -21.33 -9.04 -63.87
C THR J 40 -21.69 -7.66 -63.32
N PHE J 41 -20.79 -7.05 -62.54
CA PHE J 41 -21.07 -5.79 -61.88
C PHE J 41 -21.62 -4.76 -62.86
N ASP J 42 -20.99 -4.63 -64.03
CA ASP J 42 -21.47 -3.67 -65.02
C ASP J 42 -22.93 -3.91 -65.35
N TYR J 43 -23.35 -5.18 -65.41
CA TYR J 43 -24.75 -5.48 -65.69
C TYR J 43 -25.64 -5.07 -64.52
N ARG J 44 -25.22 -5.37 -63.29
CA ARG J 44 -25.99 -4.93 -62.13
C ARG J 44 -26.19 -3.42 -62.14
N ALA J 45 -25.16 -2.69 -62.55
CA ALA J 45 -25.15 -1.24 -62.51
C ALA J 45 -25.71 -0.60 -63.78
N GLY J 46 -26.39 -1.37 -64.62
CA GLY J 46 -27.12 -0.83 -65.75
C GLY J 46 -26.30 -0.59 -67.00
N LYS J 47 -24.96 -0.99 -67.03
CA LYS J 47 -24.15 -0.79 -68.22
C LYS J 47 -24.15 -2.04 -69.10
N PRO J 48 -23.92 -1.90 -70.40
CA PRO J 48 -23.85 -3.08 -71.26
C PRO J 48 -22.69 -3.98 -70.88
N MET J 49 -22.83 -5.27 -71.17
CA MET J 49 -21.82 -6.26 -70.83
C MET J 49 -20.88 -6.45 -72.01
N LYS J 50 -19.65 -5.96 -71.87
CA LYS J 50 -18.56 -6.24 -72.79
C LYS J 50 -17.77 -7.39 -72.17
N TRP J 51 -18.20 -8.63 -72.46
CA TRP J 51 -17.74 -9.78 -71.72
C TRP J 51 -16.22 -9.93 -71.79
N GLY J 52 -15.63 -9.64 -72.96
CA GLY J 52 -14.19 -9.73 -73.13
C GLY J 52 -13.40 -8.58 -72.55
N GLU J 53 -14.06 -7.48 -72.17
CA GLU J 53 -13.36 -6.35 -71.57
C GLU J 53 -13.38 -6.37 -70.05
N VAL J 54 -14.46 -6.86 -69.45
CA VAL J 54 -14.54 -6.92 -67.99
C VAL J 54 -13.84 -8.13 -67.42
N ALA J 55 -13.48 -9.11 -68.25
CA ALA J 55 -12.74 -10.27 -67.80
C ALA J 55 -11.79 -10.73 -68.90
N HIS J 56 -10.70 -11.38 -68.49
CA HIS J 56 -9.75 -11.99 -69.40
C HIS J 56 -9.59 -13.45 -68.99
N ILE J 57 -9.64 -14.36 -69.96
CA ILE J 57 -9.55 -15.80 -69.68
C ILE J 57 -8.10 -16.22 -69.69
N LEU J 58 -7.76 -17.12 -68.76
CA LEU J 58 -6.38 -17.58 -68.59
C LEU J 58 -6.32 -19.08 -68.36
N PRO J 59 -5.63 -19.83 -69.21
CA PRO J 59 -5.36 -21.24 -68.89
C PRO J 59 -4.80 -21.39 -67.48
N ALA J 60 -5.33 -22.38 -66.75
CA ALA J 60 -4.90 -22.59 -65.37
C ALA J 60 -3.48 -23.14 -65.27
N SER J 61 -2.97 -23.76 -66.32
CA SER J 61 -1.65 -24.36 -66.31
C SER J 61 -0.81 -23.83 -67.45
N PRO J 62 0.51 -23.78 -67.26
CA PRO J 62 1.39 -23.44 -68.39
C PRO J 62 1.22 -24.43 -69.54
N LYS J 63 1.32 -23.92 -70.76
CA LYS J 63 1.50 -24.81 -71.90
C LYS J 63 2.86 -25.50 -71.83
N GLY J 64 3.86 -24.79 -71.31
CA GLY J 64 5.19 -25.33 -71.11
C GLY J 64 5.97 -24.55 -70.07
N ASP J 79 -9.28 -27.70 -73.57
CA ASP J 79 -10.27 -28.16 -72.61
C ASP J 79 -10.78 -26.99 -71.77
N THR J 80 -12.04 -26.63 -71.98
CA THR J 80 -12.63 -25.49 -71.28
C THR J 80 -12.55 -25.62 -69.77
N ALA J 81 -12.41 -26.85 -69.26
CA ALA J 81 -12.40 -27.05 -67.82
C ALA J 81 -11.17 -26.46 -67.14
N ASN J 82 -10.08 -26.26 -67.88
CA ASN J 82 -8.83 -25.77 -67.33
C ASN J 82 -8.63 -24.28 -67.60
N LEU J 83 -9.68 -23.58 -68.02
CA LEU J 83 -9.62 -22.14 -68.29
C LEU J 83 -10.19 -21.39 -67.09
N MET J 84 -9.50 -20.34 -66.68
CA MET J 84 -9.92 -19.51 -65.56
C MET J 84 -10.55 -18.22 -66.06
N LEU J 85 -11.40 -17.64 -65.22
CA LEU J 85 -11.94 -16.31 -65.45
C LEU J 85 -11.25 -15.37 -64.47
N LEU J 86 -10.64 -14.30 -65.00
CA LEU J 86 -9.96 -13.31 -64.19
C LEU J 86 -10.47 -11.92 -64.57
N CYS J 87 -10.43 -11.01 -63.60
CA CYS J 87 -10.64 -9.60 -63.92
C CYS J 87 -9.39 -9.06 -64.60
N PRO J 88 -9.50 -7.93 -65.31
CA PRO J 88 -8.30 -7.37 -65.96
C PRO J 88 -7.16 -7.13 -64.99
N GLY J 89 -7.46 -6.62 -63.81
CA GLY J 89 -6.43 -6.37 -62.81
C GLY J 89 -5.61 -7.59 -62.46
N CYS J 90 -6.27 -8.64 -61.99
CA CYS J 90 -5.55 -9.86 -61.62
C CYS J 90 -4.83 -10.46 -62.83
N HIS J 91 -5.44 -10.36 -64.01
CA HIS J 91 -4.82 -10.89 -65.22
C HIS J 91 -3.49 -10.20 -65.50
N ASP J 92 -3.48 -8.86 -65.47
CA ASP J 92 -2.25 -8.12 -65.71
C ASP J 92 -1.17 -8.50 -64.71
N LYS J 93 -1.56 -8.79 -63.46
CA LYS J 93 -0.62 -9.11 -62.40
C LYS J 93 -0.14 -10.56 -62.44
N ILE J 94 -0.42 -11.28 -63.52
CA ILE J 94 0.00 -12.67 -63.69
C ILE J 94 1.05 -12.71 -64.80
N ASP J 95 2.19 -13.35 -64.52
CA ASP J 95 3.20 -13.53 -65.55
C ASP J 95 2.71 -14.51 -66.61
N ARG J 96 2.77 -14.09 -67.87
CA ARG J 96 2.20 -14.82 -68.98
C ARG J 96 3.19 -14.92 -70.13
N ASP J 97 3.14 -16.03 -70.86
CA ASP J 97 3.90 -16.13 -72.09
C ASP J 97 3.16 -15.37 -73.20
N ALA J 98 3.71 -15.41 -74.40
CA ALA J 98 3.13 -14.62 -75.49
C ALA J 98 1.74 -15.12 -75.86
N ASP J 99 1.45 -16.40 -75.66
CA ASP J 99 0.18 -17.01 -76.01
C ASP J 99 -0.87 -16.90 -74.91
N GLY J 100 -0.59 -16.16 -73.84
CA GLY J 100 -1.55 -15.99 -72.78
C GLY J 100 -1.56 -17.05 -71.71
N TYR J 101 -0.67 -18.04 -71.78
CA TYR J 101 -0.57 -19.02 -70.72
C TYR J 101 0.26 -18.48 -69.57
N PRO J 102 -0.05 -18.86 -68.34
CA PRO J 102 0.73 -18.37 -67.19
C PRO J 102 2.05 -19.10 -67.08
N GLU J 103 3.02 -18.41 -66.47
CA GLU J 103 4.32 -19.04 -66.22
C GLU J 103 4.25 -19.98 -65.02
N ASN J 104 3.47 -19.63 -64.01
CA ASN J 104 3.26 -20.47 -62.84
C ASN J 104 1.90 -21.15 -62.91
N ASP J 105 1.83 -22.35 -62.35
CA ASP J 105 0.63 -23.16 -62.45
C ASP J 105 -0.38 -22.78 -61.37
N LEU J 106 -1.62 -22.49 -61.80
CA LEU J 106 -2.71 -22.17 -60.89
C LEU J 106 -3.78 -23.25 -60.88
N SER J 107 -3.46 -24.46 -61.33
CA SER J 107 -4.49 -25.49 -61.48
C SER J 107 -5.04 -25.94 -60.12
N GLY J 108 -4.26 -25.81 -59.05
CA GLY J 108 -4.77 -26.18 -57.74
C GLY J 108 -5.82 -25.21 -57.23
N LEU J 109 -5.56 -23.91 -57.37
CA LEU J 109 -6.54 -22.89 -56.99
C LEU J 109 -7.76 -22.95 -57.88
N HIS J 110 -7.55 -23.13 -59.18
CA HIS J 110 -8.66 -23.18 -60.12
C HIS J 110 -9.62 -24.31 -59.78
N GLN J 111 -9.09 -25.52 -59.58
CA GLN J 111 -9.96 -26.66 -59.29
C GLN J 111 -10.65 -26.49 -57.94
N ALA J 112 -9.97 -25.89 -56.96
CA ALA J 112 -10.63 -25.64 -55.68
C ALA J 112 -11.79 -24.66 -55.85
N TYR J 113 -11.59 -23.63 -56.68
CA TYR J 113 -12.67 -22.69 -56.95
C TYR J 113 -13.87 -23.39 -57.57
N LEU J 114 -13.63 -24.16 -58.63
CA LEU J 114 -14.72 -24.86 -59.30
C LEU J 114 -15.42 -25.82 -58.35
N GLU J 115 -14.66 -26.46 -57.45
CA GLU J 115 -15.28 -27.39 -56.50
C GLU J 115 -16.25 -26.66 -55.57
N ARG J 116 -15.85 -25.50 -55.06
CA ARG J 116 -16.77 -24.71 -54.23
C ARG J 116 -18.01 -24.30 -55.01
N ILE J 117 -17.84 -23.90 -56.28
CA ILE J 117 -18.98 -23.51 -57.09
C ILE J 117 -19.93 -24.70 -57.27
N ARG J 118 -19.37 -25.85 -57.68
CA ARG J 118 -20.19 -27.04 -57.92
C ARG J 118 -20.93 -27.46 -56.67
N LEU J 119 -20.26 -27.41 -55.51
CA LEU J 119 -20.91 -27.75 -54.25
C LEU J 119 -22.13 -26.86 -54.03
N ALA J 120 -22.00 -25.56 -54.27
CA ALA J 120 -23.13 -24.66 -54.09
C ALA J 120 -24.21 -24.92 -55.14
N ALA J 121 -23.79 -25.12 -56.40
CA ALA J 121 -24.77 -25.27 -57.48
C ALA J 121 -25.59 -26.54 -57.33
N THR J 122 -25.05 -27.57 -56.69
CA THR J 122 -25.77 -28.81 -56.49
C THR J 122 -26.55 -28.84 -55.18
N THR J 123 -26.49 -27.77 -54.39
CA THR J 123 -27.09 -27.78 -53.06
C THR J 123 -28.56 -28.16 -53.08
N PRO J 124 -29.34 -27.78 -54.11
CA PRO J 124 -30.76 -28.17 -54.08
C PRO J 124 -30.98 -29.67 -53.91
N ASP J 125 -30.06 -30.51 -54.38
CA ASP J 125 -30.26 -31.94 -54.21
C ASP J 125 -29.98 -32.41 -52.80
N GLY J 126 -29.52 -31.53 -51.92
CA GLY J 126 -29.48 -31.83 -50.51
C GLY J 126 -30.82 -31.78 -49.82
N GLY J 127 -31.87 -31.48 -50.58
CA GLY J 127 -33.22 -31.43 -50.07
C GLY J 127 -34.02 -32.69 -50.26
N ARG J 128 -33.45 -33.70 -50.92
CA ARG J 128 -34.13 -34.99 -51.05
C ARG J 128 -34.67 -35.41 -49.68
N ALA J 129 -35.95 -35.79 -49.64
CA ALA J 129 -36.64 -35.94 -48.37
C ALA J 129 -37.74 -36.97 -48.44
N ILE J 130 -38.09 -37.51 -47.28
CA ILE J 130 -39.12 -38.51 -47.09
C ILE J 130 -40.29 -37.85 -46.37
N PRO J 131 -41.47 -37.75 -46.98
CA PRO J 131 -42.63 -37.23 -46.23
C PRO J 131 -43.17 -38.29 -45.30
N LEU J 132 -43.41 -37.92 -44.05
CA LEU J 132 -43.99 -38.81 -43.06
C LEU J 132 -45.10 -38.10 -42.31
N ILE J 133 -46.33 -38.59 -42.44
CA ILE J 133 -47.48 -38.12 -41.70
C ILE J 133 -47.94 -39.22 -40.77
N VAL J 134 -48.09 -38.90 -39.48
CA VAL J 134 -48.46 -39.87 -38.46
C VAL J 134 -49.60 -39.29 -37.62
N GLN J 135 -50.74 -39.97 -37.61
CA GLN J 135 -51.90 -39.50 -36.86
C GLN J 135 -52.53 -40.64 -36.07
N SER J 136 -53.18 -40.28 -34.97
CA SER J 136 -54.06 -41.23 -34.33
C SER J 136 -55.24 -41.52 -35.26
N GLN J 137 -55.91 -42.64 -35.01
CA GLN J 137 -57.12 -42.94 -35.78
C GLN J 137 -58.14 -41.82 -35.63
N HIS J 138 -58.26 -41.26 -34.42
CA HIS J 138 -59.20 -40.15 -34.20
C HIS J 138 -58.97 -39.01 -35.17
N PHE J 139 -57.76 -38.44 -35.16
CA PHE J 139 -57.49 -37.27 -36.00
C PHE J 139 -57.49 -37.64 -37.48
N GLN J 140 -57.18 -38.89 -37.82
CA GLN J 140 -57.20 -39.29 -39.22
C GLN J 140 -58.61 -39.31 -39.80
N THR J 141 -59.65 -39.40 -38.95
CA THR J 141 -61.03 -39.27 -39.40
C THR J 141 -61.58 -37.87 -39.20
N ILE J 142 -61.23 -37.20 -38.11
CA ILE J 142 -61.74 -35.86 -37.85
C ILE J 142 -60.95 -34.78 -38.56
N ASN J 143 -59.69 -35.06 -38.91
CA ASN J 143 -58.76 -33.99 -39.24
C ASN J 143 -57.63 -34.52 -40.13
N ASP J 144 -57.99 -35.16 -41.24
CA ASP J 144 -56.97 -35.82 -42.05
C ASP J 144 -56.02 -34.80 -42.66
N ILE J 145 -54.73 -35.08 -42.58
CA ILE J 145 -53.69 -34.27 -43.20
C ILE J 145 -53.36 -34.89 -44.55
N PRO J 146 -53.69 -34.25 -45.66
CA PRO J 146 -53.33 -34.82 -46.97
C PRO J 146 -51.85 -34.63 -47.26
N VAL J 147 -51.31 -35.55 -48.05
CA VAL J 147 -49.89 -35.47 -48.39
C VAL J 147 -49.61 -34.17 -49.12
N ARG J 148 -50.54 -33.74 -49.97
CA ARG J 148 -50.39 -32.47 -50.69
C ARG J 148 -50.09 -31.32 -49.75
N ASP J 149 -50.70 -31.31 -48.56
CA ASP J 149 -50.49 -30.20 -47.64
C ASP J 149 -49.06 -30.16 -47.13
N LEU J 150 -48.50 -31.34 -46.83
CA LEU J 150 -47.12 -31.40 -46.35
C LEU J 150 -46.14 -31.15 -47.49
N LEU J 151 -46.45 -31.67 -48.68
CA LEU J 151 -45.53 -31.54 -49.80
C LEU J 151 -45.31 -30.10 -50.19
N THR J 152 -46.37 -29.30 -50.22
CA THR J 152 -46.21 -27.91 -50.58
C THR J 152 -45.43 -27.15 -49.52
N ALA J 153 -45.64 -27.49 -48.25
CA ALA J 153 -44.85 -26.89 -47.18
C ALA J 153 -43.39 -27.31 -47.26
N MET J 154 -43.15 -28.59 -47.56
CA MET J 154 -41.78 -29.05 -47.79
C MET J 154 -41.15 -28.32 -48.96
N SER J 155 -41.83 -28.33 -50.12
CA SER J 155 -41.27 -27.69 -51.31
C SER J 155 -40.83 -26.27 -51.02
N ALA J 156 -41.63 -25.53 -50.23
CA ALA J 156 -41.32 -24.13 -49.95
C ALA J 156 -39.99 -23.97 -49.23
N GLU J 157 -39.54 -25.00 -48.51
CA GLU J 157 -38.27 -24.94 -47.81
C GLU J 157 -37.16 -25.70 -48.54
N GLY J 158 -37.35 -26.04 -49.81
CA GLY J 158 -36.32 -26.75 -50.55
C GLY J 158 -36.23 -28.23 -50.28
N LEU J 159 -37.20 -28.80 -49.56
CA LEU J 159 -37.27 -30.24 -49.35
C LEU J 159 -38.07 -30.84 -50.50
N THR J 160 -37.48 -31.82 -51.20
N THR J 160 -37.48 -31.83 -51.17
CA THR J 160 -38.05 -32.36 -52.43
CA THR J 160 -38.01 -32.39 -52.41
C THR J 160 -38.28 -33.85 -52.26
C THR J 160 -38.27 -33.87 -52.23
N ALA J 161 -39.54 -34.23 -52.15
CA ALA J 161 -39.90 -35.65 -52.13
C ALA J 161 -39.67 -36.24 -53.53
N PHE J 162 -39.37 -37.54 -53.56
CA PHE J 162 -39.09 -38.24 -54.81
C PHE J 162 -39.92 -39.50 -54.96
N ASP J 163 -40.76 -39.82 -53.98
CA ASP J 163 -41.67 -40.96 -54.05
C ASP J 163 -42.86 -40.64 -53.15
N GLN J 164 -43.81 -41.58 -53.12
CA GLN J 164 -45.01 -41.39 -52.32
C GLN J 164 -44.67 -41.20 -50.85
N GLY J 165 -45.42 -40.31 -50.20
CA GLY J 165 -45.19 -40.06 -48.79
C GLY J 165 -45.75 -41.16 -47.92
N ILE J 166 -45.16 -41.30 -46.73
CA ILE J 166 -45.62 -42.29 -45.77
C ILE J 166 -46.72 -41.66 -44.93
N LYS J 167 -47.90 -42.28 -44.96
CA LYS J 167 -49.03 -41.88 -44.13
C LYS J 167 -49.39 -43.09 -43.27
N ILE J 168 -49.21 -42.98 -41.96
CA ILE J 168 -49.50 -44.10 -41.06
C ILE J 168 -50.27 -43.60 -39.86
N ALA J 169 -50.97 -44.53 -39.22
CA ALA J 169 -51.81 -44.24 -38.06
C ALA J 169 -51.42 -45.16 -36.92
N PHE J 170 -51.40 -44.62 -35.71
CA PHE J 170 -51.04 -45.42 -34.56
C PHE J 170 -52.03 -46.57 -34.39
N ALA J 171 -51.51 -47.74 -34.05
CA ALA J 171 -52.36 -48.92 -33.91
C ALA J 171 -53.34 -48.77 -32.76
N ALA J 172 -54.51 -49.36 -32.93
CA ALA J 172 -55.48 -49.40 -31.83
C ALA J 172 -55.00 -50.38 -30.77
N PRO J 173 -55.10 -50.01 -29.49
CA PRO J 173 -54.65 -50.93 -28.44
C PRO J 173 -55.61 -52.09 -28.27
N GLY J 174 -55.05 -53.24 -27.89
CA GLY J 174 -55.85 -54.38 -27.55
C GLY J 174 -56.39 -54.28 -26.14
N PRO J 175 -56.82 -55.42 -25.58
CA PRO J 175 -57.36 -55.37 -24.21
C PRO J 175 -56.32 -55.00 -23.17
N ARG J 176 -55.09 -55.49 -23.29
CA ARG J 176 -54.03 -55.11 -22.36
C ARG J 176 -53.83 -53.60 -22.30
N GLY J 177 -54.24 -52.88 -23.33
CA GLY J 177 -54.11 -51.44 -23.33
C GLY J 177 -52.79 -50.98 -23.90
N ARG J 178 -52.50 -49.70 -23.65
CA ARG J 178 -51.26 -49.10 -24.13
C ARG J 178 -50.15 -49.38 -23.11
N ASP J 179 -49.75 -50.65 -23.07
CA ASP J 179 -48.74 -51.11 -22.15
C ASP J 179 -47.36 -50.98 -22.82
N THR J 180 -46.32 -51.50 -22.18
CA THR J 180 -44.99 -51.38 -22.74
C THR J 180 -44.89 -52.08 -24.08
N THR J 181 -45.54 -53.24 -24.22
CA THR J 181 -45.50 -53.94 -25.50
C THR J 181 -46.16 -53.12 -26.61
N TYR J 182 -47.32 -52.53 -26.33
CA TYR J 182 -47.95 -51.66 -27.31
C TYR J 182 -46.98 -50.59 -27.79
N TRP J 183 -46.37 -49.88 -26.85
CA TRP J 183 -45.49 -48.77 -27.22
C TRP J 183 -44.23 -49.26 -27.94
N GLN J 184 -43.74 -50.46 -27.60
CA GLN J 184 -42.61 -51.02 -28.33
C GLN J 184 -43.00 -51.41 -29.75
N ASN J 185 -44.23 -51.90 -29.93
CA ASN J 185 -44.70 -52.21 -31.28
C ASN J 185 -44.94 -50.94 -32.08
N VAL J 186 -45.38 -49.86 -31.42
CA VAL J 186 -45.47 -48.58 -32.10
C VAL J 186 -44.10 -48.17 -32.63
N LYS J 187 -43.09 -48.20 -31.75
CA LYS J 187 -41.75 -47.81 -32.16
C LYS J 187 -41.21 -48.68 -33.28
N ASP J 188 -41.47 -49.99 -33.20
CA ASP J 188 -40.98 -50.88 -34.25
C ASP J 188 -41.66 -50.59 -35.59
N SER J 189 -42.96 -50.27 -35.57
CA SER J 189 -43.68 -49.98 -36.81
C SER J 189 -43.19 -48.67 -37.44
N VAL J 190 -43.05 -47.62 -36.63
CA VAL J 190 -42.54 -46.34 -37.14
C VAL J 190 -41.14 -46.55 -37.72
N GLN J 191 -40.27 -47.21 -36.96
CA GLN J 191 -38.87 -47.32 -37.38
C GLN J 191 -38.71 -48.23 -38.59
N TYR J 192 -39.57 -49.23 -38.74
CA TYR J 192 -39.56 -50.02 -39.97
C TYR J 192 -39.87 -49.14 -41.17
N GLU J 193 -40.90 -48.31 -41.08
CA GLU J 193 -41.21 -47.40 -42.17
C GLU J 193 -40.04 -46.45 -42.45
N LEU J 194 -39.39 -45.95 -41.39
CA LEU J 194 -38.33 -44.98 -41.55
C LEU J 194 -37.12 -45.57 -42.26
N GLU J 195 -36.63 -46.71 -41.76
CA GLU J 195 -35.44 -47.32 -42.34
C GLU J 195 -35.63 -47.54 -43.84
N GLN J 196 -36.74 -48.19 -44.22
CA GLN J 196 -36.94 -48.52 -45.63
C GLN J 196 -36.83 -47.29 -46.52
N GLN J 197 -37.17 -46.12 -46.00
CA GLN J 197 -37.09 -44.92 -46.82
C GLN J 197 -35.73 -44.24 -46.73
N LEU J 198 -35.05 -44.33 -45.58
CA LEU J 198 -33.71 -43.78 -45.45
C LEU J 198 -32.64 -44.65 -46.10
N LYS J 199 -32.99 -45.84 -46.57
CA LYS J 199 -32.10 -46.57 -47.47
C LYS J 199 -32.01 -45.89 -48.83
N ARG J 200 -32.96 -45.02 -49.16
CA ARG J 200 -33.10 -44.48 -50.51
C ARG J 200 -32.18 -43.26 -50.67
N ARG J 201 -30.89 -43.57 -50.60
CA ARG J 201 -29.85 -42.57 -50.76
C ARG J 201 -29.82 -42.05 -52.18
N GLY J 202 -29.34 -40.82 -52.33
CA GLY J 202 -29.28 -40.22 -53.64
C GLY J 202 -28.45 -38.95 -53.63
N GLY J 203 -28.58 -38.18 -54.71
CA GLY J 203 -27.89 -36.90 -54.79
C GLY J 203 -26.44 -37.04 -55.17
N THR J 204 -25.69 -35.97 -54.87
CA THR J 204 -24.31 -35.83 -55.32
C THR J 204 -23.32 -36.67 -54.51
N TYR J 205 -23.64 -37.00 -53.26
CA TYR J 205 -22.71 -37.72 -52.40
C TYR J 205 -23.28 -39.02 -51.84
N GLY J 206 -24.46 -39.44 -52.29
CA GLY J 206 -25.07 -40.64 -51.77
C GLY J 206 -25.64 -40.50 -50.39
N ASP J 207 -25.97 -39.29 -49.97
CA ASP J 207 -26.50 -39.07 -48.63
C ASP J 207 -27.90 -39.69 -48.50
N SER J 208 -28.22 -40.14 -47.29
CA SER J 208 -29.57 -40.54 -47.00
C SER J 208 -30.50 -39.32 -47.06
N PRO J 209 -31.75 -39.51 -47.44
CA PRO J 209 -32.66 -38.36 -47.52
C PRO J 209 -32.98 -37.82 -46.15
N ALA J 210 -33.43 -36.58 -46.13
CA ALA J 210 -33.95 -35.98 -44.93
C ALA J 210 -35.33 -36.54 -44.61
N LEU J 211 -35.72 -36.45 -43.35
CA LEU J 211 -37.05 -36.82 -42.92
C LEU J 211 -37.86 -35.55 -42.69
N ALA J 212 -39.04 -35.46 -43.30
CA ALA J 212 -39.98 -34.37 -43.11
C ALA J 212 -41.21 -34.97 -42.43
N VAL J 213 -41.45 -34.59 -41.17
CA VAL J 213 -42.39 -35.32 -40.32
C VAL J 213 -43.39 -34.38 -39.69
N VAL J 214 -44.65 -34.81 -39.68
CA VAL J 214 -45.71 -34.12 -38.95
C VAL J 214 -46.50 -35.17 -38.18
N GLY J 215 -46.93 -34.80 -36.99
CA GLY J 215 -47.71 -35.70 -36.15
C GLY J 215 -48.91 -35.00 -35.57
N LEU J 216 -50.00 -35.74 -35.45
CA LEU J 216 -51.23 -35.23 -34.84
C LEU J 216 -51.86 -36.40 -34.12
N ALA J 217 -51.72 -36.43 -32.80
CA ALA J 217 -52.14 -37.55 -31.97
C ALA J 217 -52.09 -37.06 -30.53
N ASP J 218 -52.41 -37.94 -29.60
CA ASP J 218 -52.24 -37.61 -28.20
C ASP J 218 -50.77 -37.39 -27.88
N ILE J 219 -50.52 -36.65 -26.80
CA ILE J 219 -49.14 -36.27 -26.44
C ILE J 219 -48.29 -37.50 -26.19
N PRO J 220 -48.75 -38.53 -25.46
CA PRO J 220 -47.90 -39.73 -25.28
C PRO J 220 -47.52 -40.41 -26.58
N ALA J 221 -48.47 -40.55 -27.50
CA ALA J 221 -48.15 -41.22 -28.76
C ALA J 221 -47.14 -40.40 -29.56
N LEU J 222 -47.24 -39.07 -29.51
CA LEU J 222 -46.32 -38.23 -30.26
C LEU J 222 -44.93 -38.22 -29.64
N MET J 223 -44.84 -38.44 -28.33
CA MET J 223 -43.53 -38.59 -27.71
C MET J 223 -42.85 -39.89 -28.15
N MET J 224 -43.63 -40.95 -28.38
CA MET J 224 -43.04 -42.19 -28.87
C MET J 224 -42.61 -42.05 -30.33
N LEU J 225 -43.31 -41.23 -31.11
CA LEU J 225 -42.83 -40.91 -32.45
C LEU J 225 -41.47 -40.22 -32.38
N GLY J 226 -41.30 -39.30 -31.43
CA GLY J 226 -40.01 -38.65 -31.26
C GLY J 226 -38.93 -39.62 -30.80
N GLN J 227 -39.30 -40.55 -29.91
CA GLN J 227 -38.39 -41.63 -29.54
C GLN J 227 -37.94 -42.44 -30.75
N SER J 228 -38.81 -42.59 -31.75
CA SER J 228 -38.49 -43.39 -32.92
C SER J 228 -37.57 -42.66 -33.90
N ILE J 229 -37.72 -41.35 -34.03
CA ILE J 229 -36.98 -40.64 -35.06
C ILE J 229 -35.64 -40.09 -34.55
N GLY J 230 -35.55 -39.81 -33.25
CA GLY J 230 -34.34 -39.25 -32.72
C GLY J 230 -34.11 -37.84 -33.24
N ASP J 231 -32.90 -37.34 -32.96
CA ASP J 231 -32.55 -35.96 -33.29
C ASP J 231 -31.12 -35.86 -33.79
N ARG J 232 -30.60 -36.93 -34.39
CA ARG J 232 -29.22 -37.03 -34.86
C ARG J 232 -29.18 -37.44 -36.33
N SER J 233 -30.00 -36.78 -37.14
CA SER J 233 -30.04 -36.96 -38.58
C SER J 233 -30.66 -35.70 -39.17
N LYS J 234 -30.60 -35.58 -40.49
CA LYS J 234 -31.24 -34.43 -41.13
C LYS J 234 -32.75 -34.70 -41.11
N ARG J 235 -33.46 -33.98 -40.24
CA ARG J 235 -34.87 -34.21 -40.00
C ARG J 235 -35.50 -32.86 -39.70
N LEU J 236 -36.72 -32.65 -40.23
CA LEU J 236 -37.44 -31.39 -40.08
C LEU J 236 -38.88 -31.66 -39.68
N ILE J 237 -39.24 -31.20 -38.47
CA ILE J 237 -40.62 -31.31 -38.01
C ILE J 237 -41.47 -30.24 -38.70
N PHE J 238 -42.69 -30.62 -39.05
CA PHE J 238 -43.72 -29.71 -39.51
C PHE J 238 -44.87 -29.79 -38.51
N SER J 239 -45.69 -28.76 -38.50
CA SER J 239 -46.71 -28.60 -37.47
C SER J 239 -48.04 -28.27 -38.14
N PHE J 240 -49.08 -28.99 -37.76
CA PHE J 240 -50.42 -28.71 -38.28
C PHE J 240 -51.02 -27.54 -37.50
N HIS J 241 -51.42 -26.50 -38.22
CA HIS J 241 -52.10 -25.34 -37.67
C HIS J 241 -53.45 -25.19 -38.38
N ARG J 242 -54.44 -24.71 -37.64
CA ARG J 242 -55.82 -24.70 -38.14
C ARG J 242 -55.93 -23.92 -39.44
N GLU J 243 -55.61 -22.62 -39.41
CA GLU J 243 -55.75 -21.82 -40.63
C GLU J 243 -54.66 -22.14 -41.65
N HIS J 244 -53.44 -22.33 -41.19
CA HIS J 244 -52.28 -22.34 -42.08
C HIS J 244 -51.95 -23.72 -42.64
N LEU J 245 -52.70 -24.76 -42.28
CA LEU J 245 -52.41 -26.13 -42.71
C LEU J 245 -51.01 -26.46 -42.17
N LEU J 246 -50.04 -26.79 -43.01
CA LEU J 246 -48.71 -27.14 -42.53
C LEU J 246 -47.68 -26.06 -42.83
N ARG J 247 -48.10 -24.92 -43.32
CA ARG J 247 -47.20 -23.79 -43.48
C ARG J 247 -47.05 -23.07 -42.14
N TRP J 248 -45.88 -22.50 -41.94
CA TRP J 248 -45.58 -21.86 -40.66
C TRP J 248 -46.39 -20.57 -40.53
N PRO J 249 -47.07 -20.35 -39.40
CA PRO J 249 -47.80 -19.09 -39.22
C PRO J 249 -46.96 -17.85 -39.42
N ASP J 250 -45.75 -17.81 -38.87
CA ASP J 250 -44.86 -16.67 -39.09
C ASP J 250 -43.40 -17.11 -38.93
N GLN J 251 -42.73 -17.29 -40.08
CA GLN J 251 -41.32 -17.63 -40.09
C GLN J 251 -40.46 -16.64 -39.31
N SER J 252 -40.93 -15.41 -39.13
CA SER J 252 -40.10 -14.38 -38.52
C SER J 252 -40.27 -14.29 -37.01
N ALA J 253 -41.33 -14.86 -36.44
CA ALA J 253 -41.57 -14.70 -35.01
C ALA J 253 -40.36 -15.13 -34.21
N GLU J 254 -40.02 -14.33 -33.20
CA GLU J 254 -39.07 -14.77 -32.17
C GLU J 254 -39.75 -15.83 -31.30
N PRO J 255 -39.04 -16.89 -30.93
CA PRO J 255 -39.61 -17.81 -29.94
C PRO J 255 -39.85 -17.08 -28.64
N PRO J 256 -40.86 -17.49 -27.89
CA PRO J 256 -41.09 -16.87 -26.58
C PRO J 256 -40.01 -17.30 -25.59
N SER J 257 -39.92 -16.54 -24.51
CA SER J 257 -39.14 -17.00 -23.37
C SER J 257 -39.84 -18.21 -22.77
N PHE J 258 -39.04 -19.20 -22.37
CA PHE J 258 -39.53 -20.34 -21.61
C PHE J 258 -39.13 -20.12 -20.16
N LEU J 259 -40.12 -19.77 -19.33
CA LEU J 259 -39.90 -19.42 -17.95
C LEU J 259 -39.97 -20.64 -17.05
N PHE J 260 -39.03 -20.73 -16.12
CA PHE J 260 -38.89 -21.86 -15.22
C PHE J 260 -39.26 -21.46 -13.80
N THR J 261 -40.14 -22.24 -13.18
CA THR J 261 -40.40 -22.11 -11.76
C THR J 261 -39.71 -23.28 -11.07
N PRO J 262 -38.73 -23.04 -10.20
CA PRO J 262 -38.01 -24.17 -9.60
C PRO J 262 -38.87 -24.85 -8.54
N PRO J 263 -38.54 -26.08 -8.17
CA PRO J 263 -39.37 -26.79 -7.19
C PRO J 263 -39.05 -26.34 -5.78
N PRO J 264 -39.91 -26.67 -4.82
CA PRO J 264 -39.61 -26.36 -3.42
C PRO J 264 -38.63 -27.36 -2.83
N ASN J 265 -37.99 -26.94 -1.75
CA ASN J 265 -37.38 -27.91 -0.84
C ASN J 265 -38.40 -28.99 -0.53
N GLY J 266 -37.93 -30.21 -0.39
CA GLY J 266 -38.80 -31.30 -0.01
C GLY J 266 -38.31 -32.61 -0.58
N ASP J 267 -39.01 -33.69 -0.22
CA ASP J 267 -38.67 -35.03 -0.67
C ASP J 267 -39.82 -35.69 -1.43
N GLY J 268 -40.88 -34.95 -1.73
CA GLY J 268 -41.98 -35.49 -2.49
C GLY J 268 -41.59 -35.84 -3.91
N PRO J 269 -42.46 -36.58 -4.60
CA PRO J 269 -42.14 -36.99 -5.97
C PRO J 269 -42.04 -35.81 -6.91
N LEU J 270 -41.03 -35.82 -7.75
CA LEU J 270 -40.71 -34.63 -8.54
C LEU J 270 -41.57 -34.58 -9.80
N ALA J 271 -42.24 -33.45 -10.01
CA ALA J 271 -43.16 -33.28 -11.13
C ALA J 271 -42.73 -32.10 -11.98
N LEU J 272 -42.72 -32.30 -13.30
CA LEU J 272 -42.47 -31.24 -14.25
C LEU J 272 -43.79 -30.91 -14.95
N VAL J 273 -44.22 -29.67 -14.82
CA VAL J 273 -45.48 -29.19 -15.42
C VAL J 273 -45.11 -28.27 -16.59
N LEU J 274 -45.61 -28.60 -17.78
CA LEU J 274 -45.33 -27.83 -18.99
C LEU J 274 -46.58 -27.06 -19.41
N SER J 275 -46.58 -25.75 -19.16
CA SER J 275 -47.70 -24.88 -19.54
C SER J 275 -47.29 -24.09 -20.77
N ILE J 276 -47.43 -24.72 -21.94
CA ILE J 276 -47.02 -24.14 -23.21
C ILE J 276 -48.21 -23.84 -24.10
N SER J 277 -49.03 -24.85 -24.41
CA SER J 277 -50.26 -24.63 -25.17
C SER J 277 -51.41 -24.22 -24.27
N ALA J 278 -51.31 -24.46 -22.97
CA ALA J 278 -52.32 -24.00 -22.02
C ALA J 278 -51.70 -23.93 -20.65
N GLN J 279 -52.28 -23.09 -19.79
CA GLN J 279 -51.85 -23.01 -18.40
C GLN J 279 -52.43 -24.21 -17.65
N VAL J 280 -51.56 -25.09 -17.18
CA VAL J 280 -52.00 -26.30 -16.47
C VAL J 280 -52.27 -25.92 -15.02
N PRO J 281 -53.49 -26.12 -14.52
CA PRO J 281 -53.76 -25.82 -13.10
C PRO J 281 -53.03 -26.81 -12.20
N VAL J 282 -52.19 -26.27 -11.32
CA VAL J 282 -51.33 -27.09 -10.47
C VAL J 282 -52.15 -28.01 -9.58
N ARG J 283 -53.37 -27.58 -9.22
CA ARG J 283 -54.22 -28.40 -8.38
C ARG J 283 -54.53 -29.74 -9.03
N ASP J 284 -54.66 -29.77 -10.36
CA ASP J 284 -54.86 -31.04 -11.05
C ASP J 284 -53.66 -31.97 -10.88
N VAL J 285 -52.46 -31.39 -10.77
CA VAL J 285 -51.25 -32.19 -10.67
C VAL J 285 -51.15 -32.85 -9.30
N THR J 286 -51.28 -32.05 -8.24
CA THR J 286 -51.19 -32.61 -6.90
C THR J 286 -52.41 -33.47 -6.57
N ASP J 287 -53.56 -33.20 -7.19
CA ASP J 287 -54.68 -34.13 -7.07
C ASP J 287 -54.30 -35.50 -7.63
N ALA J 288 -53.56 -35.52 -8.73
CA ALA J 288 -53.15 -36.78 -9.34
C ALA J 288 -51.96 -37.40 -8.63
N LEU J 289 -51.11 -36.58 -8.03
CA LEU J 289 -49.82 -37.02 -7.50
C LEU J 289 -49.61 -36.32 -6.17
N PRO J 290 -50.23 -36.83 -5.10
CA PRO J 290 -50.20 -36.08 -3.83
C PRO J 290 -48.78 -35.92 -3.31
N GLY J 291 -48.49 -34.71 -2.82
CA GLY J 291 -47.18 -34.39 -2.29
C GLY J 291 -46.15 -34.00 -3.32
N ALA J 292 -46.53 -33.84 -4.57
CA ALA J 292 -45.57 -33.58 -5.63
C ALA J 292 -44.73 -32.34 -5.33
N ARG J 293 -43.43 -32.43 -5.61
CA ARG J 293 -42.58 -31.25 -5.74
C ARG J 293 -42.71 -30.75 -7.18
N ILE J 294 -43.36 -29.61 -7.37
CA ILE J 294 -43.72 -29.15 -8.70
C ILE J 294 -42.66 -28.18 -9.20
N ALA J 295 -42.12 -28.47 -10.37
CA ALA J 295 -41.36 -27.54 -11.19
C ALA J 295 -42.18 -27.25 -12.45
N GLU J 296 -41.98 -26.07 -13.03
CA GLU J 296 -42.84 -25.63 -14.11
C GLU J 296 -42.05 -24.91 -15.19
N LEU J 297 -42.26 -25.32 -16.42
CA LEU J 297 -41.73 -24.62 -17.59
C LEU J 297 -42.92 -24.15 -18.42
N SER J 298 -43.00 -22.84 -18.65
CA SER J 298 -44.11 -22.25 -19.37
C SER J 298 -43.63 -21.11 -20.25
N ILE J 299 -44.54 -20.58 -21.06
CA ILE J 299 -44.30 -19.33 -21.79
C ILE J 299 -45.17 -18.27 -21.14
N PRO J 300 -44.88 -16.98 -21.33
CA PRO J 300 -45.67 -15.95 -20.64
C PRO J 300 -47.17 -16.10 -20.84
N GLU J 301 -47.61 -16.45 -22.05
CA GLU J 301 -49.04 -16.55 -22.34
C GLU J 301 -49.32 -17.82 -23.14
N PRO J 302 -49.55 -18.94 -22.45
CA PRO J 302 -49.75 -20.21 -23.15
C PRO J 302 -50.85 -20.09 -24.19
N SER J 303 -50.69 -20.87 -25.27
CA SER J 303 -51.58 -20.73 -26.42
C SER J 303 -51.39 -21.91 -27.35
N TYR J 304 -52.50 -22.39 -27.89
CA TYR J 304 -52.45 -23.57 -28.77
C TYR J 304 -51.65 -23.29 -30.04
N ALA J 305 -51.59 -22.04 -30.49
CA ALA J 305 -50.97 -21.71 -31.76
C ALA J 305 -49.56 -21.17 -31.61
N MET J 306 -48.84 -21.54 -30.54
CA MET J 306 -47.55 -20.93 -30.27
C MET J 306 -46.42 -21.46 -31.14
N VAL J 307 -46.64 -22.48 -31.96
CA VAL J 307 -45.56 -23.02 -32.80
C VAL J 307 -45.59 -22.24 -34.10
N GLN J 308 -45.06 -21.02 -34.05
CA GLN J 308 -45.13 -20.10 -35.17
C GLN J 308 -44.11 -20.40 -36.26
N ASN J 309 -43.02 -21.07 -35.91
CA ASN J 309 -42.02 -21.50 -36.87
C ASN J 309 -41.21 -22.59 -36.19
N ARG J 310 -40.32 -23.21 -36.96
CA ARG J 310 -39.55 -24.32 -36.41
C ARG J 310 -38.60 -23.85 -35.32
N ARG J 311 -38.16 -22.59 -35.37
CA ARG J 311 -37.26 -22.10 -34.34
C ARG J 311 -37.90 -22.16 -32.96
N VAL J 312 -39.23 -22.12 -32.90
CA VAL J 312 -39.91 -22.27 -31.61
C VAL J 312 -39.67 -23.67 -31.06
N ILE J 313 -39.67 -24.68 -31.92
CA ILE J 313 -39.45 -26.05 -31.46
C ILE J 313 -38.02 -26.21 -30.95
N HIS J 314 -37.04 -25.66 -31.68
CA HIS J 314 -35.66 -25.76 -31.23
C HIS J 314 -35.48 -25.04 -29.89
N ALA J 315 -36.01 -23.82 -29.78
CA ALA J 315 -35.85 -23.05 -28.56
C ALA J 315 -36.49 -23.76 -27.36
N PHE J 316 -37.61 -24.44 -27.59
CA PHE J 316 -38.23 -25.21 -26.52
C PHE J 316 -37.33 -26.36 -26.08
N ARG J 317 -36.80 -27.12 -27.04
CA ARG J 317 -35.89 -28.21 -26.71
C ARG J 317 -34.72 -27.70 -25.87
N ASP J 318 -34.08 -26.62 -26.32
CA ASP J 318 -32.91 -26.11 -25.61
C ASP J 318 -33.25 -25.78 -24.16
N ALA J 319 -34.38 -25.09 -23.94
CA ALA J 319 -34.77 -24.73 -22.58
C ALA J 319 -35.20 -25.96 -21.80
N LEU J 320 -35.97 -26.86 -22.42
CA LEU J 320 -36.40 -28.07 -21.73
C LEU J 320 -35.20 -28.84 -21.21
N GLN J 321 -34.19 -29.08 -22.06
CA GLN J 321 -33.07 -29.90 -21.66
C GLN J 321 -32.24 -29.24 -20.57
N ILE J 322 -32.01 -27.93 -20.68
CA ILE J 322 -31.34 -27.21 -19.60
C ILE J 322 -32.00 -27.53 -18.27
N ARG J 323 -33.34 -27.52 -18.24
CA ARG J 323 -34.06 -27.74 -17.00
C ARG J 323 -34.15 -29.22 -16.63
N LEU J 324 -34.25 -30.12 -17.63
CA LEU J 324 -34.26 -31.55 -17.30
C LEU J 324 -32.96 -31.94 -16.61
N SER J 325 -31.84 -31.38 -17.07
CA SER J 325 -30.56 -31.65 -16.41
C SER J 325 -30.58 -31.21 -14.95
N GLN J 326 -31.10 -30.00 -14.69
CA GLN J 326 -31.20 -29.55 -13.31
C GLN J 326 -32.14 -30.42 -12.49
N LEU J 327 -33.23 -30.88 -13.10
CA LEU J 327 -34.21 -31.66 -12.35
C LEU J 327 -33.72 -33.07 -12.09
N GLU J 328 -32.99 -33.66 -13.04
CA GLU J 328 -32.43 -34.99 -12.82
C GLU J 328 -31.36 -34.96 -11.73
N ALA J 329 -30.65 -33.85 -11.59
CA ALA J 329 -29.69 -33.71 -10.51
C ALA J 329 -30.37 -33.67 -9.15
N LEU J 330 -31.64 -33.29 -9.10
CA LEU J 330 -32.38 -33.23 -7.84
C LEU J 330 -32.91 -34.58 -7.37
N THR J 331 -33.05 -35.56 -8.26
CA THR J 331 -33.54 -36.84 -7.81
C THR J 331 -33.12 -38.01 -8.67
N PRO J 332 -32.78 -39.15 -8.07
CA PRO J 332 -32.60 -40.38 -8.86
C PRO J 332 -33.92 -41.03 -9.25
N ASP J 333 -35.04 -40.58 -8.70
CA ASP J 333 -36.32 -41.22 -8.93
C ASP J 333 -36.96 -40.67 -10.18
N PRO J 334 -38.06 -41.27 -10.63
CA PRO J 334 -38.69 -40.82 -11.88
C PRO J 334 -39.18 -39.38 -11.78
N ILE J 335 -39.21 -38.72 -12.93
CA ILE J 335 -39.84 -37.42 -13.07
C ILE J 335 -41.20 -37.62 -13.70
N HIS J 336 -42.22 -37.02 -13.08
CA HIS J 336 -43.61 -37.16 -13.50
C HIS J 336 -43.98 -35.94 -14.32
N VAL J 337 -44.32 -36.17 -15.60
CA VAL J 337 -44.55 -35.09 -16.56
C VAL J 337 -46.04 -34.87 -16.72
N PHE J 338 -46.46 -33.61 -16.60
CA PHE J 338 -47.84 -33.18 -16.82
C PHE J 338 -47.77 -32.05 -17.84
N ALA J 339 -48.09 -32.37 -19.09
CA ALA J 339 -47.75 -31.50 -20.22
C ALA J 339 -49.01 -31.04 -20.95
N ALA J 340 -49.13 -29.73 -21.12
CA ALA J 340 -50.06 -29.13 -22.08
C ALA J 340 -49.16 -28.47 -23.13
N ILE J 341 -48.88 -29.19 -24.21
CA ILE J 341 -47.92 -28.74 -25.21
C ILE J 341 -48.43 -29.09 -26.60
N PRO J 342 -48.03 -28.30 -27.60
CA PRO J 342 -48.43 -28.60 -28.98
C PRO J 342 -47.80 -29.89 -29.49
N ALA J 343 -48.46 -30.45 -30.51
CA ALA J 343 -48.03 -31.73 -31.08
C ALA J 343 -46.56 -31.72 -31.44
N ALA J 344 -46.11 -30.67 -32.15
CA ALA J 344 -44.72 -30.64 -32.60
C ALA J 344 -43.75 -30.67 -31.43
N LEU J 345 -44.10 -30.00 -30.32
CA LEU J 345 -43.23 -30.02 -29.14
C LEU J 345 -43.23 -31.38 -28.48
N ALA J 346 -44.35 -32.12 -28.55
CA ALA J 346 -44.38 -33.46 -28.00
C ALA J 346 -43.39 -34.36 -28.73
N ILE J 347 -43.31 -34.22 -30.06
CA ILE J 347 -42.38 -35.02 -30.84
C ILE J 347 -40.95 -34.69 -30.45
N GLU J 348 -40.63 -33.40 -30.35
CA GLU J 348 -39.26 -33.03 -30.01
C GLU J 348 -38.91 -33.49 -28.61
N PHE J 349 -39.84 -33.36 -27.66
CA PHE J 349 -39.61 -33.90 -26.31
C PHE J 349 -39.18 -35.35 -26.38
N GLY J 350 -39.91 -36.17 -27.15
CA GLY J 350 -39.55 -37.57 -27.25
C GLY J 350 -38.21 -37.78 -27.93
N ALA J 351 -37.90 -36.98 -28.94
CA ALA J 351 -36.62 -37.13 -29.64
C ALA J 351 -35.46 -36.69 -28.76
N LEU J 352 -35.69 -35.71 -27.87
CA LEU J 352 -34.62 -35.29 -26.97
C LEU J 352 -34.14 -36.44 -26.10
N LEU J 353 -35.07 -37.28 -25.61
CA LEU J 353 -34.72 -38.33 -24.67
C LEU J 353 -34.29 -39.61 -25.36
N THR J 354 -33.33 -39.52 -26.29
CA THR J 354 -32.83 -40.70 -26.98
C THR J 354 -31.31 -40.81 -26.94
N THR J 355 -30.67 -40.10 -26.00
CA THR J 355 -29.26 -40.32 -25.73
C THR J 355 -29.07 -41.72 -25.16
N GLN J 356 -27.81 -42.15 -25.07
CA GLN J 356 -27.51 -43.37 -24.30
C GLN J 356 -28.01 -43.23 -22.88
N HIS J 357 -27.74 -42.07 -22.26
CA HIS J 357 -28.24 -41.79 -20.92
C HIS J 357 -29.76 -41.78 -20.92
N GLN J 358 -30.36 -42.48 -19.95
CA GLN J 358 -31.81 -42.55 -19.84
C GLN J 358 -32.20 -42.37 -18.38
N HIS J 359 -32.96 -41.32 -18.09
CA HIS J 359 -33.63 -41.15 -16.82
C HIS J 359 -35.10 -41.52 -17.01
N THR J 360 -35.69 -42.08 -15.97
CA THR J 360 -37.09 -42.51 -16.07
C THR J 360 -38.01 -41.28 -16.06
N TYR J 361 -38.87 -41.21 -17.06
CA TYR J 361 -39.92 -40.21 -17.14
C TYR J 361 -41.26 -40.92 -17.19
N LEU J 362 -42.21 -40.45 -16.40
CA LEU J 362 -43.56 -41.00 -16.35
C LEU J 362 -44.49 -39.93 -16.90
N ILE J 363 -45.08 -40.20 -18.06
CA ILE J 363 -45.87 -39.21 -18.77
C ILE J 363 -47.34 -39.37 -18.38
N PHE J 364 -47.89 -38.33 -17.77
CA PHE J 364 -49.30 -38.31 -17.41
C PHE J 364 -50.10 -37.61 -18.50
N ASP J 365 -51.33 -38.05 -18.68
CA ASP J 365 -52.24 -37.43 -19.62
C ASP J 365 -53.65 -37.49 -19.05
N ARG J 366 -54.48 -36.54 -19.46
CA ARG J 366 -55.84 -36.50 -18.95
C ARG J 366 -56.60 -37.71 -19.48
N ASP J 367 -57.31 -38.38 -18.57
CA ASP J 367 -58.01 -39.63 -18.86
C ASP J 367 -59.50 -39.35 -18.94
N LYS J 368 -60.08 -39.58 -20.12
CA LYS J 368 -61.51 -39.32 -20.29
C LYS J 368 -62.36 -40.28 -19.48
N GLU J 369 -61.90 -41.52 -19.29
CA GLU J 369 -62.63 -42.49 -18.49
C GLU J 369 -62.49 -42.25 -16.99
N ASN J 370 -61.84 -41.16 -16.59
CA ASN J 370 -61.64 -40.86 -15.17
C ASN J 370 -61.70 -39.35 -14.96
N GLN J 371 -62.69 -38.71 -15.57
CA GLN J 371 -62.99 -37.30 -15.32
C GLN J 371 -61.82 -36.39 -15.71
N ASP J 372 -61.16 -36.72 -16.81
CA ASP J 372 -60.05 -35.92 -17.34
C ASP J 372 -58.94 -35.69 -16.32
N ARG J 373 -58.83 -36.58 -15.33
CA ARG J 373 -57.73 -36.52 -14.39
C ARG J 373 -56.45 -37.04 -15.04
N PHE J 374 -55.33 -36.43 -14.69
CA PHE J 374 -54.04 -36.93 -15.14
C PHE J 374 -53.80 -38.34 -14.61
N THR J 375 -53.38 -39.23 -15.49
CA THR J 375 -53.08 -40.61 -15.12
C THR J 375 -51.85 -41.05 -15.90
N GLN J 376 -51.01 -41.86 -15.28
CA GLN J 376 -49.79 -42.33 -15.95
C GLN J 376 -50.17 -43.12 -17.21
N THR J 377 -49.53 -42.77 -18.33
CA THR J 377 -49.84 -43.35 -19.63
C THR J 377 -48.63 -43.89 -20.37
N LEU J 378 -47.42 -43.50 -20.00
CA LEU J 378 -46.24 -43.88 -20.75
C LEU J 378 -45.03 -43.74 -19.86
N GLN J 379 -44.14 -44.72 -19.93
CA GLN J 379 -42.87 -44.68 -19.23
C GLN J 379 -41.76 -44.66 -20.26
N LEU J 380 -40.86 -43.68 -20.13
CA LEU J 380 -39.65 -43.62 -20.93
C LEU J 380 -38.47 -43.88 -20.04
N GLY J 381 -37.43 -44.50 -20.59
CA GLY J 381 -36.23 -44.76 -19.85
C GLY J 381 -36.15 -46.20 -19.38
N PRO J 382 -35.20 -46.49 -18.46
CA PRO J 382 -34.86 -47.86 -18.04
C PRO J 382 -36.08 -48.76 -17.83
N PHE K 14 -48.82 -35.11 -89.85
CA PHE K 14 -47.46 -35.48 -89.39
C PHE K 14 -47.32 -35.39 -87.87
N ASN K 15 -48.41 -35.04 -87.20
CA ASN K 15 -48.46 -35.00 -85.75
C ASN K 15 -49.11 -36.28 -85.23
N THR K 16 -48.50 -36.89 -84.22
CA THR K 16 -49.08 -38.10 -83.64
C THR K 16 -50.45 -37.77 -83.04
N ASN K 17 -51.45 -38.57 -83.40
CA ASN K 17 -52.80 -38.28 -82.95
C ASN K 17 -52.97 -38.67 -81.48
N ASP K 18 -54.13 -38.29 -80.93
CA ASP K 18 -54.36 -38.49 -79.49
C ASP K 18 -54.44 -39.97 -79.14
N GLU K 19 -55.17 -40.76 -79.94
CA GLU K 19 -55.28 -42.19 -79.68
C GLU K 19 -53.90 -42.82 -79.54
N THR K 20 -52.99 -42.49 -80.46
CA THR K 20 -51.66 -43.08 -80.42
C THR K 20 -50.86 -42.55 -79.22
N LYS K 21 -51.04 -41.29 -78.86
CA LYS K 21 -50.39 -40.79 -77.66
C LYS K 21 -50.86 -41.55 -76.43
N ARG K 22 -52.18 -41.78 -76.32
CA ARG K 22 -52.70 -42.59 -75.22
C ARG K 22 -52.03 -43.97 -75.18
N ILE K 23 -51.89 -44.61 -76.34
CA ILE K 23 -51.27 -45.93 -76.37
C ILE K 23 -49.82 -45.85 -75.88
N VAL K 24 -49.10 -44.80 -76.28
CA VAL K 24 -47.72 -44.65 -75.84
C VAL K 24 -47.67 -44.48 -74.33
N TRP K 25 -48.52 -43.62 -73.78
CA TRP K 25 -48.59 -43.48 -72.33
C TRP K 25 -48.95 -44.81 -71.68
N THR K 26 -49.85 -45.57 -72.30
CA THR K 26 -50.31 -46.82 -71.71
C THR K 26 -49.21 -47.87 -71.69
N GLN K 27 -48.56 -48.09 -72.85
CA GLN K 27 -47.62 -49.20 -72.97
C GLN K 27 -46.32 -48.96 -72.20
N THR K 28 -46.05 -47.73 -71.78
CA THR K 28 -44.90 -47.43 -70.93
C THR K 28 -45.27 -47.30 -69.47
N ALA K 29 -46.56 -47.43 -69.13
CA ALA K 29 -47.05 -47.20 -67.78
C ALA K 29 -46.73 -45.77 -67.31
N GLY K 30 -46.57 -44.85 -68.25
CA GLY K 30 -46.35 -43.46 -67.87
C GLY K 30 -45.00 -43.19 -67.24
N HIS K 31 -43.99 -44.00 -67.53
CA HIS K 31 -42.63 -43.73 -67.08
C HIS K 31 -41.74 -43.41 -68.27
N CYS K 32 -40.68 -42.65 -68.00
CA CYS K 32 -39.71 -42.33 -69.04
C CYS K 32 -38.94 -43.60 -69.41
N GLU K 33 -38.89 -43.90 -70.71
CA GLU K 33 -38.26 -45.14 -71.14
C GLU K 33 -36.75 -45.11 -71.01
N LEU K 34 -36.14 -43.93 -70.85
CA LEU K 34 -34.69 -43.84 -70.78
C LEU K 34 -34.16 -43.67 -69.36
N CYS K 35 -34.94 -43.09 -68.43
CA CYS K 35 -34.49 -42.92 -67.06
C CYS K 35 -35.43 -43.53 -66.01
N GLY K 36 -36.66 -43.87 -66.38
CA GLY K 36 -37.56 -44.55 -65.48
C GLY K 36 -38.37 -43.68 -64.55
N THR K 37 -38.30 -42.36 -64.69
CA THR K 37 -39.04 -41.50 -63.77
C THR K 37 -40.53 -41.55 -64.10
N ASP K 38 -41.35 -41.39 -63.06
CA ASP K 38 -42.80 -41.42 -63.17
C ASP K 38 -43.30 -40.08 -63.70
N LEU K 39 -43.97 -40.12 -64.85
CA LEU K 39 -44.41 -38.93 -65.55
C LEU K 39 -45.90 -38.66 -65.36
N THR K 40 -46.55 -39.36 -64.42
CA THR K 40 -47.96 -39.16 -64.14
C THR K 40 -48.19 -38.30 -62.89
N PHE K 41 -47.13 -37.88 -62.22
CA PHE K 41 -47.24 -37.31 -60.89
C PHE K 41 -46.02 -36.47 -60.61
N ASP K 42 -46.22 -35.37 -59.87
CA ASP K 42 -45.12 -34.54 -59.36
C ASP K 42 -44.99 -34.85 -57.87
N TYR K 43 -43.95 -35.61 -57.51
CA TYR K 43 -43.79 -36.00 -56.12
C TYR K 43 -43.32 -34.85 -55.23
N ARG K 44 -42.78 -33.78 -55.80
CA ARG K 44 -42.33 -32.66 -54.98
C ARG K 44 -43.51 -31.93 -54.36
N ALA K 45 -44.49 -31.54 -55.17
CA ALA K 45 -45.63 -30.78 -54.69
C ALA K 45 -46.94 -31.56 -54.67
N GLY K 46 -46.96 -32.79 -55.17
CA GLY K 46 -48.08 -33.69 -54.95
C GLY K 46 -49.21 -33.64 -55.94
N LYS K 47 -49.03 -32.97 -57.07
CA LYS K 47 -50.15 -32.87 -58.00
C LYS K 47 -50.06 -33.95 -59.07
N PRO K 48 -51.12 -34.70 -59.33
CA PRO K 48 -51.14 -35.52 -60.55
C PRO K 48 -50.99 -34.62 -61.78
N MET K 49 -50.06 -34.99 -62.66
CA MET K 49 -49.84 -34.23 -63.87
C MET K 49 -49.12 -35.11 -64.87
N LYS K 50 -49.48 -34.96 -66.15
CA LYS K 50 -48.85 -35.69 -67.25
C LYS K 50 -47.75 -34.80 -67.81
N TRP K 51 -46.53 -34.93 -67.30
CA TRP K 51 -45.43 -34.07 -67.71
C TRP K 51 -44.41 -34.80 -68.58
N GLY K 52 -44.80 -35.90 -69.20
CA GLY K 52 -43.95 -36.54 -70.19
C GLY K 52 -44.26 -36.05 -71.60
N GLU K 53 -43.43 -36.49 -72.55
CA GLU K 53 -43.57 -36.12 -73.95
C GLU K 53 -43.45 -37.38 -74.80
N VAL K 54 -44.18 -37.39 -75.92
CA VAL K 54 -44.14 -38.49 -76.87
C VAL K 54 -43.12 -38.11 -77.94
N ALA K 55 -41.93 -38.69 -77.86
CA ALA K 55 -40.81 -38.31 -78.70
C ALA K 55 -40.66 -39.25 -79.89
N HIS K 56 -40.28 -38.68 -81.03
CA HIS K 56 -40.03 -39.45 -82.24
C HIS K 56 -38.57 -39.89 -82.26
N ILE K 57 -38.34 -41.19 -82.47
CA ILE K 57 -36.97 -41.66 -82.73
C ILE K 57 -36.52 -41.16 -84.09
N LEU K 58 -37.28 -41.48 -85.13
CA LEU K 58 -37.05 -40.94 -86.46
C LEU K 58 -37.93 -39.72 -86.66
N PRO K 59 -37.38 -38.56 -86.97
CA PRO K 59 -38.20 -37.35 -87.10
C PRO K 59 -38.97 -37.33 -88.40
N ALA K 60 -40.04 -36.53 -88.41
CA ALA K 60 -40.81 -36.35 -89.63
C ALA K 60 -39.99 -35.70 -90.73
N SER K 61 -39.23 -34.68 -90.38
CA SER K 61 -38.35 -34.06 -91.37
C SER K 61 -37.00 -34.77 -91.42
N PRO K 62 -36.45 -35.05 -92.60
CA PRO K 62 -35.10 -35.65 -92.65
C PRO K 62 -34.00 -34.75 -92.10
N LYS K 63 -34.33 -33.53 -91.69
CA LYS K 63 -33.34 -32.60 -91.16
C LYS K 63 -33.16 -32.73 -89.65
N GLY K 64 -34.13 -33.30 -88.95
CA GLY K 64 -34.09 -33.37 -87.50
C GLY K 64 -33.13 -34.44 -87.01
N PRO K 65 -33.17 -34.71 -85.70
CA PRO K 65 -32.25 -35.69 -85.13
C PRO K 65 -32.61 -37.10 -85.60
N ARG K 66 -31.61 -37.82 -86.10
CA ARG K 66 -31.72 -39.15 -86.67
C ARG K 66 -32.51 -39.17 -87.97
N GLY K 67 -32.83 -38.00 -88.54
CA GLY K 67 -33.50 -37.94 -89.82
C GLY K 67 -32.87 -38.84 -90.86
N ARG K 68 -33.72 -39.48 -91.66
CA ARG K 68 -33.28 -40.35 -92.74
C ARG K 68 -33.91 -39.89 -94.04
N ALA K 69 -33.23 -40.19 -95.15
CA ALA K 69 -33.74 -39.83 -96.47
C ALA K 69 -34.86 -40.76 -96.91
N ASP K 70 -34.75 -42.05 -96.58
CA ASP K 70 -35.71 -43.06 -97.02
C ASP K 70 -36.84 -43.27 -96.02
N HIS K 71 -37.02 -42.35 -95.06
CA HIS K 71 -38.03 -42.51 -94.02
C HIS K 71 -39.34 -41.90 -94.50
N ASP K 72 -40.34 -42.74 -94.75
CA ASP K 72 -41.68 -42.30 -95.12
C ASP K 72 -42.39 -41.87 -93.84
N ALA K 73 -42.01 -40.69 -93.34
CA ALA K 73 -42.56 -40.21 -92.08
C ALA K 73 -44.07 -40.27 -92.05
N GLU K 74 -44.72 -40.13 -93.21
CA GLU K 74 -46.17 -40.17 -93.26
C GLU K 74 -46.71 -41.44 -92.61
N ALA K 75 -45.95 -42.54 -92.71
CA ALA K 75 -46.43 -43.81 -92.18
C ALA K 75 -46.15 -43.98 -90.70
N HIS K 76 -45.08 -43.36 -90.18
CA HIS K 76 -44.57 -43.70 -88.86
C HIS K 76 -44.82 -42.63 -87.81
N THR K 77 -45.62 -41.60 -88.12
CA THR K 77 -45.95 -40.64 -87.07
C THR K 77 -46.94 -41.21 -86.07
N ASN K 78 -47.59 -42.34 -86.38
CA ASN K 78 -48.47 -43.03 -85.45
C ASN K 78 -48.06 -44.49 -85.30
N ASP K 79 -46.79 -44.79 -85.55
CA ASP K 79 -46.22 -46.12 -85.36
C ASP K 79 -45.53 -46.15 -83.99
N THR K 80 -46.15 -46.80 -83.01
CA THR K 80 -45.60 -46.79 -81.66
C THR K 80 -44.17 -47.33 -81.62
N ALA K 81 -43.73 -48.05 -82.66
CA ALA K 81 -42.35 -48.53 -82.68
C ALA K 81 -41.36 -47.38 -82.89
N ASN K 82 -41.84 -46.22 -83.37
CA ASN K 82 -41.01 -45.04 -83.56
C ASN K 82 -41.19 -44.01 -82.45
N LEU K 83 -42.07 -44.27 -81.49
CA LEU K 83 -42.46 -43.28 -80.49
C LEU K 83 -42.09 -43.76 -79.10
N MET K 84 -41.42 -42.89 -78.34
CA MET K 84 -41.00 -43.18 -76.97
C MET K 84 -41.59 -42.15 -76.03
N LEU K 85 -42.05 -42.59 -74.86
CA LEU K 85 -42.45 -41.66 -73.80
C LEU K 85 -41.20 -41.30 -73.00
N LEU K 86 -40.84 -40.02 -73.01
CA LEU K 86 -39.64 -39.55 -72.34
C LEU K 86 -39.99 -38.35 -71.46
N CYS K 87 -39.22 -38.18 -70.40
CA CYS K 87 -39.29 -36.94 -69.64
C CYS K 87 -38.72 -35.81 -70.49
N PRO K 88 -39.10 -34.56 -70.21
CA PRO K 88 -38.63 -33.47 -71.08
C PRO K 88 -37.12 -33.38 -71.18
N GLY K 89 -36.39 -33.74 -70.12
CA GLY K 89 -34.94 -33.67 -70.18
C GLY K 89 -34.32 -34.73 -71.06
N CYS K 90 -34.79 -35.97 -70.94
CA CYS K 90 -34.27 -37.02 -71.80
C CYS K 90 -34.59 -36.72 -73.26
N HIS K 91 -35.79 -36.21 -73.53
CA HIS K 91 -36.13 -35.85 -74.91
C HIS K 91 -35.18 -34.79 -75.45
N ASP K 92 -34.95 -33.72 -74.69
CA ASP K 92 -34.05 -32.66 -75.16
C ASP K 92 -32.67 -33.21 -75.43
N LYS K 93 -32.17 -34.10 -74.55
CA LYS K 93 -30.83 -34.63 -74.71
C LYS K 93 -30.72 -35.47 -75.99
N ILE K 94 -31.69 -36.35 -76.26
CA ILE K 94 -31.53 -37.20 -77.43
C ILE K 94 -31.68 -36.41 -78.72
N ASP K 95 -32.36 -35.26 -78.70
CA ASP K 95 -32.50 -34.46 -79.89
C ASP K 95 -31.35 -33.48 -80.09
N ARG K 96 -30.51 -33.29 -79.08
CA ARG K 96 -29.34 -32.42 -79.19
C ARG K 96 -28.06 -33.18 -79.51
N ASP K 97 -28.08 -34.51 -79.41
CA ASP K 97 -26.90 -35.31 -79.66
C ASP K 97 -27.33 -36.59 -80.39
N ALA K 98 -27.79 -36.43 -81.63
CA ALA K 98 -28.25 -37.59 -82.40
C ALA K 98 -27.12 -38.58 -82.63
N ASP K 99 -25.87 -38.10 -82.74
CA ASP K 99 -24.75 -39.03 -82.88
C ASP K 99 -24.63 -39.94 -81.67
N GLY K 100 -24.88 -39.39 -80.48
CA GLY K 100 -24.76 -40.18 -79.26
C GLY K 100 -25.96 -41.03 -78.93
N TYR K 101 -27.12 -40.73 -79.49
CA TYR K 101 -28.33 -41.50 -79.31
C TYR K 101 -28.86 -41.92 -80.67
N PRO K 102 -28.16 -42.84 -81.35
CA PRO K 102 -28.58 -43.22 -82.71
C PRO K 102 -29.85 -44.05 -82.70
N GLU K 103 -30.45 -44.14 -83.90
CA GLU K 103 -31.72 -44.84 -84.07
C GLU K 103 -31.65 -46.28 -83.58
N ASN K 104 -30.58 -46.99 -83.95
CA ASN K 104 -30.48 -48.40 -83.57
C ASN K 104 -30.46 -48.55 -82.05
N ASP K 105 -29.64 -47.75 -81.38
CA ASP K 105 -29.53 -47.86 -79.93
C ASP K 105 -30.83 -47.45 -79.24
N LEU K 106 -31.48 -46.39 -79.72
CA LEU K 106 -32.76 -46.00 -79.15
C LEU K 106 -33.81 -47.09 -79.36
N SER K 107 -33.88 -47.62 -80.58
CA SER K 107 -34.93 -48.59 -80.88
C SER K 107 -34.75 -49.86 -80.05
N GLY K 108 -33.51 -50.28 -79.82
CA GLY K 108 -33.28 -51.42 -78.96
C GLY K 108 -33.72 -51.17 -77.54
N LEU K 109 -33.36 -50.01 -76.99
CA LEU K 109 -33.80 -49.65 -75.65
C LEU K 109 -35.32 -49.59 -75.58
N HIS K 110 -35.94 -48.99 -76.58
CA HIS K 110 -37.40 -48.92 -76.64
C HIS K 110 -38.04 -50.30 -76.57
N GLN K 111 -37.57 -51.22 -77.42
CA GLN K 111 -38.19 -52.55 -77.44
C GLN K 111 -37.92 -53.30 -76.15
N ALA K 112 -36.72 -53.16 -75.59
CA ALA K 112 -36.40 -53.84 -74.32
C ALA K 112 -37.28 -53.32 -73.19
N TYR K 113 -37.46 -52.00 -73.11
CA TYR K 113 -38.32 -51.44 -72.08
C TYR K 113 -39.74 -51.97 -72.21
N LEU K 114 -40.27 -51.98 -73.43
CA LEU K 114 -41.63 -52.45 -73.65
C LEU K 114 -41.76 -53.93 -73.29
N GLU K 115 -40.70 -54.72 -73.49
CA GLU K 115 -40.75 -56.15 -73.22
C GLU K 115 -40.70 -56.43 -71.72
N ARG K 116 -39.87 -55.68 -70.99
CA ARG K 116 -39.87 -55.79 -69.54
C ARG K 116 -41.25 -55.52 -68.96
N ILE K 117 -42.00 -54.58 -69.56
CA ILE K 117 -43.34 -54.31 -69.05
C ILE K 117 -44.31 -55.42 -69.44
N ARG K 118 -44.13 -56.02 -70.62
CA ARG K 118 -44.99 -57.14 -71.00
C ARG K 118 -44.85 -58.29 -70.00
N LEU K 119 -43.61 -58.72 -69.74
CA LEU K 119 -43.39 -59.84 -68.84
C LEU K 119 -44.01 -59.61 -67.48
N ALA K 120 -43.89 -58.38 -66.97
CA ALA K 120 -44.48 -58.06 -65.67
C ALA K 120 -46.00 -58.22 -65.72
N ALA K 121 -46.62 -57.74 -66.80
CA ALA K 121 -48.07 -57.78 -66.88
C ALA K 121 -48.58 -59.21 -66.93
N THR K 122 -47.79 -60.13 -67.49
CA THR K 122 -48.24 -61.48 -67.77
C THR K 122 -47.70 -62.51 -66.78
N THR K 123 -46.92 -62.10 -65.79
CA THR K 123 -46.47 -63.04 -64.77
C THR K 123 -47.61 -63.34 -63.81
N PRO K 124 -47.91 -64.61 -63.54
CA PRO K 124 -48.96 -64.91 -62.56
C PRO K 124 -48.49 -64.61 -61.15
N ASP K 125 -49.45 -64.20 -60.32
CA ASP K 125 -49.13 -63.87 -58.93
C ASP K 125 -48.74 -65.13 -58.16
N GLY K 126 -47.57 -65.08 -57.52
CA GLY K 126 -47.09 -66.19 -56.73
C GLY K 126 -46.95 -65.84 -55.26
N GLY K 127 -47.69 -64.86 -54.80
CA GLY K 127 -47.73 -64.54 -53.39
C GLY K 127 -46.71 -63.49 -52.99
N ARG K 128 -46.59 -63.33 -51.67
CA ARG K 128 -45.71 -62.35 -51.06
C ARG K 128 -44.50 -63.04 -50.46
N ALA K 129 -43.42 -62.29 -50.32
CA ALA K 129 -42.19 -62.81 -49.74
C ALA K 129 -41.35 -61.67 -49.19
N ILE K 130 -40.62 -61.96 -48.11
CA ILE K 130 -39.69 -61.00 -47.52
C ILE K 130 -38.36 -61.07 -48.27
N PRO K 131 -37.92 -60.00 -48.94
CA PRO K 131 -36.61 -60.04 -49.58
C PRO K 131 -35.49 -59.95 -48.55
N LEU K 132 -34.51 -60.83 -48.68
CA LEU K 132 -33.42 -60.92 -47.71
C LEU K 132 -32.11 -61.06 -48.47
N ILE K 133 -31.19 -60.12 -48.22
CA ILE K 133 -29.85 -60.13 -48.79
C ILE K 133 -28.86 -60.19 -47.63
N VAL K 134 -27.94 -61.15 -47.69
CA VAL K 134 -26.89 -61.28 -46.68
C VAL K 134 -25.55 -61.30 -47.41
N GLN K 135 -24.69 -60.34 -47.10
CA GLN K 135 -23.41 -60.23 -47.77
C GLN K 135 -22.34 -59.88 -46.75
N SER K 136 -21.13 -60.33 -47.00
CA SER K 136 -20.02 -60.12 -46.09
C SER K 136 -19.10 -59.04 -46.65
N GLN K 137 -18.06 -58.73 -45.88
CA GLN K 137 -16.98 -57.83 -46.29
C GLN K 137 -15.63 -58.49 -46.09
N HIS K 138 -15.54 -59.81 -46.25
CA HIS K 138 -14.29 -60.50 -46.02
C HIS K 138 -13.47 -60.66 -47.30
N PHE K 139 -14.00 -60.20 -48.44
CA PHE K 139 -13.24 -60.19 -49.68
C PHE K 139 -12.36 -58.95 -49.75
N GLN K 140 -11.31 -59.05 -50.58
CA GLN K 140 -10.45 -57.91 -50.87
C GLN K 140 -11.00 -57.06 -52.02
N THR K 141 -12.28 -57.21 -52.33
CA THR K 141 -12.94 -56.38 -53.33
C THR K 141 -14.29 -55.94 -52.78
N ILE K 142 -14.87 -54.92 -53.43
CA ILE K 142 -16.27 -54.60 -53.19
C ILE K 142 -17.10 -55.86 -53.36
N ASN K 143 -18.07 -56.04 -52.45
CA ASN K 143 -19.04 -57.13 -52.51
C ASN K 143 -20.40 -56.51 -52.22
N ASP K 144 -21.28 -56.48 -53.22
CA ASP K 144 -22.56 -55.77 -53.08
C ASP K 144 -23.60 -56.36 -54.01
N ILE K 145 -24.65 -56.94 -53.43
CA ILE K 145 -25.75 -57.51 -54.20
C ILE K 145 -26.81 -56.43 -54.39
N PRO K 146 -27.11 -56.02 -55.62
CA PRO K 146 -28.12 -54.97 -55.83
C PRO K 146 -29.51 -55.41 -55.39
N VAL K 147 -30.18 -54.51 -54.68
CA VAL K 147 -31.55 -54.76 -54.23
C VAL K 147 -32.49 -54.95 -55.40
N ARG K 148 -32.36 -54.10 -56.42
CA ARG K 148 -33.27 -54.20 -57.55
C ARG K 148 -33.20 -55.57 -58.21
N ASP K 149 -32.02 -56.19 -58.21
CA ASP K 149 -31.86 -57.45 -58.94
C ASP K 149 -32.51 -58.61 -58.20
N LEU K 150 -32.52 -58.60 -56.86
CA LEU K 150 -33.31 -59.60 -56.15
C LEU K 150 -34.81 -59.37 -56.39
N LEU K 151 -35.26 -58.12 -56.29
CA LEU K 151 -36.69 -57.85 -56.45
C LEU K 151 -37.17 -58.21 -57.85
N THR K 152 -36.33 -58.00 -58.86
CA THR K 152 -36.71 -58.36 -60.22
C THR K 152 -36.74 -59.88 -60.40
N ALA K 153 -35.77 -60.58 -59.81
CA ALA K 153 -35.80 -62.04 -59.84
C ALA K 153 -37.05 -62.57 -59.15
N MET K 154 -37.38 -62.01 -57.98
CA MET K 154 -38.63 -62.35 -57.31
C MET K 154 -39.83 -62.10 -58.22
N SER K 155 -39.88 -60.92 -58.84
CA SER K 155 -41.02 -60.58 -59.69
C SER K 155 -41.16 -61.55 -60.87
N ALA K 156 -40.03 -62.01 -61.40
CA ALA K 156 -40.10 -63.00 -62.48
C ALA K 156 -40.86 -64.25 -62.06
N GLU K 157 -40.77 -64.62 -60.78
CA GLU K 157 -41.48 -65.77 -60.23
C GLU K 157 -42.80 -65.39 -59.58
N GLY K 158 -43.30 -64.18 -59.84
CA GLY K 158 -44.57 -63.74 -59.31
C GLY K 158 -44.54 -63.26 -57.87
N LEU K 159 -43.37 -63.18 -57.25
CA LEU K 159 -43.26 -62.78 -55.85
C LEU K 159 -43.14 -61.27 -55.76
N THR K 160 -43.91 -60.66 -54.84
CA THR K 160 -43.80 -59.25 -54.54
C THR K 160 -43.66 -59.07 -53.04
N ALA K 161 -43.22 -57.88 -52.64
CA ALA K 161 -43.00 -57.56 -51.25
C ALA K 161 -43.56 -56.18 -50.94
N PHE K 162 -43.80 -55.93 -49.65
CA PHE K 162 -44.32 -54.65 -49.22
C PHE K 162 -43.23 -53.60 -49.03
N ASP K 163 -41.97 -54.04 -48.98
CA ASP K 163 -40.82 -53.15 -48.86
C ASP K 163 -39.68 -53.79 -49.62
N GLN K 164 -38.60 -53.03 -49.79
CA GLN K 164 -37.44 -53.56 -50.50
C GLN K 164 -36.68 -54.58 -49.67
N GLY K 165 -37.13 -54.86 -48.45
CA GLY K 165 -36.66 -56.00 -47.71
C GLY K 165 -35.46 -55.71 -46.85
N ILE K 166 -34.80 -56.81 -46.44
CA ILE K 166 -33.69 -56.79 -45.49
C ILE K 166 -32.39 -56.93 -46.27
N LYS K 167 -31.36 -56.20 -45.85
CA LYS K 167 -30.03 -56.29 -46.44
C LYS K 167 -29.03 -56.17 -45.30
N ILE K 168 -28.44 -57.30 -44.91
CA ILE K 168 -27.48 -57.35 -43.83
C ILE K 168 -26.09 -57.48 -44.43
N ALA K 169 -25.18 -56.60 -43.98
CA ALA K 169 -23.79 -56.62 -44.43
C ALA K 169 -22.90 -56.76 -43.20
N PHE K 170 -22.20 -57.90 -43.12
CA PHE K 170 -21.36 -58.16 -41.97
C PHE K 170 -20.28 -57.08 -41.84
N ALA K 171 -19.82 -56.87 -40.61
CA ALA K 171 -18.63 -56.06 -40.38
C ALA K 171 -17.43 -56.71 -41.04
N ALA K 172 -16.57 -55.88 -41.63
CA ALA K 172 -15.34 -56.36 -42.23
C ALA K 172 -14.44 -56.99 -41.16
N PRO K 173 -13.50 -57.83 -41.56
CA PRO K 173 -12.50 -58.31 -40.61
C PRO K 173 -11.61 -57.17 -40.11
N GLY K 174 -11.11 -57.34 -38.89
CA GLY K 174 -10.22 -56.37 -38.31
C GLY K 174 -8.78 -56.64 -38.70
N PRO K 175 -7.83 -56.03 -37.99
CA PRO K 175 -6.41 -56.23 -38.35
C PRO K 175 -5.89 -57.63 -38.02
N ARG K 176 -6.59 -58.41 -37.21
CA ARG K 176 -6.18 -59.78 -36.93
C ARG K 176 -6.88 -60.77 -37.84
N GLY K 177 -7.51 -60.32 -38.92
CA GLY K 177 -8.21 -61.23 -39.79
C GLY K 177 -9.53 -61.70 -39.18
N ARG K 178 -9.98 -62.86 -39.65
CA ARG K 178 -11.26 -63.42 -39.19
C ARG K 178 -11.01 -64.13 -37.85
N ASP K 179 -10.92 -63.31 -36.81
CA ASP K 179 -10.59 -63.76 -35.47
C ASP K 179 -11.87 -64.11 -34.71
N THR K 180 -11.73 -64.39 -33.42
CA THR K 180 -12.89 -64.73 -32.60
C THR K 180 -13.92 -63.60 -32.61
N THR K 181 -13.45 -62.35 -32.52
CA THR K 181 -14.36 -61.22 -32.59
C THR K 181 -15.15 -61.24 -33.89
N TYR K 182 -14.46 -61.43 -35.01
CA TYR K 182 -15.14 -61.43 -36.30
C TYR K 182 -16.29 -62.44 -36.31
N TRP K 183 -16.01 -63.67 -35.90
CA TRP K 183 -17.04 -64.69 -35.98
C TRP K 183 -18.16 -64.44 -34.97
N GLN K 184 -17.84 -63.81 -33.84
CA GLN K 184 -18.89 -63.37 -32.92
C GLN K 184 -19.80 -62.35 -33.61
N ASN K 185 -19.21 -61.41 -34.34
CA ASN K 185 -20.02 -60.46 -35.10
C ASN K 185 -20.89 -61.17 -36.12
N VAL K 186 -20.36 -62.20 -36.78
CA VAL K 186 -21.16 -62.97 -37.73
C VAL K 186 -22.39 -63.55 -37.02
N LYS K 187 -22.17 -64.25 -35.90
CA LYS K 187 -23.28 -64.83 -35.16
C LYS K 187 -24.30 -63.76 -34.78
N ASP K 188 -23.82 -62.61 -34.29
CA ASP K 188 -24.72 -61.55 -33.88
C ASP K 188 -25.52 -61.03 -35.08
N SER K 189 -24.86 -60.86 -36.24
CA SER K 189 -25.56 -60.42 -37.44
C SER K 189 -26.65 -61.41 -37.85
N VAL K 190 -26.34 -62.70 -37.80
CA VAL K 190 -27.31 -63.70 -38.26
C VAL K 190 -28.36 -63.96 -37.20
N GLN K 191 -27.93 -64.12 -35.94
CA GLN K 191 -28.82 -64.58 -34.89
C GLN K 191 -29.59 -63.48 -34.20
N TYR K 192 -29.05 -62.25 -34.19
CA TYR K 192 -29.70 -61.12 -33.53
C TYR K 192 -30.14 -60.07 -34.55
N GLU K 193 -29.21 -59.54 -35.35
CA GLU K 193 -29.60 -58.46 -36.26
C GLU K 193 -30.72 -58.92 -37.20
N LEU K 194 -30.56 -60.08 -37.82
CA LEU K 194 -31.59 -60.57 -38.74
C LEU K 194 -32.92 -60.78 -38.03
N GLU K 195 -32.90 -61.32 -36.80
CA GLU K 195 -34.15 -61.59 -36.11
C GLU K 195 -34.88 -60.30 -35.77
N GLN K 196 -34.15 -59.28 -35.34
CA GLN K 196 -34.75 -57.97 -35.11
C GLN K 196 -35.48 -57.48 -36.37
N GLN K 197 -34.79 -57.52 -37.51
CA GLN K 197 -35.39 -57.01 -38.74
C GLN K 197 -36.63 -57.80 -39.11
N LEU K 198 -36.60 -59.12 -38.92
CA LEU K 198 -37.79 -59.92 -39.24
C LEU K 198 -38.94 -59.59 -38.28
N LYS K 199 -38.63 -59.24 -37.03
CA LYS K 199 -39.68 -58.94 -36.07
C LYS K 199 -40.37 -57.62 -36.39
N ARG K 200 -39.58 -56.58 -36.66
CA ARG K 200 -40.16 -55.30 -37.05
C ARG K 200 -41.11 -55.43 -38.22
N ARG K 201 -40.85 -56.38 -39.12
CA ARG K 201 -41.77 -56.64 -40.23
C ARG K 201 -42.94 -57.50 -39.83
N GLY K 202 -42.78 -58.31 -38.79
CA GLY K 202 -43.89 -59.05 -38.24
C GLY K 202 -45.08 -58.13 -38.09
N GLY K 203 -46.24 -58.57 -38.59
CA GLY K 203 -47.38 -57.70 -38.71
C GLY K 203 -47.70 -57.40 -40.15
N THR K 204 -46.73 -56.78 -40.84
CA THR K 204 -46.93 -56.46 -42.26
C THR K 204 -47.03 -57.72 -43.10
N TYR K 205 -46.24 -58.74 -42.76
CA TYR K 205 -46.18 -59.98 -43.54
C TYR K 205 -46.90 -61.16 -42.89
N GLY K 206 -47.51 -60.97 -41.72
CA GLY K 206 -48.26 -62.05 -41.12
C GLY K 206 -47.39 -63.00 -40.32
N ASP K 207 -47.91 -64.21 -40.14
CA ASP K 207 -47.32 -65.19 -39.23
C ASP K 207 -46.40 -66.19 -39.91
N SER K 208 -46.72 -66.60 -41.13
CA SER K 208 -45.93 -67.59 -41.87
C SER K 208 -45.36 -67.00 -43.14
N PRO K 209 -44.59 -65.91 -43.04
CA PRO K 209 -44.09 -65.26 -44.25
C PRO K 209 -42.98 -66.05 -44.93
N ALA K 210 -43.00 -66.04 -46.26
CA ALA K 210 -41.94 -66.67 -47.04
C ALA K 210 -40.73 -65.76 -47.14
N LEU K 211 -39.56 -66.36 -47.26
CA LEU K 211 -38.28 -65.64 -47.29
C LEU K 211 -37.62 -65.83 -48.64
N ALA K 212 -37.37 -64.72 -49.34
CA ALA K 212 -36.63 -64.74 -50.61
C ALA K 212 -35.19 -64.35 -50.29
N VAL K 213 -34.34 -65.36 -50.09
CA VAL K 213 -33.01 -65.19 -49.52
C VAL K 213 -31.97 -65.33 -50.62
N VAL K 214 -31.04 -64.39 -50.67
CA VAL K 214 -29.83 -64.54 -51.48
C VAL K 214 -28.63 -64.17 -50.62
N GLY K 215 -27.57 -64.95 -50.72
CA GLY K 215 -26.38 -64.71 -49.91
C GLY K 215 -25.12 -64.70 -50.74
N LEU K 216 -24.16 -63.89 -50.30
CA LEU K 216 -22.79 -63.90 -50.83
C LEU K 216 -21.90 -63.46 -49.67
N ALA K 217 -21.50 -64.43 -48.86
CA ALA K 217 -20.82 -64.18 -47.59
C ALA K 217 -20.05 -65.43 -47.22
N ASP K 218 -19.34 -65.37 -46.08
CA ASP K 218 -18.55 -66.50 -45.63
C ASP K 218 -19.38 -67.78 -45.69
N ILE K 219 -18.78 -68.83 -46.27
CA ILE K 219 -19.45 -70.13 -46.31
C ILE K 219 -19.96 -70.55 -44.94
N PRO K 220 -19.15 -70.53 -43.88
CA PRO K 220 -19.68 -70.91 -42.56
C PRO K 220 -20.78 -70.00 -42.08
N ALA K 221 -20.73 -68.71 -42.43
CA ALA K 221 -21.79 -67.80 -42.05
C ALA K 221 -23.08 -68.10 -42.80
N LEU K 222 -22.98 -68.44 -44.10
CA LEU K 222 -24.17 -68.79 -44.85
C LEU K 222 -24.79 -70.09 -44.36
N MET K 223 -23.97 -71.01 -43.84
CA MET K 223 -24.51 -72.24 -43.27
C MET K 223 -25.27 -71.95 -41.98
N MET K 224 -24.72 -71.09 -41.13
CA MET K 224 -25.45 -70.66 -39.94
C MET K 224 -26.73 -69.94 -40.33
N LEU K 225 -26.67 -69.10 -41.36
CA LEU K 225 -27.88 -68.45 -41.86
C LEU K 225 -28.95 -69.49 -42.21
N GLY K 226 -28.58 -70.47 -43.03
CA GLY K 226 -29.55 -71.47 -43.45
C GLY K 226 -30.11 -72.28 -42.29
N GLN K 227 -29.26 -72.59 -41.31
CA GLN K 227 -29.76 -73.28 -40.13
C GLN K 227 -30.80 -72.41 -39.42
N SER K 228 -30.60 -71.10 -39.42
CA SER K 228 -31.52 -70.19 -38.73
C SER K 228 -32.86 -70.07 -39.44
N ILE K 229 -32.90 -70.25 -40.75
CA ILE K 229 -34.13 -70.14 -41.52
C ILE K 229 -34.64 -71.48 -41.99
N GLY K 230 -33.98 -72.58 -41.60
CA GLY K 230 -34.48 -73.89 -41.92
C GLY K 230 -35.68 -74.29 -41.08
N ASP K 231 -35.79 -73.76 -39.86
CA ASP K 231 -36.93 -73.98 -38.99
C ASP K 231 -38.09 -73.04 -39.31
N ARG K 232 -38.35 -72.84 -40.60
CA ARG K 232 -39.43 -71.99 -41.09
C ARG K 232 -39.64 -72.38 -42.55
N SER K 233 -40.90 -72.51 -42.95
CA SER K 233 -41.19 -73.02 -44.29
C SER K 233 -41.09 -71.90 -45.31
N LYS K 234 -41.47 -72.20 -46.56
CA LYS K 234 -41.53 -71.20 -47.63
C LYS K 234 -40.23 -70.42 -47.75
N ARG K 235 -39.11 -71.14 -47.65
CA ARG K 235 -37.80 -70.59 -47.93
C ARG K 235 -37.52 -70.74 -49.43
N LEU K 236 -37.33 -69.62 -50.12
CA LEU K 236 -37.03 -69.60 -51.54
C LEU K 236 -35.61 -69.04 -51.71
N ILE K 237 -34.68 -69.87 -52.13
CA ILE K 237 -33.29 -69.45 -52.25
C ILE K 237 -33.06 -68.91 -53.65
N PHE K 238 -32.45 -67.73 -53.73
CA PHE K 238 -31.96 -67.14 -54.97
C PHE K 238 -30.44 -67.13 -54.93
N SER K 239 -29.83 -66.80 -56.06
CA SER K 239 -28.40 -67.02 -56.25
C SER K 239 -27.76 -65.87 -57.02
N PHE K 240 -26.63 -65.36 -56.48
CA PHE K 240 -25.79 -64.44 -57.23
C PHE K 240 -24.83 -65.22 -58.10
N HIS K 241 -24.80 -64.88 -59.40
CA HIS K 241 -24.07 -65.62 -60.42
C HIS K 241 -23.15 -64.67 -61.15
N ARG K 242 -21.89 -65.07 -61.34
CA ARG K 242 -20.90 -64.14 -61.88
C ARG K 242 -21.32 -63.60 -63.23
N GLU K 243 -22.01 -64.40 -64.05
CA GLU K 243 -22.48 -63.91 -65.34
C GLU K 243 -23.89 -63.31 -65.26
N HIS K 244 -24.84 -64.05 -64.69
CA HIS K 244 -26.25 -63.69 -64.78
C HIS K 244 -26.77 -62.90 -63.59
N LEU K 245 -25.93 -62.59 -62.60
CA LEU K 245 -26.33 -61.82 -61.42
C LEU K 245 -27.44 -62.59 -60.70
N LEU K 246 -28.64 -62.05 -60.54
CA LEU K 246 -29.71 -62.74 -59.82
C LEU K 246 -30.64 -63.52 -60.74
N ARG K 247 -30.50 -63.34 -62.05
CA ARG K 247 -31.27 -64.13 -62.99
C ARG K 247 -30.75 -65.57 -63.00
N TRP K 248 -31.67 -66.52 -63.06
CA TRP K 248 -31.25 -67.92 -63.14
C TRP K 248 -30.57 -68.15 -64.49
N PRO K 249 -29.34 -68.69 -64.50
CA PRO K 249 -28.65 -68.86 -65.79
C PRO K 249 -29.43 -69.61 -66.85
N ASP K 250 -30.13 -70.70 -66.49
CA ASP K 250 -30.77 -71.55 -67.51
C ASP K 250 -31.83 -72.41 -66.81
N GLN K 251 -33.09 -71.99 -66.96
CA GLN K 251 -34.18 -72.69 -66.27
C GLN K 251 -34.41 -74.11 -66.78
N SER K 252 -33.96 -74.42 -67.98
CA SER K 252 -34.17 -75.74 -68.55
C SER K 252 -33.03 -76.69 -68.28
N ALA K 253 -31.97 -76.23 -67.62
CA ALA K 253 -30.79 -77.07 -67.42
C ALA K 253 -31.14 -78.26 -66.54
N GLU K 254 -30.51 -79.37 -66.84
CA GLU K 254 -30.62 -80.54 -65.98
C GLU K 254 -29.61 -80.42 -64.83
N PRO K 255 -30.01 -80.70 -63.60
CA PRO K 255 -29.03 -80.70 -62.51
C PRO K 255 -27.91 -81.66 -62.82
N PRO K 256 -26.70 -81.37 -62.36
CA PRO K 256 -25.63 -82.36 -62.47
C PRO K 256 -25.88 -83.48 -61.48
N SER K 257 -25.28 -84.62 -61.76
CA SER K 257 -25.27 -85.71 -60.80
C SER K 257 -24.29 -85.37 -59.70
N PHE K 258 -24.62 -85.75 -58.47
CA PHE K 258 -23.73 -85.58 -57.33
C PHE K 258 -23.11 -86.94 -57.02
N LEU K 259 -21.81 -86.93 -56.78
CA LEU K 259 -21.02 -88.14 -56.61
C LEU K 259 -20.60 -88.24 -55.17
N PHE K 260 -20.98 -89.33 -54.51
CA PHE K 260 -20.68 -89.53 -53.10
C PHE K 260 -19.58 -90.58 -52.96
N THR K 261 -18.47 -90.18 -52.35
CA THR K 261 -17.42 -91.11 -51.96
C THR K 261 -17.61 -91.45 -50.48
N PRO K 262 -17.80 -92.72 -50.11
CA PRO K 262 -18.07 -93.04 -48.71
C PRO K 262 -16.78 -93.03 -47.90
N PRO K 263 -16.87 -92.80 -46.60
CA PRO K 263 -15.65 -92.70 -45.80
C PRO K 263 -15.04 -94.07 -45.59
N PRO K 264 -13.71 -94.14 -45.45
CA PRO K 264 -13.10 -95.43 -45.09
C PRO K 264 -13.51 -95.82 -43.68
N ASN K 265 -13.77 -97.10 -43.50
CA ASN K 265 -14.03 -97.62 -42.17
C ASN K 265 -12.83 -97.35 -41.26
N GLY K 266 -13.10 -97.19 -39.98
CA GLY K 266 -12.03 -97.09 -39.00
C GLY K 266 -12.20 -96.03 -37.95
N ASP K 267 -11.21 -95.91 -37.07
CA ASP K 267 -11.12 -94.79 -36.15
C ASP K 267 -10.46 -93.61 -36.85
N GLY K 268 -10.74 -92.41 -36.34
CA GLY K 268 -10.24 -91.20 -36.93
C GLY K 268 -11.35 -90.20 -37.18
N PRO K 269 -11.02 -88.91 -37.08
CA PRO K 269 -12.06 -87.89 -37.20
C PRO K 269 -12.70 -87.90 -38.58
N LEU K 270 -14.03 -87.83 -38.61
CA LEU K 270 -14.79 -87.95 -39.84
C LEU K 270 -14.92 -86.59 -40.50
N ALA K 271 -14.64 -86.54 -41.82
CA ALA K 271 -14.61 -85.29 -42.56
C ALA K 271 -15.51 -85.39 -43.78
N LEU K 272 -16.35 -84.38 -43.97
CA LEU K 272 -17.20 -84.26 -45.15
C LEU K 272 -16.62 -83.17 -46.05
N VAL K 273 -16.20 -83.55 -47.25
CA VAL K 273 -15.60 -82.64 -48.22
C VAL K 273 -16.61 -82.43 -49.35
N LEU K 274 -16.92 -81.17 -49.63
CA LEU K 274 -17.85 -80.82 -50.70
C LEU K 274 -17.05 -80.13 -51.81
N SER K 275 -16.88 -80.83 -52.93
CA SER K 275 -16.12 -80.34 -54.08
C SER K 275 -17.08 -80.05 -55.22
N ILE K 276 -17.71 -78.87 -55.17
CA ILE K 276 -18.79 -78.51 -56.09
C ILE K 276 -18.46 -77.25 -56.88
N SER K 277 -17.99 -76.20 -56.19
CA SER K 277 -17.43 -75.04 -56.87
C SER K 277 -16.07 -75.37 -57.48
N ALA K 278 -15.33 -76.26 -56.83
CA ALA K 278 -13.98 -76.62 -57.24
C ALA K 278 -13.61 -77.88 -56.49
N GLN K 279 -12.49 -78.48 -56.88
CA GLN K 279 -12.01 -79.70 -56.24
C GLN K 279 -11.17 -79.33 -55.03
N VAL K 280 -11.59 -79.79 -53.86
CA VAL K 280 -10.85 -79.59 -52.62
C VAL K 280 -9.73 -80.61 -52.58
N PRO K 281 -8.46 -80.22 -52.62
CA PRO K 281 -7.38 -81.22 -52.58
C PRO K 281 -7.40 -81.94 -51.24
N VAL K 282 -7.31 -83.27 -51.31
CA VAL K 282 -7.26 -84.06 -50.09
C VAL K 282 -6.08 -83.64 -49.23
N ARG K 283 -5.00 -83.18 -49.85
CA ARG K 283 -3.82 -82.76 -49.07
C ARG K 283 -4.16 -81.67 -48.07
N ASP K 284 -5.11 -80.79 -48.39
CA ASP K 284 -5.45 -79.69 -47.50
C ASP K 284 -6.32 -80.14 -46.33
N VAL K 285 -7.07 -81.23 -46.51
CA VAL K 285 -7.91 -81.75 -45.44
C VAL K 285 -7.05 -82.44 -44.38
N THR K 286 -6.16 -83.34 -44.83
CA THR K 286 -5.35 -84.09 -43.87
C THR K 286 -4.32 -83.20 -43.19
N ASP K 287 -3.89 -82.10 -43.84
CA ASP K 287 -3.04 -81.14 -43.15
C ASP K 287 -3.78 -80.51 -41.98
N ALA K 288 -5.06 -80.18 -42.18
CA ALA K 288 -5.84 -79.50 -41.16
C ALA K 288 -6.51 -80.44 -40.18
N LEU K 289 -6.58 -81.73 -40.50
CA LEU K 289 -7.26 -82.72 -39.66
C LEU K 289 -6.58 -84.07 -39.89
N PRO K 290 -5.38 -84.26 -39.33
CA PRO K 290 -4.62 -85.49 -39.61
C PRO K 290 -5.37 -86.74 -39.19
N GLY K 291 -5.18 -87.81 -39.97
CA GLY K 291 -5.93 -89.02 -39.76
C GLY K 291 -7.36 -88.98 -40.24
N ALA K 292 -7.75 -87.93 -40.95
CA ALA K 292 -9.14 -87.73 -41.34
C ALA K 292 -9.67 -88.91 -42.16
N ARG K 293 -10.85 -89.39 -41.78
CA ARG K 293 -11.62 -90.31 -42.62
C ARG K 293 -12.50 -89.45 -43.52
N ILE K 294 -12.20 -89.41 -44.81
CA ILE K 294 -12.81 -88.44 -45.71
C ILE K 294 -13.96 -89.08 -46.47
N ALA K 295 -15.15 -88.51 -46.30
CA ALA K 295 -16.29 -88.70 -47.18
C ALA K 295 -16.43 -87.45 -48.06
N GLU K 296 -17.08 -87.59 -49.20
CA GLU K 296 -17.13 -86.46 -50.11
C GLU K 296 -18.34 -86.51 -51.02
N LEU K 297 -18.96 -85.34 -51.19
CA LEU K 297 -19.97 -85.11 -52.23
C LEU K 297 -19.35 -84.17 -53.27
N SER K 298 -19.53 -84.53 -54.54
CA SER K 298 -18.86 -83.82 -55.63
C SER K 298 -19.78 -83.82 -56.85
N ILE K 299 -19.43 -82.99 -57.83
CA ILE K 299 -20.07 -83.07 -59.14
C ILE K 299 -19.00 -83.40 -60.16
N PRO K 300 -19.39 -83.88 -61.35
CA PRO K 300 -18.38 -84.35 -62.31
C PRO K 300 -17.43 -83.26 -62.78
N GLU K 301 -17.91 -82.03 -62.94
CA GLU K 301 -17.11 -80.92 -63.43
C GLU K 301 -17.26 -79.73 -62.49
N PRO K 302 -16.51 -79.71 -61.39
CA PRO K 302 -16.68 -78.64 -60.40
C PRO K 302 -16.44 -77.27 -61.02
N SER K 303 -17.36 -76.35 -60.74
CA SER K 303 -17.38 -75.07 -61.42
C SER K 303 -18.12 -74.02 -60.61
N TYR K 304 -17.56 -72.81 -60.59
CA TYR K 304 -18.25 -71.69 -59.95
C TYR K 304 -19.61 -71.42 -60.58
N ALA K 305 -19.84 -71.85 -61.82
CA ALA K 305 -21.01 -71.44 -62.56
C ALA K 305 -22.19 -72.40 -62.42
N MET K 306 -22.07 -73.41 -61.57
CA MET K 306 -22.94 -74.58 -61.68
C MET K 306 -24.38 -74.36 -61.20
N VAL K 307 -24.68 -73.28 -60.49
CA VAL K 307 -26.05 -73.09 -60.00
C VAL K 307 -26.92 -72.53 -61.12
N GLN K 308 -27.37 -73.41 -62.01
CA GLN K 308 -28.07 -72.96 -63.22
C GLN K 308 -29.52 -72.58 -62.94
N ASN K 309 -30.13 -73.13 -61.90
CA ASN K 309 -31.54 -72.88 -61.60
C ASN K 309 -31.76 -73.46 -60.21
N ARG K 310 -32.96 -73.24 -59.67
CA ARG K 310 -33.19 -73.69 -58.30
C ARG K 310 -33.31 -75.21 -58.21
N ARG K 311 -33.59 -75.89 -59.34
CA ARG K 311 -33.60 -77.34 -59.32
C ARG K 311 -32.23 -77.90 -58.97
N VAL K 312 -31.17 -77.24 -59.42
CA VAL K 312 -29.83 -77.61 -58.98
C VAL K 312 -29.74 -77.60 -57.46
N ILE K 313 -30.35 -76.59 -56.81
CA ILE K 313 -30.26 -76.49 -55.36
C ILE K 313 -31.07 -77.61 -54.70
N HIS K 314 -32.29 -77.86 -55.20
CA HIS K 314 -33.07 -78.96 -54.66
C HIS K 314 -32.32 -80.28 -54.81
N ALA K 315 -31.77 -80.52 -56.01
CA ALA K 315 -31.04 -81.76 -56.25
C ALA K 315 -29.84 -81.90 -55.32
N PHE K 316 -29.21 -80.79 -54.96
CA PHE K 316 -28.09 -80.84 -54.03
C PHE K 316 -28.55 -81.31 -52.66
N ARG K 317 -29.62 -80.70 -52.13
CA ARG K 317 -30.07 -81.12 -50.81
C ARG K 317 -30.57 -82.56 -50.82
N ASP K 318 -31.27 -82.94 -51.89
CA ASP K 318 -31.77 -84.31 -52.00
C ASP K 318 -30.62 -85.32 -52.01
N ALA K 319 -29.47 -84.91 -52.55
CA ALA K 319 -28.32 -85.81 -52.57
C ALA K 319 -27.61 -85.84 -51.22
N LEU K 320 -27.54 -84.70 -50.53
CA LEU K 320 -26.75 -84.61 -49.31
C LEU K 320 -27.52 -85.11 -48.09
N GLN K 321 -28.83 -84.86 -48.04
CA GLN K 321 -29.65 -85.21 -46.90
C GLN K 321 -29.35 -86.61 -46.38
N ILE K 322 -29.65 -87.63 -47.19
CA ILE K 322 -29.44 -89.00 -46.76
C ILE K 322 -27.98 -89.23 -46.37
N ARG K 323 -27.05 -88.63 -47.11
CA ARG K 323 -25.64 -88.83 -46.78
C ARG K 323 -25.32 -88.30 -45.39
N LEU K 324 -25.92 -87.19 -44.99
CA LEU K 324 -25.70 -86.68 -43.64
C LEU K 324 -26.19 -87.70 -42.61
N SER K 325 -27.40 -88.24 -42.82
CA SER K 325 -27.90 -89.29 -41.94
C SER K 325 -26.90 -90.43 -41.85
N GLN K 326 -26.38 -90.88 -43.01
CA GLN K 326 -25.43 -91.98 -43.01
C GLN K 326 -24.19 -91.63 -42.20
N LEU K 327 -23.60 -90.47 -42.46
CA LEU K 327 -22.35 -90.10 -41.79
C LEU K 327 -22.57 -89.91 -40.29
N GLU K 328 -23.73 -89.39 -39.90
CA GLU K 328 -24.00 -89.21 -38.47
C GLU K 328 -24.12 -90.56 -37.78
N ALA K 329 -24.65 -91.58 -38.47
CA ALA K 329 -24.76 -92.92 -37.91
C ALA K 329 -23.43 -93.65 -37.83
N LEU K 330 -22.31 -92.99 -38.19
CA LEU K 330 -21.01 -93.62 -38.20
C LEU K 330 -20.08 -93.06 -37.12
N THR K 331 -20.58 -92.21 -36.23
CA THR K 331 -19.79 -91.71 -35.11
C THR K 331 -20.62 -90.77 -34.26
N PRO K 332 -20.34 -90.65 -32.96
CA PRO K 332 -20.95 -89.61 -32.15
C PRO K 332 -20.13 -88.33 -32.11
N ASP K 333 -18.93 -88.33 -32.66
CA ASP K 333 -18.05 -87.17 -32.68
C ASP K 333 -18.47 -86.23 -33.79
N PRO K 334 -17.95 -85.00 -33.79
CA PRO K 334 -18.41 -84.01 -34.76
C PRO K 334 -17.95 -84.36 -36.17
N ILE K 335 -18.75 -83.93 -37.14
CA ILE K 335 -18.38 -84.03 -38.55
C ILE K 335 -17.68 -82.73 -38.94
N HIS K 336 -16.50 -82.86 -39.53
CA HIS K 336 -15.68 -81.72 -39.94
C HIS K 336 -15.93 -81.46 -41.41
N VAL K 337 -16.34 -80.23 -41.74
CA VAL K 337 -16.80 -79.87 -43.07
C VAL K 337 -15.71 -79.09 -43.77
N PHE K 338 -15.40 -79.47 -45.02
CA PHE K 338 -14.45 -78.75 -45.86
C PHE K 338 -15.17 -78.52 -47.19
N ALA K 339 -15.65 -77.30 -47.42
CA ALA K 339 -16.55 -77.04 -48.53
C ALA K 339 -15.98 -76.00 -49.48
N ALA K 340 -15.94 -76.35 -50.76
CA ALA K 340 -15.81 -75.39 -51.85
C ALA K 340 -17.15 -75.49 -52.57
N ILE K 341 -18.09 -74.62 -52.21
CA ILE K 341 -19.46 -74.71 -52.73
C ILE K 341 -19.99 -73.32 -52.99
N PRO K 342 -20.94 -73.22 -53.93
CA PRO K 342 -21.59 -71.94 -54.18
C PRO K 342 -22.30 -71.41 -52.94
N ALA K 343 -22.50 -70.09 -52.94
CA ALA K 343 -23.13 -69.43 -51.79
C ALA K 343 -24.52 -69.99 -51.53
N ALA K 344 -25.32 -70.17 -52.58
CA ALA K 344 -26.68 -70.66 -52.41
C ALA K 344 -26.72 -72.07 -51.84
N LEU K 345 -25.71 -72.89 -52.15
CA LEU K 345 -25.71 -74.25 -51.62
C LEU K 345 -25.26 -74.27 -50.16
N ALA K 346 -24.38 -73.35 -49.76
CA ALA K 346 -24.03 -73.22 -48.35
C ALA K 346 -25.26 -72.93 -47.50
N ILE K 347 -26.13 -72.02 -47.96
CA ILE K 347 -27.38 -71.78 -47.25
C ILE K 347 -28.20 -73.05 -47.18
N GLU K 348 -28.38 -73.74 -48.31
CA GLU K 348 -29.21 -74.95 -48.32
C GLU K 348 -28.61 -76.02 -47.42
N PHE K 349 -27.28 -76.16 -47.42
CA PHE K 349 -26.64 -77.07 -46.48
C PHE K 349 -27.07 -76.77 -45.05
N GLY K 350 -26.90 -75.52 -44.63
CA GLY K 350 -27.30 -75.14 -43.29
C GLY K 350 -28.75 -75.48 -42.99
N ALA K 351 -29.62 -75.29 -43.99
CA ALA K 351 -31.04 -75.54 -43.78
C ALA K 351 -31.34 -77.00 -43.45
N LEU K 352 -30.42 -77.91 -43.77
CA LEU K 352 -30.62 -79.32 -43.47
C LEU K 352 -30.33 -79.66 -42.02
N LEU K 353 -29.56 -78.83 -41.32
CA LEU K 353 -29.14 -79.10 -39.95
C LEU K 353 -30.12 -78.51 -38.95
N THR K 354 -31.41 -78.82 -39.08
CA THR K 354 -32.47 -78.20 -38.30
C THR K 354 -33.40 -79.26 -37.71
N THR K 355 -32.85 -80.36 -37.20
CA THR K 355 -33.64 -81.40 -36.58
C THR K 355 -33.32 -81.47 -35.09
N GLN K 356 -34.21 -82.11 -34.33
CA GLN K 356 -34.00 -82.31 -32.90
C GLN K 356 -32.88 -83.32 -32.68
N HIS K 357 -32.06 -83.07 -31.65
CA HIS K 357 -30.85 -83.87 -31.42
C HIS K 357 -29.90 -83.76 -32.61
N GLN K 358 -29.76 -82.54 -33.13
CA GLN K 358 -28.91 -82.32 -34.29
C GLN K 358 -27.47 -82.71 -33.96
N HIS K 359 -26.84 -83.41 -34.89
CA HIS K 359 -25.43 -83.75 -34.78
C HIS K 359 -24.56 -82.51 -34.96
N THR K 360 -23.42 -82.49 -34.28
CA THR K 360 -22.53 -81.32 -34.33
C THR K 360 -21.69 -81.34 -35.60
N TYR K 361 -21.66 -80.20 -36.29
CA TYR K 361 -20.86 -80.02 -37.50
C TYR K 361 -19.86 -78.90 -37.25
N LEU K 362 -18.57 -79.20 -37.41
CA LEU K 362 -17.52 -78.20 -37.32
C LEU K 362 -17.14 -77.75 -38.72
N ILE K 363 -17.27 -76.45 -38.99
CA ILE K 363 -17.02 -75.91 -40.32
C ILE K 363 -15.61 -75.34 -40.37
N PHE K 364 -14.81 -75.85 -41.31
CA PHE K 364 -13.50 -75.30 -41.62
C PHE K 364 -13.63 -74.36 -42.82
N ASP K 365 -12.66 -73.46 -42.95
CA ASP K 365 -12.66 -72.56 -44.09
C ASP K 365 -11.23 -72.07 -44.33
N ARG K 366 -11.01 -71.58 -45.55
CA ARG K 366 -9.69 -71.10 -45.95
C ARG K 366 -9.29 -69.90 -45.10
N ASP K 367 -8.05 -69.92 -44.61
CA ASP K 367 -7.54 -68.91 -43.69
C ASP K 367 -6.42 -68.16 -44.39
N LYS K 368 -6.70 -66.91 -44.79
CA LYS K 368 -5.67 -66.16 -45.50
C LYS K 368 -4.53 -65.74 -44.58
N GLU K 369 -4.76 -65.68 -43.27
CA GLU K 369 -3.69 -65.43 -42.32
C GLU K 369 -2.87 -66.68 -42.01
N ASN K 370 -3.18 -67.81 -42.63
CA ASN K 370 -2.41 -69.05 -42.46
C ASN K 370 -2.24 -69.73 -43.83
N GLN K 371 -1.72 -68.97 -44.79
CA GLN K 371 -1.28 -69.51 -46.07
C GLN K 371 -2.35 -70.39 -46.72
N ASP K 372 -3.59 -69.93 -46.67
CA ASP K 372 -4.72 -70.60 -47.31
C ASP K 372 -5.03 -71.98 -46.73
N ARG K 373 -4.44 -72.33 -45.60
CA ARG K 373 -4.81 -73.58 -44.94
C ARG K 373 -6.24 -73.52 -44.44
N PHE K 374 -6.88 -74.68 -44.37
CA PHE K 374 -8.16 -74.78 -43.69
C PHE K 374 -7.94 -74.65 -42.19
N THR K 375 -8.78 -73.84 -41.53
CA THR K 375 -8.80 -73.75 -40.08
C THR K 375 -10.23 -73.77 -39.60
N GLN K 376 -10.41 -74.16 -38.33
CA GLN K 376 -11.74 -74.31 -37.77
C GLN K 376 -12.39 -72.95 -37.55
N THR K 377 -13.69 -72.86 -37.88
CA THR K 377 -14.41 -71.61 -37.66
C THR K 377 -15.65 -71.85 -36.80
N LEU K 378 -16.84 -71.81 -37.41
CA LEU K 378 -18.08 -71.92 -36.64
C LEU K 378 -18.42 -73.37 -36.31
N GLN K 379 -19.14 -73.54 -35.20
CA GLN K 379 -19.71 -74.83 -34.82
C GLN K 379 -21.23 -74.75 -34.98
N LEU K 380 -21.80 -75.72 -35.71
CA LEU K 380 -23.23 -75.80 -35.89
C LEU K 380 -23.78 -77.00 -35.12
N GLY K 381 -24.98 -76.85 -34.57
CA GLY K 381 -25.59 -77.88 -33.79
C GLY K 381 -26.86 -77.39 -33.12
N PRO K 382 -27.39 -78.18 -32.18
CA PRO K 382 -28.63 -77.84 -31.45
C PRO K 382 -28.66 -76.40 -30.94
N ARG L 13 -72.79 -51.98 -62.01
CA ARG L 13 -71.46 -51.70 -62.63
C ARG L 13 -70.89 -50.38 -62.12
N PHE L 14 -69.58 -50.36 -61.91
CA PHE L 14 -68.92 -49.21 -61.32
C PHE L 14 -68.84 -48.06 -62.31
N ASN L 15 -68.96 -46.83 -61.80
CA ASN L 15 -68.97 -45.62 -62.62
C ASN L 15 -67.61 -44.93 -62.51
N THR L 16 -67.11 -44.44 -63.64
CA THR L 16 -65.80 -43.80 -63.68
C THR L 16 -65.78 -42.69 -64.73
N ASN L 17 -65.03 -41.64 -64.42
CA ASN L 17 -64.78 -40.55 -65.36
C ASN L 17 -63.75 -40.98 -66.41
N ASP L 18 -63.84 -40.36 -67.59
CA ASP L 18 -62.90 -40.66 -68.66
C ASP L 18 -61.46 -40.35 -68.25
N GLU L 19 -61.26 -39.58 -67.18
CA GLU L 19 -59.91 -39.32 -66.67
C GLU L 19 -59.44 -40.40 -65.72
N THR L 20 -60.35 -41.02 -64.97
CA THR L 20 -59.97 -42.18 -64.17
C THR L 20 -59.59 -43.36 -65.06
N LYS L 21 -60.24 -43.48 -66.23
CA LYS L 21 -59.87 -44.54 -67.16
C LYS L 21 -58.46 -44.32 -67.71
N ARG L 22 -58.12 -43.08 -68.05
CA ARG L 22 -56.76 -42.75 -68.44
C ARG L 22 -55.77 -43.22 -67.35
N ILE L 23 -56.09 -42.94 -66.10
CA ILE L 23 -55.18 -43.27 -65.00
C ILE L 23 -55.04 -44.77 -64.84
N VAL L 24 -56.16 -45.46 -64.63
CA VAL L 24 -56.12 -46.90 -64.40
C VAL L 24 -55.41 -47.60 -65.56
N TRP L 25 -55.72 -47.20 -66.79
CA TRP L 25 -55.09 -47.84 -67.95
C TRP L 25 -53.58 -47.66 -67.92
N THR L 26 -53.10 -46.50 -67.49
CA THR L 26 -51.66 -46.23 -67.51
C THR L 26 -50.95 -47.05 -66.42
N GLN L 27 -51.48 -47.03 -65.20
CA GLN L 27 -50.77 -47.73 -64.12
C GLN L 27 -50.79 -49.24 -64.30
N THR L 28 -51.74 -49.78 -65.06
CA THR L 28 -51.75 -51.20 -65.40
C THR L 28 -51.07 -51.49 -66.73
N ALA L 29 -50.53 -50.48 -67.40
CA ALA L 29 -49.94 -50.64 -68.72
C ALA L 29 -50.91 -51.23 -69.73
N GLY L 30 -52.21 -51.13 -69.47
CA GLY L 30 -53.18 -51.59 -70.44
C GLY L 30 -53.31 -53.08 -70.57
N HIS L 31 -53.01 -53.82 -69.50
CA HIS L 31 -53.21 -55.26 -69.47
C HIS L 31 -54.25 -55.61 -68.40
N CYS L 32 -54.92 -56.74 -68.61
CA CYS L 32 -55.80 -57.29 -67.59
C CYS L 32 -54.96 -57.78 -66.41
N GLU L 33 -55.34 -57.37 -65.21
CA GLU L 33 -54.52 -57.66 -64.04
C GLU L 33 -54.61 -59.11 -63.59
N LEU L 34 -55.64 -59.85 -64.03
CA LEU L 34 -55.78 -61.23 -63.60
C LEU L 34 -55.16 -62.22 -64.57
N CYS L 35 -55.19 -61.94 -65.88
CA CYS L 35 -54.61 -62.84 -66.87
C CYS L 35 -53.49 -62.22 -67.70
N GLY L 36 -53.39 -60.90 -67.76
CA GLY L 36 -52.30 -60.27 -68.45
C GLY L 36 -52.49 -60.09 -69.94
N THR L 37 -53.70 -60.27 -70.46
CA THR L 37 -53.95 -60.03 -71.88
C THR L 37 -53.70 -58.56 -72.18
N ASP L 38 -53.16 -58.30 -73.38
CA ASP L 38 -52.90 -56.95 -73.84
C ASP L 38 -54.19 -56.36 -74.39
N LEU L 39 -54.79 -55.43 -73.66
CA LEU L 39 -56.07 -54.84 -74.04
C LEU L 39 -55.94 -53.75 -75.08
N THR L 40 -54.74 -53.44 -75.55
CA THR L 40 -54.53 -52.57 -76.70
C THR L 40 -54.42 -53.36 -78.00
N PHE L 41 -54.78 -54.64 -77.98
CA PHE L 41 -54.60 -55.50 -79.15
C PHE L 41 -55.34 -54.96 -80.36
N ASP L 42 -56.56 -54.45 -80.16
CA ASP L 42 -57.31 -53.85 -81.26
C ASP L 42 -56.47 -52.80 -81.98
N TYR L 43 -55.87 -51.88 -81.22
CA TYR L 43 -54.98 -50.89 -81.82
C TYR L 43 -53.87 -51.56 -82.60
N ARG L 44 -53.25 -52.59 -82.02
CA ARG L 44 -52.16 -53.28 -82.71
C ARG L 44 -52.62 -53.90 -84.02
N ALA L 45 -53.91 -54.20 -84.14
CA ALA L 45 -54.48 -54.77 -85.35
C ALA L 45 -54.85 -53.71 -86.38
N GLY L 46 -54.61 -52.44 -86.09
CA GLY L 46 -55.04 -51.37 -86.96
C GLY L 46 -56.50 -50.98 -86.80
N LYS L 47 -57.19 -51.53 -85.82
CA LYS L 47 -58.58 -51.23 -85.55
C LYS L 47 -58.67 -50.10 -84.52
N PRO L 48 -59.82 -49.44 -84.42
CA PRO L 48 -59.95 -48.34 -83.46
C PRO L 48 -59.80 -48.84 -82.03
N MET L 49 -59.62 -47.89 -81.10
CA MET L 49 -59.45 -48.20 -79.68
C MET L 49 -60.70 -47.76 -78.91
N LYS L 50 -61.57 -48.72 -78.62
CA LYS L 50 -62.69 -48.51 -77.71
C LYS L 50 -62.19 -48.84 -76.31
N TRP L 51 -61.73 -47.80 -75.59
CA TRP L 51 -61.22 -48.02 -74.24
C TRP L 51 -62.32 -48.53 -73.32
N GLY L 52 -63.52 -47.96 -73.43
CA GLY L 52 -64.63 -48.35 -72.57
C GLY L 52 -65.33 -49.62 -72.97
N GLU L 53 -64.96 -50.23 -74.11
CA GLU L 53 -65.63 -51.43 -74.58
C GLU L 53 -64.77 -52.68 -74.47
N VAL L 54 -63.44 -52.55 -74.43
CA VAL L 54 -62.58 -53.72 -74.38
C VAL L 54 -62.18 -54.13 -72.97
N ALA L 55 -62.53 -53.33 -71.96
CA ALA L 55 -62.09 -53.61 -70.60
C ALA L 55 -63.09 -53.06 -69.61
N HIS L 56 -63.05 -53.63 -68.41
CA HIS L 56 -63.87 -53.19 -67.29
C HIS L 56 -62.98 -52.65 -66.18
N ILE L 57 -63.48 -51.63 -65.49
CA ILE L 57 -62.84 -51.06 -64.32
C ILE L 57 -63.77 -51.28 -63.14
N LEU L 58 -63.24 -51.91 -62.08
CA LEU L 58 -64.01 -52.17 -60.87
C LEU L 58 -63.11 -52.00 -59.66
N PRO L 59 -63.68 -51.67 -58.50
CA PRO L 59 -62.87 -51.59 -57.28
C PRO L 59 -62.28 -52.94 -56.92
N ALA L 60 -61.09 -52.92 -56.31
CA ALA L 60 -60.40 -54.15 -55.98
C ALA L 60 -60.91 -54.77 -54.69
N SER L 61 -61.42 -53.95 -53.76
CA SER L 61 -61.88 -54.43 -52.46
C SER L 61 -63.39 -54.32 -52.36
N PRO L 62 -64.06 -55.27 -51.68
CA PRO L 62 -65.51 -55.18 -51.49
C PRO L 62 -65.91 -54.13 -50.45
N ASP L 79 -60.03 -42.48 -55.40
CA ASP L 79 -58.84 -43.30 -55.14
C ASP L 79 -58.61 -44.30 -56.27
N THR L 80 -57.74 -43.93 -57.21
CA THR L 80 -57.47 -44.75 -58.39
C THR L 80 -56.53 -45.92 -58.10
N ALA L 81 -55.91 -45.97 -56.92
CA ALA L 81 -55.05 -47.09 -56.58
C ALA L 81 -55.84 -48.32 -56.14
N ASN L 82 -57.14 -48.20 -55.91
CA ASN L 82 -57.98 -49.33 -55.55
C ASN L 82 -58.77 -49.88 -56.74
N LEU L 83 -58.60 -49.30 -57.93
CA LEU L 83 -59.38 -49.66 -59.10
C LEU L 83 -58.58 -50.58 -60.02
N MET L 84 -59.18 -51.71 -60.39
CA MET L 84 -58.54 -52.70 -61.24
C MET L 84 -59.00 -52.55 -62.68
N LEU L 85 -58.21 -53.13 -63.58
CA LEU L 85 -58.53 -53.20 -65.01
C LEU L 85 -58.58 -54.67 -65.38
N LEU L 86 -59.72 -55.11 -65.93
CA LEU L 86 -59.93 -56.51 -66.28
C LEU L 86 -60.45 -56.65 -67.70
N CYS L 87 -59.97 -57.68 -68.40
CA CYS L 87 -60.53 -58.04 -69.70
C CYS L 87 -61.93 -58.63 -69.50
N PRO L 88 -62.74 -58.69 -70.55
CA PRO L 88 -64.13 -59.13 -70.37
C PRO L 88 -64.25 -60.54 -69.79
N GLY L 89 -63.44 -61.48 -70.27
CA GLY L 89 -63.51 -62.83 -69.73
C GLY L 89 -63.27 -62.89 -68.24
N CYS L 90 -62.18 -62.25 -67.79
CA CYS L 90 -61.85 -62.30 -66.37
C CYS L 90 -62.88 -61.55 -65.52
N HIS L 91 -63.44 -60.46 -66.04
CA HIS L 91 -64.48 -59.75 -65.31
C HIS L 91 -65.73 -60.60 -65.16
N ASP L 92 -66.04 -61.41 -66.18
CA ASP L 92 -67.26 -62.21 -66.14
C ASP L 92 -67.22 -63.25 -65.03
N LYS L 93 -66.03 -63.78 -64.72
CA LYS L 93 -65.88 -64.79 -63.68
C LYS L 93 -65.75 -64.21 -62.28
N ILE L 94 -66.10 -62.94 -62.09
CA ILE L 94 -65.86 -62.23 -60.84
C ILE L 94 -67.23 -61.93 -60.21
N ASP L 95 -67.59 -62.69 -59.18
CA ASP L 95 -68.80 -62.39 -58.43
C ASP L 95 -68.76 -60.94 -57.97
N ARG L 96 -69.94 -60.32 -57.90
CA ARG L 96 -70.00 -58.87 -57.78
C ARG L 96 -71.33 -58.48 -57.14
N ASP L 97 -71.34 -57.29 -56.55
CA ASP L 97 -72.49 -56.79 -55.82
C ASP L 97 -73.31 -55.87 -56.72
N ALA L 98 -74.15 -55.03 -56.12
CA ALA L 98 -75.04 -54.15 -56.87
C ALA L 98 -74.27 -53.05 -57.60
N ASP L 99 -73.78 -52.05 -56.86
CA ASP L 99 -73.12 -50.89 -57.45
C ASP L 99 -71.80 -51.24 -58.13
N GLY L 100 -71.45 -52.52 -58.21
CA GLY L 100 -70.33 -52.97 -59.00
C GLY L 100 -69.08 -53.38 -58.22
N TYR L 101 -69.17 -53.62 -56.93
CA TYR L 101 -68.00 -54.01 -56.14
C TYR L 101 -67.91 -55.52 -56.04
N PRO L 102 -66.70 -56.10 -56.05
CA PRO L 102 -66.58 -57.55 -56.05
C PRO L 102 -67.07 -58.15 -54.73
N GLU L 103 -67.25 -59.48 -54.75
CA GLU L 103 -67.66 -60.19 -53.55
C GLU L 103 -66.46 -60.44 -52.64
N ASN L 104 -65.49 -61.22 -53.11
CA ASN L 104 -64.27 -61.46 -52.37
C ASN L 104 -63.36 -60.23 -52.48
N ASP L 105 -62.11 -60.37 -52.07
CA ASP L 105 -61.16 -59.27 -52.07
C ASP L 105 -60.02 -59.57 -53.05
N LEU L 106 -59.70 -58.60 -53.89
CA LEU L 106 -58.63 -58.73 -54.86
C LEU L 106 -57.50 -57.73 -54.65
N SER L 107 -57.58 -56.92 -53.60
CA SER L 107 -56.55 -55.92 -53.34
C SER L 107 -55.16 -56.54 -53.27
N GLY L 108 -55.06 -57.77 -52.78
CA GLY L 108 -53.76 -58.42 -52.71
C GLY L 108 -53.16 -58.67 -54.09
N LEU L 109 -53.97 -59.17 -55.01
CA LEU L 109 -53.50 -59.34 -56.38
C LEU L 109 -53.30 -57.99 -57.06
N HIS L 110 -54.23 -57.05 -56.83
CA HIS L 110 -54.15 -55.74 -57.46
C HIS L 110 -52.83 -55.05 -57.14
N GLN L 111 -52.57 -54.82 -55.85
CA GLN L 111 -51.33 -54.15 -55.48
C GLN L 111 -50.11 -54.95 -55.91
N ALA L 112 -50.19 -56.28 -55.88
CA ALA L 112 -49.09 -57.08 -56.40
C ALA L 112 -48.86 -56.81 -57.88
N TYR L 113 -49.95 -56.75 -58.65
CA TYR L 113 -49.84 -56.44 -60.08
C TYR L 113 -49.21 -55.06 -60.27
N LEU L 114 -49.75 -54.04 -59.59
CA LEU L 114 -49.18 -52.71 -59.72
C LEU L 114 -47.71 -52.69 -59.33
N GLU L 115 -47.33 -53.42 -58.28
CA GLU L 115 -45.93 -53.47 -57.89
C GLU L 115 -45.06 -54.02 -59.01
N ARG L 116 -45.50 -55.09 -59.68
CA ARG L 116 -44.67 -55.67 -60.73
C ARG L 116 -44.49 -54.69 -61.89
N ILE L 117 -45.53 -53.94 -62.23
CA ILE L 117 -45.43 -52.96 -63.30
C ILE L 117 -44.43 -51.87 -62.92
N ARG L 118 -44.56 -51.35 -61.69
CA ARG L 118 -43.70 -50.25 -61.25
C ARG L 118 -42.24 -50.68 -61.24
N LEU L 119 -41.96 -51.92 -60.82
CA LEU L 119 -40.60 -52.41 -60.85
C LEU L 119 -40.06 -52.42 -62.28
N ALA L 120 -40.89 -52.84 -63.24
CA ALA L 120 -40.45 -52.88 -64.62
C ALA L 120 -40.34 -51.49 -65.22
N ALA L 121 -41.30 -50.62 -64.91
CA ALA L 121 -41.30 -49.28 -65.47
C ALA L 121 -40.08 -48.47 -65.01
N THR L 122 -39.55 -48.77 -63.83
CA THR L 122 -38.43 -48.02 -63.29
C THR L 122 -37.08 -48.69 -63.57
N THR L 123 -37.09 -49.82 -64.27
CA THR L 123 -35.84 -50.54 -64.51
C THR L 123 -34.73 -49.65 -65.07
N PRO L 124 -34.99 -48.70 -65.98
CA PRO L 124 -33.88 -47.89 -66.51
C PRO L 124 -33.07 -47.19 -65.43
N ASP L 125 -33.66 -46.83 -64.30
CA ASP L 125 -32.83 -46.22 -63.25
C ASP L 125 -31.90 -47.25 -62.60
N GLY L 126 -32.09 -48.54 -62.91
CA GLY L 126 -31.16 -49.56 -62.47
C GLY L 126 -29.86 -49.59 -63.23
N GLY L 127 -29.72 -48.72 -64.22
CA GLY L 127 -28.53 -48.67 -65.04
C GLY L 127 -27.57 -47.56 -64.71
N ARG L 128 -27.75 -46.86 -63.59
CA ARG L 128 -26.75 -45.88 -63.16
C ARG L 128 -25.39 -46.57 -63.10
N ALA L 129 -24.37 -45.91 -63.63
CA ALA L 129 -23.08 -46.57 -63.79
C ALA L 129 -21.95 -45.56 -63.74
N ILE L 130 -20.76 -46.07 -63.43
CA ILE L 130 -19.52 -45.32 -63.35
C ILE L 130 -18.65 -45.71 -64.54
N PRO L 131 -18.29 -44.78 -65.43
CA PRO L 131 -17.35 -45.14 -66.51
C PRO L 131 -15.92 -45.17 -66.00
N LEU L 132 -15.21 -46.25 -66.32
CA LEU L 132 -13.83 -46.43 -65.86
C LEU L 132 -13.01 -46.92 -67.04
N ILE L 133 -12.04 -46.09 -67.46
CA ILE L 133 -11.10 -46.45 -68.50
C ILE L 133 -9.72 -46.53 -67.86
N VAL L 134 -9.04 -47.64 -68.07
CA VAL L 134 -7.72 -47.88 -67.47
C VAL L 134 -6.78 -48.29 -68.59
N GLN L 135 -5.73 -47.50 -68.80
CA GLN L 135 -4.76 -47.77 -69.84
C GLN L 135 -3.35 -47.67 -69.26
N SER L 136 -2.42 -48.39 -69.90
CA SER L 136 -1.02 -48.10 -69.65
C SER L 136 -0.65 -46.79 -70.33
N GLN L 137 0.39 -46.14 -69.84
CA GLN L 137 0.82 -44.90 -70.48
C GLN L 137 1.15 -45.13 -71.95
N HIS L 138 1.64 -46.32 -72.29
CA HIS L 138 1.97 -46.63 -73.67
C HIS L 138 0.71 -46.60 -74.54
N PHE L 139 -0.29 -47.40 -74.20
CA PHE L 139 -1.50 -47.45 -75.01
C PHE L 139 -2.27 -46.14 -74.96
N GLN L 140 -2.16 -45.40 -73.85
CA GLN L 140 -2.77 -44.08 -73.80
C GLN L 140 -2.16 -43.18 -74.87
N THR L 141 -0.84 -43.24 -75.04
CA THR L 141 -0.18 -42.47 -76.08
C THR L 141 -0.60 -42.95 -77.46
N ILE L 142 -0.50 -44.27 -77.70
CA ILE L 142 -0.69 -44.80 -79.05
C ILE L 142 -2.16 -44.90 -79.42
N ASN L 143 -3.01 -45.29 -78.47
CA ASN L 143 -4.37 -45.67 -78.76
C ASN L 143 -5.29 -45.22 -77.62
N ASP L 144 -5.34 -43.91 -77.39
CA ASP L 144 -6.15 -43.39 -76.29
C ASP L 144 -7.61 -43.73 -76.54
N ILE L 145 -8.29 -44.16 -75.47
CA ILE L 145 -9.73 -44.42 -75.50
C ILE L 145 -10.43 -43.23 -74.86
N PRO L 146 -11.21 -42.45 -75.59
CA PRO L 146 -11.92 -41.33 -74.96
C PRO L 146 -13.18 -41.77 -74.24
N VAL L 147 -13.47 -41.08 -73.13
CA VAL L 147 -14.64 -41.39 -72.33
C VAL L 147 -15.90 -41.40 -73.18
N ARG L 148 -15.99 -40.48 -74.16
CA ARG L 148 -17.18 -40.40 -75.00
C ARG L 148 -17.47 -41.72 -75.70
N ASP L 149 -16.43 -42.46 -76.07
CA ASP L 149 -16.64 -43.73 -76.77
C ASP L 149 -17.16 -44.80 -75.82
N LEU L 150 -16.71 -44.80 -74.58
CA LEU L 150 -17.28 -45.73 -73.61
C LEU L 150 -18.70 -45.34 -73.26
N LEU L 151 -18.96 -44.04 -73.14
CA LEU L 151 -20.29 -43.57 -72.75
C LEU L 151 -21.34 -43.98 -73.77
N THR L 152 -21.04 -43.90 -75.06
CA THR L 152 -22.05 -44.30 -76.04
C THR L 152 -22.19 -45.81 -76.10
N ALA L 153 -21.11 -46.55 -75.83
CA ALA L 153 -21.24 -48.00 -75.68
C ALA L 153 -22.06 -48.35 -74.45
N MET L 154 -21.84 -47.64 -73.34
CA MET L 154 -22.65 -47.84 -72.15
C MET L 154 -24.11 -47.51 -72.43
N SER L 155 -24.35 -46.37 -73.07
CA SER L 155 -25.72 -45.88 -73.27
C SER L 155 -26.53 -46.85 -74.12
N ALA L 156 -25.92 -47.42 -75.16
CA ALA L 156 -26.64 -48.39 -75.99
C ALA L 156 -27.18 -49.56 -75.18
N GLU L 157 -26.48 -49.94 -74.10
CA GLU L 157 -26.90 -51.05 -73.25
C GLU L 157 -27.75 -50.60 -72.06
N GLY L 158 -28.09 -49.33 -71.97
CA GLY L 158 -28.91 -48.86 -70.86
C GLY L 158 -28.14 -48.49 -69.61
N LEU L 159 -26.82 -48.43 -69.68
CA LEU L 159 -26.01 -47.94 -68.57
C LEU L 159 -25.90 -46.43 -68.69
N THR L 160 -26.36 -45.72 -67.67
CA THR L 160 -26.44 -44.26 -67.69
C THR L 160 -25.50 -43.71 -66.64
N ALA L 161 -24.44 -43.03 -67.09
CA ALA L 161 -23.56 -42.31 -66.20
C ALA L 161 -24.20 -40.99 -65.79
N PHE L 162 -23.79 -40.50 -64.62
CA PHE L 162 -24.33 -39.28 -64.04
C PHE L 162 -23.24 -38.28 -63.64
N ASP L 163 -21.98 -38.60 -63.87
CA ASP L 163 -20.87 -37.72 -63.52
C ASP L 163 -19.75 -37.97 -64.51
N GLN L 164 -18.63 -37.27 -64.31
CA GLN L 164 -17.48 -37.43 -65.19
C GLN L 164 -16.95 -38.87 -65.09
N GLY L 165 -16.55 -39.41 -66.23
CA GLY L 165 -15.97 -40.73 -66.23
C GLY L 165 -14.57 -40.73 -65.65
N ILE L 166 -14.24 -41.85 -65.01
CA ILE L 166 -12.89 -42.07 -64.47
C ILE L 166 -12.02 -42.58 -65.60
N LYS L 167 -10.94 -41.87 -65.90
CA LYS L 167 -9.97 -42.28 -66.90
C LYS L 167 -8.59 -42.14 -66.26
N ILE L 168 -7.93 -43.26 -66.01
CA ILE L 168 -6.66 -43.26 -65.30
C ILE L 168 -5.63 -44.04 -66.09
N ALA L 169 -4.37 -43.90 -65.68
CA ALA L 169 -3.25 -44.52 -66.33
C ALA L 169 -2.32 -45.06 -65.26
N PHE L 170 -1.87 -46.30 -65.42
CA PHE L 170 -1.03 -46.93 -64.42
C PHE L 170 0.25 -46.13 -64.23
N ALA L 171 0.61 -45.89 -62.97
CA ALA L 171 1.87 -45.23 -62.66
C ALA L 171 3.01 -45.90 -63.41
N ALA L 172 3.87 -45.09 -64.00
CA ALA L 172 5.12 -45.61 -64.53
C ALA L 172 6.00 -46.07 -63.36
N PRO L 173 6.64 -47.22 -63.47
CA PRO L 173 7.32 -47.79 -62.30
C PRO L 173 8.59 -47.02 -61.96
N GLY L 174 8.85 -46.90 -60.66
CA GLY L 174 10.06 -46.31 -60.17
C GLY L 174 11.26 -47.19 -60.41
N PRO L 175 12.39 -46.86 -59.78
CA PRO L 175 13.62 -47.62 -60.04
C PRO L 175 13.60 -49.03 -59.45
N ARG L 176 12.81 -49.27 -58.39
CA ARG L 176 12.68 -50.62 -57.86
C ARG L 176 11.90 -51.54 -58.80
N GLY L 177 11.22 -50.99 -59.79
CA GLY L 177 10.45 -51.80 -60.72
C GLY L 177 9.03 -52.04 -60.26
N ARG L 178 8.38 -52.99 -60.94
CA ARG L 178 7.01 -53.36 -60.61
C ARG L 178 7.04 -54.47 -59.56
N ASP L 179 7.48 -54.09 -58.38
CA ASP L 179 7.62 -55.00 -57.25
C ASP L 179 6.27 -55.12 -56.53
N THR L 180 6.27 -55.83 -55.40
CA THR L 180 5.06 -55.96 -54.61
C THR L 180 4.51 -54.59 -54.22
N THR L 181 5.38 -53.73 -53.69
CA THR L 181 4.92 -52.39 -53.29
C THR L 181 4.26 -51.68 -54.46
N TYR L 182 4.85 -51.78 -55.66
CA TYR L 182 4.26 -51.11 -56.80
C TYR L 182 2.84 -51.61 -57.06
N TRP L 183 2.67 -52.93 -57.14
CA TRP L 183 1.35 -53.48 -57.45
C TRP L 183 0.35 -53.20 -56.33
N GLN L 184 0.82 -53.07 -55.09
CA GLN L 184 -0.09 -52.74 -54.01
C GLN L 184 -0.60 -51.31 -54.15
N ASN L 185 0.25 -50.40 -54.62
CA ASN L 185 -0.19 -49.02 -54.81
C ASN L 185 -1.11 -48.88 -56.01
N VAL L 186 -0.89 -49.67 -57.06
CA VAL L 186 -1.83 -49.71 -58.17
C VAL L 186 -3.22 -50.10 -57.68
N LYS L 187 -3.29 -51.18 -56.89
CA LYS L 187 -4.57 -51.68 -56.42
C LYS L 187 -5.24 -50.69 -55.47
N ASP L 188 -4.47 -50.12 -54.53
CA ASP L 188 -5.04 -49.11 -53.64
C ASP L 188 -5.58 -47.92 -54.43
N SER L 189 -4.80 -47.43 -55.39
CA SER L 189 -5.25 -46.32 -56.22
C SER L 189 -6.57 -46.64 -56.92
N VAL L 190 -6.66 -47.82 -57.54
CA VAL L 190 -7.86 -48.17 -58.30
C VAL L 190 -9.05 -48.31 -57.36
N GLN L 191 -8.87 -49.07 -56.28
CA GLN L 191 -9.98 -49.31 -55.35
C GLN L 191 -10.42 -48.03 -54.65
N TYR L 192 -9.50 -47.09 -54.44
CA TYR L 192 -9.88 -45.81 -53.87
C TYR L 192 -10.77 -45.02 -54.82
N GLU L 193 -10.32 -44.82 -56.05
CA GLU L 193 -11.17 -44.15 -57.03
C GLU L 193 -12.52 -44.84 -57.14
N LEU L 194 -12.52 -46.17 -57.08
CA LEU L 194 -13.75 -46.92 -57.28
C LEU L 194 -14.67 -46.81 -56.09
N GLU L 195 -14.12 -46.88 -54.88
CA GLU L 195 -14.95 -46.75 -53.68
C GLU L 195 -15.68 -45.41 -53.67
N GLN L 196 -14.95 -44.33 -53.90
CA GLN L 196 -15.54 -43.00 -53.79
C GLN L 196 -16.69 -42.79 -54.76
N GLN L 197 -16.76 -43.55 -55.85
CA GLN L 197 -17.89 -43.44 -56.77
C GLN L 197 -19.01 -44.40 -56.41
N LEU L 198 -18.67 -45.57 -55.89
CA LEU L 198 -19.70 -46.50 -55.41
C LEU L 198 -20.45 -45.96 -54.20
N LYS L 199 -19.93 -44.91 -53.55
CA LYS L 199 -20.72 -44.22 -52.54
C LYS L 199 -21.86 -43.44 -53.18
N ARG L 200 -21.80 -43.20 -54.49
CA ARG L 200 -22.82 -42.43 -55.19
C ARG L 200 -24.07 -43.31 -55.42
N ARG L 201 -24.69 -43.70 -54.30
CA ARG L 201 -25.88 -44.53 -54.39
C ARG L 201 -27.06 -43.71 -54.89
N GLY L 202 -28.01 -44.40 -55.50
CA GLY L 202 -29.14 -43.69 -56.07
C GLY L 202 -30.18 -44.67 -56.58
N GLY L 203 -31.06 -44.15 -57.41
CA GLY L 203 -32.09 -44.97 -57.99
C GLY L 203 -33.21 -45.23 -56.99
N THR L 204 -34.05 -46.21 -57.35
CA THR L 204 -35.27 -46.48 -56.61
C THR L 204 -35.00 -47.09 -55.24
N TYR L 205 -33.92 -47.87 -55.11
CA TYR L 205 -33.68 -48.64 -53.89
C TYR L 205 -32.36 -48.29 -53.21
N GLY L 206 -31.66 -47.26 -53.67
CA GLY L 206 -30.41 -46.89 -53.03
C GLY L 206 -29.26 -47.80 -53.33
N ASP L 207 -29.32 -48.54 -54.43
CA ASP L 207 -28.22 -49.39 -54.83
C ASP L 207 -27.01 -48.57 -55.26
N SER L 208 -25.82 -49.11 -55.01
CA SER L 208 -24.61 -48.56 -55.60
C SER L 208 -24.72 -48.62 -57.13
N PRO L 209 -24.07 -47.71 -57.84
CA PRO L 209 -24.12 -47.78 -59.30
C PRO L 209 -23.26 -48.93 -59.81
N ALA L 210 -23.57 -49.35 -61.03
CA ALA L 210 -22.77 -50.34 -61.72
C ALA L 210 -21.43 -49.75 -62.14
N LEU L 211 -20.47 -50.61 -62.37
CA LEU L 211 -19.16 -50.23 -62.89
C LEU L 211 -19.06 -50.70 -64.33
N ALA L 212 -18.77 -49.76 -65.23
CA ALA L 212 -18.47 -50.06 -66.63
C ALA L 212 -16.99 -49.81 -66.85
N VAL L 213 -16.25 -50.86 -67.17
CA VAL L 213 -14.80 -50.79 -67.19
C VAL L 213 -14.27 -51.36 -68.50
N VAL L 214 -13.33 -50.64 -69.09
CA VAL L 214 -12.55 -51.13 -70.22
C VAL L 214 -11.09 -50.90 -69.88
N GLY L 215 -10.25 -51.87 -70.20
CA GLY L 215 -8.82 -51.76 -69.95
C GLY L 215 -8.05 -52.03 -71.20
N LEU L 216 -6.96 -51.29 -71.38
CA LEU L 216 -6.01 -51.54 -72.46
C LEU L 216 -4.63 -51.24 -71.89
N ALA L 217 -3.93 -52.30 -71.51
CA ALA L 217 -2.62 -52.18 -70.88
C ALA L 217 -1.94 -53.54 -70.99
N ASP L 218 -0.72 -53.63 -70.50
CA ASP L 218 -0.06 -54.92 -70.44
C ASP L 218 -0.91 -55.89 -69.63
N ILE L 219 -0.74 -57.18 -69.91
CA ILE L 219 -1.62 -58.19 -69.29
C ILE L 219 -1.45 -58.22 -67.78
N PRO L 220 -0.25 -58.11 -67.21
CA PRO L 220 -0.15 -58.14 -65.74
C PRO L 220 -0.89 -56.99 -65.08
N ALA L 221 -0.89 -55.82 -65.70
CA ALA L 221 -1.59 -54.67 -65.12
C ALA L 221 -3.10 -54.85 -65.24
N LEU L 222 -3.57 -55.45 -66.34
CA LEU L 222 -5.00 -55.72 -66.47
C LEU L 222 -5.47 -56.79 -65.49
N MET L 223 -4.62 -57.77 -65.20
CA MET L 223 -4.97 -58.74 -64.16
C MET L 223 -5.10 -58.05 -62.81
N MET L 224 -4.20 -57.12 -62.51
CA MET L 224 -4.31 -56.37 -61.27
C MET L 224 -5.58 -55.52 -61.26
N LEU L 225 -5.97 -54.97 -62.42
CA LEU L 225 -7.25 -54.29 -62.49
C LEU L 225 -8.39 -55.23 -62.11
N GLY L 226 -8.33 -56.47 -62.59
CA GLY L 226 -9.32 -57.46 -62.17
C GLY L 226 -9.25 -57.75 -60.68
N GLN L 227 -8.04 -57.88 -60.14
CA GLN L 227 -7.89 -58.06 -58.70
C GLN L 227 -8.59 -56.95 -57.92
N SER L 228 -8.62 -55.75 -58.51
CA SER L 228 -9.11 -54.57 -57.82
C SER L 228 -10.63 -54.50 -57.82
N ILE L 229 -11.27 -54.94 -58.90
CA ILE L 229 -12.72 -54.75 -59.05
C ILE L 229 -13.46 -56.01 -58.62
N GLY L 230 -12.83 -57.17 -58.77
CA GLY L 230 -13.50 -58.41 -58.41
C GLY L 230 -14.64 -58.73 -59.36
N ASP L 231 -15.48 -59.69 -58.93
CA ASP L 231 -16.57 -60.15 -59.76
C ASP L 231 -17.84 -60.39 -58.96
N ARG L 232 -18.04 -59.63 -57.88
CA ARG L 232 -19.16 -59.81 -56.95
C ARG L 232 -19.89 -58.50 -56.73
N SER L 233 -20.16 -57.81 -57.83
CA SER L 233 -20.94 -56.57 -57.83
C SER L 233 -21.49 -56.38 -59.24
N LYS L 234 -22.37 -55.40 -59.39
CA LYS L 234 -22.88 -55.10 -60.72
C LYS L 234 -21.76 -54.41 -61.49
N ARG L 235 -21.11 -55.17 -62.38
CA ARG L 235 -20.08 -54.67 -63.26
C ARG L 235 -20.31 -55.25 -64.64
N LEU L 236 -20.03 -54.45 -65.66
N LEU L 236 -20.02 -54.45 -65.67
CA LEU L 236 -20.03 -54.88 -67.04
CA LEU L 236 -20.04 -54.90 -67.05
C LEU L 236 -18.70 -54.48 -67.65
C LEU L 236 -18.74 -54.48 -67.72
N ILE L 237 -17.96 -55.45 -68.16
CA ILE L 237 -16.71 -55.18 -68.83
C ILE L 237 -17.03 -54.77 -70.26
N PHE L 238 -16.27 -53.81 -70.77
CA PHE L 238 -16.28 -53.47 -72.19
C PHE L 238 -14.91 -53.81 -72.76
N SER L 239 -14.89 -54.01 -74.08
CA SER L 239 -13.71 -54.48 -74.79
C SER L 239 -13.40 -53.54 -75.93
N PHE L 240 -12.13 -53.15 -76.05
CA PHE L 240 -11.68 -52.40 -77.21
C PHE L 240 -11.27 -53.37 -78.31
N HIS L 241 -11.80 -53.14 -79.52
CA HIS L 241 -11.68 -54.04 -80.64
C HIS L 241 -11.03 -53.29 -81.78
N ARG L 242 -9.95 -53.85 -82.34
CA ARG L 242 -9.26 -53.19 -83.44
C ARG L 242 -10.22 -52.78 -84.55
N GLU L 243 -11.19 -53.64 -84.87
CA GLU L 243 -12.15 -53.35 -85.93
C GLU L 243 -13.34 -52.54 -85.42
N HIS L 244 -14.11 -53.09 -84.49
CA HIS L 244 -15.36 -52.47 -84.06
C HIS L 244 -15.19 -51.56 -82.85
N LEU L 245 -13.95 -51.24 -82.47
CA LEU L 245 -13.70 -50.34 -81.35
C LEU L 245 -14.44 -50.82 -80.10
N LEU L 246 -15.05 -49.91 -79.35
CA LEU L 246 -15.66 -50.31 -78.09
C LEU L 246 -17.02 -50.99 -78.28
N ARG L 247 -17.52 -51.10 -79.50
CA ARG L 247 -18.79 -51.77 -79.74
C ARG L 247 -18.56 -53.27 -79.95
N TRP L 248 -19.54 -54.06 -79.59
CA TRP L 248 -19.40 -55.51 -79.68
C TRP L 248 -19.45 -55.94 -81.15
N PRO L 249 -18.50 -56.75 -81.62
CA PRO L 249 -18.52 -57.14 -83.04
C PRO L 249 -19.80 -57.86 -83.46
N ASP L 250 -20.37 -58.68 -82.59
CA ASP L 250 -21.50 -59.52 -82.99
C ASP L 250 -22.19 -60.05 -81.74
N GLN L 251 -23.32 -59.44 -81.38
CA GLN L 251 -24.03 -59.82 -80.17
C GLN L 251 -24.58 -61.24 -80.21
N SER L 252 -24.80 -61.78 -81.41
CA SER L 252 -25.40 -63.10 -81.56
C SER L 252 -24.38 -64.22 -81.63
N ALA L 253 -23.09 -63.90 -81.63
CA ALA L 253 -22.08 -64.93 -81.82
C ALA L 253 -22.03 -65.88 -80.64
N GLU L 254 -22.04 -67.16 -80.93
CA GLU L 254 -21.83 -68.15 -79.88
C GLU L 254 -20.36 -68.17 -79.48
N PRO L 255 -20.05 -68.34 -78.20
CA PRO L 255 -18.64 -68.36 -77.80
C PRO L 255 -17.95 -69.62 -78.31
N PRO L 256 -16.63 -69.60 -78.41
CA PRO L 256 -15.90 -70.78 -78.91
C PRO L 256 -15.76 -71.83 -77.81
N SER L 257 -15.38 -73.03 -78.23
CA SER L 257 -14.97 -74.07 -77.30
C SER L 257 -13.57 -73.76 -76.81
N PHE L 258 -13.33 -73.95 -75.52
CA PHE L 258 -12.04 -73.71 -74.91
C PHE L 258 -11.37 -75.07 -74.71
N LEU L 259 -10.48 -75.40 -75.65
CA LEU L 259 -9.82 -76.69 -75.67
C LEU L 259 -8.72 -76.74 -74.62
N PHE L 260 -8.53 -77.91 -74.02
CA PHE L 260 -7.58 -78.07 -72.94
C PHE L 260 -6.73 -79.31 -73.17
N THR L 261 -5.41 -79.12 -73.11
CA THR L 261 -4.48 -80.24 -73.06
C THR L 261 -3.90 -80.29 -71.66
N PRO L 262 -4.10 -81.37 -70.89
CA PRO L 262 -3.57 -81.41 -69.53
C PRO L 262 -2.06 -81.52 -69.55
N PRO L 263 -1.40 -81.15 -68.46
CA PRO L 263 0.07 -81.16 -68.44
C PRO L 263 0.61 -82.58 -68.47
N PRO L 264 1.85 -82.76 -68.91
CA PRO L 264 2.43 -84.11 -68.90
C PRO L 264 2.86 -84.53 -67.51
N ASN L 265 2.84 -85.85 -67.29
CA ASN L 265 3.27 -86.42 -66.02
C ASN L 265 4.68 -85.96 -65.69
N GLY L 266 4.92 -85.67 -64.41
CA GLY L 266 6.23 -85.28 -63.95
C GLY L 266 6.12 -84.45 -62.69
N ASP L 267 7.24 -83.81 -62.33
CA ASP L 267 7.22 -82.93 -61.17
C ASP L 267 7.97 -81.61 -61.42
N GLY L 268 8.15 -81.21 -62.67
CA GLY L 268 8.68 -79.91 -62.98
C GLY L 268 7.65 -78.82 -62.78
N PRO L 269 8.09 -77.57 -62.87
CA PRO L 269 7.17 -76.45 -62.62
C PRO L 269 5.96 -76.50 -63.53
N LEU L 270 4.78 -76.31 -62.94
CA LEU L 270 3.54 -76.35 -63.71
C LEU L 270 3.32 -75.01 -64.40
N ALA L 271 3.04 -75.06 -65.70
CA ALA L 271 2.81 -73.86 -66.50
C ALA L 271 1.45 -73.94 -67.16
N LEU L 272 0.71 -72.84 -67.12
CA LEU L 272 -0.55 -72.69 -67.83
C LEU L 272 -0.32 -71.72 -68.98
N VAL L 273 -0.51 -72.21 -70.20
CA VAL L 273 -0.35 -71.42 -71.43
C VAL L 273 -1.74 -71.15 -71.98
N LEU L 274 -2.05 -69.87 -72.21
CA LEU L 274 -3.34 -69.45 -72.74
C LEU L 274 -3.11 -68.97 -74.17
N SER L 275 -3.44 -69.82 -75.14
CA SER L 275 -3.29 -69.49 -76.56
C SER L 275 -4.67 -69.14 -77.11
N ILE L 276 -5.08 -67.89 -76.85
CA ILE L 276 -6.41 -67.40 -77.18
C ILE L 276 -6.37 -66.35 -78.27
N SER L 277 -5.50 -65.34 -78.10
CA SER L 277 -5.27 -64.38 -79.18
C SER L 277 -4.40 -64.96 -80.28
N ALA L 278 -3.53 -65.91 -79.92
CA ALA L 278 -2.48 -66.43 -80.79
C ALA L 278 -1.88 -67.63 -80.10
N GLN L 279 -1.06 -68.38 -80.84
CA GLN L 279 -0.45 -69.59 -80.32
C GLN L 279 0.88 -69.24 -79.66
N VAL L 280 1.00 -69.58 -78.38
CA VAL L 280 2.23 -69.33 -77.63
C VAL L 280 3.23 -70.44 -77.98
N PRO L 281 4.48 -70.11 -78.33
CA PRO L 281 5.43 -71.17 -78.72
C PRO L 281 6.03 -71.84 -77.49
N VAL L 282 5.99 -73.18 -77.48
CA VAL L 282 6.56 -73.93 -76.36
C VAL L 282 7.97 -73.46 -76.05
N ARG L 283 8.80 -73.28 -77.09
CA ARG L 283 10.17 -72.86 -76.85
C ARG L 283 10.23 -71.59 -76.01
N ASP L 284 9.30 -70.67 -76.23
CA ASP L 284 9.31 -69.43 -75.47
C ASP L 284 8.99 -69.66 -73.99
N VAL L 285 8.23 -70.70 -73.69
CA VAL L 285 7.91 -71.00 -72.30
C VAL L 285 9.07 -71.70 -71.62
N THR L 286 9.68 -72.69 -72.29
CA THR L 286 10.73 -73.45 -71.63
C THR L 286 12.02 -72.66 -71.51
N ASP L 287 12.28 -71.72 -72.42
CA ASP L 287 13.44 -70.86 -72.25
C ASP L 287 13.31 -70.01 -70.98
N ALA L 288 12.08 -69.63 -70.64
CA ALA L 288 11.82 -68.83 -69.45
C ALA L 288 11.59 -69.65 -68.20
N LEU L 289 11.23 -70.93 -68.36
CA LEU L 289 10.92 -71.81 -67.24
C LEU L 289 11.41 -73.21 -67.58
N PRO L 290 12.70 -73.47 -67.38
CA PRO L 290 13.24 -74.78 -67.77
C PRO L 290 12.51 -75.92 -67.07
N GLY L 291 12.15 -76.94 -67.84
CA GLY L 291 11.45 -78.08 -67.31
C GLY L 291 9.95 -77.92 -67.19
N ALA L 292 9.40 -76.81 -67.71
CA ALA L 292 7.98 -76.54 -67.58
C ALA L 292 7.15 -77.72 -68.06
N ARG L 293 6.12 -78.07 -67.28
CA ARG L 293 5.11 -79.02 -67.69
C ARG L 293 3.90 -78.20 -68.11
N ILE L 294 3.65 -78.14 -69.40
CA ILE L 294 2.71 -77.17 -69.96
C ILE L 294 1.32 -77.79 -70.06
N ALA L 295 0.36 -77.17 -69.39
CA ALA L 295 -1.06 -77.34 -69.67
C ALA L 295 -1.50 -76.12 -70.47
N GLU L 296 -2.38 -76.34 -71.44
CA GLU L 296 -2.74 -75.28 -72.37
C GLU L 296 -4.26 -75.18 -72.51
N LEU L 297 -4.76 -73.95 -72.41
CA LEU L 297 -6.12 -73.61 -72.78
C LEU L 297 -6.05 -72.80 -74.07
N SER L 298 -6.84 -73.15 -75.06
CA SER L 298 -6.82 -72.46 -76.34
C SER L 298 -8.23 -72.51 -76.93
N ILE L 299 -8.36 -71.93 -78.12
CA ILE L 299 -9.57 -72.03 -78.93
C ILE L 299 -9.17 -72.64 -80.26
N PRO L 300 -10.13 -73.19 -81.01
CA PRO L 300 -9.77 -73.82 -82.29
C PRO L 300 -9.02 -72.88 -83.22
N GLU L 301 -9.37 -71.60 -83.23
CA GLU L 301 -8.78 -70.60 -84.12
C GLU L 301 -8.35 -69.37 -83.33
N PRO L 302 -7.20 -69.42 -82.68
CA PRO L 302 -6.70 -68.25 -81.94
C PRO L 302 -6.79 -66.99 -82.81
N SER L 303 -7.30 -65.92 -82.21
CA SER L 303 -7.56 -64.71 -82.98
C SER L 303 -7.57 -63.51 -82.06
N TYR L 304 -6.96 -62.42 -82.53
CA TYR L 304 -7.00 -61.15 -81.80
C TYR L 304 -8.40 -60.58 -81.72
N ALA L 305 -9.31 -61.04 -82.57
CA ALA L 305 -10.65 -60.45 -82.69
C ALA L 305 -11.73 -61.28 -82.02
N MET L 306 -11.36 -62.24 -81.16
CA MET L 306 -12.30 -63.25 -80.72
C MET L 306 -13.30 -62.76 -79.68
N VAL L 307 -13.06 -61.61 -79.05
CA VAL L 307 -14.04 -61.11 -78.09
C VAL L 307 -15.21 -60.51 -78.84
N GLN L 308 -16.10 -61.38 -79.34
CA GLN L 308 -17.22 -60.95 -80.17
C GLN L 308 -18.35 -60.32 -79.36
N ASN L 309 -18.46 -60.68 -78.10
CA ASN L 309 -19.47 -60.12 -77.20
C ASN L 309 -19.06 -60.46 -75.77
N ARG L 310 -19.83 -59.94 -74.81
CA ARG L 310 -19.47 -60.15 -73.41
C ARG L 310 -19.62 -61.61 -73.01
N ARG L 311 -20.56 -62.35 -73.60
CA ARG L 311 -20.70 -63.76 -73.27
C ARG L 311 -19.41 -64.54 -73.51
N VAL L 312 -18.61 -64.12 -74.50
CA VAL L 312 -17.32 -64.77 -74.73
C VAL L 312 -16.43 -64.61 -73.51
N ILE L 313 -16.49 -63.45 -72.87
CA ILE L 313 -15.69 -63.21 -71.67
C ILE L 313 -16.13 -64.14 -70.55
N HIS L 314 -17.45 -64.25 -70.33
CA HIS L 314 -17.93 -65.12 -69.28
C HIS L 314 -17.60 -66.58 -69.57
N ALA L 315 -17.77 -67.00 -70.83
CA ALA L 315 -17.45 -68.37 -71.20
C ALA L 315 -15.98 -68.68 -70.98
N PHE L 316 -15.10 -67.72 -71.27
CA PHE L 316 -13.68 -67.93 -71.00
C PHE L 316 -13.44 -68.12 -69.51
N ARG L 317 -14.00 -67.24 -68.67
CA ARG L 317 -13.83 -67.39 -67.24
C ARG L 317 -14.33 -68.76 -66.78
N ASP L 318 -15.46 -69.21 -67.31
CA ASP L 318 -16.03 -70.48 -66.87
C ASP L 318 -15.12 -71.65 -67.21
N ALA L 319 -14.63 -71.68 -68.45
CA ALA L 319 -13.72 -72.76 -68.84
C ALA L 319 -12.42 -72.67 -68.07
N LEU L 320 -11.89 -71.46 -67.91
CA LEU L 320 -10.64 -71.27 -67.19
C LEU L 320 -10.73 -71.80 -65.76
N GLN L 321 -11.79 -71.42 -65.03
CA GLN L 321 -11.89 -71.80 -63.64
C GLN L 321 -12.02 -73.32 -63.47
N ILE L 322 -12.80 -73.95 -64.35
CA ILE L 322 -12.93 -75.41 -64.32
C ILE L 322 -11.55 -76.05 -64.40
N ARG L 323 -10.68 -75.49 -65.25
CA ARG L 323 -9.35 -76.07 -65.46
C ARG L 323 -8.37 -75.69 -64.36
N LEU L 324 -8.48 -74.48 -63.81
CA LEU L 324 -7.59 -74.11 -62.71
C LEU L 324 -7.83 -75.00 -61.50
N SER L 325 -9.11 -75.33 -61.23
CA SER L 325 -9.43 -76.27 -60.16
C SER L 325 -8.76 -77.61 -60.39
N GLN L 326 -8.75 -78.09 -61.64
CA GLN L 326 -8.09 -79.35 -61.95
C GLN L 326 -6.59 -79.23 -61.72
N LEU L 327 -5.99 -78.15 -62.22
CA LEU L 327 -4.54 -77.99 -62.10
C LEU L 327 -4.13 -77.84 -60.64
N GLU L 328 -4.86 -77.03 -59.87
CA GLU L 328 -4.49 -76.81 -58.47
C GLU L 328 -4.60 -78.10 -57.66
N ALA L 329 -5.53 -78.99 -58.04
CA ALA L 329 -5.62 -80.26 -57.35
C ALA L 329 -4.39 -81.12 -57.58
N LEU L 330 -3.64 -80.88 -58.65
CA LEU L 330 -2.50 -81.70 -58.97
C LEU L 330 -1.27 -81.36 -58.14
N THR L 331 -1.17 -80.13 -57.65
CA THR L 331 0.05 -79.70 -56.97
C THR L 331 -0.29 -78.54 -56.06
N PRO L 332 0.38 -78.42 -54.92
CA PRO L 332 0.30 -77.17 -54.14
C PRO L 332 1.27 -76.10 -54.61
N ASP L 333 2.16 -76.41 -55.55
CA ASP L 333 3.18 -75.46 -55.99
C ASP L 333 2.56 -74.38 -56.87
N PRO L 334 3.30 -73.30 -57.13
CA PRO L 334 2.74 -72.21 -57.95
C PRO L 334 2.46 -72.68 -59.38
N ILE L 335 1.53 -71.98 -60.02
CA ILE L 335 1.20 -72.17 -61.43
C ILE L 335 1.73 -70.96 -62.19
N HIS L 336 2.47 -71.22 -63.27
CA HIS L 336 3.12 -70.17 -64.04
C HIS L 336 2.30 -69.89 -65.28
N VAL L 337 1.87 -68.64 -65.45
CA VAL L 337 0.91 -68.25 -66.46
C VAL L 337 1.62 -67.55 -67.60
N PHE L 338 1.51 -68.13 -68.80
CA PHE L 338 2.02 -67.55 -70.03
C PHE L 338 0.81 -67.30 -70.93
N ALA L 339 0.34 -66.05 -70.97
CA ALA L 339 -0.96 -65.75 -71.54
C ALA L 339 -0.85 -64.90 -72.79
N ALA L 340 -1.47 -65.37 -73.87
CA ALA L 340 -1.74 -64.58 -75.06
C ALA L 340 -3.27 -64.47 -75.15
N ILE L 341 -3.81 -63.43 -74.54
CA ILE L 341 -5.27 -63.26 -74.45
C ILE L 341 -5.63 -61.81 -74.68
N PRO L 342 -6.83 -61.56 -75.21
CA PRO L 342 -7.32 -60.18 -75.31
C PRO L 342 -7.36 -59.51 -73.94
N ALA L 343 -7.44 -58.18 -73.97
CA ALA L 343 -7.33 -57.39 -72.75
C ALA L 343 -8.51 -57.62 -71.82
N ALA L 344 -9.71 -57.75 -72.40
CA ALA L 344 -10.89 -58.01 -71.58
C ALA L 344 -10.75 -59.32 -70.82
N LEU L 345 -10.23 -60.36 -71.47
CA LEU L 345 -10.07 -61.64 -70.79
C LEU L 345 -9.06 -61.54 -69.66
N ALA L 346 -8.02 -60.72 -69.82
CA ALA L 346 -7.04 -60.54 -68.77
C ALA L 346 -7.67 -59.97 -67.50
N ILE L 347 -8.52 -58.94 -67.67
CA ILE L 347 -9.22 -58.36 -66.53
C ILE L 347 -10.03 -59.43 -65.79
N GLU L 348 -10.76 -60.25 -66.55
CA GLU L 348 -11.63 -61.22 -65.89
C GLU L 348 -10.82 -62.33 -65.22
N PHE L 349 -9.66 -62.68 -65.80
CA PHE L 349 -8.75 -63.59 -65.12
C PHE L 349 -8.36 -63.04 -63.75
N GLY L 350 -8.04 -61.75 -63.69
CA GLY L 350 -7.74 -61.13 -62.41
C GLY L 350 -8.92 -61.15 -61.46
N ALA L 351 -10.12 -60.83 -61.97
CA ALA L 351 -11.31 -60.82 -61.12
C ALA L 351 -11.63 -62.21 -60.60
N LEU L 352 -11.40 -63.24 -61.42
CA LEU L 352 -11.72 -64.61 -61.02
C LEU L 352 -10.98 -65.01 -59.76
N LEU L 353 -9.72 -64.61 -59.64
CA LEU L 353 -8.86 -65.04 -58.54
C LEU L 353 -8.98 -64.13 -57.32
N THR L 354 -10.21 -63.81 -56.92
CA THR L 354 -10.46 -62.94 -55.77
C THR L 354 -11.37 -63.59 -54.74
N THR L 355 -11.51 -64.90 -54.75
CA THR L 355 -12.16 -65.57 -53.65
C THR L 355 -11.27 -65.50 -52.40
N GLN L 356 -11.81 -65.98 -51.28
CA GLN L 356 -10.98 -66.15 -50.09
C GLN L 356 -9.86 -67.14 -50.36
N HIS L 357 -10.19 -68.26 -50.98
CA HIS L 357 -9.17 -69.21 -51.42
C HIS L 357 -8.16 -68.53 -52.34
N GLN L 358 -6.88 -68.75 -52.08
CA GLN L 358 -5.81 -68.20 -52.89
C GLN L 358 -4.78 -69.29 -53.16
N HIS L 359 -4.54 -69.56 -54.43
CA HIS L 359 -3.42 -70.37 -54.90
C HIS L 359 -2.42 -69.40 -55.53
N THR L 360 -1.13 -69.72 -55.44
CA THR L 360 -0.12 -68.83 -55.96
C THR L 360 -0.08 -68.92 -57.49
N TYR L 361 -0.15 -67.76 -58.15
CA TYR L 361 -0.06 -67.67 -59.59
C TYR L 361 1.04 -66.68 -59.93
N LEU L 362 1.94 -67.08 -60.83
CA LEU L 362 3.10 -66.29 -61.23
C LEU L 362 2.91 -65.90 -62.68
N ILE L 363 2.65 -64.62 -62.93
CA ILE L 363 2.29 -64.14 -64.25
C ILE L 363 3.56 -63.70 -64.96
N PHE L 364 3.85 -64.35 -66.08
CA PHE L 364 4.96 -63.98 -66.93
C PHE L 364 4.43 -63.10 -68.06
N ASP L 365 5.23 -62.13 -68.47
CA ASP L 365 4.89 -61.35 -69.65
C ASP L 365 6.15 -61.11 -70.46
N ARG L 366 5.95 -60.87 -71.75
N ARG L 366 5.95 -60.86 -71.75
CA ARG L 366 7.06 -60.62 -72.66
CA ARG L 366 7.07 -60.63 -72.65
C ARG L 366 7.71 -59.29 -72.32
C ARG L 366 7.72 -59.28 -72.35
N ASP L 367 8.98 -59.32 -71.93
CA ASP L 367 9.74 -58.11 -71.64
C ASP L 367 10.15 -57.49 -72.96
N LYS L 368 9.46 -56.42 -73.36
CA LYS L 368 9.68 -55.85 -74.68
C LYS L 368 11.07 -55.27 -74.86
N GLU L 369 11.84 -55.12 -73.78
CA GLU L 369 13.22 -54.65 -73.84
C GLU L 369 14.21 -55.78 -73.57
N ASN L 370 13.82 -57.03 -73.81
CA ASN L 370 14.68 -58.19 -73.62
C ASN L 370 14.24 -59.29 -74.59
N GLN L 371 14.31 -59.00 -75.89
CA GLN L 371 14.01 -59.97 -76.93
C GLN L 371 12.61 -60.56 -76.78
N ASP L 372 11.71 -59.81 -76.14
CA ASP L 372 10.35 -60.27 -75.87
C ASP L 372 10.34 -61.58 -75.07
N ARG L 373 11.37 -61.80 -74.27
CA ARG L 373 11.44 -63.03 -73.49
C ARG L 373 10.45 -62.98 -72.34
N PHE L 374 9.84 -64.13 -72.03
CA PHE L 374 8.92 -64.21 -70.92
C PHE L 374 9.69 -63.98 -69.61
N THR L 375 9.11 -63.14 -68.75
CA THR L 375 9.71 -62.73 -67.50
C THR L 375 8.63 -62.62 -66.44
N GLN L 376 8.89 -63.15 -65.25
CA GLN L 376 7.91 -63.04 -64.17
C GLN L 376 7.73 -61.57 -63.80
N THR L 377 6.48 -61.15 -63.64
CA THR L 377 6.15 -59.74 -63.50
C THR L 377 5.19 -59.47 -62.35
N LEU L 378 4.34 -60.45 -62.05
CA LEU L 378 3.28 -60.28 -61.08
C LEU L 378 3.10 -61.60 -60.35
N GLN L 379 2.96 -61.52 -59.03
CA GLN L 379 2.65 -62.69 -58.22
C GLN L 379 1.29 -62.47 -57.56
N LEU L 380 0.36 -63.38 -57.83
CA LEU L 380 -0.97 -63.36 -57.24
C LEU L 380 -1.07 -64.52 -56.26
N GLY L 381 -1.56 -64.25 -55.07
CA GLY L 381 -1.82 -65.32 -54.12
C GLY L 381 -1.55 -64.92 -52.69
N PRO L 382 -1.26 -65.92 -51.83
CA PRO L 382 -1.03 -65.65 -50.42
C PRO L 382 0.37 -65.12 -50.14
#